data_7AJ0
#
_entry.id   7AJ0
#
_cell.length_a   86.198
_cell.length_b   182.337
_cell.length_c   209.855
_cell.angle_alpha   90.000
_cell.angle_beta   90.000
_cell.angle_gamma   90.000
#
_symmetry.space_group_name_H-M   'P 21 21 21'
#
loop_
_entity.id
_entity.type
_entity.pdbx_description
1 polymer Arylsulfatase
2 non-polymer 'CALCIUM ION'
3 non-polymer 'CHLORIDE ION'
4 water water
#
_entity_poly.entity_id   1
_entity_poly.type   'polypeptide(L)'
_entity_poly.pdbx_seq_one_letter_code
;MHHHHHHGTEKNVFNDAIVEKPNMEPAIPRPEQEKVAVSKLKNLEAKQGRKPNVLVLLVDDLGWGDPGVYGGGAAIGAPT
PNIDKLANEGLRLTSMYSQPTCTSSRAALTTGRLPVRSGLVRPILTGDKVTQNPWEKEVSQGKLLSKVGYKTALIGKWHV
GEAEGMLPHEVGFDYFYGLPSVQSDYTQFLVERQYADMMTNKELYTKASQLRPEGLIKGRKGGKREVAYPINSIEDISMI
DQVLRDESVKFINQAVDEGKPFYLIHSFSKIHNDNYPAPKYKGASPAAMPVRDAMVEVDDITGELVALLKEKGQLENTLI
IFTSDNGPNEDTWPDSGYSPWRGGKGTTWEGGVRIPGIAYWKGMISAGQVNNGLMDLTDIYMTSLRLGGVIDELPSNMYF
DGIDQTAFLLADNGKSRRQVVYMWSREDFTALRWLDYKIHFKVFNTAVPRRNIDASFLLDIGTAPWVFNLNMDPKEMAST
GHQYFEWGMPQATKFMKAHIATMKKYPNTDIGLGL
;
_entity_poly.pdbx_strand_id   A,B,C,D,E,F
#
loop_
_chem_comp.id
_chem_comp.type
_chem_comp.name
_chem_comp.formula
CA non-polymer 'CALCIUM ION' 'Ca 2'
CL non-polymer 'CHLORIDE ION' 'Cl -1'
#
# COMPACT_ATOMS: atom_id res chain seq x y z
N ASN A 12 3.12 -9.21 43.56
CA ASN A 12 2.59 -8.98 42.21
C ASN A 12 1.08 -9.18 42.21
N VAL A 13 0.36 -8.13 41.80
CA VAL A 13 -1.09 -8.13 41.93
C VAL A 13 -1.79 -8.97 40.87
N PHE A 14 -1.10 -9.33 39.79
CA PHE A 14 -1.74 -10.01 38.67
C PHE A 14 -1.47 -11.50 38.61
N ASN A 15 -0.26 -11.94 38.95
CA ASN A 15 0.13 -13.33 38.72
C ASN A 15 -0.61 -14.24 39.69
N ASP A 16 -1.51 -15.05 39.16
CA ASP A 16 -2.25 -16.04 39.93
C ASP A 16 -1.63 -17.44 39.85
N ALA A 17 -0.54 -17.60 39.12
CA ALA A 17 0.08 -18.91 38.96
C ALA A 17 1.01 -19.22 40.13
N ILE A 18 1.23 -20.50 40.37
CA ILE A 18 2.02 -20.98 41.50
C ILE A 18 3.07 -21.95 40.98
N VAL A 19 4.28 -21.85 41.52
CA VAL A 19 5.35 -22.76 41.17
C VAL A 19 5.19 -24.05 41.97
N GLU A 20 4.96 -25.16 41.28
CA GLU A 20 4.85 -26.47 41.93
C GLU A 20 6.22 -27.15 41.91
N LYS A 21 6.67 -27.57 40.72
CA LYS A 21 8.03 -28.05 40.53
C LYS A 21 8.82 -27.02 39.72
N PRO A 22 10.06 -26.73 40.09
CA PRO A 22 10.78 -25.63 39.44
C PRO A 22 10.86 -25.73 37.92
N ASN A 23 10.85 -26.94 37.36
CA ASN A 23 11.03 -27.13 35.93
C ASN A 23 9.71 -27.25 35.18
N MET A 24 8.60 -26.84 35.80
CA MET A 24 7.27 -26.95 35.20
C MET A 24 6.66 -25.56 35.04
N GLU A 25 5.98 -25.35 33.93
CA GLU A 25 5.29 -24.09 33.72
C GLU A 25 4.35 -23.82 34.90
N PRO A 26 4.46 -22.68 35.57
CA PRO A 26 3.54 -22.38 36.66
C PRO A 26 2.09 -22.43 36.19
N ALA A 27 1.21 -22.91 37.08
CA ALA A 27 -0.19 -23.07 36.76
C ALA A 27 -1.05 -22.37 37.81
N ILE A 28 -2.25 -21.98 37.41
CA ILE A 28 -3.19 -21.35 38.34
C ILE A 28 -3.90 -22.44 39.13
N PRO A 29 -3.88 -22.39 40.46
CA PRO A 29 -4.61 -23.40 41.24
C PRO A 29 -6.10 -23.32 40.98
N ARG A 30 -6.72 -24.49 40.81
CA ARG A 30 -8.17 -24.62 40.71
C ARG A 30 -8.63 -25.70 41.70
N PRO A 31 -8.46 -25.44 43.01
CA PRO A 31 -8.61 -26.54 43.99
C PRO A 31 -10.01 -27.13 44.02
N GLU A 32 -11.06 -26.32 43.83
CA GLU A 32 -12.40 -26.89 43.85
C GLU A 32 -12.67 -27.70 42.59
N GLN A 33 -12.23 -27.20 41.43
CA GLN A 33 -12.33 -28.00 40.21
C GLN A 33 -11.51 -29.28 40.33
N GLU A 34 -10.35 -29.21 40.99
CA GLU A 34 -9.52 -30.40 41.15
C GLU A 34 -10.21 -31.45 42.00
N LYS A 35 -10.92 -31.02 43.06
CA LYS A 35 -11.68 -31.98 43.85
C LYS A 35 -12.71 -32.70 42.99
N VAL A 36 -13.43 -31.97 42.13
CA VAL A 36 -14.40 -32.59 41.25
C VAL A 36 -13.72 -33.57 40.31
N ALA A 37 -12.59 -33.17 39.72
CA ALA A 37 -11.90 -34.03 38.77
C ALA A 37 -11.39 -35.30 39.45
N VAL A 38 -10.84 -35.18 40.65
CA VAL A 38 -10.33 -36.35 41.36
C VAL A 38 -11.46 -37.33 41.65
N SER A 39 -12.63 -36.80 42.02
CA SER A 39 -13.76 -37.68 42.32
C SER A 39 -14.28 -38.37 41.07
N LYS A 40 -14.39 -37.65 39.96
CA LYS A 40 -14.87 -38.25 38.72
C LYS A 40 -13.92 -39.34 38.24
N LEU A 41 -12.61 -39.09 38.31
CA LEU A 41 -11.64 -40.09 37.88
C LEU A 41 -11.65 -41.30 38.81
N LYS A 42 -11.77 -41.07 40.11
CA LYS A 42 -11.79 -42.17 41.07
C LYS A 42 -12.97 -43.10 40.82
N ASN A 43 -14.18 -42.54 40.69
CA ASN A 43 -15.36 -43.36 40.48
C ASN A 43 -15.28 -44.11 39.16
N LEU A 44 -14.75 -43.47 38.12
CA LEU A 44 -14.67 -44.11 36.81
C LEU A 44 -13.76 -45.33 36.85
N GLU A 45 -12.56 -45.18 37.44
CA GLU A 45 -11.65 -46.32 37.51
C GLU A 45 -12.20 -47.43 38.38
N ALA A 46 -12.98 -47.10 39.40
CA ALA A 46 -13.62 -48.13 40.21
C ALA A 46 -14.64 -48.92 39.39
N LYS A 47 -15.35 -48.22 38.49
CA LYS A 47 -16.37 -48.89 37.68
C LYS A 47 -15.76 -49.56 36.45
N GLN A 48 -14.73 -48.96 35.86
CA GLN A 48 -14.15 -49.49 34.63
C GLN A 48 -13.03 -50.49 34.87
N GLY A 49 -12.35 -50.39 36.02
CA GLY A 49 -11.33 -51.35 36.37
C GLY A 49 -9.94 -51.09 35.82
N ARG A 50 -9.73 -49.96 35.15
CA ARG A 50 -8.41 -49.62 34.66
C ARG A 50 -8.40 -48.16 34.24
N LYS A 51 -7.18 -47.65 33.97
CA LYS A 51 -7.02 -46.25 33.60
C LYS A 51 -7.73 -45.95 32.29
N PRO A 52 -8.07 -44.68 32.05
CA PRO A 52 -8.82 -44.35 30.84
C PRO A 52 -7.97 -44.34 29.59
N ASN A 53 -8.63 -44.57 28.46
CA ASN A 53 -8.01 -44.41 27.16
C ASN A 53 -8.04 -42.95 26.75
N VAL A 54 -7.12 -42.57 25.87
CA VAL A 54 -7.11 -41.25 25.26
C VAL A 54 -7.03 -41.44 23.75
N LEU A 55 -7.89 -40.74 23.03
CA LEU A 55 -7.86 -40.70 21.58
C LEU A 55 -7.71 -39.25 21.16
N VAL A 56 -6.58 -38.93 20.54
CA VAL A 56 -6.32 -37.59 20.05
C VAL A 56 -6.50 -37.61 18.53
N LEU A 57 -7.55 -36.96 18.05
CA LEU A 57 -7.80 -36.82 16.62
C LEU A 57 -7.15 -35.52 16.16
N LEU A 58 -6.06 -35.65 15.41
CA LEU A 58 -5.23 -34.51 15.01
C LEU A 58 -5.38 -34.32 13.51
N VAL A 59 -6.13 -33.30 13.13
CA VAL A 59 -6.30 -32.94 11.73
C VAL A 59 -5.19 -31.98 11.33
N ASP A 60 -4.73 -32.09 10.10
CA ASP A 60 -3.59 -31.32 9.61
C ASP A 60 -4.09 -30.04 8.93
N ASP A 61 -3.54 -28.89 9.36
CA ASP A 61 -3.79 -27.61 8.72
C ASP A 61 -5.28 -27.27 8.69
N LEU A 62 -5.98 -27.58 9.78
CA LEU A 62 -7.41 -27.31 9.90
C LEU A 62 -7.61 -25.95 10.57
N GLY A 63 -8.40 -25.10 9.94
CA GLY A 63 -8.63 -23.78 10.49
C GLY A 63 -9.63 -23.77 11.63
N TRP A 64 -9.53 -22.71 12.44
CA TRP A 64 -10.41 -22.56 13.61
C TRP A 64 -11.87 -22.67 13.22
N GLY A 65 -12.24 -22.16 12.05
CA GLY A 65 -13.62 -22.11 11.64
C GLY A 65 -14.05 -23.17 10.63
N ASP A 66 -13.22 -24.18 10.37
CA ASP A 66 -13.61 -25.19 9.39
C ASP A 66 -14.83 -25.98 9.84
N PRO A 67 -14.89 -26.51 11.06
CA PRO A 67 -16.09 -27.25 11.48
C PRO A 67 -17.31 -26.35 11.57
N GLY A 68 -18.48 -26.91 11.27
CA GLY A 68 -19.70 -26.13 11.29
C GLY A 68 -19.99 -25.52 12.64
N VAL A 69 -19.68 -26.25 13.73
CA VAL A 69 -19.96 -25.75 15.07
C VAL A 69 -19.04 -24.60 15.46
N TYR A 70 -17.99 -24.34 14.69
CA TYR A 70 -17.14 -23.18 14.90
C TYR A 70 -17.49 -22.02 13.95
N GLY A 71 -18.50 -22.18 13.11
CA GLY A 71 -18.90 -21.15 12.19
C GLY A 71 -18.58 -21.41 10.73
N GLY A 72 -18.20 -22.63 10.37
CA GLY A 72 -17.98 -22.98 8.98
C GLY A 72 -18.92 -24.05 8.49
N GLY A 73 -18.40 -25.25 8.25
CA GLY A 73 -19.21 -26.36 7.79
C GLY A 73 -20.07 -26.04 6.60
N ALA A 74 -21.39 -26.07 6.79
CA ALA A 74 -22.30 -25.79 5.68
C ALA A 74 -22.10 -24.38 5.13
N ALA A 75 -21.59 -23.46 5.95
CA ALA A 75 -21.36 -22.11 5.48
C ALA A 75 -20.25 -22.03 4.43
N ILE A 76 -19.35 -23.01 4.38
CA ILE A 76 -18.28 -23.06 3.40
C ILE A 76 -18.37 -24.31 2.53
N GLY A 77 -19.56 -24.89 2.43
CA GLY A 77 -19.77 -26.01 1.53
C GLY A 77 -19.13 -27.31 1.96
N ALA A 78 -19.09 -27.60 3.26
CA ALA A 78 -18.56 -28.88 3.74
C ALA A 78 -19.07 -29.20 5.14
N PRO A 79 -20.31 -29.67 5.26
CA PRO A 79 -20.83 -30.02 6.60
C PRO A 79 -19.93 -31.01 7.32
N THR A 80 -19.89 -30.89 8.63
CA THR A 80 -19.14 -31.79 9.51
C THR A 80 -20.04 -32.24 10.65
N PRO A 81 -21.00 -33.12 10.36
CA PRO A 81 -21.98 -33.48 11.41
C PRO A 81 -21.38 -34.24 12.58
N ASN A 82 -20.46 -35.18 12.34
CA ASN A 82 -19.91 -35.96 13.44
C ASN A 82 -19.05 -35.10 14.35
N ILE A 83 -18.22 -34.24 13.78
CA ILE A 83 -17.41 -33.33 14.59
C ILE A 83 -18.30 -32.38 15.37
N ASP A 84 -19.40 -31.92 14.74
CA ASP A 84 -20.34 -31.08 15.45
C ASP A 84 -20.93 -31.81 16.65
N LYS A 85 -21.20 -33.10 16.51
CA LYS A 85 -21.83 -33.87 17.58
C LYS A 85 -20.87 -34.09 18.73
N LEU A 86 -19.59 -34.29 18.44
CA LEU A 86 -18.59 -34.34 19.51
C LEU A 86 -18.61 -33.06 20.33
N ALA A 87 -18.67 -31.90 19.66
CA ALA A 87 -18.63 -30.63 20.37
C ALA A 87 -19.92 -30.38 21.15
N ASN A 88 -21.07 -30.63 20.52
CA ASN A 88 -22.33 -30.32 21.18
C ASN A 88 -22.62 -31.27 22.33
N GLU A 89 -22.12 -32.49 22.27
CA GLU A 89 -22.24 -33.44 23.36
C GLU A 89 -21.02 -33.44 24.27
N GLY A 90 -20.15 -32.45 24.11
CA GLY A 90 -18.96 -32.33 24.94
C GLY A 90 -18.60 -30.89 25.16
N LEU A 91 -17.30 -30.60 25.15
CA LEU A 91 -16.78 -29.27 25.45
C LEU A 91 -16.06 -28.72 24.23
N ARG A 92 -16.47 -27.53 23.79
CA ARG A 92 -15.84 -26.85 22.67
C ARG A 92 -14.97 -25.72 23.23
N LEU A 93 -13.67 -25.78 22.93
CA LEU A 93 -12.72 -24.78 23.38
C LEU A 93 -12.52 -23.76 22.27
N THR A 94 -12.74 -22.49 22.59
CA THR A 94 -12.61 -21.41 21.62
C THR A 94 -11.29 -20.66 21.70
N SER A 95 -10.43 -21.00 22.67
CA SER A 95 -9.11 -20.39 22.81
C SER A 95 -8.05 -21.49 22.99
N MET A 96 -8.05 -22.45 22.07
CA MET A 96 -7.05 -23.49 22.01
C MET A 96 -5.95 -23.06 21.05
N TYR A 97 -4.70 -23.33 21.42
CA TYR A 97 -3.56 -22.77 20.70
C TYR A 97 -2.56 -23.84 20.32
N SER A 98 -1.96 -23.65 19.14
CA SER A 98 -0.93 -24.55 18.62
C SER A 98 0.32 -23.75 18.29
N GLN A 99 1.29 -24.38 17.65
CA GLN A 99 2.43 -23.67 17.07
C GLN A 99 2.08 -23.28 15.64
N PRO A 100 2.88 -22.40 15.02
CA PRO A 100 2.52 -21.90 13.68
C PRO A 100 2.77 -22.87 12.54
N THR A 101 3.50 -23.97 12.75
CA THR A 101 3.84 -24.87 11.65
C THR A 101 3.79 -26.32 12.13
N CYS A 102 3.85 -27.24 11.16
CA CYS A 102 3.54 -28.64 11.41
C CYS A 102 4.50 -29.26 12.42
N THR A 103 5.79 -29.29 12.08
CA THR A 103 6.77 -29.98 12.93
C THR A 103 6.79 -29.40 14.33
N SER A 104 6.64 -28.07 14.44
CA SER A 104 6.71 -27.43 15.74
C SER A 104 5.52 -27.82 16.62
N SER A 105 4.33 -27.86 16.04
CA SER A 105 3.14 -28.22 16.82
C SER A 105 3.15 -29.69 17.20
N ARG A 106 3.63 -30.55 16.32
CA ARG A 106 3.62 -31.99 16.62
C ARG A 106 4.69 -32.36 17.63
N ALA A 107 5.82 -31.66 17.62
CA ALA A 107 6.80 -31.82 18.69
C ALA A 107 6.20 -31.40 20.04
N ALA A 108 5.51 -30.26 20.07
CA ALA A 108 4.92 -29.80 21.32
C ALA A 108 3.92 -30.80 21.86
N LEU A 109 3.12 -31.40 20.97
CA LEU A 109 2.10 -32.35 21.41
C LEU A 109 2.72 -33.62 21.96
N THR A 110 3.94 -33.96 21.54
CA THR A 110 4.56 -35.22 21.95
C THR A 110 5.78 -35.03 22.84
N THR A 111 6.02 -33.82 23.35
CA THR A 111 7.10 -33.60 24.30
C THR A 111 6.73 -32.69 25.45
N GLY A 112 5.55 -32.06 25.45
CA GLY A 112 5.21 -31.11 26.49
C GLY A 112 6.07 -29.88 26.49
N ARG A 113 6.76 -29.60 25.39
CA ARG A 113 7.81 -28.59 25.38
C ARG A 113 7.75 -27.77 24.10
N LEU A 114 7.79 -26.45 24.25
CA LEU A 114 7.95 -25.59 23.10
C LEU A 114 9.15 -26.06 22.27
N PRO A 115 9.03 -26.12 20.94
CA PRO A 115 10.10 -26.74 20.15
C PRO A 115 11.41 -25.98 20.18
N VAL A 116 11.43 -24.72 20.60
CA VAL A 116 12.71 -24.01 20.70
C VAL A 116 13.57 -24.64 21.78
N ARG A 117 12.95 -25.26 22.80
CA ARG A 117 13.73 -25.91 23.84
C ARG A 117 14.34 -27.21 23.33
N SER A 118 13.59 -27.96 22.53
CA SER A 118 14.02 -29.28 22.08
C SER A 118 14.89 -29.25 20.84
N GLY A 119 14.75 -28.22 20.01
CA GLY A 119 15.38 -28.19 18.72
C GLY A 119 14.52 -28.70 17.59
N LEU A 120 13.31 -29.13 17.88
CA LEU A 120 12.39 -29.70 16.88
C LEU A 120 11.57 -28.61 16.20
N VAL A 121 12.26 -27.60 15.65
CA VAL A 121 11.60 -26.56 14.88
C VAL A 121 11.54 -26.90 13.40
N ARG A 122 12.32 -27.87 12.94
CA ARG A 122 12.33 -28.32 11.56
C ARG A 122 12.44 -29.83 11.53
N PRO A 123 11.87 -30.48 10.51
CA PRO A 123 12.04 -31.94 10.40
C PRO A 123 13.46 -32.30 10.00
N ILE A 124 14.10 -33.14 10.81
CA ILE A 124 15.46 -33.59 10.51
C ILE A 124 15.38 -34.76 9.54
N LEU A 125 15.93 -34.57 8.35
CA LEU A 125 15.88 -35.57 7.30
C LEU A 125 17.08 -36.51 7.41
N THR A 126 16.99 -37.64 6.71
CA THR A 126 18.12 -38.55 6.62
C THR A 126 19.33 -37.79 6.09
N GLY A 127 20.50 -38.08 6.66
CA GLY A 127 21.71 -37.45 6.22
C GLY A 127 21.91 -36.03 6.69
N ASP A 128 21.23 -35.63 7.75
CA ASP A 128 21.39 -34.29 8.33
C ASP A 128 22.48 -34.32 9.40
N LYS A 129 23.31 -33.28 9.41
CA LYS A 129 24.33 -33.12 10.44
C LYS A 129 23.67 -32.70 11.75
N VAL A 130 23.81 -33.50 12.79
CA VAL A 130 23.24 -33.17 14.10
C VAL A 130 24.22 -33.63 15.18
N THR A 131 24.46 -32.77 16.16
CA THR A 131 25.28 -33.15 17.31
C THR A 131 24.72 -34.39 17.98
N GLN A 132 23.43 -34.39 18.30
CA GLN A 132 22.76 -35.54 18.90
C GLN A 132 21.33 -35.58 18.42
N ASN A 133 20.78 -36.79 18.38
CA ASN A 133 19.37 -36.97 18.03
C ASN A 133 18.51 -36.32 19.11
N PRO A 134 17.78 -35.24 18.81
CA PRO A 134 16.99 -34.60 19.86
C PRO A 134 16.04 -35.54 20.57
N TRP A 135 15.60 -36.60 19.90
CA TRP A 135 14.59 -37.48 20.48
C TRP A 135 15.13 -38.41 21.56
N GLU A 136 16.44 -38.62 21.61
CA GLU A 136 17.01 -39.35 22.74
C GLU A 136 16.71 -38.61 24.04
N LYS A 137 16.86 -37.29 24.02
CA LYS A 137 16.68 -36.46 25.21
C LYS A 137 15.20 -36.24 25.54
N GLU A 138 14.36 -36.05 24.52
CA GLU A 138 12.96 -35.80 24.76
C GLU A 138 12.24 -37.07 25.24
N VAL A 139 11.12 -36.87 25.92
CA VAL A 139 10.36 -37.94 26.53
C VAL A 139 8.92 -37.84 26.04
N SER A 140 8.52 -38.76 25.16
CA SER A 140 7.18 -38.75 24.62
C SER A 140 6.20 -39.38 25.60
N GLN A 141 4.92 -39.06 25.42
CA GLN A 141 3.89 -39.69 26.25
C GLN A 141 3.79 -41.18 25.96
N GLY A 142 4.14 -41.59 24.74
CA GLY A 142 4.22 -43.01 24.45
C GLY A 142 5.18 -43.71 25.40
N LYS A 143 6.36 -43.13 25.61
CA LYS A 143 7.35 -43.76 26.47
C LYS A 143 6.83 -43.87 27.90
N LEU A 144 6.27 -42.77 28.43
CA LEU A 144 5.89 -42.76 29.84
C LEU A 144 4.63 -43.57 30.09
N LEU A 145 3.68 -43.57 29.17
CA LEU A 145 2.45 -44.32 29.38
C LEU A 145 2.65 -45.81 29.10
N SER A 146 3.45 -46.15 28.08
CA SER A 146 3.79 -47.55 27.86
C SER A 146 4.38 -48.18 29.12
N LYS A 147 5.09 -47.40 29.92
CA LYS A 147 5.74 -47.92 31.11
C LYS A 147 4.74 -48.30 32.20
N VAL A 148 3.51 -47.77 32.15
CA VAL A 148 2.52 -48.08 33.18
C VAL A 148 1.33 -48.84 32.58
N GLY A 149 1.59 -49.58 31.49
CA GLY A 149 0.62 -50.53 31.00
C GLY A 149 -0.21 -50.09 29.81
N TYR A 150 0.00 -48.88 29.30
CA TYR A 150 -0.71 -48.45 28.11
C TYR A 150 -0.11 -49.08 26.86
N LYS A 151 -0.96 -49.41 25.89
CA LYS A 151 -0.52 -49.66 24.52
C LYS A 151 -0.61 -48.34 23.77
N THR A 152 0.53 -47.86 23.29
CA THR A 152 0.64 -46.52 22.74
C THR A 152 0.96 -46.58 21.25
N ALA A 153 0.30 -45.72 20.47
CA ALA A 153 0.49 -45.75 19.03
C ALA A 153 0.28 -44.36 18.46
N LEU A 154 1.02 -44.07 17.39
CA LEU A 154 0.77 -42.92 16.52
C LEU A 154 0.51 -43.48 15.13
N ILE A 155 -0.67 -43.17 14.59
CA ILE A 155 -1.09 -43.67 13.28
C ILE A 155 -1.40 -42.45 12.42
N GLY A 156 -0.58 -42.24 11.39
CA GLY A 156 -0.77 -41.13 10.48
C GLY A 156 0.47 -40.30 10.26
N LYS A 157 0.29 -38.98 10.15
CA LYS A 157 1.41 -38.10 9.84
C LYS A 157 2.31 -37.92 11.06
N TRP A 158 3.62 -38.00 10.83
CA TRP A 158 4.61 -37.75 11.88
C TRP A 158 5.22 -36.37 11.71
N HIS A 159 6.16 -36.24 10.79
CA HIS A 159 6.75 -34.94 10.43
C HIS A 159 7.50 -34.33 11.60
N VAL A 160 8.04 -35.16 12.49
CA VAL A 160 8.90 -34.69 13.57
C VAL A 160 10.23 -35.42 13.47
N GLY A 161 10.67 -35.70 12.25
CA GLY A 161 11.95 -36.34 12.04
C GLY A 161 11.85 -37.75 11.50
N GLU A 162 12.68 -38.06 10.49
CA GLU A 162 12.67 -39.36 9.84
C GLU A 162 14.03 -40.04 9.83
N ALA A 163 15.05 -39.44 10.45
CA ALA A 163 16.36 -40.09 10.51
C ALA A 163 16.35 -41.21 11.55
N GLU A 164 17.47 -41.92 11.65
CA GLU A 164 17.57 -43.07 12.52
C GLU A 164 17.19 -42.70 13.95
N GLY A 165 16.27 -43.47 14.53
CA GLY A 165 15.87 -43.27 15.90
C GLY A 165 14.95 -42.09 16.14
N MET A 166 14.14 -41.72 15.15
CA MET A 166 13.27 -40.56 15.28
C MET A 166 11.81 -40.84 14.94
N LEU A 167 11.48 -42.05 14.51
CA LEU A 167 10.08 -42.39 14.25
C LEU A 167 9.38 -42.76 15.55
N PRO A 168 8.06 -42.63 15.61
CA PRO A 168 7.36 -42.83 16.89
C PRO A 168 7.64 -44.16 17.55
N HIS A 169 7.75 -45.25 16.79
CA HIS A 169 8.01 -46.54 17.41
C HIS A 169 9.44 -46.67 17.92
N GLU A 170 10.28 -45.67 17.69
CA GLU A 170 11.65 -45.67 18.19
C GLU A 170 11.86 -44.65 19.30
N VAL A 171 10.83 -43.88 19.64
CA VAL A 171 10.94 -42.83 20.64
C VAL A 171 9.94 -43.02 21.78
N GLY A 172 9.37 -44.21 21.90
CA GLY A 172 8.49 -44.51 23.02
C GLY A 172 7.21 -45.23 22.67
N PHE A 173 6.61 -44.89 21.53
CA PHE A 173 5.34 -45.50 21.17
C PHE A 173 5.53 -46.97 20.83
N ASP A 174 4.52 -47.79 21.18
CA ASP A 174 4.59 -49.21 20.88
C ASP A 174 4.41 -49.49 19.39
N TYR A 175 3.64 -48.66 18.69
CA TYR A 175 3.29 -48.92 17.30
C TYR A 175 3.25 -47.63 16.53
N PHE A 176 3.86 -47.63 15.34
CA PHE A 176 3.76 -46.54 14.40
C PHE A 176 3.28 -47.06 13.05
N TYR A 177 2.42 -46.28 12.40
CA TYR A 177 1.97 -46.60 11.04
C TYR A 177 1.54 -45.29 10.40
N GLY A 178 2.32 -44.80 9.44
CA GLY A 178 1.90 -43.60 8.73
C GLY A 178 3.05 -42.96 7.99
N LEU A 179 2.95 -41.64 7.84
CA LEU A 179 3.87 -40.88 7.00
C LEU A 179 5.04 -40.40 7.84
N PRO A 180 6.28 -40.81 7.54
CA PRO A 180 7.43 -40.15 8.19
C PRO A 180 7.46 -38.65 7.96
N SER A 181 7.11 -38.18 6.77
CA SER A 181 7.21 -36.77 6.42
C SER A 181 5.77 -36.18 6.35
N VAL A 182 5.27 -35.92 5.14
CA VAL A 182 4.05 -35.12 5.00
C VAL A 182 3.47 -35.37 3.62
N GLN A 183 2.16 -35.09 3.47
CA GLN A 183 1.47 -35.37 2.21
C GLN A 183 2.17 -34.73 1.03
N SER A 184 2.52 -33.45 1.14
CA SER A 184 3.12 -32.74 0.01
C SER A 184 4.41 -33.40 -0.45
N ASP A 185 5.11 -34.08 0.46
CA ASP A 185 6.33 -34.78 0.07
C ASP A 185 6.03 -35.89 -0.94
N TYR A 186 4.87 -36.54 -0.80
CA TYR A 186 4.49 -37.57 -1.75
C TYR A 186 3.93 -36.98 -3.05
N THR A 187 3.06 -35.96 -2.94
CA THR A 187 2.30 -35.51 -4.10
C THR A 187 3.14 -34.73 -5.09
N GLN A 188 4.26 -34.13 -4.66
CA GLN A 188 5.12 -33.42 -5.60
C GLN A 188 5.71 -34.36 -6.64
N PHE A 189 5.71 -35.67 -6.39
CA PHE A 189 6.21 -36.65 -7.35
C PHE A 189 5.08 -37.38 -8.07
N LEU A 190 3.85 -36.93 -7.92
CA LEU A 190 2.69 -37.58 -8.53
C LEU A 190 1.91 -36.68 -9.48
N VAL A 191 1.77 -35.39 -9.16
CA VAL A 191 0.99 -34.47 -9.98
C VAL A 191 1.96 -33.84 -10.98
N GLU A 192 2.06 -34.47 -12.15
CA GLU A 192 3.08 -34.09 -13.12
C GLU A 192 2.97 -32.61 -13.51
N ARG A 193 1.77 -32.16 -13.90
CA ARG A 193 1.64 -30.82 -14.44
C ARG A 193 1.89 -29.77 -13.37
N GLN A 194 1.36 -29.98 -12.15
CA GLN A 194 1.53 -29.00 -11.09
C GLN A 194 2.99 -28.76 -10.76
N TYR A 195 3.82 -29.80 -10.85
CA TYR A 195 5.24 -29.74 -10.53
C TYR A 195 6.09 -29.99 -11.77
N ALA A 196 5.65 -29.47 -12.92
CA ALA A 196 6.22 -29.87 -14.20
C ALA A 196 7.68 -29.47 -14.34
N ASP A 197 8.09 -28.35 -13.74
CA ASP A 197 9.48 -27.92 -13.84
C ASP A 197 10.44 -28.98 -13.32
N MET A 198 9.98 -29.87 -12.45
CA MET A 198 10.76 -30.99 -11.94
C MET A 198 10.33 -32.32 -12.54
N MET A 199 9.02 -32.51 -12.77
CA MET A 199 8.52 -33.83 -13.17
C MET A 199 8.79 -34.13 -14.64
N THR A 200 8.69 -33.12 -15.51
CA THR A 200 8.91 -33.32 -16.94
C THR A 200 10.33 -32.98 -17.36
N ASN A 201 11.19 -32.61 -16.42
CA ASN A 201 12.62 -32.39 -16.68
C ASN A 201 13.35 -33.68 -16.30
N LYS A 202 13.72 -34.46 -17.32
CA LYS A 202 14.27 -35.79 -17.08
C LYS A 202 15.41 -35.77 -16.06
N GLU A 203 16.43 -34.96 -16.32
CA GLU A 203 17.60 -34.96 -15.45
C GLU A 203 17.26 -34.50 -14.04
N LEU A 204 16.42 -33.46 -13.92
CA LEU A 204 16.06 -32.96 -12.59
C LEU A 204 15.18 -33.97 -11.85
N TYR A 205 14.29 -34.66 -12.57
CA TYR A 205 13.46 -35.66 -11.93
C TYR A 205 14.29 -36.83 -11.42
N THR A 206 15.26 -37.29 -12.22
CA THR A 206 16.11 -38.39 -11.80
C THR A 206 16.82 -38.08 -10.48
N LYS A 207 17.26 -36.83 -10.32
CA LYS A 207 17.95 -36.45 -9.09
C LYS A 207 16.98 -36.34 -7.91
N ALA A 208 15.88 -35.61 -8.08
CA ALA A 208 14.99 -35.34 -6.97
C ALA A 208 14.27 -36.60 -6.51
N SER A 209 13.91 -37.48 -7.44
CA SER A 209 13.14 -38.67 -7.10
C SER A 209 13.92 -39.67 -6.26
N GLN A 210 15.24 -39.49 -6.11
CA GLN A 210 16.02 -40.37 -5.26
C GLN A 210 15.70 -40.16 -3.78
N LEU A 211 15.10 -39.03 -3.42
CA LEU A 211 14.63 -38.79 -2.06
C LEU A 211 13.10 -38.90 -1.96
N ARG A 212 12.47 -39.49 -2.96
CA ARG A 212 11.02 -39.67 -2.94
C ARG A 212 10.65 -40.69 -1.88
N PRO A 213 9.70 -40.37 -0.99
CA PRO A 213 9.25 -41.37 -0.01
C PRO A 213 8.57 -42.54 -0.70
N GLU A 214 8.79 -43.74 -0.16
CA GLU A 214 8.28 -44.94 -0.79
C GLU A 214 6.81 -45.21 -0.44
N GLY A 215 6.36 -44.78 0.73
CA GLY A 215 4.97 -44.99 1.11
C GLY A 215 4.82 -44.88 2.62
N LEU A 216 3.76 -45.51 3.12
CA LEU A 216 3.50 -45.53 4.55
C LEU A 216 4.43 -46.53 5.22
N ILE A 217 5.02 -46.14 6.34
CA ILE A 217 6.00 -46.95 7.05
C ILE A 217 5.35 -47.53 8.29
N LYS A 218 5.60 -48.81 8.54
CA LYS A 218 5.05 -49.54 9.68
C LYS A 218 6.19 -49.95 10.59
N GLY A 219 6.00 -49.76 11.89
CA GLY A 219 7.04 -50.06 12.85
C GLY A 219 6.54 -50.40 14.23
N ARG A 220 7.14 -51.39 14.86
CA ARG A 220 6.83 -51.77 16.23
C ARG A 220 8.04 -51.53 17.12
N LYS A 221 7.78 -51.17 18.37
CA LYS A 221 8.85 -51.02 19.35
C LYS A 221 9.73 -52.26 19.36
N GLY A 222 11.03 -52.07 19.14
CA GLY A 222 11.98 -53.15 19.11
C GLY A 222 12.19 -53.79 17.76
N GLY A 223 11.45 -53.38 16.74
CA GLY A 223 11.55 -53.99 15.44
C GLY A 223 12.05 -53.06 14.35
N LYS A 224 11.94 -53.49 13.10
CA LYS A 224 12.44 -52.75 11.96
C LYS A 224 11.34 -51.95 11.29
N ARG A 225 11.74 -50.96 10.51
CA ARG A 225 10.82 -50.23 9.65
C ARG A 225 10.45 -51.07 8.44
N GLU A 226 9.18 -51.04 8.07
CA GLU A 226 8.69 -51.70 6.87
C GLU A 226 7.89 -50.71 6.04
N VAL A 227 7.94 -50.87 4.73
CA VAL A 227 7.03 -50.15 3.83
C VAL A 227 5.77 -50.99 3.73
N ALA A 228 4.74 -50.57 4.46
CA ALA A 228 3.50 -51.34 4.56
C ALA A 228 2.52 -51.02 3.45
N TYR A 229 2.53 -49.80 2.93
CA TYR A 229 1.59 -49.36 1.90
C TYR A 229 2.34 -48.48 0.91
N PRO A 230 2.73 -49.02 -0.24
CA PRO A 230 3.46 -48.20 -1.22
C PRO A 230 2.55 -47.16 -1.85
N ILE A 231 3.15 -46.02 -2.18
CA ILE A 231 2.44 -44.92 -2.82
C ILE A 231 3.22 -44.59 -4.10
N ASN A 232 2.64 -44.94 -5.24
CA ASN A 232 3.25 -44.69 -6.54
C ASN A 232 2.29 -44.03 -7.52
N SER A 233 1.10 -43.63 -7.08
CA SER A 233 0.12 -43.04 -7.97
C SER A 233 -0.90 -42.26 -7.15
N ILE A 234 -1.64 -41.40 -7.84
CA ILE A 234 -2.74 -40.67 -7.20
C ILE A 234 -3.76 -41.64 -6.64
N GLU A 235 -4.02 -42.74 -7.35
CA GLU A 235 -4.96 -43.73 -6.85
C GLU A 235 -4.52 -44.28 -5.50
N ASP A 236 -3.23 -44.59 -5.37
CA ASP A 236 -2.71 -45.10 -4.10
C ASP A 236 -2.89 -44.08 -2.99
N ILE A 237 -2.41 -42.85 -3.21
CA ILE A 237 -2.44 -41.86 -2.14
C ILE A 237 -3.85 -41.40 -1.82
N SER A 238 -4.81 -41.62 -2.73
CA SER A 238 -6.19 -41.23 -2.44
C SER A 238 -6.80 -42.08 -1.34
N MET A 239 -6.26 -43.26 -1.09
CA MET A 239 -6.74 -44.14 -0.03
C MET A 239 -5.99 -43.95 1.28
N ILE A 240 -5.10 -42.97 1.36
CA ILE A 240 -4.17 -42.89 2.49
C ILE A 240 -4.92 -42.82 3.81
N ASP A 241 -5.96 -41.99 3.88
CA ASP A 241 -6.69 -41.84 5.15
C ASP A 241 -7.67 -42.97 5.41
N GLN A 242 -8.05 -43.73 4.38
CA GLN A 242 -8.81 -44.96 4.62
C GLN A 242 -7.92 -46.04 5.20
N VAL A 243 -6.66 -46.11 4.74
CA VAL A 243 -5.73 -47.09 5.27
C VAL A 243 -5.38 -46.78 6.72
N LEU A 244 -5.16 -45.49 7.03
CA LEU A 244 -4.90 -45.10 8.41
C LEU A 244 -6.08 -45.42 9.31
N ARG A 245 -7.30 -45.14 8.83
CA ARG A 245 -8.50 -45.48 9.59
C ARG A 245 -8.52 -46.98 9.90
N ASP A 246 -8.23 -47.81 8.90
CA ASP A 246 -8.23 -49.25 9.12
C ASP A 246 -7.22 -49.64 10.20
N GLU A 247 -6.04 -49.01 10.19
CA GLU A 247 -5.00 -49.38 11.16
C GLU A 247 -5.37 -48.94 12.57
N SER A 248 -6.00 -47.78 12.72
CA SER A 248 -6.45 -47.36 14.04
C SER A 248 -7.58 -48.25 14.55
N VAL A 249 -8.44 -48.73 13.66
CA VAL A 249 -9.47 -49.68 14.06
C VAL A 249 -8.83 -50.97 14.57
N LYS A 250 -7.87 -51.51 13.82
CA LYS A 250 -7.17 -52.71 14.27
C LYS A 250 -6.49 -52.48 15.61
N PHE A 251 -5.89 -51.31 15.80
CA PHE A 251 -5.16 -51.04 17.05
C PHE A 251 -6.11 -50.98 18.24
N ILE A 252 -7.21 -50.22 18.11
CA ILE A 252 -8.15 -50.10 19.22
C ILE A 252 -8.76 -51.46 19.54
N ASN A 253 -9.15 -52.22 18.52
CA ASN A 253 -9.70 -53.56 18.77
C ASN A 253 -8.69 -54.42 19.52
N GLN A 254 -7.41 -54.37 19.14
CA GLN A 254 -6.42 -55.22 19.76
C GLN A 254 -6.17 -54.83 21.21
N ALA A 255 -6.17 -53.52 21.51
CA ALA A 255 -5.94 -53.09 22.88
C ALA A 255 -7.14 -53.38 23.78
N VAL A 256 -8.36 -53.19 23.26
CA VAL A 256 -9.54 -53.44 24.06
C VAL A 256 -9.70 -54.94 24.32
N ASP A 257 -9.35 -55.76 23.34
CA ASP A 257 -9.47 -57.21 23.51
C ASP A 257 -8.43 -57.74 24.50
N GLU A 258 -7.29 -57.07 24.61
CA GLU A 258 -6.29 -57.44 25.61
C GLU A 258 -6.61 -56.89 26.99
N GLY A 259 -7.58 -55.99 27.10
CA GLY A 259 -7.91 -55.39 28.38
C GLY A 259 -6.95 -54.33 28.86
N LYS A 260 -6.18 -53.73 27.95
CA LYS A 260 -5.20 -52.73 28.34
C LYS A 260 -5.64 -51.34 27.89
N PRO A 261 -5.33 -50.30 28.66
CA PRO A 261 -5.63 -48.94 28.19
C PRO A 261 -4.81 -48.61 26.96
N PHE A 262 -5.42 -47.87 26.04
CA PHE A 262 -4.74 -47.44 24.82
C PHE A 262 -4.58 -45.93 24.81
N TYR A 263 -3.47 -45.48 24.25
CA TYR A 263 -3.24 -44.07 23.95
C TYR A 263 -2.93 -43.98 22.47
N LEU A 264 -3.85 -43.40 21.70
CA LEU A 264 -3.74 -43.34 20.25
C LEU A 264 -3.79 -41.90 19.79
N ILE A 265 -2.78 -41.49 19.03
CA ILE A 265 -2.80 -40.24 18.27
C ILE A 265 -3.11 -40.63 16.83
N HIS A 266 -4.34 -40.38 16.40
CA HIS A 266 -4.73 -40.57 15.00
C HIS A 266 -4.47 -39.27 14.26
N SER A 267 -3.42 -39.24 13.45
CA SER A 267 -2.92 -38.02 12.82
C SER A 267 -3.28 -38.06 11.34
N PHE A 268 -4.44 -37.50 11.01
CA PHE A 268 -4.89 -37.45 9.62
C PHE A 268 -3.79 -36.85 8.73
N SER A 269 -3.69 -37.36 7.51
CA SER A 269 -2.91 -36.67 6.50
C SER A 269 -3.66 -35.43 6.01
N LYS A 270 -4.97 -35.51 5.87
CA LYS A 270 -5.76 -34.35 5.50
C LYS A 270 -5.75 -33.33 6.63
N ILE A 271 -5.91 -32.04 6.28
CA ILE A 271 -6.17 -31.57 4.93
C ILE A 271 -4.95 -30.89 4.33
N HIS A 272 -3.78 -31.47 4.55
CA HIS A 272 -2.56 -30.95 3.95
C HIS A 272 -2.62 -31.10 2.43
N ASN A 273 -2.04 -30.14 1.72
CA ASN A 273 -1.95 -30.24 0.27
C ASN A 273 -0.90 -31.28 -0.10
N ASP A 274 -1.08 -31.92 -1.27
CA ASP A 274 -2.24 -31.74 -2.15
C ASP A 274 -3.31 -32.75 -1.78
N ASN A 275 -4.52 -32.27 -1.55
CA ASN A 275 -5.59 -33.12 -1.04
C ASN A 275 -6.14 -34.02 -2.15
N TYR A 276 -6.19 -35.32 -1.87
CA TYR A 276 -6.75 -36.31 -2.79
C TYR A 276 -7.65 -37.25 -1.99
N PRO A 277 -8.93 -36.91 -1.85
CA PRO A 277 -9.84 -37.78 -1.09
C PRO A 277 -10.07 -39.10 -1.79
N ALA A 278 -10.61 -40.05 -1.05
CA ALA A 278 -10.96 -41.34 -1.64
C ALA A 278 -12.01 -41.13 -2.73
N PRO A 279 -12.01 -41.98 -3.76
CA PRO A 279 -13.01 -41.84 -4.83
C PRO A 279 -14.44 -41.71 -4.34
N LYS A 280 -14.79 -42.42 -3.26
CA LYS A 280 -16.12 -42.28 -2.67
C LYS A 280 -16.53 -40.83 -2.49
N TYR A 281 -15.57 -39.97 -2.15
CA TYR A 281 -15.86 -38.62 -1.69
C TYR A 281 -15.71 -37.56 -2.77
N LYS A 282 -15.47 -37.94 -4.01
CA LYS A 282 -15.37 -36.96 -5.08
C LYS A 282 -16.75 -36.33 -5.31
N GLY A 283 -16.84 -35.02 -5.10
CA GLY A 283 -18.11 -34.34 -5.17
C GLY A 283 -19.02 -34.57 -3.98
N ALA A 284 -18.51 -35.18 -2.91
CA ALA A 284 -19.35 -35.43 -1.74
C ALA A 284 -19.75 -34.15 -1.03
N SER A 285 -18.87 -33.16 -1.03
CA SER A 285 -19.21 -31.88 -0.41
C SER A 285 -20.03 -31.04 -1.38
N PRO A 286 -20.94 -30.20 -0.87
CA PRO A 286 -21.64 -29.27 -1.76
C PRO A 286 -20.69 -28.37 -2.53
N ALA A 287 -19.56 -27.99 -1.94
CA ALA A 287 -18.60 -27.16 -2.65
C ALA A 287 -17.96 -27.90 -3.82
N ALA A 288 -17.78 -29.22 -3.68
CA ALA A 288 -17.23 -30.05 -4.75
C ALA A 288 -15.82 -29.62 -5.12
N MET A 289 -14.99 -29.42 -4.09
CA MET A 289 -13.58 -29.10 -4.25
C MET A 289 -12.76 -30.06 -3.42
N PRO A 290 -11.55 -30.41 -3.86
CA PRO A 290 -10.76 -31.42 -3.15
C PRO A 290 -10.63 -31.19 -1.65
N VAL A 291 -10.35 -29.96 -1.21
CA VAL A 291 -10.11 -29.74 0.20
C VAL A 291 -11.39 -29.85 1.02
N ARG A 292 -12.54 -29.55 0.41
CA ARG A 292 -13.81 -29.70 1.13
C ARG A 292 -14.27 -31.15 1.12
N ASP A 293 -14.10 -31.84 -0.01
CA ASP A 293 -14.35 -33.28 -0.03
C ASP A 293 -13.50 -33.99 1.02
N ALA A 294 -12.25 -33.54 1.20
CA ALA A 294 -11.39 -34.12 2.21
C ALA A 294 -11.94 -33.85 3.61
N MET A 295 -12.57 -32.69 3.81
CA MET A 295 -13.15 -32.39 5.11
C MET A 295 -14.31 -33.32 5.42
N VAL A 296 -15.09 -33.69 4.41
CA VAL A 296 -16.16 -34.65 4.62
C VAL A 296 -15.60 -36.02 4.96
N GLU A 297 -14.49 -36.40 4.31
CA GLU A 297 -13.86 -37.68 4.63
C GLU A 297 -13.35 -37.70 6.07
N VAL A 298 -12.71 -36.62 6.50
CA VAL A 298 -12.21 -36.56 7.88
C VAL A 298 -13.36 -36.69 8.87
N ASP A 299 -14.50 -36.06 8.57
CA ASP A 299 -15.63 -36.11 9.48
C ASP A 299 -16.23 -37.52 9.54
N ASP A 300 -16.26 -38.22 8.40
CA ASP A 300 -16.77 -39.58 8.40
C ASP A 300 -15.87 -40.52 9.18
N ILE A 301 -14.55 -40.39 9.00
CA ILE A 301 -13.61 -41.23 9.75
C ILE A 301 -13.74 -40.95 11.24
N THR A 302 -13.89 -39.69 11.62
CA THR A 302 -14.12 -39.34 13.02
C THR A 302 -15.34 -40.09 13.57
N GLY A 303 -16.44 -40.09 12.82
CA GLY A 303 -17.62 -40.81 13.27
C GLY A 303 -17.42 -42.30 13.34
N GLU A 304 -16.63 -42.86 12.42
CA GLU A 304 -16.37 -44.30 12.44
C GLU A 304 -15.57 -44.70 13.68
N LEU A 305 -14.60 -43.88 14.08
CA LEU A 305 -13.82 -44.19 15.27
C LEU A 305 -14.66 -44.05 16.54
N VAL A 306 -15.54 -43.05 16.58
CA VAL A 306 -16.44 -42.91 17.72
C VAL A 306 -17.39 -44.09 17.78
N ALA A 307 -17.89 -44.53 16.62
CA ALA A 307 -18.82 -45.66 16.60
C ALA A 307 -18.12 -46.96 16.99
N LEU A 308 -16.85 -47.10 16.66
CA LEU A 308 -16.09 -48.27 17.08
C LEU A 308 -15.96 -48.30 18.60
N LEU A 309 -15.62 -47.16 19.21
CA LEU A 309 -15.51 -47.11 20.67
C LEU A 309 -16.84 -47.45 21.33
N LYS A 310 -17.94 -46.97 20.76
CA LYS A 310 -19.26 -47.29 21.31
C LYS A 310 -19.55 -48.78 21.21
N GLU A 311 -19.23 -49.39 20.07
CA GLU A 311 -19.51 -50.81 19.87
C GLU A 311 -18.68 -51.68 20.79
N LYS A 312 -17.49 -51.22 21.18
CA LYS A 312 -16.63 -51.94 22.10
C LYS A 312 -16.90 -51.59 23.57
N GLY A 313 -17.89 -50.73 23.83
CA GLY A 313 -18.20 -50.37 25.20
C GLY A 313 -17.11 -49.59 25.91
N GLN A 314 -16.34 -48.78 25.16
CA GLN A 314 -15.22 -48.04 25.74
C GLN A 314 -15.40 -46.53 25.68
N LEU A 315 -16.59 -46.03 25.35
CA LEU A 315 -16.77 -44.58 25.26
C LEU A 315 -16.70 -43.94 26.64
N GLU A 316 -17.25 -44.60 27.66
CA GLU A 316 -17.25 -44.03 29.00
C GLU A 316 -15.85 -43.94 29.58
N ASN A 317 -14.88 -44.68 29.04
CA ASN A 317 -13.53 -44.72 29.58
C ASN A 317 -12.52 -44.16 28.60
N THR A 318 -12.95 -43.35 27.65
CA THR A 318 -12.09 -42.83 26.60
C THR A 318 -12.26 -41.32 26.51
N LEU A 319 -11.19 -40.57 26.75
CA LEU A 319 -11.16 -39.15 26.48
C LEU A 319 -10.85 -38.95 25.00
N ILE A 320 -11.75 -38.26 24.29
CA ILE A 320 -11.55 -37.96 22.88
C ILE A 320 -11.24 -36.48 22.75
N ILE A 321 -10.09 -36.17 22.15
CA ILE A 321 -9.68 -34.80 21.88
C ILE A 321 -9.57 -34.64 20.37
N PHE A 322 -10.31 -33.68 19.82
CA PHE A 322 -10.28 -33.36 18.40
C PHE A 322 -9.65 -31.97 18.26
N THR A 323 -8.57 -31.89 17.49
CA THR A 323 -7.82 -30.63 17.40
C THR A 323 -7.05 -30.62 16.09
N SER A 324 -6.35 -29.51 15.87
CA SER A 324 -5.51 -29.30 14.70
C SER A 324 -4.08 -29.02 15.16
N ASP A 325 -3.14 -29.07 14.21
CA ASP A 325 -1.75 -28.76 14.53
C ASP A 325 -1.35 -27.34 14.16
N ASN A 326 -2.10 -26.67 13.30
CA ASN A 326 -1.86 -25.26 13.01
C ASN A 326 -3.02 -24.75 12.17
N GLY A 327 -2.97 -23.46 11.84
CA GLY A 327 -4.04 -22.83 11.09
C GLY A 327 -3.98 -23.18 9.62
N PRO A 328 -4.91 -22.60 8.86
CA PRO A 328 -5.04 -22.96 7.45
C PRO A 328 -3.82 -22.56 6.64
N ASN A 329 -3.45 -23.41 5.69
CA ASN A 329 -2.36 -23.13 4.76
C ASN A 329 -2.94 -22.34 3.59
N GLU A 330 -3.03 -21.02 3.76
CA GLU A 330 -3.57 -20.18 2.70
C GLU A 330 -2.66 -20.12 1.48
N ASP A 331 -1.38 -20.49 1.62
CA ASP A 331 -0.45 -20.36 0.50
C ASP A 331 -0.79 -21.32 -0.64
N THR A 332 -1.44 -22.44 -0.34
CA THR A 332 -1.80 -23.42 -1.34
C THR A 332 -3.25 -23.29 -1.80
N TRP A 333 -3.84 -22.11 -1.61
CA TRP A 333 -5.22 -21.88 -2.05
C TRP A 333 -5.35 -22.25 -3.52
N PRO A 334 -6.48 -22.88 -3.94
CA PRO A 334 -7.70 -23.16 -3.18
C PRO A 334 -7.69 -24.49 -2.42
N ASP A 335 -6.52 -25.12 -2.29
CA ASP A 335 -6.39 -26.32 -1.46
C ASP A 335 -6.07 -25.92 -0.02
N SER A 336 -7.03 -25.20 0.58
CA SER A 336 -6.80 -24.53 1.85
C SER A 336 -8.06 -24.61 2.72
N GLY A 337 -7.85 -24.78 4.02
CA GLY A 337 -8.92 -24.65 4.97
C GLY A 337 -9.30 -23.20 5.19
N TYR A 338 -10.16 -22.99 6.17
CA TYR A 338 -10.73 -21.67 6.43
C TYR A 338 -10.61 -21.32 7.90
N SER A 339 -10.25 -20.05 8.16
CA SER A 339 -10.24 -19.52 9.50
C SER A 339 -10.70 -18.06 9.46
N PRO A 340 -11.51 -17.64 10.44
CA PRO A 340 -11.96 -16.24 10.46
C PRO A 340 -10.88 -15.27 10.88
N TRP A 341 -9.78 -15.73 11.46
CA TRP A 341 -8.78 -14.86 12.02
C TRP A 341 -7.76 -14.42 10.97
N ARG A 342 -6.92 -13.47 11.35
CA ARG A 342 -5.94 -12.90 10.44
C ARG A 342 -4.80 -13.88 10.17
N GLY A 343 -4.26 -13.81 8.95
CA GLY A 343 -3.10 -14.60 8.62
C GLY A 343 -3.45 -16.08 8.47
N GLY A 344 -2.50 -16.92 8.87
CA GLY A 344 -2.68 -18.36 8.75
C GLY A 344 -1.41 -19.08 9.12
N LYS A 345 -1.31 -20.33 8.67
CA LYS A 345 -0.12 -21.14 8.93
C LYS A 345 1.14 -20.37 8.56
N GLY A 346 2.16 -20.51 9.42
CA GLY A 346 3.42 -19.84 9.21
C GLY A 346 3.53 -18.46 9.82
N THR A 347 2.55 -18.04 10.60
CA THR A 347 2.60 -16.76 11.29
C THR A 347 2.01 -16.92 12.68
N THR A 348 2.37 -16.00 13.57
CA THR A 348 1.80 -15.96 14.91
C THR A 348 0.63 -14.98 15.01
N TRP A 349 0.01 -14.63 13.89
CA TRP A 349 -1.34 -14.10 13.94
C TRP A 349 -2.26 -15.19 14.49
N GLU A 350 -3.44 -14.78 14.97
CA GLU A 350 -4.37 -15.74 15.52
C GLU A 350 -4.74 -16.81 14.49
N GLY A 351 -4.78 -16.44 13.21
CA GLY A 351 -5.11 -17.41 12.19
C GLY A 351 -4.18 -18.60 12.14
N GLY A 352 -2.94 -18.42 12.59
CA GLY A 352 -1.96 -19.47 12.51
C GLY A 352 -1.93 -20.39 13.72
N VAL A 353 -2.32 -19.88 14.89
CA VAL A 353 -2.11 -20.60 16.14
C VAL A 353 -3.41 -20.89 16.88
N ARG A 354 -4.45 -20.09 16.65
CA ARG A 354 -5.74 -20.31 17.29
C ARG A 354 -6.50 -21.36 16.49
N ILE A 355 -6.67 -22.55 17.07
CA ILE A 355 -7.06 -23.74 16.32
C ILE A 355 -8.28 -24.36 16.99
N PRO A 356 -9.01 -25.21 16.26
CA PRO A 356 -10.15 -25.91 16.87
C PRO A 356 -9.69 -26.86 17.96
N GLY A 357 -10.54 -27.00 18.97
CA GLY A 357 -10.26 -27.90 20.07
C GLY A 357 -11.51 -28.40 20.76
N ILE A 358 -11.75 -29.71 20.71
CA ILE A 358 -12.97 -30.30 21.25
C ILE A 358 -12.56 -31.43 22.19
N ALA A 359 -13.16 -31.43 23.38
CA ALA A 359 -12.96 -32.50 24.36
C ALA A 359 -14.29 -33.19 24.58
N TYR A 360 -14.33 -34.50 24.34
CA TYR A 360 -15.52 -35.31 24.54
C TYR A 360 -15.18 -36.49 25.43
N TRP A 361 -16.00 -36.70 26.48
CA TRP A 361 -15.78 -37.82 27.39
C TRP A 361 -17.16 -38.20 27.96
N LYS A 362 -17.74 -39.27 27.41
CA LYS A 362 -19.07 -39.72 27.77
C LYS A 362 -19.21 -39.95 29.27
N GLY A 363 -20.04 -39.14 29.94
CA GLY A 363 -20.29 -39.29 31.35
C GLY A 363 -19.32 -38.57 32.26
N MET A 364 -18.24 -38.02 31.72
CA MET A 364 -17.26 -37.25 32.48
C MET A 364 -17.34 -35.76 32.17
N ILE A 365 -17.42 -35.41 30.89
CA ILE A 365 -17.48 -34.02 30.44
C ILE A 365 -18.92 -33.74 30.05
N SER A 366 -19.54 -32.79 30.74
CA SER A 366 -20.94 -32.46 30.47
C SER A 366 -21.09 -31.88 29.07
N ALA A 367 -22.22 -32.20 28.45
CA ALA A 367 -22.47 -31.80 27.08
C ALA A 367 -22.83 -30.32 26.99
N GLY A 368 -22.51 -29.72 25.85
CA GLY A 368 -22.94 -28.37 25.57
C GLY A 368 -22.13 -27.26 26.20
N GLN A 369 -20.87 -27.53 26.51
CA GLN A 369 -19.99 -26.52 27.10
C GLN A 369 -19.20 -25.81 26.01
N VAL A 370 -19.20 -24.49 26.05
CA VAL A 370 -18.30 -23.66 25.24
C VAL A 370 -17.47 -22.85 26.22
N ASN A 371 -16.16 -23.05 26.20
CA ASN A 371 -15.25 -22.48 27.18
C ASN A 371 -14.10 -21.79 26.46
N ASN A 372 -13.86 -20.52 26.80
CA ASN A 372 -12.84 -19.71 26.18
C ASN A 372 -11.53 -19.69 26.98
N GLY A 373 -11.38 -20.62 27.92
CA GLY A 373 -10.16 -20.64 28.71
C GLY A 373 -8.95 -21.07 27.89
N LEU A 374 -7.79 -20.50 28.26
CA LEU A 374 -6.58 -20.73 27.47
C LEU A 374 -6.12 -22.18 27.60
N MET A 375 -5.76 -22.77 26.47
CA MET A 375 -5.23 -24.13 26.44
C MET A 375 -4.26 -24.27 25.27
N ASP A 376 -3.30 -25.17 25.43
CA ASP A 376 -2.18 -25.34 24.53
C ASP A 376 -2.10 -26.79 24.09
N LEU A 377 -1.39 -27.04 22.98
CA LEU A 377 -1.13 -28.42 22.58
C LEU A 377 -0.26 -29.14 23.61
N THR A 378 0.67 -28.42 24.25
CA THR A 378 1.45 -29.04 25.30
C THR A 378 0.59 -29.42 26.51
N ASP A 379 -0.58 -28.81 26.66
CA ASP A 379 -1.47 -29.17 27.76
C ASP A 379 -2.11 -30.53 27.53
N ILE A 380 -2.32 -30.93 26.27
CA ILE A 380 -2.81 -32.28 26.00
C ILE A 380 -1.78 -33.30 26.46
N TYR A 381 -0.50 -33.05 26.16
CA TYR A 381 0.57 -33.92 26.62
C TYR A 381 0.57 -34.04 28.14
N MET A 382 0.57 -32.90 28.84
CA MET A 382 0.66 -32.94 30.29
C MET A 382 -0.62 -33.50 30.92
N THR A 383 -1.77 -33.23 30.31
CA THR A 383 -3.02 -33.83 30.77
C THR A 383 -2.99 -35.34 30.59
N SER A 384 -2.47 -35.81 29.45
CA SER A 384 -2.36 -37.24 29.23
C SER A 384 -1.48 -37.90 30.29
N LEU A 385 -0.36 -37.26 30.63
CA LEU A 385 0.55 -37.85 31.61
C LEU A 385 -0.10 -37.97 32.99
N ARG A 386 -0.96 -37.03 33.34
CA ARG A 386 -1.61 -37.09 34.65
C ARG A 386 -2.70 -38.17 34.67
N LEU A 387 -3.43 -38.32 33.57
CA LEU A 387 -4.44 -39.36 33.51
C LEU A 387 -3.84 -40.75 33.69
N GLY A 388 -2.59 -40.93 33.25
CA GLY A 388 -1.87 -42.17 33.45
C GLY A 388 -1.01 -42.22 34.69
N GLY A 389 -0.95 -41.13 35.45
CA GLY A 389 -0.18 -41.10 36.69
C GLY A 389 1.32 -41.21 36.50
N VAL A 390 1.89 -40.36 35.65
CA VAL A 390 3.30 -40.49 35.29
C VAL A 390 4.00 -39.15 35.19
N ILE A 391 3.42 -38.10 35.78
CA ILE A 391 4.04 -36.79 35.68
C ILE A 391 5.35 -36.74 36.48
N ASP A 392 5.43 -37.48 37.58
CA ASP A 392 6.65 -37.47 38.39
C ASP A 392 7.85 -38.10 37.68
N GLU A 393 7.66 -38.66 36.49
CA GLU A 393 8.74 -39.29 35.74
C GLU A 393 9.46 -38.32 34.81
N LEU A 394 9.09 -37.04 34.79
CA LEU A 394 9.69 -36.11 33.85
C LEU A 394 11.08 -35.70 34.33
N PRO A 395 12.10 -35.72 33.46
CA PRO A 395 13.44 -35.34 33.90
C PRO A 395 13.48 -33.90 34.42
N SER A 396 14.26 -33.71 35.48
CA SER A 396 14.28 -32.43 36.19
C SER A 396 15.21 -31.40 35.56
N ASN A 397 16.04 -31.79 34.61
CA ASN A 397 16.95 -30.86 33.94
C ASN A 397 16.31 -30.21 32.71
N MET A 398 15.05 -30.52 32.41
CA MET A 398 14.35 -29.99 31.26
C MET A 398 13.11 -29.23 31.71
N TYR A 399 12.90 -28.05 31.13
CA TYR A 399 11.71 -27.26 31.43
C TYR A 399 10.56 -27.73 30.56
N PHE A 400 9.38 -27.90 31.18
CA PHE A 400 8.19 -28.37 30.49
C PHE A 400 7.15 -27.26 30.48
N ASP A 401 6.68 -26.92 29.28
CA ASP A 401 5.73 -25.83 29.11
C ASP A 401 4.29 -26.27 29.27
N GLY A 402 4.01 -27.56 29.17
CA GLY A 402 2.64 -28.03 29.28
C GLY A 402 2.12 -27.95 30.71
N ILE A 403 0.81 -27.75 30.81
CA ILE A 403 0.12 -27.66 32.10
C ILE A 403 -0.98 -28.71 32.11
N ASP A 404 -1.08 -29.45 33.21
CA ASP A 404 -2.18 -30.39 33.40
C ASP A 404 -3.50 -29.65 33.47
N GLN A 405 -4.42 -29.96 32.55
CA GLN A 405 -5.71 -29.29 32.47
C GLN A 405 -6.88 -30.20 32.84
N THR A 406 -6.60 -31.31 33.53
CA THR A 406 -7.68 -32.23 33.88
C THR A 406 -8.75 -31.53 34.72
N ALA A 407 -8.34 -30.67 35.65
CA ALA A 407 -9.30 -29.90 36.43
C ALA A 407 -10.07 -28.91 35.58
N PHE A 408 -9.53 -28.50 34.44
CA PHE A 408 -10.21 -27.59 33.53
C PHE A 408 -11.21 -28.33 32.65
N LEU A 409 -10.82 -29.50 32.13
CA LEU A 409 -11.67 -30.23 31.20
C LEU A 409 -12.81 -30.96 31.90
N LEU A 410 -12.63 -31.35 33.17
CA LEU A 410 -13.62 -32.16 33.88
C LEU A 410 -14.52 -31.34 34.79
N ALA A 411 -14.33 -30.03 34.86
CA ALA A 411 -15.18 -29.16 35.65
C ALA A 411 -16.22 -28.49 34.76
N ASP A 412 -17.47 -28.43 35.25
CA ASP A 412 -18.51 -27.72 34.53
C ASP A 412 -18.17 -26.24 34.45
N ASN A 413 -18.01 -25.74 33.22
CA ASN A 413 -17.64 -24.35 32.98
C ASN A 413 -16.43 -23.96 33.82
N GLY A 414 -15.43 -24.84 33.83
CA GLY A 414 -14.27 -24.61 34.65
C GLY A 414 -13.38 -23.52 34.11
N LYS A 415 -12.53 -23.00 34.99
CA LYS A 415 -11.53 -22.02 34.60
C LYS A 415 -10.21 -22.71 34.30
N SER A 416 -9.47 -22.15 33.35
CA SER A 416 -8.24 -22.77 32.89
C SER A 416 -7.14 -22.62 33.93
N ARG A 417 -6.23 -23.60 33.94
CA ARG A 417 -5.03 -23.52 34.78
C ARG A 417 -3.87 -22.83 34.08
N ARG A 418 -4.03 -22.48 32.81
CA ARG A 418 -2.98 -21.80 32.05
C ARG A 418 -3.24 -20.29 32.07
N GLN A 419 -2.20 -19.54 32.44
CA GLN A 419 -2.31 -18.09 32.55
C GLN A 419 -1.87 -17.37 31.29
N VAL A 420 -0.91 -17.94 30.55
CA VAL A 420 -0.32 -17.27 29.39
C VAL A 420 0.00 -18.31 28.32
N VAL A 421 -0.15 -17.91 27.07
CA VAL A 421 0.30 -18.68 25.91
C VAL A 421 1.47 -17.93 25.30
N TYR A 422 2.59 -18.62 25.11
CA TYR A 422 3.78 -18.03 24.51
C TYR A 422 3.92 -18.53 23.08
N MET A 423 4.13 -17.59 22.16
CA MET A 423 4.12 -17.87 20.73
C MET A 423 5.51 -17.65 20.16
N TRP A 424 6.00 -18.65 19.43
CA TRP A 424 7.33 -18.62 18.85
C TRP A 424 7.25 -18.94 17.36
N SER A 425 8.11 -18.28 16.59
CA SER A 425 8.37 -18.64 15.19
C SER A 425 9.76 -19.28 15.21
N ARG A 426 9.79 -20.60 15.33
CA ARG A 426 11.05 -21.34 15.49
C ARG A 426 11.84 -20.76 16.65
N GLU A 427 12.99 -20.13 16.38
CA GLU A 427 13.83 -19.56 17.42
C GLU A 427 13.50 -18.11 17.73
N ASP A 428 12.41 -17.57 17.19
CA ASP A 428 12.01 -16.18 17.42
C ASP A 428 10.78 -16.15 18.32
N PHE A 429 10.90 -15.45 19.45
CA PHE A 429 9.76 -15.17 20.30
C PHE A 429 9.03 -13.94 19.77
N THR A 430 7.76 -14.11 19.40
CA THR A 430 7.03 -13.07 18.70
C THR A 430 5.86 -12.49 19.49
N ALA A 431 5.17 -13.30 20.28
CA ALA A 431 3.97 -12.79 20.93
C ALA A 431 3.59 -13.70 22.09
N LEU A 432 2.70 -13.17 22.94
CA LEU A 432 2.08 -13.94 24.00
C LEU A 432 0.63 -13.50 24.12
N ARG A 433 -0.19 -14.35 24.74
CA ARG A 433 -1.55 -14.00 25.08
C ARG A 433 -1.74 -14.14 26.58
N TRP A 434 -2.39 -13.14 27.17
CA TRP A 434 -2.67 -13.12 28.61
C TRP A 434 -4.06 -12.55 28.79
N LEU A 435 -4.93 -13.30 29.47
CA LEU A 435 -6.35 -12.96 29.58
C LEU A 435 -6.88 -12.97 28.16
N ASP A 436 -7.51 -11.89 27.68
CA ASP A 436 -7.99 -11.80 26.31
C ASP A 436 -7.19 -10.77 25.50
N TYR A 437 -5.93 -10.58 25.88
CA TYR A 437 -5.07 -9.58 25.25
C TYR A 437 -3.93 -10.28 24.53
N LYS A 438 -3.74 -9.92 23.26
CA LYS A 438 -2.69 -10.47 22.41
C LYS A 438 -1.62 -9.40 22.23
N ILE A 439 -0.41 -9.67 22.69
CA ILE A 439 0.70 -8.72 22.65
C ILE A 439 1.75 -9.25 21.69
N HIS A 440 2.09 -8.47 20.67
CA HIS A 440 3.08 -8.85 19.68
C HIS A 440 4.37 -8.06 19.90
N PHE A 441 5.48 -8.78 19.99
CA PHE A 441 6.80 -8.17 20.02
C PHE A 441 7.51 -8.26 18.67
N LYS A 442 7.09 -9.19 17.81
CA LYS A 442 7.52 -9.26 16.42
C LYS A 442 6.30 -9.62 15.59
N VAL A 443 6.19 -9.01 14.42
CA VAL A 443 4.97 -9.05 13.61
C VAL A 443 5.28 -9.58 12.23
N PHE A 444 4.48 -10.54 11.78
CA PHE A 444 4.55 -11.02 10.40
C PHE A 444 3.80 -10.05 9.49
N ASN A 445 4.44 -9.64 8.40
CA ASN A 445 3.85 -8.71 7.44
C ASN A 445 3.89 -9.38 6.07
N THR A 446 2.72 -9.50 5.45
CA THR A 446 2.56 -10.30 4.24
C THR A 446 2.47 -9.41 3.01
N ALA A 447 3.30 -9.70 2.01
CA ALA A 447 3.41 -8.85 0.83
C ALA A 447 2.44 -9.23 -0.28
N VAL A 448 2.02 -10.49 -0.34
CA VAL A 448 1.08 -10.98 -1.36
C VAL A 448 -0.11 -11.58 -0.63
N PRO A 449 -1.34 -11.29 -1.03
CA PRO A 449 -2.50 -11.88 -0.35
C PRO A 449 -2.44 -13.41 -0.35
N ARG A 450 -2.73 -13.99 0.81
CA ARG A 450 -2.76 -15.42 1.10
C ARG A 450 -1.35 -15.98 1.36
N ARG A 451 -0.28 -15.23 1.11
CA ARG A 451 1.07 -15.80 1.08
C ARG A 451 1.79 -15.56 2.40
N ASN A 452 1.16 -16.02 3.47
CA ASN A 452 1.74 -15.87 4.80
C ASN A 452 3.09 -16.55 4.91
N ILE A 453 3.19 -17.78 4.40
CA ILE A 453 4.41 -18.55 4.54
C ILE A 453 5.48 -18.05 3.56
N ASP A 454 5.09 -17.83 2.31
CA ASP A 454 6.05 -17.73 1.22
C ASP A 454 6.36 -16.32 0.77
N ALA A 455 5.70 -15.31 1.33
CA ALA A 455 5.94 -13.92 0.90
C ALA A 455 5.71 -12.98 2.07
N SER A 456 6.38 -13.25 3.20
CA SER A 456 6.21 -12.47 4.40
C SER A 456 7.55 -11.99 4.95
N PHE A 457 7.48 -10.98 5.81
CA PHE A 457 8.60 -10.51 6.60
C PHE A 457 8.29 -10.73 8.08
N LEU A 458 9.34 -10.82 8.89
CA LEU A 458 9.22 -10.79 10.35
C LEU A 458 9.90 -9.51 10.81
N LEU A 459 9.11 -8.57 11.30
CA LEU A 459 9.56 -7.20 11.55
C LEU A 459 9.54 -6.90 13.04
N ASP A 460 10.53 -6.12 13.49
CA ASP A 460 10.54 -5.64 14.86
C ASP A 460 9.53 -4.53 15.03
N ILE A 461 8.89 -4.49 16.21
CA ILE A 461 7.89 -3.48 16.50
C ILE A 461 8.58 -2.16 16.81
N GLY A 462 7.81 -1.08 16.88
CA GLY A 462 8.37 0.22 17.18
C GLY A 462 8.48 0.50 18.67
N THR A 463 7.94 1.65 19.11
CA THR A 463 8.11 2.06 20.49
C THR A 463 7.32 1.19 21.45
N ALA A 464 6.20 0.64 21.01
CA ALA A 464 5.34 -0.15 21.88
C ALA A 464 4.98 -1.47 21.23
N PRO A 465 4.95 -2.57 22.00
CA PRO A 465 4.41 -3.82 21.46
C PRO A 465 2.98 -3.62 20.99
N TRP A 466 2.61 -4.31 19.92
CA TRP A 466 1.25 -4.26 19.43
C TRP A 466 0.33 -5.02 20.39
N VAL A 467 -0.86 -4.48 20.62
CA VAL A 467 -1.82 -5.07 21.54
C VAL A 467 -3.18 -5.09 20.88
N PHE A 468 -3.82 -6.26 20.90
CA PHE A 468 -5.19 -6.43 20.44
C PHE A 468 -6.00 -7.04 21.58
N ASN A 469 -7.10 -6.39 21.94
CA ASN A 469 -8.11 -7.02 22.79
C ASN A 469 -8.86 -8.02 21.92
N LEU A 470 -8.58 -9.31 22.09
CA LEU A 470 -9.12 -10.31 21.17
C LEU A 470 -10.64 -10.43 21.29
N ASN A 471 -11.23 -9.98 22.40
CA ASN A 471 -12.69 -9.94 22.47
C ASN A 471 -13.24 -8.87 21.54
N MET A 472 -12.54 -7.74 21.42
CA MET A 472 -13.02 -6.62 20.63
C MET A 472 -12.45 -6.60 19.20
N ASP A 473 -11.26 -7.13 19.00
CA ASP A 473 -10.61 -7.15 17.69
C ASP A 473 -10.08 -8.54 17.40
N PRO A 474 -10.96 -9.53 17.29
CA PRO A 474 -10.49 -10.92 17.10
C PRO A 474 -9.72 -11.10 15.81
N LYS A 475 -10.03 -10.31 14.79
CA LYS A 475 -9.37 -10.39 13.49
C LYS A 475 -8.10 -9.55 13.43
N GLU A 476 -7.69 -8.95 14.55
CA GLU A 476 -6.43 -8.21 14.66
C GLU A 476 -6.27 -7.22 13.51
N MET A 477 -7.27 -6.36 13.34
CA MET A 477 -7.29 -5.46 12.19
C MET A 477 -6.42 -4.22 12.42
N ALA A 478 -6.38 -3.70 13.64
CA ALA A 478 -5.58 -2.51 13.92
C ALA A 478 -5.22 -2.48 15.39
N SER A 479 -3.92 -2.38 15.68
CA SER A 479 -3.44 -2.44 17.05
C SER A 479 -3.68 -1.12 17.77
N THR A 480 -4.04 -1.21 19.06
CA THR A 480 -4.17 -0.06 19.93
C THR A 480 -3.02 0.06 20.93
N GLY A 481 -2.13 -0.93 20.98
CA GLY A 481 -0.95 -0.82 21.83
C GLY A 481 -1.28 -0.46 23.26
N HIS A 482 -0.58 0.57 23.75
CA HIS A 482 -0.69 0.99 25.14
C HIS A 482 -1.94 1.80 25.45
N GLN A 483 -2.75 2.15 24.45
CA GLN A 483 -3.78 3.15 24.65
C GLN A 483 -4.74 2.75 25.75
N TYR A 484 -5.17 1.49 25.78
CA TYR A 484 -6.14 1.01 26.75
C TYR A 484 -5.55 -0.05 27.68
N PHE A 485 -4.22 -0.14 27.74
CA PHE A 485 -3.57 -1.28 28.39
C PHE A 485 -2.34 -0.83 29.17
N GLU A 486 -2.33 0.42 29.65
CA GLU A 486 -1.20 0.88 30.47
C GLU A 486 -1.12 0.11 31.78
N TRP A 487 -2.28 -0.24 32.36
CA TRP A 487 -2.27 -1.01 33.60
C TRP A 487 -1.70 -2.40 33.40
N GLY A 488 -1.82 -2.95 32.20
CA GLY A 488 -1.43 -4.33 31.96
C GLY A 488 -0.12 -4.50 31.21
N MET A 489 0.29 -3.47 30.47
CA MET A 489 1.49 -3.60 29.65
C MET A 489 2.74 -3.97 30.45
N PRO A 490 3.01 -3.38 31.62
CA PRO A 490 4.18 -3.82 32.38
C PRO A 490 4.11 -5.28 32.80
N GLN A 491 2.91 -5.81 33.05
CA GLN A 491 2.79 -7.22 33.39
C GLN A 491 3.07 -8.11 32.18
N ALA A 492 2.61 -7.70 31.01
CA ALA A 492 2.90 -8.46 29.79
C ALA A 492 4.39 -8.55 29.54
N THR A 493 5.12 -7.48 29.87
CA THR A 493 6.57 -7.52 29.72
C THR A 493 7.21 -8.39 30.79
N LYS A 494 6.67 -8.36 32.01
CA LYS A 494 7.15 -9.27 33.04
C LYS A 494 7.01 -10.73 32.59
N PHE A 495 5.88 -11.06 31.96
CA PHE A 495 5.68 -12.43 31.49
C PHE A 495 6.69 -12.79 30.41
N MET A 496 6.96 -11.87 29.48
CA MET A 496 7.97 -12.14 28.45
C MET A 496 9.33 -12.39 29.09
N LYS A 497 9.77 -11.46 29.95
CA LYS A 497 11.10 -11.58 30.55
C LYS A 497 11.26 -12.90 31.29
N ALA A 498 10.27 -13.24 32.12
CA ALA A 498 10.35 -14.49 32.88
C ALA A 498 10.41 -15.69 31.95
N HIS A 499 9.59 -15.68 30.89
CA HIS A 499 9.59 -16.79 29.95
C HIS A 499 10.96 -16.97 29.32
N ILE A 500 11.58 -15.88 28.88
CA ILE A 500 12.92 -15.96 28.31
C ILE A 500 13.92 -16.41 29.37
N ALA A 501 13.70 -16.02 30.63
CA ALA A 501 14.66 -16.36 31.67
C ALA A 501 14.70 -17.86 31.95
N THR A 502 13.58 -18.56 31.78
CA THR A 502 13.60 -20.01 31.97
C THR A 502 14.58 -20.67 31.02
N MET A 503 14.83 -20.05 29.87
CA MET A 503 15.74 -20.60 28.87
C MET A 503 17.19 -20.28 29.16
N LYS A 504 17.47 -19.43 30.14
CA LYS A 504 18.80 -19.30 30.71
C LYS A 504 19.01 -20.32 31.82
N LYS A 505 18.01 -20.48 32.68
CA LYS A 505 18.08 -21.46 33.77
C LYS A 505 18.01 -22.88 33.25
N TYR A 506 17.29 -23.10 32.15
CA TYR A 506 17.18 -24.42 31.52
C TYR A 506 17.58 -24.25 30.05
N PRO A 507 18.84 -24.49 29.71
CA PRO A 507 19.31 -24.17 28.36
C PRO A 507 18.54 -24.90 27.28
N ASN A 508 18.31 -24.21 26.17
CA ASN A 508 17.69 -24.83 25.01
C ASN A 508 18.68 -25.77 24.32
N THR A 509 18.14 -26.70 23.55
CA THR A 509 18.96 -27.67 22.85
C THR A 509 19.50 -27.09 21.54
N ASP A 510 20.80 -27.23 21.33
CA ASP A 510 21.45 -26.88 20.07
C ASP A 510 21.82 -28.18 19.37
N ILE A 511 21.17 -28.46 18.25
CA ILE A 511 21.39 -29.72 17.56
C ILE A 511 22.49 -29.63 16.49
N GLY A 512 22.83 -28.42 16.04
CA GLY A 512 23.87 -28.24 15.05
C GLY A 512 23.64 -29.03 13.77
N ASN B 12 40.19 17.23 9.43
CA ASN B 12 38.82 17.10 8.94
C ASN B 12 38.27 18.46 8.51
N VAL B 13 37.74 18.52 7.29
CA VAL B 13 37.32 19.80 6.73
C VAL B 13 35.94 20.23 7.21
N PHE B 14 35.13 19.31 7.74
CA PHE B 14 33.77 19.62 8.14
C PHE B 14 33.62 19.89 9.63
N ASN B 15 34.43 19.26 10.48
CA ASN B 15 34.21 19.29 11.92
C ASN B 15 34.66 20.64 12.47
N ASP B 16 33.69 21.44 12.90
CA ASP B 16 33.96 22.75 13.50
C ASP B 16 33.88 22.74 15.02
N ALA B 17 33.63 21.58 15.63
CA ALA B 17 33.54 21.50 17.08
C ALA B 17 34.92 21.30 17.69
N ILE B 18 35.05 21.68 18.95
CA ILE B 18 36.30 21.60 19.70
C ILE B 18 36.04 20.88 21.02
N VAL B 19 36.97 20.00 21.40
CA VAL B 19 36.87 19.31 22.67
C VAL B 19 37.34 20.26 23.77
N GLU B 20 36.44 20.60 24.68
CA GLU B 20 36.79 21.39 25.87
C GLU B 20 37.29 20.44 26.96
N LYS B 21 36.35 19.68 27.58
CA LYS B 21 36.69 18.55 28.41
C LYS B 21 36.44 17.25 27.65
N PRO B 22 37.22 16.20 27.89
CA PRO B 22 37.01 14.94 27.16
C PRO B 22 35.66 14.29 27.43
N ASN B 23 35.03 14.56 28.58
CA ASN B 23 33.75 13.95 28.91
C ASN B 23 32.57 14.85 28.59
N MET B 24 32.79 15.93 27.85
CA MET B 24 31.75 16.87 27.46
C MET B 24 31.57 16.84 25.95
N GLU B 25 30.33 16.86 25.50
CA GLU B 25 30.04 16.90 24.08
C GLU B 25 30.79 18.04 23.43
N PRO B 26 31.59 17.79 22.40
CA PRO B 26 32.28 18.90 21.71
C PRO B 26 31.30 19.95 21.22
N ALA B 27 31.69 21.21 21.37
CA ALA B 27 30.88 22.34 20.95
C ALA B 27 31.64 23.17 19.92
N ILE B 28 30.89 23.96 19.16
CA ILE B 28 31.47 24.91 18.22
C ILE B 28 31.77 26.20 18.97
N PRO B 29 33.02 26.68 18.98
CA PRO B 29 33.29 27.96 19.64
C PRO B 29 32.53 29.09 18.98
N ARG B 30 32.03 30.00 19.82
CA ARG B 30 31.38 31.24 19.37
C ARG B 30 31.97 32.38 20.19
N PRO B 31 33.24 32.73 19.95
CA PRO B 31 33.92 33.65 20.88
C PRO B 31 33.26 35.02 20.98
N GLU B 32 32.86 35.60 19.85
CA GLU B 32 32.28 36.93 19.89
C GLU B 32 30.88 36.91 20.53
N GLN B 33 30.09 35.88 20.23
CA GLN B 33 28.82 35.73 20.92
C GLN B 33 29.03 35.54 22.42
N GLU B 34 30.06 34.78 22.79
CA GLU B 34 30.34 34.55 24.21
C GLU B 34 30.68 35.85 24.92
N LYS B 35 31.48 36.71 24.29
CA LYS B 35 31.80 38.00 24.89
C LYS B 35 30.53 38.80 25.17
N VAL B 36 29.62 38.84 24.19
CA VAL B 36 28.33 39.51 24.40
C VAL B 36 27.60 38.89 25.58
N ALA B 37 27.60 37.55 25.67
CA ALA B 37 26.91 36.87 26.75
C ALA B 37 27.52 37.22 28.11
N VAL B 38 28.85 37.16 28.20
CA VAL B 38 29.51 37.45 29.47
C VAL B 38 29.22 38.88 29.91
N SER B 39 29.25 39.82 28.97
CA SER B 39 29.02 41.23 29.32
C SER B 39 27.57 41.46 29.74
N LYS B 40 26.62 40.90 29.00
CA LYS B 40 25.22 41.06 29.36
C LYS B 40 24.95 40.50 30.76
N LEU B 41 25.51 39.33 31.06
CA LEU B 41 25.25 38.70 32.36
C LEU B 41 25.91 39.49 33.49
N LYS B 42 27.12 39.99 33.26
CA LYS B 42 27.81 40.76 34.29
C LYS B 42 27.04 42.02 34.65
N ASN B 43 26.55 42.75 33.65
CA ASN B 43 25.81 43.97 33.93
C ASN B 43 24.47 43.66 34.58
N LEU B 44 23.82 42.57 34.17
CA LEU B 44 22.55 42.18 34.79
C LEU B 44 22.75 41.88 36.27
N GLU B 45 23.76 41.07 36.61
CA GLU B 45 24.01 40.73 38.00
C GLU B 45 24.46 41.94 38.82
N ALA B 46 25.04 42.95 38.17
CA ALA B 46 25.40 44.17 38.88
C ALA B 46 24.15 44.87 39.41
N LYS B 47 23.15 45.08 38.55
CA LYS B 47 21.93 45.76 38.97
C LYS B 47 21.03 44.87 39.80
N GLN B 48 21.04 43.56 39.56
CA GLN B 48 20.13 42.65 40.21
C GLN B 48 20.65 42.11 41.54
N GLY B 49 21.96 42.08 41.74
CA GLY B 49 22.53 41.71 43.01
C GLY B 49 22.66 40.21 43.25
N ARG B 50 22.18 39.38 42.34
CA ARG B 50 22.28 37.94 42.52
C ARG B 50 22.15 37.26 41.16
N LYS B 51 22.49 35.97 41.13
CA LYS B 51 22.40 35.19 39.90
C LYS B 51 20.95 35.17 39.41
N PRO B 52 20.75 34.81 38.15
CA PRO B 52 19.40 34.91 37.56
C PRO B 52 18.52 33.71 37.88
N ASN B 53 17.22 33.97 37.83
CA ASN B 53 16.24 32.88 37.91
C ASN B 53 16.09 32.21 36.56
N VAL B 54 15.67 30.95 36.59
CA VAL B 54 15.33 30.20 35.38
C VAL B 54 13.97 29.56 35.61
N LEU B 55 13.01 29.84 34.73
CA LEU B 55 11.68 29.25 34.76
C LEU B 55 11.52 28.43 33.48
N VAL B 56 11.46 27.11 33.62
CA VAL B 56 11.27 26.21 32.50
C VAL B 56 9.80 25.80 32.48
N LEU B 57 9.07 26.22 31.46
CA LEU B 57 7.69 25.81 31.25
C LEU B 57 7.71 24.62 30.28
N LEU B 58 7.37 23.44 30.78
CA LEU B 58 7.45 22.20 30.01
C LEU B 58 6.05 21.67 29.77
N VAL B 59 5.60 21.73 28.52
CA VAL B 59 4.29 21.23 28.13
C VAL B 59 4.44 19.80 27.64
N ASP B 60 3.47 18.95 27.96
CA ASP B 60 3.53 17.53 27.65
C ASP B 60 2.89 17.27 26.29
N ASP B 61 3.58 16.50 25.46
CA ASP B 61 3.04 16.04 24.18
C ASP B 61 2.57 17.19 23.29
N LEU B 62 3.27 18.33 23.36
CA LEU B 62 2.91 19.50 22.58
C LEU B 62 3.67 19.49 21.25
N GLY B 63 2.93 19.55 20.15
CA GLY B 63 3.55 19.51 18.85
C GLY B 63 4.24 20.81 18.47
N TRP B 64 5.18 20.69 17.52
CA TRP B 64 5.92 21.85 17.04
C TRP B 64 4.99 22.98 16.62
N GLY B 65 3.90 22.65 15.94
CA GLY B 65 3.01 23.63 15.37
C GLY B 65 1.79 24.01 16.18
N ASP B 66 1.72 23.58 17.45
CA ASP B 66 0.55 23.88 18.27
C ASP B 66 0.44 25.36 18.60
N PRO B 67 1.53 26.04 18.95
CA PRO B 67 1.42 27.48 19.23
C PRO B 67 1.15 28.29 17.97
N GLY B 68 0.46 29.42 18.17
CA GLY B 68 0.09 30.25 17.03
C GLY B 68 1.29 30.77 16.26
N VAL B 69 2.36 31.15 16.97
CA VAL B 69 3.55 31.65 16.29
C VAL B 69 4.23 30.56 15.45
N TYR B 70 3.92 29.30 15.69
CA TYR B 70 4.48 28.20 14.92
C TYR B 70 3.54 27.74 13.81
N GLY B 71 2.45 28.45 13.56
CA GLY B 71 1.51 28.10 12.52
C GLY B 71 0.28 27.36 12.97
N GLY B 72 0.03 27.29 14.28
CA GLY B 72 -1.18 26.68 14.78
C GLY B 72 -2.11 27.71 15.39
N GLY B 73 -2.37 27.57 16.69
CA GLY B 73 -3.19 28.56 17.39
C GLY B 73 -4.56 28.69 16.77
N ALA B 74 -4.91 29.91 16.34
CA ALA B 74 -6.20 30.15 15.72
C ALA B 74 -6.42 29.25 14.50
N ALA B 75 -5.34 28.81 13.86
CA ALA B 75 -5.47 27.97 12.68
C ALA B 75 -6.03 26.58 13.01
N ILE B 76 -5.89 26.12 14.25
CA ILE B 76 -6.42 24.84 14.68
C ILE B 76 -7.41 25.00 15.83
N GLY B 77 -7.95 26.19 16.01
CA GLY B 77 -9.02 26.39 16.98
C GLY B 77 -8.58 26.48 18.42
N ALA B 78 -7.42 27.08 18.69
CA ALA B 78 -6.96 27.26 20.06
C ALA B 78 -5.90 28.35 20.14
N PRO B 79 -6.30 29.63 20.16
CA PRO B 79 -5.31 30.70 20.24
C PRO B 79 -4.44 30.58 21.48
N THR B 80 -3.20 31.05 21.36
CA THR B 80 -2.22 31.01 22.44
C THR B 80 -1.55 32.37 22.55
N PRO B 81 -2.31 33.40 22.93
CA PRO B 81 -1.74 34.76 22.92
C PRO B 81 -0.55 34.94 23.85
N ASN B 82 -0.60 34.39 25.06
CA ASN B 82 0.49 34.59 26.00
C ASN B 82 1.77 33.89 25.52
N ILE B 83 1.64 32.68 24.99
CA ILE B 83 2.81 31.98 24.45
C ILE B 83 3.34 32.72 23.22
N ASP B 84 2.44 33.23 22.37
CA ASP B 84 2.86 34.04 21.24
C ASP B 84 3.64 35.26 21.72
N LYS B 85 3.22 35.86 22.83
CA LYS B 85 3.90 37.04 23.35
C LYS B 85 5.33 36.71 23.80
N LEU B 86 5.52 35.55 24.42
CA LEU B 86 6.86 35.13 24.79
C LEU B 86 7.74 34.98 23.57
N ALA B 87 7.18 34.48 22.46
CA ALA B 87 7.97 34.24 21.27
C ALA B 87 8.23 35.52 20.48
N ASN B 88 7.21 36.36 20.32
CA ASN B 88 7.37 37.57 19.51
C ASN B 88 8.18 38.63 20.24
N GLU B 89 8.16 38.63 21.57
CA GLU B 89 9.00 39.52 22.36
C GLU B 89 10.31 38.86 22.77
N GLY B 90 10.64 37.71 22.19
CA GLY B 90 11.85 36.98 22.55
C GLY B 90 12.45 36.26 21.38
N LEU B 91 12.92 35.03 21.61
CA LEU B 91 13.63 34.23 20.62
C LEU B 91 12.88 32.93 20.40
N ARG B 92 12.43 32.70 19.17
CA ARG B 92 11.72 31.49 18.81
C ARG B 92 12.68 30.54 18.09
N LEU B 93 12.86 29.35 18.65
CA LEU B 93 13.74 28.34 18.09
C LEU B 93 12.92 27.39 17.20
N THR B 94 13.33 27.26 15.95
CA THR B 94 12.62 26.41 14.99
C THR B 94 13.30 25.06 14.78
N SER B 95 14.42 24.79 15.45
CA SER B 95 15.09 23.50 15.41
C SER B 95 15.49 23.06 16.82
N MET B 96 14.53 23.10 17.74
CA MET B 96 14.69 22.52 19.07
C MET B 96 14.28 21.06 19.04
N TYR B 97 15.08 20.21 19.68
CA TYR B 97 14.86 18.77 19.63
C TYR B 97 14.74 18.15 21.01
N SER B 98 13.92 17.10 21.08
CA SER B 98 13.72 16.32 22.28
C SER B 98 14.01 14.84 21.99
N GLN B 99 13.69 13.98 22.95
CA GLN B 99 13.63 12.55 22.71
C GLN B 99 12.21 12.16 22.28
N PRO B 100 12.01 10.97 21.72
CA PRO B 100 10.69 10.63 21.17
C PRO B 100 9.62 10.31 22.20
N THR B 101 9.96 10.20 23.48
CA THR B 101 8.99 9.78 24.49
C THR B 101 9.20 10.60 25.76
N CYS B 102 8.23 10.47 26.69
CA CYS B 102 8.20 11.28 27.90
C CYS B 102 9.40 11.05 28.80
N THR B 103 9.48 9.86 29.39
CA THR B 103 10.52 9.58 30.38
C THR B 103 11.90 9.90 29.83
N SER B 104 12.16 9.47 28.59
CA SER B 104 13.46 9.73 27.97
C SER B 104 13.77 11.22 27.91
N SER B 105 12.79 12.02 27.48
CA SER B 105 13.04 13.44 27.32
C SER B 105 13.25 14.13 28.65
N ARG B 106 12.47 13.77 29.67
CA ARG B 106 12.60 14.43 30.97
C ARG B 106 13.88 14.01 31.67
N ALA B 107 14.35 12.78 31.43
CA ALA B 107 15.66 12.37 31.91
C ALA B 107 16.74 13.25 31.29
N ALA B 108 16.69 13.46 29.98
CA ALA B 108 17.68 14.29 29.32
C ALA B 108 17.64 15.73 29.83
N LEU B 109 16.46 16.22 30.21
CA LEU B 109 16.35 17.59 30.68
C LEU B 109 16.92 17.76 32.09
N THR B 110 16.95 16.68 32.88
CA THR B 110 17.40 16.76 34.26
C THR B 110 18.69 15.99 34.52
N THR B 111 19.36 15.51 33.47
CA THR B 111 20.65 14.86 33.61
C THR B 111 21.69 15.32 32.59
N GLY B 112 21.29 16.08 31.57
CA GLY B 112 22.22 16.48 30.54
C GLY B 112 22.78 15.34 29.73
N ARG B 113 22.09 14.20 29.72
CA ARG B 113 22.62 12.98 29.15
C ARG B 113 21.53 12.26 28.36
N LEU B 114 21.87 11.83 27.16
CA LEU B 114 20.98 10.96 26.41
C LEU B 114 20.55 9.80 27.30
N PRO B 115 19.27 9.42 27.31
CA PRO B 115 18.81 8.43 28.29
C PRO B 115 19.43 7.05 28.12
N VAL B 116 20.01 6.75 26.95
CA VAL B 116 20.69 5.47 26.78
C VAL B 116 21.91 5.38 27.67
N ARG B 117 22.48 6.52 28.10
CA ARG B 117 23.64 6.50 28.96
C ARG B 117 23.26 6.25 30.42
N SER B 118 22.15 6.83 30.87
CA SER B 118 21.73 6.73 32.26
C SER B 118 20.90 5.49 32.54
N GLY B 119 20.32 4.87 31.52
CA GLY B 119 19.38 3.78 31.72
C GLY B 119 17.95 4.22 31.90
N LEU B 120 17.68 5.53 31.89
CA LEU B 120 16.35 6.07 32.08
C LEU B 120 15.56 6.14 30.78
N VAL B 121 15.51 5.01 30.07
CA VAL B 121 14.68 4.92 28.87
C VAL B 121 13.25 4.52 29.20
N ARG B 122 12.96 4.13 30.44
CA ARG B 122 11.63 3.73 30.86
C ARG B 122 11.43 4.15 32.31
N PRO B 123 10.19 4.44 32.71
CA PRO B 123 9.93 4.80 34.11
C PRO B 123 10.04 3.57 35.01
N ILE B 124 10.85 3.68 36.05
CA ILE B 124 11.02 2.59 37.01
C ILE B 124 9.90 2.68 38.04
N LEU B 125 9.14 1.61 38.17
CA LEU B 125 7.98 1.55 39.05
C LEU B 125 8.39 1.06 40.44
N THR B 126 7.72 1.61 41.46
CA THR B 126 7.99 1.19 42.84
C THR B 126 7.67 -0.30 43.01
N GLY B 127 8.56 -1.16 42.53
CA GLY B 127 8.33 -2.58 42.54
C GLY B 127 8.87 -3.25 41.29
N ASP B 128 10.09 -2.91 40.90
CA ASP B 128 10.76 -3.52 39.76
C ASP B 128 12.07 -4.20 40.12
N LYS B 129 12.75 -3.78 41.19
CA LYS B 129 14.00 -4.39 41.60
C LYS B 129 15.05 -4.18 40.52
N VAL B 130 15.90 -3.17 40.70
CA VAL B 130 16.91 -2.79 39.73
C VAL B 130 18.28 -2.92 40.37
N THR B 131 19.27 -3.33 39.56
CA THR B 131 20.61 -3.54 40.09
C THR B 131 21.05 -2.38 40.97
N GLN B 132 20.91 -1.15 40.47
CA GLN B 132 21.17 0.04 41.26
C GLN B 132 20.31 1.18 40.74
N ASN B 133 19.86 2.03 41.64
CA ASN B 133 19.03 3.18 41.29
C ASN B 133 19.84 4.16 40.45
N PRO B 134 19.46 4.42 39.19
CA PRO B 134 20.29 5.30 38.36
C PRO B 134 20.47 6.70 38.93
N TRP B 135 19.56 7.17 39.79
CA TRP B 135 19.67 8.53 40.32
C TRP B 135 20.76 8.67 41.37
N GLU B 136 21.40 7.57 41.79
CA GLU B 136 22.54 7.70 42.68
C GLU B 136 23.76 8.21 41.93
N LYS B 137 23.83 7.93 40.63
CA LYS B 137 24.94 8.30 39.75
C LYS B 137 24.67 9.58 38.98
N GLU B 138 23.43 9.80 38.56
CA GLU B 138 23.08 10.97 37.77
C GLU B 138 23.03 12.22 38.63
N VAL B 139 23.39 13.34 38.01
CA VAL B 139 23.49 14.63 38.68
C VAL B 139 22.48 15.58 38.06
N SER B 140 21.50 16.00 38.84
CA SER B 140 20.46 16.91 38.36
C SER B 140 20.88 18.35 38.60
N GLN B 141 20.34 19.26 37.79
CA GLN B 141 20.63 20.67 37.99
C GLN B 141 20.07 21.18 39.30
N GLY B 142 19.08 20.48 39.88
CA GLY B 142 18.61 20.85 41.20
C GLY B 142 19.66 20.65 42.28
N LYS B 143 20.43 19.57 42.17
CA LYS B 143 21.48 19.30 43.15
C LYS B 143 22.59 20.35 43.07
N LEU B 144 23.05 20.63 41.86
CA LEU B 144 24.19 21.54 41.70
C LEU B 144 23.79 22.99 41.96
N LEU B 145 22.60 23.39 41.50
CA LEU B 145 22.18 24.78 41.69
C LEU B 145 21.83 25.05 43.15
N SER B 146 21.15 24.11 43.81
CA SER B 146 20.89 24.27 45.24
C SER B 146 22.18 24.45 46.02
N LYS B 147 23.27 23.83 45.56
CA LYS B 147 24.54 23.90 46.26
C LYS B 147 25.16 25.29 46.20
N VAL B 148 24.69 26.17 45.32
CA VAL B 148 25.25 27.52 45.20
C VAL B 148 24.16 28.56 45.42
N GLY B 149 23.13 28.21 46.17
CA GLY B 149 22.16 29.18 46.65
C GLY B 149 20.85 29.28 45.92
N TYR B 150 20.58 28.40 44.96
CA TYR B 150 19.31 28.41 44.28
C TYR B 150 18.27 27.64 45.09
N LYS B 151 17.04 28.16 45.11
CA LYS B 151 15.87 27.39 45.53
C LYS B 151 15.33 26.68 44.29
N THR B 152 15.47 25.36 44.25
CA THR B 152 15.14 24.56 43.09
C THR B 152 13.89 23.73 43.35
N ALA B 153 13.05 23.61 42.33
CA ALA B 153 11.81 22.85 42.46
C ALA B 153 11.43 22.28 41.11
N LEU B 154 10.72 21.17 41.15
CA LEU B 154 10.02 20.62 39.99
C LEU B 154 8.57 20.42 40.39
N ILE B 155 7.66 21.15 39.75
CA ILE B 155 6.24 21.13 40.08
C ILE B 155 5.48 20.64 38.86
N GLY B 156 4.80 19.51 39.01
CA GLY B 156 4.00 18.94 37.94
C GLY B 156 4.44 17.50 37.65
N LYS B 157 4.42 17.15 36.36
CA LYS B 157 4.69 15.79 35.94
C LYS B 157 6.17 15.46 36.07
N TRP B 158 6.46 14.27 36.61
CA TRP B 158 7.82 13.79 36.78
C TRP B 158 8.11 12.72 35.73
N HIS B 159 7.68 11.48 36.00
CA HIS B 159 7.75 10.38 35.05
C HIS B 159 9.18 9.93 34.76
N VAL B 160 10.07 10.04 35.75
CA VAL B 160 11.42 9.52 35.62
C VAL B 160 11.72 8.64 36.83
N GLY B 161 10.73 7.87 37.26
CA GLY B 161 10.90 6.96 38.38
C GLY B 161 10.18 7.42 39.62
N GLU B 162 9.44 6.50 40.25
CA GLU B 162 8.77 6.79 41.51
C GLU B 162 9.12 5.78 42.60
N ALA B 163 10.14 4.96 42.38
CA ALA B 163 10.64 4.07 43.42
C ALA B 163 11.44 4.87 44.45
N GLU B 164 11.96 4.17 45.45
CA GLU B 164 12.65 4.83 46.56
C GLU B 164 13.83 5.65 46.04
N GLY B 165 13.82 6.95 46.37
CA GLY B 165 14.92 7.82 46.02
C GLY B 165 14.96 8.24 44.57
N MET B 166 13.81 8.29 43.89
CA MET B 166 13.75 8.68 42.50
C MET B 166 12.89 9.91 42.23
N LEU B 167 12.18 10.42 43.22
CA LEU B 167 11.37 11.62 43.01
C LEU B 167 12.27 12.86 43.06
N PRO B 168 11.82 13.97 42.49
CA PRO B 168 12.71 15.15 42.39
C PRO B 168 13.27 15.62 43.72
N HIS B 169 12.47 15.65 44.78
CA HIS B 169 13.00 16.11 46.06
C HIS B 169 13.99 15.13 46.67
N GLU B 170 14.17 13.97 46.06
CA GLU B 170 15.14 12.97 46.52
C GLU B 170 16.38 12.89 45.65
N VAL B 171 16.40 13.56 44.49
CA VAL B 171 17.52 13.49 43.57
C VAL B 171 18.15 14.86 43.35
N GLY B 172 17.87 15.83 44.21
CA GLY B 172 18.56 17.11 44.16
C GLY B 172 17.71 18.34 44.32
N PHE B 173 16.46 18.29 43.87
CA PHE B 173 15.59 19.45 43.97
C PHE B 173 15.14 19.67 45.41
N ASP B 174 15.01 20.94 45.80
CA ASP B 174 14.57 21.25 47.15
C ASP B 174 13.11 20.88 47.38
N TYR B 175 12.27 21.00 46.36
CA TYR B 175 10.83 20.87 46.50
C TYR B 175 10.24 20.13 45.32
N PHE B 176 9.25 19.27 45.59
CA PHE B 176 8.53 18.56 44.55
C PHE B 176 7.03 18.60 44.85
N TYR B 177 6.23 18.81 43.81
CA TYR B 177 4.77 18.76 43.95
C TYR B 177 4.20 18.42 42.58
N GLY B 178 3.67 17.20 42.44
CA GLY B 178 3.01 16.86 41.18
C GLY B 178 2.77 15.37 41.04
N LEU B 179 2.74 14.93 39.79
CA LEU B 179 2.48 13.53 39.48
C LEU B 179 3.78 12.74 39.49
N PRO B 180 3.92 11.72 40.32
CA PRO B 180 5.06 10.80 40.14
C PRO B 180 5.09 10.15 38.77
N SER B 181 3.95 9.85 38.18
CA SER B 181 3.88 9.12 36.91
C SER B 181 3.35 10.05 35.82
N VAL B 182 2.08 9.89 35.40
CA VAL B 182 1.58 10.58 34.22
C VAL B 182 0.06 10.66 34.28
N GLN B 183 -0.52 11.61 33.55
CA GLN B 183 -1.96 11.83 33.58
C GLN B 183 -2.74 10.56 33.27
N SER B 184 -2.33 9.83 32.23
CA SER B 184 -3.08 8.66 31.79
C SER B 184 -3.10 7.56 32.86
N ASP B 185 -2.13 7.56 33.77
CA ASP B 185 -2.15 6.60 34.87
C ASP B 185 -3.34 6.86 35.81
N TYR B 186 -3.72 8.12 35.97
CA TYR B 186 -4.88 8.45 36.80
C TYR B 186 -6.19 8.24 36.04
N THR B 187 -6.29 8.79 34.83
CA THR B 187 -7.57 8.82 34.13
C THR B 187 -8.04 7.44 33.71
N GLN B 188 -7.16 6.44 33.67
CA GLN B 188 -7.59 5.10 33.31
C GLN B 188 -8.40 4.44 34.43
N PHE B 189 -8.35 4.98 35.65
CA PHE B 189 -9.19 4.50 36.75
C PHE B 189 -10.36 5.44 37.02
N LEU B 190 -10.61 6.41 36.14
CA LEU B 190 -11.66 7.40 36.32
C LEU B 190 -12.71 7.41 35.20
N VAL B 191 -12.33 7.12 33.97
CA VAL B 191 -13.24 7.18 32.83
C VAL B 191 -13.73 5.75 32.60
N GLU B 192 -14.87 5.42 33.22
CA GLU B 192 -15.33 4.04 33.22
C GLU B 192 -15.51 3.51 31.80
N ARG B 193 -16.25 4.23 30.96
CA ARG B 193 -16.61 3.70 29.65
C ARG B 193 -15.39 3.51 28.76
N GLN B 194 -14.49 4.50 28.74
CA GLN B 194 -13.33 4.43 27.86
C GLN B 194 -12.44 3.23 28.19
N TYR B 195 -12.41 2.83 29.46
CA TYR B 195 -11.57 1.72 29.91
C TYR B 195 -12.44 0.61 30.50
N ALA B 196 -13.61 0.39 29.89
CA ALA B 196 -14.60 -0.50 30.50
C ALA B 196 -14.11 -1.92 30.66
N ASP B 197 -13.28 -2.41 29.72
CA ASP B 197 -12.82 -3.79 29.81
C ASP B 197 -12.17 -4.09 31.15
N MET B 198 -11.53 -3.09 31.75
CA MET B 198 -10.93 -3.20 33.08
C MET B 198 -11.80 -2.60 34.18
N MET B 199 -12.50 -1.50 33.88
CA MET B 199 -13.24 -0.79 34.91
C MET B 199 -14.52 -1.53 35.31
N THR B 200 -15.21 -2.13 34.35
CA THR B 200 -16.47 -2.81 34.63
C THR B 200 -16.29 -4.32 34.86
N ASN B 201 -15.04 -4.79 34.94
CA ASN B 201 -14.74 -6.18 35.24
C ASN B 201 -14.29 -6.26 36.70
N LYS B 202 -15.16 -6.78 37.56
CA LYS B 202 -14.92 -6.72 39.00
C LYS B 202 -13.56 -7.30 39.38
N GLU B 203 -13.28 -8.52 38.91
CA GLU B 203 -12.02 -9.17 39.29
C GLU B 203 -10.83 -8.39 38.76
N LEU B 204 -10.88 -7.99 37.48
CA LEU B 204 -9.75 -7.31 36.87
C LEU B 204 -9.50 -5.95 37.52
N TYR B 205 -10.57 -5.21 37.80
CA TYR B 205 -10.41 -3.91 38.44
C TYR B 205 -9.83 -4.05 39.84
N THR B 206 -10.26 -5.06 40.59
CA THR B 206 -9.72 -5.26 41.93
C THR B 206 -8.21 -5.45 41.90
N LYS B 207 -7.70 -6.13 40.88
CA LYS B 207 -6.26 -6.33 40.75
C LYS B 207 -5.57 -5.06 40.25
N ALA B 208 -6.09 -4.48 39.17
CA ALA B 208 -5.41 -3.36 38.53
C ALA B 208 -5.39 -2.11 39.42
N SER B 209 -6.45 -1.89 40.20
CA SER B 209 -6.54 -0.68 41.01
C SER B 209 -5.65 -0.71 42.24
N GLN B 210 -5.06 -1.86 42.58
CA GLN B 210 -4.07 -1.90 43.64
C GLN B 210 -2.86 -1.03 43.30
N LEU B 211 -2.62 -0.77 42.01
CA LEU B 211 -1.52 0.08 41.56
C LEU B 211 -2.00 1.46 41.14
N ARG B 212 -3.20 1.85 41.56
CA ARG B 212 -3.75 3.15 41.20
C ARG B 212 -3.04 4.25 41.96
N PRO B 213 -2.64 5.35 41.30
CA PRO B 213 -2.04 6.46 42.04
C PRO B 213 -3.05 7.15 42.92
N GLU B 214 -2.61 7.53 44.12
CA GLU B 214 -3.52 8.13 45.10
C GLU B 214 -3.81 9.59 44.81
N GLY B 215 -2.87 10.29 44.18
CA GLY B 215 -3.07 11.70 43.88
C GLY B 215 -1.73 12.39 43.66
N LEU B 216 -1.72 13.70 43.89
CA LEU B 216 -0.52 14.49 43.71
C LEU B 216 0.36 14.37 44.95
N ILE B 217 1.65 14.12 44.73
CA ILE B 217 2.59 13.88 45.81
C ILE B 217 3.38 15.15 46.06
N LYS B 218 3.65 15.43 47.33
CA LYS B 218 4.41 16.59 47.77
C LYS B 218 5.63 16.10 48.53
N GLY B 219 6.76 16.77 48.33
CA GLY B 219 7.98 16.38 48.99
C GLY B 219 8.98 17.49 49.13
N ARG B 220 9.70 17.51 50.25
CA ARG B 220 10.74 18.49 50.52
C ARG B 220 12.04 17.75 50.76
N LYS B 221 13.13 18.31 50.24
CA LYS B 221 14.45 17.71 50.44
C LYS B 221 14.64 17.34 51.90
N GLY B 222 15.06 16.09 52.14
CA GLY B 222 15.23 15.59 53.48
C GLY B 222 13.97 15.15 54.18
N GLY B 223 12.82 15.21 53.50
CA GLY B 223 11.55 14.89 54.11
C GLY B 223 10.88 13.67 53.47
N LYS B 224 9.70 13.37 53.99
CA LYS B 224 8.93 12.23 53.52
C LYS B 224 7.99 12.65 52.39
N ARG B 225 7.49 11.65 51.66
CA ARG B 225 6.46 11.89 50.66
C ARG B 225 5.11 12.05 51.34
N GLU B 226 4.27 12.91 50.77
CA GLU B 226 2.93 13.17 51.28
C GLU B 226 1.97 13.21 50.11
N VAL B 227 0.74 12.74 50.33
CA VAL B 227 -0.34 12.88 49.36
C VAL B 227 -0.97 14.24 49.63
N ALA B 228 -0.67 15.22 48.78
CA ALA B 228 -1.13 16.58 48.99
C ALA B 228 -2.52 16.85 48.41
N TYR B 229 -2.84 16.23 47.27
CA TYR B 229 -4.10 16.47 46.59
C TYR B 229 -4.65 15.13 46.12
N PRO B 230 -5.53 14.50 46.90
CA PRO B 230 -6.12 13.23 46.45
C PRO B 230 -6.91 13.43 45.17
N ILE B 231 -6.86 12.40 44.33
CA ILE B 231 -7.59 12.39 43.06
C ILE B 231 -8.45 11.13 43.03
N ASN B 232 -9.76 11.31 43.17
CA ASN B 232 -10.68 10.19 43.19
C ASN B 232 -11.82 10.34 42.21
N SER B 233 -11.83 11.39 41.39
CA SER B 233 -12.92 11.63 40.46
C SER B 233 -12.42 12.49 39.32
N ILE B 234 -13.19 12.50 38.23
CA ILE B 234 -12.94 13.45 37.15
C ILE B 234 -12.93 14.87 37.70
N GLU B 235 -13.87 15.17 38.60
CA GLU B 235 -13.95 16.48 39.22
C GLU B 235 -12.61 16.87 39.83
N ASP B 236 -11.97 15.94 40.56
CA ASP B 236 -10.69 16.25 41.20
C ASP B 236 -9.60 16.52 40.16
N ILE B 237 -9.44 15.60 39.20
CA ILE B 237 -8.32 15.69 38.26
C ILE B 237 -8.50 16.79 37.24
N SER B 238 -9.70 17.36 37.13
CA SER B 238 -9.92 18.48 36.23
C SER B 238 -9.28 19.77 36.73
N MET B 239 -8.87 19.81 38.00
CA MET B 239 -8.21 20.98 38.57
C MET B 239 -6.70 20.78 38.71
N ILE B 240 -6.15 19.70 38.14
CA ILE B 240 -4.77 19.32 38.41
C ILE B 240 -3.83 20.46 38.05
N ASP B 241 -3.99 21.03 36.84
CA ASP B 241 -3.08 22.09 36.42
C ASP B 241 -3.37 23.41 37.11
N GLN B 242 -4.59 23.60 37.63
CA GLN B 242 -4.85 24.76 38.48
C GLN B 242 -4.13 24.63 39.82
N VAL B 243 -4.09 23.41 40.37
CA VAL B 243 -3.34 23.17 41.60
C VAL B 243 -1.86 23.42 41.39
N LEU B 244 -1.29 22.84 40.33
CA LEU B 244 0.12 23.02 40.05
C LEU B 244 0.47 24.50 39.87
N ARG B 245 -0.41 25.25 39.20
CA ARG B 245 -0.21 26.69 39.08
C ARG B 245 -0.11 27.34 40.44
N ASP B 246 -1.01 26.98 41.36
CA ASP B 246 -0.99 27.57 42.70
C ASP B 246 0.32 27.26 43.41
N GLU B 247 0.87 26.06 43.20
CA GLU B 247 2.11 25.70 43.87
C GLU B 247 3.30 26.45 43.29
N SER B 248 3.34 26.59 41.95
CA SER B 248 4.43 27.36 41.34
C SER B 248 4.37 28.82 41.75
N VAL B 249 3.18 29.35 42.00
CA VAL B 249 3.06 30.73 42.45
C VAL B 249 3.59 30.87 43.88
N LYS B 250 3.19 29.95 44.77
CA LYS B 250 3.73 29.97 46.12
C LYS B 250 5.25 29.87 46.11
N PHE B 251 5.81 29.03 45.24
CA PHE B 251 7.25 28.79 45.25
C PHE B 251 8.02 29.98 44.73
N ILE B 252 7.50 30.65 43.70
CA ILE B 252 8.16 31.84 43.19
C ILE B 252 8.07 32.98 44.20
N ASN B 253 6.88 33.17 44.78
CA ASN B 253 6.72 34.21 45.79
C ASN B 253 7.73 34.06 46.91
N GLN B 254 7.94 32.82 47.38
CA GLN B 254 8.76 32.61 48.56
C GLN B 254 10.25 32.70 48.25
N ALA B 255 10.66 32.37 47.03
CA ALA B 255 12.06 32.55 46.65
C ALA B 255 12.38 34.02 46.45
N VAL B 256 11.46 34.77 45.85
CA VAL B 256 11.68 36.20 45.65
C VAL B 256 11.60 36.95 46.98
N ASP B 257 10.66 36.57 47.84
CA ASP B 257 10.56 37.22 49.14
C ASP B 257 11.79 36.96 50.00
N GLU B 258 12.42 35.80 49.84
CA GLU B 258 13.62 35.46 50.58
C GLU B 258 14.88 35.98 49.91
N GLY B 259 14.77 36.59 48.73
CA GLY B 259 15.93 37.12 48.05
C GLY B 259 16.88 36.09 47.48
N LYS B 260 16.39 34.88 47.20
CA LYS B 260 17.23 33.84 46.65
C LYS B 260 16.83 33.55 45.21
N PRO B 261 17.80 33.31 44.32
CA PRO B 261 17.45 32.91 42.96
C PRO B 261 16.75 31.57 42.97
N PHE B 262 15.81 31.39 42.04
CA PHE B 262 15.04 30.16 41.95
C PHE B 262 15.22 29.51 40.59
N TYR B 263 15.18 28.18 40.59
CA TYR B 263 15.15 27.37 39.38
C TYR B 263 13.90 26.50 39.48
N LEU B 264 12.92 26.78 38.61
CA LEU B 264 11.64 26.09 38.66
C LEU B 264 11.34 25.46 37.31
N ILE B 265 11.14 24.15 37.29
CA ILE B 265 10.60 23.45 36.14
C ILE B 265 9.11 23.27 36.39
N HIS B 266 8.28 24.06 35.70
CA HIS B 266 6.84 23.87 35.74
C HIS B 266 6.46 22.88 34.66
N SER B 267 6.16 21.65 35.06
CA SER B 267 5.90 20.54 34.13
C SER B 267 4.40 20.32 34.09
N PHE B 268 3.74 20.98 33.14
CA PHE B 268 2.30 20.82 32.97
C PHE B 268 1.94 19.35 32.86
N SER B 269 0.77 18.99 33.41
CA SER B 269 0.20 17.68 33.11
C SER B 269 -0.35 17.65 31.69
N LYS B 270 -0.94 18.75 31.23
CA LYS B 270 -1.43 18.85 29.86
C LYS B 270 -0.26 19.00 28.90
N ILE B 271 -0.45 18.59 27.64
CA ILE B 271 -1.71 18.11 27.11
C ILE B 271 -1.73 16.58 26.95
N HIS B 272 -1.23 15.86 27.95
CA HIS B 272 -1.25 14.41 27.90
C HIS B 272 -2.67 13.89 28.08
N ASN B 273 -3.00 12.83 27.36
CA ASN B 273 -4.31 12.20 27.53
C ASN B 273 -4.39 11.54 28.90
N ASP B 274 -5.61 11.43 29.45
CA ASP B 274 -6.83 11.98 28.88
C ASP B 274 -7.03 13.40 29.43
N ASN B 275 -7.12 14.38 28.53
CA ASN B 275 -7.18 15.77 28.96
C ASN B 275 -8.54 16.08 29.57
N TYR B 276 -8.51 16.66 30.77
CA TYR B 276 -9.71 17.13 31.46
C TYR B 276 -9.40 18.52 31.99
N PRO B 277 -9.64 19.56 31.20
CA PRO B 277 -9.36 20.93 31.66
C PRO B 277 -10.32 21.33 32.78
N ALA B 278 -9.95 22.41 33.46
CA ALA B 278 -10.79 22.95 34.51
C ALA B 278 -12.15 23.34 33.94
N PRO B 279 -13.22 23.22 34.73
CA PRO B 279 -14.56 23.54 34.22
C PRO B 279 -14.66 24.89 33.53
N LYS B 280 -13.98 25.91 34.06
CA LYS B 280 -14.08 27.24 33.48
C LYS B 280 -13.53 27.31 32.06
N TYR B 281 -12.85 26.26 31.57
CA TYR B 281 -12.34 26.21 30.22
C TYR B 281 -13.13 25.29 29.29
N LYS B 282 -14.21 24.70 29.77
CA LYS B 282 -15.02 23.83 28.91
C LYS B 282 -15.63 24.66 27.79
N GLY B 283 -15.24 24.38 26.56
CA GLY B 283 -15.69 25.16 25.43
C GLY B 283 -15.03 26.52 25.29
N ALA B 284 -13.96 26.78 26.03
CA ALA B 284 -13.27 28.06 25.93
C ALA B 284 -12.52 28.21 24.60
N SER B 285 -12.18 27.10 23.94
CA SER B 285 -11.53 27.20 22.65
C SER B 285 -12.56 27.19 21.53
N PRO B 286 -12.29 27.86 20.40
CA PRO B 286 -13.24 27.80 19.29
C PRO B 286 -13.53 26.38 18.82
N ALA B 287 -12.51 25.52 18.84
CA ALA B 287 -12.72 24.13 18.44
C ALA B 287 -13.66 23.40 19.38
N ALA B 288 -13.66 23.78 20.66
CA ALA B 288 -14.53 23.17 21.67
C ALA B 288 -14.28 21.67 21.79
N MET B 289 -13.01 21.31 21.90
CA MET B 289 -12.60 19.93 22.16
C MET B 289 -11.70 19.91 23.38
N PRO B 290 -11.67 18.80 24.12
CA PRO B 290 -10.90 18.79 25.38
C PRO B 290 -9.45 19.18 25.23
N VAL B 291 -8.75 18.68 24.21
CA VAL B 291 -7.33 18.98 24.08
C VAL B 291 -7.10 20.44 23.72
N ARG B 292 -8.00 21.04 22.94
CA ARG B 292 -7.86 22.44 22.57
C ARG B 292 -8.22 23.36 23.75
N ASP B 293 -9.23 22.97 24.54
CA ASP B 293 -9.49 23.67 25.78
C ASP B 293 -8.29 23.60 26.72
N ALA B 294 -7.65 22.43 26.78
CA ALA B 294 -6.46 22.28 27.61
C ALA B 294 -5.34 23.21 27.15
N MET B 295 -5.25 23.46 25.85
CA MET B 295 -4.23 24.37 25.34
C MET B 295 -4.47 25.78 25.83
N VAL B 296 -5.73 26.24 25.81
CA VAL B 296 -6.05 27.56 26.31
C VAL B 296 -5.70 27.67 27.79
N GLU B 297 -6.00 26.63 28.57
CA GLU B 297 -5.65 26.64 29.98
C GLU B 297 -4.14 26.78 30.16
N VAL B 298 -3.36 26.05 29.37
CA VAL B 298 -1.91 26.15 29.44
C VAL B 298 -1.47 27.58 29.12
N ASP B 299 -2.04 28.17 28.07
CA ASP B 299 -1.67 29.54 27.70
C ASP B 299 -2.00 30.52 28.81
N ASP B 300 -3.17 30.37 29.44
CA ASP B 300 -3.53 31.26 30.53
C ASP B 300 -2.58 31.11 31.71
N ILE B 301 -2.20 29.88 32.04
CA ILE B 301 -1.29 29.65 33.16
C ILE B 301 0.08 30.24 32.85
N THR B 302 0.52 30.13 31.59
CA THR B 302 1.76 30.77 31.18
C THR B 302 1.70 32.26 31.45
N GLY B 303 0.60 32.90 31.03
CA GLY B 303 0.46 34.33 31.25
C GLY B 303 0.41 34.71 32.72
N GLU B 304 -0.16 33.84 33.55
CA GLU B 304 -0.24 34.13 34.98
C GLU B 304 1.15 34.14 35.62
N LEU B 305 1.98 33.15 35.28
CA LEU B 305 3.31 33.09 35.87
C LEU B 305 4.17 34.26 35.39
N VAL B 306 4.05 34.63 34.12
CA VAL B 306 4.79 35.78 33.60
C VAL B 306 4.35 37.05 34.31
N ALA B 307 3.05 37.20 34.54
CA ALA B 307 2.55 38.38 35.24
C ALA B 307 3.09 38.44 36.67
N LEU B 308 3.15 37.28 37.35
CA LEU B 308 3.67 37.25 38.70
C LEU B 308 5.12 37.75 38.74
N LEU B 309 5.95 37.28 37.81
CA LEU B 309 7.30 37.78 37.72
C LEU B 309 7.32 39.30 37.55
N LYS B 310 6.45 39.82 36.68
CA LYS B 310 6.39 41.26 36.44
C LYS B 310 5.91 42.00 37.68
N GLU B 311 4.98 41.41 38.43
CA GLU B 311 4.45 42.06 39.62
C GLU B 311 5.49 42.11 40.73
N LYS B 312 6.32 41.07 40.85
CA LYS B 312 7.35 41.00 41.88
C LYS B 312 8.65 41.64 41.45
N GLY B 313 8.71 42.24 40.27
CA GLY B 313 9.91 42.92 39.84
C GLY B 313 11.07 42.01 39.50
N GLN B 314 10.79 40.77 39.06
CA GLN B 314 11.84 39.80 38.76
C GLN B 314 11.85 39.40 37.29
N LEU B 315 11.07 40.07 36.43
CA LEU B 315 11.01 39.67 35.04
C LEU B 315 12.32 39.94 34.33
N GLU B 316 13.05 40.99 34.70
CA GLU B 316 14.30 41.31 34.05
C GLU B 316 15.42 40.34 34.43
N ASN B 317 15.27 39.60 35.53
CA ASN B 317 16.30 38.70 36.02
C ASN B 317 15.89 37.24 35.91
N THR B 318 14.98 36.91 35.00
CA THR B 318 14.45 35.57 34.87
C THR B 318 14.47 35.15 33.41
N LEU B 319 15.25 34.11 33.10
CA LEU B 319 15.16 33.44 31.80
C LEU B 319 13.97 32.49 31.81
N ILE B 320 13.09 32.65 30.84
CA ILE B 320 11.91 31.79 30.70
C ILE B 320 12.09 30.94 29.46
N ILE B 321 12.05 29.61 29.63
CA ILE B 321 12.15 28.66 28.54
C ILE B 321 10.81 27.97 28.42
N PHE B 322 10.17 28.10 27.26
CA PHE B 322 8.93 27.40 26.94
C PHE B 322 9.27 26.31 25.91
N THR B 323 9.04 25.05 26.28
CA THR B 323 9.36 23.94 25.41
C THR B 323 8.43 22.77 25.70
N SER B 324 8.62 21.69 24.95
CA SER B 324 7.83 20.47 25.06
C SER B 324 8.77 19.29 25.33
N ASP B 325 8.19 18.18 25.75
CA ASP B 325 8.99 16.99 26.03
C ASP B 325 9.02 16.00 24.88
N ASN B 326 8.07 16.06 23.96
CA ASN B 326 8.10 15.25 22.75
C ASN B 326 6.97 15.74 21.84
N GLY B 327 6.89 15.15 20.66
CA GLY B 327 5.92 15.55 19.67
C GLY B 327 4.51 15.13 20.04
N PRO B 328 3.57 15.37 19.13
CA PRO B 328 2.16 15.05 19.43
C PRO B 328 1.92 13.56 19.53
N ASN B 329 1.04 13.18 20.45
CA ASN B 329 0.60 11.80 20.61
C ASN B 329 -0.63 11.61 19.74
N GLU B 330 -0.41 11.23 18.48
CA GLU B 330 -1.51 11.03 17.55
C GLU B 330 -2.28 9.75 17.84
N ASP B 331 -1.69 8.81 18.58
CA ASP B 331 -2.37 7.55 18.86
C ASP B 331 -3.65 7.76 19.66
N THR B 332 -3.68 8.77 20.52
CA THR B 332 -4.85 9.07 21.34
C THR B 332 -5.78 10.07 20.67
N TRP B 333 -5.67 10.24 19.36
CA TRP B 333 -6.55 11.14 18.62
C TRP B 333 -8.01 10.81 18.95
N PRO B 334 -8.89 11.81 19.08
CA PRO B 334 -8.69 13.25 18.88
C PRO B 334 -8.18 14.00 20.10
N ASP B 335 -7.62 13.30 21.08
CA ASP B 335 -6.99 13.94 22.22
C ASP B 335 -5.48 14.06 21.93
N SER B 336 -5.18 14.91 20.94
CA SER B 336 -3.85 14.99 20.38
C SER B 336 -3.52 16.41 19.96
N GLY B 337 -2.26 16.78 20.12
CA GLY B 337 -1.76 18.04 19.61
C GLY B 337 -1.52 17.96 18.11
N TYR B 338 -0.89 19.00 17.59
CA TYR B 338 -0.68 19.14 16.16
C TYR B 338 0.78 19.45 15.86
N SER B 339 1.29 18.85 14.78
CA SER B 339 2.62 19.12 14.28
C SER B 339 2.62 18.93 12.77
N PRO B 340 3.25 19.84 12.02
CA PRO B 340 3.27 19.69 10.56
C PRO B 340 4.20 18.58 10.08
N TRP B 341 5.08 18.08 10.92
CA TRP B 341 6.08 17.14 10.48
C TRP B 341 5.54 15.71 10.44
N ARG B 342 6.33 14.82 9.86
CA ARG B 342 5.93 13.42 9.72
C ARG B 342 5.96 12.71 11.07
N GLY B 343 5.02 11.79 11.27
CA GLY B 343 4.99 10.95 12.44
C GLY B 343 4.51 11.64 13.69
N GLY B 344 5.13 11.33 14.82
CA GLY B 344 4.74 11.93 16.08
C GLY B 344 5.48 11.25 17.23
N LYS B 345 4.96 11.49 18.44
CA LYS B 345 5.48 10.82 19.63
C LYS B 345 5.75 9.34 19.36
N GLY B 346 6.89 8.86 19.83
CA GLY B 346 7.27 7.48 19.66
C GLY B 346 8.07 7.16 18.43
N THR B 347 8.43 8.16 17.64
CA THR B 347 9.23 7.97 16.44
C THR B 347 10.32 9.01 16.41
N THR B 348 11.41 8.69 15.70
CA THR B 348 12.47 9.65 15.44
C THR B 348 12.28 10.39 14.13
N TRP B 349 11.09 10.30 13.53
CA TRP B 349 10.68 11.29 12.55
C TRP B 349 10.69 12.67 13.23
N GLU B 350 10.76 13.72 12.41
CA GLU B 350 10.76 15.07 12.96
C GLU B 350 9.51 15.33 13.78
N GLY B 351 8.39 14.72 13.42
CA GLY B 351 7.17 14.94 14.17
C GLY B 351 7.27 14.57 15.63
N GLY B 352 8.14 13.62 15.96
CA GLY B 352 8.27 13.18 17.33
C GLY B 352 9.32 13.88 18.16
N VAL B 353 10.28 14.56 17.51
CA VAL B 353 11.43 15.08 18.24
C VAL B 353 11.65 16.57 18.02
N ARG B 354 11.23 17.10 16.88
CA ARG B 354 11.35 18.53 16.62
C ARG B 354 10.19 19.24 17.31
N ILE B 355 10.50 20.02 18.35
CA ILE B 355 9.47 20.52 19.26
C ILE B 355 9.60 22.03 19.38
N PRO B 356 8.56 22.70 19.88
CA PRO B 356 8.64 24.15 20.06
C PRO B 356 9.68 24.53 21.10
N GLY B 357 10.31 25.67 20.88
CA GLY B 357 11.32 26.17 21.79
C GLY B 357 11.39 27.68 21.81
N ILE B 358 10.95 28.29 22.90
CA ILE B 358 10.90 29.73 23.05
C ILE B 358 11.74 30.13 24.25
N ALA B 359 12.63 31.10 24.05
CA ALA B 359 13.44 31.67 25.11
C ALA B 359 13.09 33.15 25.22
N TYR B 360 12.72 33.58 26.42
CA TYR B 360 12.32 34.96 26.68
C TYR B 360 13.12 35.47 27.88
N TRP B 361 13.66 36.68 27.75
CA TRP B 361 14.45 37.27 28.84
C TRP B 361 14.42 38.79 28.63
N LYS B 362 13.45 39.45 29.24
CA LYS B 362 13.26 40.88 29.05
C LYS B 362 14.54 41.64 29.37
N GLY B 363 15.06 42.34 28.36
CA GLY B 363 16.27 43.13 28.52
C GLY B 363 17.56 42.40 28.20
N MET B 364 17.51 41.09 28.02
CA MET B 364 18.69 40.28 27.72
C MET B 364 18.64 39.64 26.35
N ILE B 365 17.47 39.17 25.92
CA ILE B 365 17.29 38.56 24.61
C ILE B 365 16.47 39.52 23.76
N SER B 366 17.04 39.94 22.63
CA SER B 366 16.36 40.89 21.75
C SER B 366 15.07 40.27 21.19
N ALA B 367 14.02 41.08 21.16
CA ALA B 367 12.72 40.61 20.73
C ALA B 367 12.67 40.40 19.22
N GLY B 368 11.75 39.53 18.80
CA GLY B 368 11.50 39.33 17.39
C GLY B 368 12.49 38.44 16.67
N GLN B 369 13.20 37.59 17.39
CA GLN B 369 14.18 36.70 16.77
C GLN B 369 13.55 35.37 16.40
N VAL B 370 13.93 34.85 15.23
CA VAL B 370 13.59 33.51 14.81
C VAL B 370 14.88 32.85 14.36
N ASN B 371 15.30 31.78 15.04
CA ASN B 371 16.60 31.17 14.84
C ASN B 371 16.44 29.68 14.64
N ASN B 372 17.06 29.16 13.57
CA ASN B 372 16.96 27.76 13.21
C ASN B 372 18.19 26.96 13.66
N GLY B 373 18.97 27.48 14.60
CA GLY B 373 20.12 26.75 15.09
C GLY B 373 19.73 25.54 15.92
N LEU B 374 20.58 24.51 15.86
CA LEU B 374 20.28 23.27 16.56
C LEU B 374 20.38 23.46 18.06
N MET B 375 19.42 22.86 18.79
CA MET B 375 19.43 22.91 20.25
C MET B 375 18.72 21.66 20.78
N ASP B 376 19.13 21.24 21.96
CA ASP B 376 18.69 20.00 22.58
C ASP B 376 18.15 20.29 23.97
N LEU B 377 17.31 19.39 24.49
CA LEU B 377 16.86 19.51 25.86
C LEU B 377 18.05 19.47 26.82
N THR B 378 19.01 18.56 26.58
CA THR B 378 20.22 18.54 27.38
C THR B 378 20.94 19.88 27.36
N ASP B 379 20.72 20.71 26.33
CA ASP B 379 21.33 22.02 26.30
C ASP B 379 20.67 22.98 27.28
N ILE B 380 19.38 22.77 27.60
CA ILE B 380 18.75 23.55 28.64
C ILE B 380 19.37 23.21 29.99
N TYR B 381 19.60 21.92 30.24
CA TYR B 381 20.32 21.50 31.44
C TYR B 381 21.68 22.16 31.53
N MET B 382 22.48 22.06 30.46
CA MET B 382 23.85 22.57 30.50
C MET B 382 23.87 24.09 30.55
N THR B 383 22.94 24.76 29.86
CA THR B 383 22.88 26.21 29.93
C THR B 383 22.52 26.67 31.34
N SER B 384 21.60 25.96 32.00
CA SER B 384 21.26 26.30 33.38
C SER B 384 22.49 26.21 34.28
N LEU B 385 23.29 25.16 34.11
CA LEU B 385 24.45 24.97 34.99
C LEU B 385 25.44 26.12 34.83
N ARG B 386 25.62 26.61 33.60
CA ARG B 386 26.54 27.73 33.39
C ARG B 386 25.98 29.02 33.97
N LEU B 387 24.68 29.26 33.81
CA LEU B 387 24.07 30.47 34.36
C LEU B 387 24.26 30.53 35.87
N GLY B 388 24.17 29.38 36.54
CA GLY B 388 24.47 29.30 37.94
C GLY B 388 25.93 29.11 38.29
N GLY B 389 26.77 28.87 37.27
CA GLY B 389 28.20 28.78 37.46
C GLY B 389 28.67 27.52 38.14
N VAL B 390 28.24 26.35 37.66
CA VAL B 390 28.58 25.10 38.32
C VAL B 390 28.93 24.00 37.32
N ILE B 391 29.20 24.37 36.07
CA ILE B 391 29.51 23.34 35.08
C ILE B 391 30.74 22.53 35.50
N ASP B 392 31.68 23.16 36.21
CA ASP B 392 32.89 22.47 36.62
C ASP B 392 32.66 21.42 37.69
N GLU B 393 31.43 21.29 38.21
CA GLU B 393 31.13 20.34 39.27
C GLU B 393 30.64 19.00 38.73
N LEU B 394 30.60 18.82 37.42
CA LEU B 394 30.09 17.57 36.84
C LEU B 394 31.14 16.46 37.01
N PRO B 395 30.71 15.23 37.26
CA PRO B 395 31.67 14.13 37.40
C PRO B 395 32.45 13.92 36.11
N SER B 396 33.75 13.63 36.25
CA SER B 396 34.59 13.43 35.08
C SER B 396 34.49 12.03 34.50
N ASN B 397 33.91 11.07 35.24
CA ASN B 397 33.76 9.70 34.76
C ASN B 397 32.42 9.47 34.07
N MET B 398 31.69 10.53 33.74
CA MET B 398 30.42 10.42 33.04
C MET B 398 30.43 11.37 31.84
N TYR B 399 29.97 10.87 30.70
CA TYR B 399 29.87 11.68 29.50
C TYR B 399 28.59 12.48 29.52
N PHE B 400 28.68 13.77 29.19
CA PHE B 400 27.53 14.66 29.17
C PHE B 400 27.30 15.15 27.76
N ASP B 401 26.09 14.91 27.24
CA ASP B 401 25.73 15.28 25.88
C ASP B 401 25.29 16.73 25.75
N GLY B 402 25.07 17.42 26.87
CA GLY B 402 24.57 18.78 26.81
C GLY B 402 25.66 19.78 26.49
N ILE B 403 25.24 20.88 25.85
CA ILE B 403 26.13 21.94 25.42
C ILE B 403 25.59 23.26 25.98
N ASP B 404 26.48 24.07 26.55
CA ASP B 404 26.10 25.39 27.02
C ASP B 404 25.73 26.28 25.84
N GLN B 405 24.47 26.69 25.77
CA GLN B 405 23.98 27.54 24.68
C GLN B 405 23.78 28.98 25.12
N THR B 406 24.44 29.41 26.19
CA THR B 406 24.28 30.79 26.64
C THR B 406 24.69 31.78 25.56
N ALA B 407 25.79 31.50 24.86
CA ALA B 407 26.22 32.39 23.79
C ALA B 407 25.26 32.37 22.61
N PHE B 408 24.51 31.27 22.44
CA PHE B 408 23.57 31.18 21.33
C PHE B 408 22.24 31.85 21.66
N LEU B 409 21.88 31.93 22.94
CA LEU B 409 20.60 32.52 23.34
C LEU B 409 20.70 34.01 23.61
N LEU B 410 21.87 34.51 23.98
CA LEU B 410 22.04 35.91 24.32
C LEU B 410 22.67 36.75 23.21
N ALA B 411 22.94 36.14 22.06
CA ALA B 411 23.48 36.87 20.91
C ALA B 411 22.37 37.14 19.90
N ASP B 412 22.39 38.34 19.31
CA ASP B 412 21.41 38.68 18.28
C ASP B 412 21.62 37.82 17.05
N ASN B 413 20.62 37.00 16.72
CA ASN B 413 20.70 36.10 15.57
C ASN B 413 21.98 35.28 15.64
N GLY B 414 22.31 34.83 16.84
CA GLY B 414 23.55 34.10 17.03
C GLY B 414 23.51 32.72 16.43
N LYS B 415 24.69 32.15 16.24
CA LYS B 415 24.83 30.80 15.72
C LYS B 415 24.95 29.82 16.89
N SER B 416 24.53 28.58 16.64
CA SER B 416 24.51 27.57 17.68
C SER B 416 25.88 26.98 17.91
N ARG B 417 26.10 26.52 19.15
CA ARG B 417 27.31 25.79 19.51
C ARG B 417 27.17 24.29 19.31
N ARG B 418 25.98 23.82 18.94
CA ARG B 418 25.73 22.40 18.72
C ARG B 418 25.85 22.08 17.24
N GLN B 419 26.70 21.11 16.91
CA GLN B 419 26.91 20.71 15.53
C GLN B 419 26.00 19.60 15.07
N VAL B 420 25.65 18.68 15.97
CA VAL B 420 24.89 17.48 15.61
C VAL B 420 23.86 17.21 16.71
N VAL B 421 22.68 16.78 16.29
CA VAL B 421 21.68 16.19 17.18
C VAL B 421 21.66 14.69 16.90
N TYR B 422 21.77 13.89 17.97
CA TYR B 422 21.73 12.44 17.87
C TYR B 422 20.39 11.94 18.39
N MET B 423 19.81 10.98 17.69
CA MET B 423 18.44 10.55 17.94
C MET B 423 18.42 9.06 18.24
N TRP B 424 17.89 8.72 19.41
CA TRP B 424 17.80 7.35 19.88
C TRP B 424 16.35 6.99 20.16
N SER B 425 15.98 5.76 19.82
CA SER B 425 14.73 5.15 20.26
C SER B 425 15.12 4.17 21.37
N ARG B 426 15.08 4.65 22.62
CA ARG B 426 15.56 3.89 23.76
C ARG B 426 16.99 3.43 23.53
N GLU B 427 17.20 2.14 23.26
CA GLU B 427 18.53 1.58 23.10
C GLU B 427 18.99 1.50 21.65
N ASP B 428 18.17 1.95 20.70
CA ASP B 428 18.49 1.89 19.28
C ASP B 428 18.86 3.29 18.79
N PHE B 429 20.05 3.43 18.22
CA PHE B 429 20.40 4.65 17.52
C PHE B 429 19.77 4.62 16.13
N THR B 430 18.95 5.62 15.82
CA THR B 430 18.15 5.59 14.60
C THR B 430 18.49 6.67 13.60
N ALA B 431 18.95 7.84 14.03
CA ALA B 431 19.18 8.93 13.10
C ALA B 431 19.96 10.04 13.78
N LEU B 432 20.45 10.97 12.96
CA LEU B 432 21.12 12.16 13.45
C LEU B 432 20.81 13.30 12.48
N ARG B 433 20.91 14.53 12.99
CA ARG B 433 20.81 15.71 12.14
C ARG B 433 22.13 16.47 12.19
N TRP B 434 22.62 16.85 11.01
CA TRP B 434 23.84 17.63 10.87
C TRP B 434 23.55 18.73 9.85
N LEU B 435 23.79 19.98 10.25
CA LEU B 435 23.42 21.14 9.42
C LEU B 435 21.91 21.03 9.20
N ASP B 436 21.42 21.08 7.97
CA ASP B 436 19.99 20.95 7.68
C ASP B 436 19.65 19.60 7.06
N TYR B 437 20.47 18.58 7.32
CA TYR B 437 20.29 17.25 6.75
C TYR B 437 19.92 16.26 7.85
N LYS B 438 18.86 15.51 7.61
CA LYS B 438 18.40 14.46 8.50
C LYS B 438 18.80 13.12 7.89
N ILE B 439 19.54 12.31 8.65
CA ILE B 439 20.07 11.04 8.17
C ILE B 439 19.55 9.93 9.08
N HIS B 440 18.75 9.03 8.51
CA HIS B 440 18.16 7.93 9.25
C HIS B 440 18.93 6.64 8.99
N PHE B 441 19.28 5.94 10.07
CA PHE B 441 19.86 4.61 9.98
C PHE B 441 18.87 3.52 10.33
N LYS B 442 17.85 3.84 11.11
CA LYS B 442 16.70 2.98 11.33
C LYS B 442 15.45 3.85 11.15
N VAL B 443 14.43 3.29 10.50
CA VAL B 443 13.26 4.04 10.09
C VAL B 443 12.03 3.43 10.72
N PHE B 444 11.20 4.28 11.34
CA PHE B 444 9.89 3.86 11.83
C PHE B 444 8.91 3.81 10.68
N ASN B 445 8.15 2.73 10.58
CA ASN B 445 7.15 2.54 9.52
C ASN B 445 5.82 2.22 10.19
N THR B 446 4.81 3.03 9.91
CA THR B 446 3.53 2.96 10.61
C THR B 446 2.49 2.28 9.73
N ALA B 447 1.83 1.25 10.29
CA ALA B 447 0.89 0.43 9.55
C ALA B 447 -0.56 0.91 9.65
N VAL B 448 -0.85 1.79 10.59
CA VAL B 448 -2.22 2.32 10.74
C VAL B 448 -2.11 3.83 10.91
N PRO B 449 -2.85 4.63 10.13
CA PRO B 449 -2.71 6.08 10.24
C PRO B 449 -2.88 6.56 11.67
N ARG B 450 -2.01 7.49 12.07
CA ARG B 450 -1.94 8.11 13.39
C ARG B 450 -1.25 7.21 14.43
N ARG B 451 -0.99 5.95 14.13
CA ARG B 451 -0.58 4.97 15.14
C ARG B 451 0.95 4.84 15.19
N ASN B 452 1.60 5.97 15.44
CA ASN B 452 3.05 5.99 15.49
C ASN B 452 3.59 5.12 16.62
N ILE B 453 2.98 5.20 17.79
CA ILE B 453 3.44 4.40 18.92
C ILE B 453 3.00 2.95 18.77
N ASP B 454 1.71 2.74 18.49
CA ASP B 454 1.06 1.47 18.77
C ASP B 454 1.00 0.52 17.58
N ALA B 455 1.31 0.97 16.37
CA ALA B 455 1.25 0.11 15.19
C ALA B 455 2.38 0.45 14.23
N SER B 456 3.61 0.46 14.75
CA SER B 456 4.78 0.81 13.97
C SER B 456 5.81 -0.31 13.99
N PHE B 457 6.67 -0.30 12.97
CA PHE B 457 7.86 -1.12 12.91
C PHE B 457 9.10 -0.23 13.01
N LEU B 458 10.19 -0.81 13.48
CA LEU B 458 11.51 -0.18 13.39
C LEU B 458 12.34 -1.03 12.44
N LEU B 459 12.61 -0.49 11.25
CA LEU B 459 13.20 -1.24 10.15
C LEU B 459 14.61 -0.78 9.86
N ASP B 460 15.45 -1.75 9.45
CA ASP B 460 16.80 -1.44 9.02
C ASP B 460 16.79 -0.95 7.57
N ILE B 461 17.58 0.08 7.30
CA ILE B 461 17.66 0.67 5.97
C ILE B 461 18.40 -0.26 5.02
N GLY B 462 18.31 0.03 3.72
CA GLY B 462 18.97 -0.78 2.71
C GLY B 462 20.40 -0.33 2.42
N THR B 463 20.70 -0.13 1.14
CA THR B 463 22.09 0.14 0.76
C THR B 463 22.59 1.48 1.29
N ALA B 464 21.73 2.48 1.38
CA ALA B 464 22.13 3.80 1.82
C ALA B 464 21.25 4.26 2.97
N PRO B 465 21.80 5.01 3.93
CA PRO B 465 20.94 5.67 4.92
C PRO B 465 19.98 6.63 4.22
N TRP B 466 18.79 6.79 4.80
CA TRP B 466 17.84 7.73 4.25
C TRP B 466 18.28 9.15 4.60
N VAL B 467 18.24 10.05 3.61
CA VAL B 467 18.70 11.41 3.79
C VAL B 467 17.59 12.37 3.38
N PHE B 468 17.33 13.36 4.23
CA PHE B 468 16.36 14.41 3.94
C PHE B 468 17.02 15.76 4.17
N ASN B 469 17.02 16.60 3.16
CA ASN B 469 17.31 18.01 3.35
C ASN B 469 16.06 18.64 3.96
N LEU B 470 16.11 18.96 5.26
CA LEU B 470 14.91 19.39 5.97
C LEU B 470 14.44 20.77 5.49
N ASN B 471 15.35 21.59 4.97
CA ASN B 471 14.92 22.86 4.39
C ASN B 471 14.04 22.63 3.17
N MET B 472 14.31 21.58 2.40
CA MET B 472 13.60 21.31 1.16
C MET B 472 12.52 20.24 1.31
N ASP B 473 12.67 19.32 2.27
CA ASP B 473 11.69 18.28 2.52
C ASP B 473 11.45 18.21 4.02
N PRO B 474 10.86 19.26 4.61
CA PRO B 474 10.64 19.27 6.06
C PRO B 474 9.66 18.21 6.54
N LYS B 475 8.81 17.69 5.67
CA LYS B 475 7.84 16.66 6.04
C LYS B 475 8.34 15.26 5.72
N GLU B 476 9.60 15.11 5.33
CA GLU B 476 10.25 13.81 5.15
C GLU B 476 9.38 12.87 4.29
N MET B 477 8.97 13.37 3.13
CA MET B 477 8.02 12.63 2.30
C MET B 477 8.70 11.59 1.43
N ALA B 478 9.93 11.84 0.97
CA ALA B 478 10.63 10.87 0.15
C ALA B 478 12.12 11.11 0.25
N SER B 479 12.86 10.11 0.70
CA SER B 479 14.31 10.25 0.88
C SER B 479 15.02 10.24 -0.47
N THR B 480 16.03 11.10 -0.58
CA THR B 480 16.94 11.11 -1.72
C THR B 480 18.27 10.44 -1.41
N GLY B 481 18.49 10.04 -0.17
CA GLY B 481 19.68 9.27 0.17
C GLY B 481 20.96 9.91 -0.32
N HIS B 482 21.76 9.12 -1.04
CA HIS B 482 23.08 9.55 -1.48
C HIS B 482 23.04 10.48 -2.68
N GLN B 483 21.89 10.66 -3.31
CA GLN B 483 21.83 11.32 -4.61
C GLN B 483 22.52 12.69 -4.58
N TYR B 484 22.17 13.52 -3.60
CA TYR B 484 22.69 14.88 -3.51
C TYR B 484 23.63 15.07 -2.33
N PHE B 485 24.12 13.98 -1.74
CA PHE B 485 24.82 14.07 -0.46
C PHE B 485 26.07 13.18 -0.45
N GLU B 486 26.69 12.94 -1.60
CA GLU B 486 27.90 12.14 -1.63
C GLU B 486 29.06 12.85 -0.92
N TRP B 487 29.06 14.18 -0.92
CA TRP B 487 30.11 14.92 -0.24
C TRP B 487 29.95 14.85 1.27
N GLY B 488 28.73 14.69 1.76
CA GLY B 488 28.47 14.77 3.19
C GLY B 488 28.17 13.45 3.86
N MET B 489 27.95 12.40 3.06
CA MET B 489 27.53 11.12 3.62
C MET B 489 28.64 10.48 4.43
N PRO B 490 29.90 10.52 3.97
CA PRO B 490 30.98 9.97 4.82
C PRO B 490 31.12 10.72 6.14
N GLN B 491 30.94 12.04 6.14
CA GLN B 491 31.03 12.80 7.37
C GLN B 491 29.89 12.44 8.32
N ALA B 492 28.70 12.18 7.79
CA ALA B 492 27.59 11.75 8.63
C ALA B 492 27.91 10.40 9.27
N THR B 493 28.59 9.51 8.54
CA THR B 493 29.04 8.26 9.12
C THR B 493 30.08 8.49 10.20
N LYS B 494 31.00 9.44 9.98
CA LYS B 494 32.02 9.73 10.98
C LYS B 494 31.40 10.22 12.28
N PHE B 495 30.38 11.08 12.18
CA PHE B 495 29.69 11.55 13.38
C PHE B 495 29.04 10.37 14.12
N MET B 496 28.33 9.52 13.37
CA MET B 496 27.64 8.40 13.99
C MET B 496 28.60 7.48 14.71
N LYS B 497 29.70 7.11 14.05
CA LYS B 497 30.64 6.17 14.66
C LYS B 497 31.35 6.79 15.85
N ALA B 498 31.69 8.08 15.78
CA ALA B 498 32.33 8.73 16.91
C ALA B 498 31.39 8.82 18.10
N HIS B 499 30.10 9.04 17.83
CA HIS B 499 29.11 9.10 18.90
C HIS B 499 29.01 7.76 19.62
N ILE B 500 28.90 6.67 18.86
CA ILE B 500 28.84 5.35 19.47
C ILE B 500 30.14 5.05 20.22
N ALA B 501 31.26 5.57 19.73
CA ALA B 501 32.53 5.32 20.39
C ALA B 501 32.59 5.95 21.77
N THR B 502 31.92 7.09 21.97
CA THR B 502 31.89 7.70 23.30
C THR B 502 31.28 6.77 24.33
N MET B 503 30.44 5.83 23.90
CA MET B 503 29.79 4.88 24.80
C MET B 503 30.61 3.62 24.99
N LYS B 504 31.63 3.39 24.14
CA LYS B 504 32.67 2.43 24.46
C LYS B 504 33.59 2.98 25.54
N LYS B 505 34.00 4.24 25.41
CA LYS B 505 34.91 4.84 26.38
C LYS B 505 34.21 5.07 27.72
N TYR B 506 33.01 5.64 27.70
CA TYR B 506 32.22 5.86 28.89
C TYR B 506 31.03 4.90 28.87
N PRO B 507 31.08 3.77 29.58
CA PRO B 507 30.03 2.77 29.44
C PRO B 507 28.66 3.32 29.83
N ASN B 508 27.65 2.87 29.09
CA ASN B 508 26.27 3.17 29.45
C ASN B 508 25.85 2.36 30.68
N THR B 509 24.82 2.83 31.36
CA THR B 509 24.37 2.19 32.58
C THR B 509 23.46 1.02 32.24
N ASP B 510 23.87 -0.17 32.69
CA ASP B 510 23.04 -1.37 32.60
C ASP B 510 22.31 -1.51 33.93
N ILE B 511 21.04 -1.12 33.94
CA ILE B 511 20.28 -1.16 35.19
C ILE B 511 19.78 -2.56 35.52
N GLY B 512 19.66 -3.44 34.52
CA GLY B 512 19.23 -4.80 34.76
C GLY B 512 17.94 -4.90 35.54
N ASN C 12 23.98 -33.73 -2.05
CA ASN C 12 24.54 -35.06 -2.30
C ASN C 12 24.03 -35.60 -3.63
N VAL C 13 22.71 -35.80 -3.73
CA VAL C 13 22.12 -36.23 -5.00
C VAL C 13 22.03 -35.09 -6.00
N PHE C 14 22.20 -33.84 -5.56
CA PHE C 14 22.11 -32.69 -6.43
C PHE C 14 23.47 -32.08 -6.77
N ASN C 15 24.44 -32.16 -5.86
CA ASN C 15 25.70 -31.46 -6.03
C ASN C 15 26.53 -32.12 -7.13
N ASP C 16 26.66 -31.44 -8.26
CA ASP C 16 27.45 -31.93 -9.38
C ASP C 16 28.84 -31.31 -9.42
N ALA C 17 29.18 -30.47 -8.46
CA ALA C 17 30.50 -29.85 -8.41
C ALA C 17 31.49 -30.79 -7.73
N ILE C 18 32.77 -30.55 -8.01
CA ILE C 18 33.86 -31.35 -7.47
C ILE C 18 34.93 -30.41 -6.92
N VAL C 19 35.44 -30.73 -5.74
CA VAL C 19 36.49 -29.94 -5.12
C VAL C 19 37.81 -30.28 -5.80
N GLU C 20 38.39 -29.29 -6.48
CA GLU C 20 39.72 -29.46 -7.10
C GLU C 20 40.80 -29.12 -6.08
N LYS C 21 40.92 -27.83 -5.74
CA LYS C 21 41.75 -27.36 -4.65
C LYS C 21 40.87 -26.86 -3.51
N PRO C 22 41.23 -27.12 -2.25
CA PRO C 22 40.31 -26.80 -1.15
C PRO C 22 39.95 -25.32 -1.01
N ASN C 23 40.79 -24.41 -1.49
CA ASN C 23 40.51 -22.98 -1.37
C ASN C 23 39.85 -22.41 -2.61
N MET C 24 39.40 -23.25 -3.54
CA MET C 24 38.76 -22.82 -4.77
C MET C 24 37.30 -23.24 -4.78
N GLU C 25 36.43 -22.34 -5.22
CA GLU C 25 35.02 -22.65 -5.36
C GLU C 25 34.86 -23.95 -6.15
N PRO C 26 34.11 -24.93 -5.64
CA PRO C 26 33.91 -26.17 -6.40
C PRO C 26 33.23 -25.90 -7.74
N ALA C 27 33.66 -26.64 -8.76
CA ALA C 27 33.19 -26.45 -10.12
C ALA C 27 32.64 -27.76 -10.68
N ILE C 28 31.72 -27.63 -11.62
CA ILE C 28 31.16 -28.79 -12.32
C ILE C 28 32.13 -29.23 -13.40
N PRO C 29 32.60 -30.48 -13.40
CA PRO C 29 33.45 -30.93 -14.50
C PRO C 29 32.72 -30.89 -15.84
N ARG C 30 33.42 -30.41 -16.86
CA ARG C 30 32.96 -30.46 -18.25
C ARG C 30 34.10 -31.03 -19.09
N PRO C 31 34.38 -32.33 -18.93
CA PRO C 31 35.58 -32.89 -19.59
C PRO C 31 35.55 -32.80 -21.10
N GLU C 32 34.40 -33.05 -21.73
CA GLU C 32 34.35 -32.99 -23.18
C GLU C 32 34.47 -31.55 -23.69
N GLN C 33 33.86 -30.61 -22.99
CA GLN C 33 34.04 -29.20 -23.34
C GLN C 33 35.47 -28.75 -23.07
N GLU C 34 36.10 -29.28 -22.02
CA GLU C 34 37.48 -28.91 -21.72
C GLU C 34 38.42 -29.38 -22.82
N LYS C 35 38.15 -30.56 -23.40
CA LYS C 35 38.99 -31.03 -24.50
C LYS C 35 38.88 -30.13 -25.72
N VAL C 36 37.65 -29.69 -26.04
CA VAL C 36 37.46 -28.78 -27.16
C VAL C 36 38.18 -27.45 -26.88
N ALA C 37 38.12 -26.98 -25.63
CA ALA C 37 38.78 -25.73 -25.29
C ALA C 37 40.30 -25.87 -25.42
N VAL C 38 40.86 -26.92 -24.83
CA VAL C 38 42.32 -27.13 -24.91
C VAL C 38 42.77 -27.21 -26.35
N SER C 39 41.97 -27.84 -27.21
CA SER C 39 42.35 -28.00 -28.61
C SER C 39 42.27 -26.68 -29.37
N LYS C 40 41.20 -25.91 -29.15
CA LYS C 40 41.08 -24.61 -29.82
C LYS C 40 42.23 -23.69 -29.44
N LEU C 41 42.63 -23.70 -28.16
CA LEU C 41 43.71 -22.81 -27.71
C LEU C 41 45.07 -23.28 -28.23
N LYS C 42 45.27 -24.60 -28.31
CA LYS C 42 46.53 -25.11 -28.85
C LYS C 42 46.71 -24.70 -30.29
N ASN C 43 45.67 -24.87 -31.12
CA ASN C 43 45.78 -24.52 -32.53
C ASN C 43 45.92 -23.01 -32.71
N LEU C 44 45.22 -22.22 -31.89
CA LEU C 44 45.33 -20.77 -32.00
C LEU C 44 46.76 -20.31 -31.74
N GLU C 45 47.35 -20.76 -30.62
CA GLU C 45 48.69 -20.31 -30.29
C GLU C 45 49.71 -20.74 -31.34
N ALA C 46 49.51 -21.92 -31.94
CA ALA C 46 50.37 -22.32 -33.05
C ALA C 46 50.35 -21.28 -34.17
N LYS C 47 49.14 -20.86 -34.55
CA LYS C 47 49.01 -19.87 -35.63
C LYS C 47 49.52 -18.50 -35.19
N GLN C 48 49.30 -18.13 -33.94
CA GLN C 48 49.54 -16.77 -33.48
C GLN C 48 50.93 -16.57 -32.86
N GLY C 49 51.56 -17.62 -32.36
CA GLY C 49 52.90 -17.51 -31.81
C GLY C 49 53.00 -16.99 -30.40
N ARG C 50 51.88 -16.71 -29.73
CA ARG C 50 51.94 -16.22 -28.36
C ARG C 50 50.57 -16.39 -27.71
N LYS C 51 50.54 -16.19 -26.39
CA LYS C 51 49.31 -16.29 -25.63
C LYS C 51 48.27 -15.30 -26.15
N PRO C 52 47.00 -15.53 -25.83
CA PRO C 52 45.95 -14.65 -26.35
C PRO C 52 45.78 -13.37 -25.54
N ASN C 53 45.33 -12.32 -26.23
CA ASN C 53 44.95 -11.09 -25.57
C ASN C 53 43.54 -11.22 -24.98
N VAL C 54 43.25 -10.38 -24.00
CA VAL C 54 41.91 -10.29 -23.44
C VAL C 54 41.54 -8.82 -23.31
N LEU C 55 40.37 -8.46 -23.82
CA LEU C 55 39.83 -7.11 -23.75
C LEU C 55 38.51 -7.17 -22.98
N VAL C 56 38.50 -6.56 -21.80
CA VAL C 56 37.28 -6.49 -20.99
C VAL C 56 36.71 -5.09 -21.15
N LEU C 57 35.56 -5.00 -21.81
CA LEU C 57 34.82 -3.74 -21.94
C LEU C 57 33.78 -3.70 -20.83
N LEU C 58 33.98 -2.82 -19.85
CA LEU C 58 33.18 -2.79 -18.63
C LEU C 58 32.41 -1.47 -18.57
N VAL C 59 31.11 -1.54 -18.83
CA VAL C 59 30.24 -0.37 -18.77
C VAL C 59 29.74 -0.21 -17.33
N ASP C 60 29.51 1.05 -16.94
CA ASP C 60 29.11 1.38 -15.58
C ASP C 60 27.59 1.52 -15.50
N ASP C 61 26.99 0.79 -14.56
CA ASP C 61 25.56 0.90 -14.27
C ASP C 61 24.71 0.65 -15.51
N LEU C 62 25.14 -0.31 -16.33
CA LEU C 62 24.40 -0.72 -17.51
C LEU C 62 23.43 -1.84 -17.14
N GLY C 63 22.18 -1.72 -17.59
CA GLY C 63 21.17 -2.71 -17.27
C GLY C 63 21.14 -3.87 -18.25
N TRP C 64 20.55 -4.97 -17.78
CA TRP C 64 20.43 -6.17 -18.60
C TRP C 64 19.82 -5.87 -19.96
N GLY C 65 18.81 -4.99 -19.99
CA GLY C 65 18.05 -4.74 -21.19
C GLY C 65 18.48 -3.55 -22.01
N ASP C 66 19.63 -2.94 -21.72
CA ASP C 66 20.02 -1.74 -22.47
C ASP C 66 20.44 -2.08 -23.89
N PRO C 67 21.27 -3.08 -24.15
CA PRO C 67 21.65 -3.40 -25.53
C PRO C 67 20.48 -3.93 -26.33
N GLY C 68 20.54 -3.70 -27.65
CA GLY C 68 19.44 -4.09 -28.51
C GLY C 68 19.18 -5.59 -28.53
N VAL C 69 20.25 -6.39 -28.52
CA VAL C 69 20.09 -7.83 -28.53
C VAL C 69 19.50 -8.37 -27.23
N TYR C 70 19.39 -7.54 -26.20
CA TYR C 70 18.78 -7.93 -24.93
C TYR C 70 17.36 -7.39 -24.78
N GLY C 71 16.77 -6.86 -25.85
CA GLY C 71 15.45 -6.28 -25.79
C GLY C 71 15.38 -4.79 -25.58
N GLY C 72 16.50 -4.08 -25.71
CA GLY C 72 16.52 -2.64 -25.58
C GLY C 72 16.83 -1.95 -26.90
N GLY C 73 17.96 -1.25 -26.95
CA GLY C 73 18.38 -0.59 -28.17
C GLY C 73 17.34 0.32 -28.76
N ALA C 74 16.93 0.04 -30.01
CA ALA C 74 15.96 0.89 -30.68
C ALA C 74 14.63 0.94 -29.94
N ALA C 75 14.35 -0.04 -29.07
CA ALA C 75 13.10 -0.04 -28.33
C ALA C 75 13.04 1.04 -27.27
N ILE C 76 14.20 1.54 -26.81
CA ILE C 76 14.25 2.60 -25.82
C ILE C 76 15.05 3.81 -26.32
N GLY C 77 15.21 3.93 -27.64
CA GLY C 77 15.78 5.12 -28.21
C GLY C 77 17.28 5.25 -28.14
N ALA C 78 18.01 4.13 -28.18
CA ALA C 78 19.48 4.15 -28.22
C ALA C 78 20.00 2.88 -28.86
N PRO C 79 19.91 2.79 -30.19
CA PRO C 79 20.42 1.58 -30.87
C PRO C 79 21.91 1.38 -30.60
N THR C 80 22.30 0.12 -30.43
CA THR C 80 23.67 -0.27 -30.13
C THR C 80 24.13 -1.29 -31.16
N PRO C 81 24.37 -0.84 -32.40
CA PRO C 81 24.73 -1.81 -33.46
C PRO C 81 26.05 -2.54 -33.24
N ASN C 82 27.05 -1.87 -32.68
CA ASN C 82 28.35 -2.52 -32.50
C ASN C 82 28.30 -3.56 -31.40
N ILE C 83 27.72 -3.20 -30.24
CA ILE C 83 27.49 -4.19 -29.19
C ILE C 83 26.61 -5.32 -29.72
N ASP C 84 25.55 -4.98 -30.45
CA ASP C 84 24.67 -6.00 -31.01
C ASP C 84 25.44 -6.95 -31.91
N LYS C 85 26.28 -6.40 -32.79
CA LYS C 85 27.09 -7.23 -33.69
C LYS C 85 28.04 -8.12 -32.90
N LEU C 86 28.66 -7.56 -31.85
CA LEU C 86 29.52 -8.36 -30.98
C LEU C 86 28.77 -9.57 -30.42
N ALA C 87 27.48 -9.39 -30.12
CA ALA C 87 26.69 -10.46 -29.54
C ALA C 87 26.19 -11.45 -30.60
N ASN C 88 25.71 -10.93 -31.73
CA ASN C 88 25.15 -11.82 -32.74
C ASN C 88 26.23 -12.67 -33.40
N GLU C 89 27.46 -12.16 -33.47
CA GLU C 89 28.58 -12.91 -34.02
C GLU C 89 29.40 -13.59 -32.95
N GLY C 90 28.92 -13.61 -31.71
CA GLY C 90 29.59 -14.30 -30.64
C GLY C 90 28.63 -15.04 -29.73
N LEU C 91 28.82 -14.89 -28.42
CA LEU C 91 28.08 -15.62 -27.40
C LEU C 91 27.42 -14.61 -26.46
N ARG C 92 26.09 -14.65 -26.37
CA ARG C 92 25.35 -13.78 -25.48
C ARG C 92 24.93 -14.58 -24.25
N LEU C 93 25.37 -14.13 -23.08
CA LEU C 93 25.07 -14.78 -21.82
C LEU C 93 23.89 -14.09 -21.15
N THR C 94 22.81 -14.85 -20.93
CA THR C 94 21.58 -14.30 -20.37
C THR C 94 21.48 -14.45 -18.86
N SER C 95 22.42 -15.15 -18.22
CA SER C 95 22.44 -15.28 -16.77
C SER C 95 23.84 -14.94 -16.22
N MET C 96 24.38 -13.81 -16.66
CA MET C 96 25.59 -13.25 -16.09
C MET C 96 25.24 -12.44 -14.84
N TYR C 97 26.07 -12.57 -13.80
CA TYR C 97 25.78 -11.92 -12.52
C TYR C 97 26.95 -11.09 -12.04
N SER C 98 26.62 -9.98 -11.38
CA SER C 98 27.58 -9.08 -10.77
C SER C 98 27.22 -8.91 -9.29
N GLN C 99 27.89 -7.97 -8.64
CA GLN C 99 27.53 -7.51 -7.30
C GLN C 99 26.57 -6.34 -7.41
N PRO C 100 25.90 -5.97 -6.32
CA PRO C 100 24.85 -4.94 -6.43
C PRO C 100 25.37 -3.51 -6.48
N THR C 101 26.66 -3.26 -6.27
CA THR C 101 27.19 -1.90 -6.25
C THR C 101 28.53 -1.84 -6.97
N CYS C 102 28.98 -0.62 -7.26
CA CYS C 102 30.14 -0.41 -8.11
C CYS C 102 31.39 -1.07 -7.53
N THR C 103 31.78 -0.65 -6.33
CA THR C 103 33.05 -1.10 -5.76
C THR C 103 33.04 -2.60 -5.53
N SER C 104 31.92 -3.14 -5.03
CA SER C 104 31.84 -4.57 -4.79
C SER C 104 32.08 -5.37 -6.07
N SER C 105 31.52 -4.90 -7.19
CA SER C 105 31.67 -5.63 -8.44
C SER C 105 33.08 -5.52 -9.00
N ARG C 106 33.64 -4.30 -8.99
CA ARG C 106 34.99 -4.12 -9.53
C ARG C 106 36.03 -4.81 -8.66
N ALA C 107 35.79 -4.90 -7.35
CA ALA C 107 36.63 -5.73 -6.50
C ALA C 107 36.55 -7.19 -6.93
N ALA C 108 35.33 -7.69 -7.15
CA ALA C 108 35.16 -9.08 -7.57
C ALA C 108 35.91 -9.36 -8.86
N LEU C 109 35.87 -8.41 -9.80
CA LEU C 109 36.46 -8.65 -11.12
C LEU C 109 37.98 -8.66 -11.07
N THR C 110 38.58 -7.97 -10.10
CA THR C 110 40.03 -7.84 -10.04
C THR C 110 40.64 -8.60 -8.88
N THR C 111 39.86 -9.43 -8.17
CA THR C 111 40.39 -10.25 -7.10
C THR C 111 39.88 -11.69 -7.14
N GLY C 112 38.87 -12.01 -7.94
CA GLY C 112 38.31 -13.34 -7.93
C GLY C 112 37.65 -13.72 -6.62
N ARG C 113 37.31 -12.74 -5.79
CA ARG C 113 36.78 -12.99 -4.45
C ARG C 113 35.57 -12.13 -4.20
N LEU C 114 34.49 -12.76 -3.72
CA LEU C 114 33.36 -12.06 -3.14
C LEU C 114 33.91 -10.94 -2.26
N PRO C 115 33.45 -9.70 -2.42
CA PRO C 115 34.09 -8.59 -1.69
C PRO C 115 34.00 -8.71 -0.17
N VAL C 116 33.05 -9.46 0.37
CA VAL C 116 32.97 -9.62 1.82
C VAL C 116 34.23 -10.29 2.35
N ARG C 117 34.90 -11.10 1.52
CA ARG C 117 36.12 -11.76 1.96
C ARG C 117 37.28 -10.76 2.03
N SER C 118 37.39 -9.87 1.04
CA SER C 118 38.51 -8.96 0.95
C SER C 118 38.32 -7.70 1.77
N GLY C 119 37.10 -7.40 2.18
CA GLY C 119 36.81 -6.13 2.84
C GLY C 119 36.55 -4.98 1.90
N LEU C 120 36.50 -5.23 0.59
CA LEU C 120 36.29 -4.18 -0.40
C LEU C 120 34.79 -4.04 -0.72
N VAL C 121 33.99 -3.79 0.32
CA VAL C 121 32.57 -3.55 0.13
C VAL C 121 32.26 -2.07 -0.05
N ARG C 122 33.15 -1.19 0.38
CA ARG C 122 33.03 0.26 0.19
C ARG C 122 34.36 0.82 -0.28
N PRO C 123 34.34 1.88 -1.07
CA PRO C 123 35.61 2.50 -1.48
C PRO C 123 36.31 3.15 -0.30
N ILE C 124 37.63 2.98 -0.26
CA ILE C 124 38.45 3.53 0.82
C ILE C 124 39.00 4.88 0.36
N LEU C 125 38.71 5.93 1.13
CA LEU C 125 39.12 7.27 0.77
C LEU C 125 40.56 7.53 1.22
N THR C 126 41.14 8.60 0.67
CA THR C 126 42.55 8.89 0.90
C THR C 126 42.85 9.24 2.36
N GLY C 127 41.83 9.58 3.15
CA GLY C 127 42.05 9.91 4.53
C GLY C 127 41.37 8.98 5.51
N ASP C 128 41.04 7.77 5.06
CA ASP C 128 40.31 6.82 5.88
C ASP C 128 41.25 6.01 6.77
N LYS C 129 40.81 5.74 8.00
CA LYS C 129 41.56 4.92 8.94
C LYS C 129 41.27 3.46 8.68
N VAL C 130 42.30 2.71 8.29
CA VAL C 130 42.18 1.27 8.03
C VAL C 130 43.29 0.55 8.80
N THR C 131 42.95 -0.60 9.38
CA THR C 131 43.98 -1.41 10.02
C THR C 131 44.89 -2.06 8.99
N GLN C 132 44.39 -2.27 7.78
CA GLN C 132 45.14 -2.96 6.73
C GLN C 132 44.71 -2.40 5.39
N ASN C 133 45.66 -2.34 4.46
CA ASN C 133 45.32 -2.11 3.06
C ASN C 133 44.92 -3.45 2.48
N PRO C 134 43.65 -3.65 2.11
CA PRO C 134 43.26 -4.99 1.61
C PRO C 134 44.05 -5.43 0.40
N TRP C 135 44.55 -4.48 -0.41
CA TRP C 135 45.25 -4.85 -1.64
C TRP C 135 46.62 -5.45 -1.38
N GLU C 136 47.21 -5.23 -0.21
CA GLU C 136 48.47 -5.89 0.13
C GLU C 136 48.30 -7.39 0.22
N LYS C 137 47.06 -7.86 0.43
CA LYS C 137 46.74 -9.28 0.54
C LYS C 137 46.07 -9.83 -0.70
N GLU C 138 45.24 -9.02 -1.37
CA GLU C 138 44.59 -9.47 -2.59
C GLU C 138 45.60 -9.56 -3.74
N VAL C 139 45.22 -10.31 -4.77
CA VAL C 139 46.08 -10.56 -5.92
C VAL C 139 45.26 -10.31 -7.19
N SER C 140 45.65 -9.31 -7.96
CA SER C 140 44.95 -8.96 -9.18
C SER C 140 45.51 -9.77 -10.35
N GLN C 141 44.68 -9.94 -11.39
CA GLN C 141 45.13 -10.63 -12.58
C GLN C 141 46.25 -9.86 -13.28
N GLY C 142 46.33 -8.54 -13.06
CA GLY C 142 47.45 -7.79 -13.59
C GLY C 142 48.77 -8.28 -13.00
N LYS C 143 48.82 -8.44 -11.69
CA LYS C 143 50.01 -8.96 -11.04
C LYS C 143 50.45 -10.29 -11.65
N LEU C 144 49.55 -11.27 -11.66
CA LEU C 144 49.91 -12.61 -12.09
C LEU C 144 50.20 -12.64 -13.59
N LEU C 145 49.34 -12.02 -14.40
CA LEU C 145 49.56 -12.06 -15.85
C LEU C 145 50.80 -11.27 -16.25
N SER C 146 51.13 -10.20 -15.52
CA SER C 146 52.34 -9.46 -15.83
C SER C 146 53.58 -10.36 -15.74
N LYS C 147 53.61 -11.25 -14.75
CA LYS C 147 54.80 -12.06 -14.52
C LYS C 147 55.04 -13.08 -15.64
N VAL C 148 54.03 -13.37 -16.46
CA VAL C 148 54.18 -14.35 -17.53
C VAL C 148 54.09 -13.69 -18.90
N GLY C 149 54.44 -12.40 -18.97
CA GLY C 149 54.70 -11.74 -20.24
C GLY C 149 53.63 -10.76 -20.68
N TYR C 150 52.50 -10.67 -20.00
CA TYR C 150 51.45 -9.76 -20.41
C TYR C 150 51.78 -8.32 -20.03
N LYS C 151 51.45 -7.38 -20.92
CA LYS C 151 51.31 -5.98 -20.55
C LYS C 151 49.88 -5.78 -20.06
N THR C 152 49.72 -5.32 -18.83
CA THR C 152 48.42 -5.24 -18.17
C THR C 152 48.07 -3.79 -17.89
N ALA C 153 46.80 -3.45 -18.06
CA ALA C 153 46.36 -2.08 -17.85
C ALA C 153 44.88 -2.06 -17.49
N LEU C 154 44.54 -1.11 -16.62
CA LEU C 154 43.15 -0.71 -16.41
C LEU C 154 43.03 0.75 -16.81
N ILE C 155 42.18 1.02 -17.80
CA ILE C 155 41.96 2.37 -18.31
C ILE C 155 40.51 2.72 -18.07
N GLY C 156 40.28 3.74 -17.25
CA GLY C 156 38.95 4.22 -16.93
C GLY C 156 38.67 4.22 -15.46
N LYS C 157 37.44 3.90 -15.09
CA LYS C 157 36.99 4.01 -13.69
C LYS C 157 37.58 2.90 -12.84
N TRP C 158 38.08 3.27 -11.66
CA TRP C 158 38.64 2.32 -10.71
C TRP C 158 37.62 2.10 -9.58
N HIS C 159 37.58 3.02 -8.63
CA HIS C 159 36.58 3.01 -7.57
C HIS C 159 36.72 1.79 -6.65
N VAL C 160 37.96 1.31 -6.48
CA VAL C 160 38.24 0.22 -5.57
C VAL C 160 39.36 0.63 -4.62
N GLY C 161 39.37 1.90 -4.24
CA GLY C 161 40.36 2.41 -3.30
C GLY C 161 41.31 3.40 -3.93
N GLU C 162 41.45 4.57 -3.29
CA GLU C 162 42.35 5.60 -3.78
C GLU C 162 43.35 6.04 -2.71
N ALA C 163 43.44 5.33 -1.59
CA ALA C 163 44.48 5.60 -0.61
C ALA C 163 45.82 5.08 -1.13
N GLU C 164 46.87 5.26 -0.32
CA GLU C 164 48.20 4.86 -0.72
C GLU C 164 48.25 3.37 -1.04
N GLY C 165 48.75 3.04 -2.22
CA GLY C 165 48.94 1.65 -2.59
C GLY C 165 47.69 0.92 -3.03
N MET C 166 46.67 1.64 -3.49
CA MET C 166 45.42 1.01 -3.87
C MET C 166 45.02 1.19 -5.33
N LEU C 167 45.74 2.01 -6.09
CA LEU C 167 45.40 2.21 -7.49
C LEU C 167 45.88 1.04 -8.34
N PRO C 168 45.32 0.88 -9.54
CA PRO C 168 45.65 -0.33 -10.33
C PRO C 168 47.13 -0.52 -10.58
N HIS C 169 47.85 0.53 -10.97
CA HIS C 169 49.28 0.40 -11.23
C HIS C 169 50.08 0.16 -9.95
N GLU C 170 49.43 0.23 -8.79
CA GLU C 170 50.08 -0.03 -7.51
C GLU C 170 49.72 -1.39 -6.93
N VAL C 171 48.82 -2.14 -7.59
CA VAL C 171 48.37 -3.41 -7.06
C VAL C 171 48.52 -4.51 -8.11
N GLY C 172 49.34 -4.27 -9.13
CA GLY C 172 49.68 -5.33 -10.07
C GLY C 172 49.66 -4.98 -11.54
N PHE C 173 48.90 -3.96 -11.92
CA PHE C 173 48.81 -3.58 -13.32
C PHE C 173 50.02 -2.76 -13.74
N ASP C 174 50.44 -2.95 -14.99
CA ASP C 174 51.58 -2.18 -15.51
C ASP C 174 51.20 -0.72 -15.73
N TYR C 175 49.95 -0.43 -16.06
CA TYR C 175 49.55 0.90 -16.49
C TYR C 175 48.15 1.22 -16.00
N PHE C 176 47.97 2.42 -15.47
CA PHE C 176 46.66 2.91 -15.07
C PHE C 176 46.42 4.29 -15.67
N TYR C 177 45.19 4.52 -16.13
CA TYR C 177 44.78 5.84 -16.61
C TYR C 177 43.27 5.92 -16.46
N GLY C 178 42.80 6.76 -15.53
CA GLY C 178 41.36 6.95 -15.42
C GLY C 178 40.98 7.58 -14.09
N LEU C 179 39.77 7.24 -13.65
CA LEU C 179 39.16 7.88 -12.48
C LEU C 179 39.44 7.06 -11.24
N PRO C 180 40.13 7.59 -10.23
CA PRO C 180 40.26 6.84 -8.97
C PRO C 180 38.94 6.63 -8.26
N SER C 181 38.01 7.58 -8.33
CA SER C 181 36.71 7.43 -7.70
C SER C 181 35.62 7.13 -8.74
N VAL C 182 34.74 8.09 -9.02
CA VAL C 182 33.57 7.83 -9.86
C VAL C 182 33.02 9.14 -10.42
N GLN C 183 32.26 9.04 -11.52
CA GLN C 183 31.76 10.21 -12.22
C GLN C 183 31.08 11.19 -11.28
N SER C 184 30.15 10.72 -10.46
CA SER C 184 29.37 11.61 -9.61
C SER C 184 30.24 12.38 -8.63
N ASP C 185 31.43 11.87 -8.30
CA ASP C 185 32.34 12.62 -7.44
C ASP C 185 32.82 13.88 -8.12
N TYR C 186 32.91 13.88 -9.45
CA TYR C 186 33.32 15.08 -10.18
C TYR C 186 32.14 16.02 -10.39
N THR C 187 31.02 15.48 -10.90
CA THR C 187 29.93 16.35 -11.35
C THR C 187 29.21 17.07 -10.20
N GLN C 188 29.29 16.55 -8.98
CA GLN C 188 28.65 17.25 -7.87
C GLN C 188 29.27 18.62 -7.63
N PHE C 189 30.50 18.84 -8.12
CA PHE C 189 31.15 20.14 -8.02
C PHE C 189 31.11 20.91 -9.34
N LEU C 190 30.31 20.45 -10.31
CA LEU C 190 30.24 21.07 -11.63
C LEU C 190 28.84 21.50 -12.03
N VAL C 191 27.80 20.80 -11.60
CA VAL C 191 26.43 21.13 -11.97
C VAL C 191 25.86 21.97 -10.83
N GLU C 192 25.97 23.29 -10.98
CA GLU C 192 25.68 24.19 -9.87
C GLU C 192 24.24 24.03 -9.37
N ARG C 193 23.26 24.08 -10.29
CA ARG C 193 21.87 24.10 -9.87
C ARG C 193 21.45 22.78 -9.25
N GLN C 194 21.88 21.67 -9.84
CA GLN C 194 21.48 20.36 -9.34
C GLN C 194 21.93 20.12 -7.91
N TYR C 195 23.08 20.68 -7.53
CA TYR C 195 23.64 20.54 -6.19
C TYR C 195 23.74 21.89 -5.51
N ALA C 196 22.74 22.75 -5.73
CA ALA C 196 22.84 24.14 -5.30
C ALA C 196 22.95 24.27 -3.78
N ASP C 197 22.36 23.33 -3.03
CA ASP C 197 22.40 23.45 -1.58
C ASP C 197 23.84 23.49 -1.06
N MET C 198 24.77 22.88 -1.80
CA MET C 198 26.19 22.93 -1.48
C MET C 198 26.96 23.90 -2.37
N MET C 199 26.66 23.92 -3.66
CA MET C 199 27.44 24.75 -4.59
C MET C 199 27.24 26.23 -4.34
N THR C 200 26.00 26.67 -4.11
CA THR C 200 25.70 28.09 -3.94
C THR C 200 25.76 28.52 -2.48
N ASN C 201 26.21 27.66 -1.58
CA ASN C 201 26.46 28.00 -0.18
C ASN C 201 27.97 28.14 -0.02
N LYS C 202 28.45 29.39 -0.02
CA LYS C 202 29.89 29.63 -0.10
C LYS C 202 30.63 28.89 1.01
N GLU C 203 30.21 29.08 2.26
CA GLU C 203 30.90 28.42 3.37
C GLU C 203 30.90 26.91 3.20
N LEU C 204 29.78 26.33 2.77
CA LEU C 204 29.71 24.88 2.63
C LEU C 204 30.53 24.40 1.44
N TYR C 205 30.55 25.18 0.35
CA TYR C 205 31.32 24.78 -0.82
C TYR C 205 32.81 24.85 -0.55
N THR C 206 33.25 25.83 0.25
CA THR C 206 34.66 25.91 0.61
C THR C 206 35.14 24.63 1.29
N LYS C 207 34.31 24.07 2.17
CA LYS C 207 34.66 22.84 2.86
C LYS C 207 34.64 21.65 1.90
N ALA C 208 33.52 21.49 1.17
CA ALA C 208 33.33 20.27 0.38
C ALA C 208 34.33 20.18 -0.77
N SER C 209 34.64 21.32 -1.40
CA SER C 209 35.53 21.30 -2.56
C SER C 209 36.96 20.93 -2.22
N GLN C 210 37.33 20.93 -0.93
CA GLN C 210 38.70 20.53 -0.56
C GLN C 210 38.95 19.05 -0.86
N LEU C 211 37.89 18.24 -0.87
CA LEU C 211 37.99 16.83 -1.24
C LEU C 211 37.55 16.60 -2.68
N ARG C 212 37.55 17.64 -3.49
CA ARG C 212 37.20 17.53 -4.91
C ARG C 212 38.29 16.76 -5.66
N PRO C 213 37.91 15.79 -6.49
CA PRO C 213 38.94 15.12 -7.31
C PRO C 213 39.55 16.07 -8.33
N GLU C 214 40.83 15.83 -8.63
CA GLU C 214 41.56 16.72 -9.52
C GLU C 214 41.29 16.43 -10.99
N GLY C 215 41.15 15.16 -11.35
CA GLY C 215 40.99 14.78 -12.74
C GLY C 215 41.47 13.36 -12.95
N LEU C 216 41.74 13.03 -14.22
CA LEU C 216 42.21 11.70 -14.57
C LEU C 216 43.66 11.52 -14.13
N ILE C 217 43.94 10.37 -13.51
CA ILE C 217 45.25 10.06 -12.96
C ILE C 217 45.94 9.06 -13.87
N LYS C 218 47.25 9.20 -14.02
CA LYS C 218 48.08 8.35 -14.87
C LYS C 218 49.19 7.77 -14.01
N GLY C 219 49.43 6.47 -14.17
CA GLY C 219 50.41 5.81 -13.33
C GLY C 219 51.01 4.56 -13.94
N ARG C 220 52.31 4.35 -13.71
CA ARG C 220 53.02 3.18 -14.20
C ARG C 220 53.54 2.37 -13.03
N LYS C 221 53.52 1.04 -13.19
CA LYS C 221 54.12 0.16 -12.20
C LYS C 221 55.55 0.60 -11.90
N GLY C 222 55.81 0.89 -10.63
CA GLY C 222 57.11 1.38 -10.20
C GLY C 222 57.27 2.88 -10.24
N GLY C 223 56.25 3.62 -10.66
CA GLY C 223 56.31 5.06 -10.72
C GLY C 223 55.31 5.73 -9.80
N LYS C 224 55.22 7.05 -9.89
CA LYS C 224 54.33 7.84 -9.04
C LYS C 224 53.06 8.21 -9.80
N ARG C 225 52.08 8.72 -9.05
CA ARG C 225 50.82 9.16 -9.65
C ARG C 225 50.99 10.53 -10.30
N GLU C 226 50.32 10.73 -11.42
CA GLU C 226 50.37 11.99 -12.14
C GLU C 226 48.96 12.42 -12.56
N VAL C 227 48.67 13.70 -12.40
CA VAL C 227 47.50 14.29 -13.03
C VAL C 227 47.78 14.41 -14.52
N ALA C 228 46.98 13.71 -15.33
CA ALA C 228 47.16 13.68 -16.77
C ALA C 228 46.10 14.45 -17.54
N TYR C 229 44.89 14.58 -16.99
CA TYR C 229 43.81 15.34 -17.62
C TYR C 229 42.98 15.97 -16.53
N PRO C 230 43.28 17.21 -16.15
CA PRO C 230 42.49 17.86 -15.10
C PRO C 230 41.06 18.11 -15.55
N ILE C 231 40.14 18.02 -14.58
CA ILE C 231 38.72 18.25 -14.81
C ILE C 231 38.26 19.36 -13.87
N ASN C 232 37.86 20.49 -14.45
CA ASN C 232 37.31 21.58 -13.64
C ASN C 232 36.14 22.28 -14.33
N SER C 233 35.54 21.67 -15.34
CA SER C 233 34.38 22.23 -16.00
C SER C 233 33.58 21.10 -16.63
N ILE C 234 32.38 21.44 -17.09
CA ILE C 234 31.55 20.46 -17.80
C ILE C 234 32.16 20.13 -19.15
N GLU C 235 32.73 21.11 -19.84
CA GLU C 235 33.35 20.83 -21.12
C GLU C 235 34.50 19.84 -20.97
N ASP C 236 35.29 19.97 -19.91
CA ASP C 236 36.37 19.03 -19.67
C ASP C 236 35.82 17.62 -19.45
N ILE C 237 34.79 17.49 -18.60
CA ILE C 237 34.31 16.16 -18.25
C ILE C 237 33.51 15.52 -19.38
N SER C 238 33.02 16.32 -20.33
CA SER C 238 32.28 15.74 -21.45
C SER C 238 33.18 14.95 -22.39
N MET C 239 34.50 15.14 -22.30
CA MET C 239 35.46 14.42 -23.13
C MET C 239 36.09 13.23 -22.41
N ILE C 240 35.56 12.86 -21.24
CA ILE C 240 36.25 11.89 -20.38
C ILE C 240 36.40 10.55 -21.11
N ASP C 241 35.31 10.05 -21.69
CA ASP C 241 35.37 8.74 -22.33
C ASP C 241 36.07 8.78 -23.69
N GLN C 242 36.12 9.94 -24.33
CA GLN C 242 36.97 10.09 -25.52
C GLN C 242 38.44 10.01 -25.14
N VAL C 243 38.83 10.66 -24.04
CA VAL C 243 40.22 10.60 -23.59
C VAL C 243 40.59 9.17 -23.21
N LEU C 244 39.73 8.49 -22.46
CA LEU C 244 39.99 7.10 -22.11
C LEU C 244 40.12 6.24 -23.35
N ARG C 245 39.27 6.47 -24.35
CA ARG C 245 39.39 5.74 -25.61
C ARG C 245 40.74 6.01 -26.26
N ASP C 246 41.23 7.24 -26.21
CA ASP C 246 42.53 7.56 -26.80
C ASP C 246 43.64 6.77 -26.12
N GLU C 247 43.57 6.60 -24.80
CA GLU C 247 44.62 5.90 -24.08
C GLU C 247 44.57 4.40 -24.33
N SER C 248 43.36 3.84 -24.42
CA SER C 248 43.25 2.41 -24.71
C SER C 248 43.80 2.08 -26.10
N VAL C 249 43.58 2.97 -27.07
CA VAL C 249 44.13 2.77 -28.41
C VAL C 249 45.66 2.79 -28.35
N LYS C 250 46.22 3.77 -27.64
CA LYS C 250 47.67 3.85 -27.52
C LYS C 250 48.23 2.63 -26.80
N PHE C 251 47.52 2.14 -25.79
CA PHE C 251 48.02 0.97 -25.05
C PHE C 251 48.00 -0.28 -25.93
N ILE C 252 46.95 -0.46 -26.73
CA ILE C 252 46.87 -1.63 -27.61
C ILE C 252 47.91 -1.52 -28.72
N ASN C 253 48.04 -0.34 -29.33
CA ASN C 253 49.06 -0.15 -30.35
C ASN C 253 50.44 -0.52 -29.82
N GLN C 254 50.77 -0.05 -28.61
CA GLN C 254 52.10 -0.29 -28.07
C GLN C 254 52.32 -1.77 -27.78
N ALA C 255 51.34 -2.42 -27.15
CA ALA C 255 51.50 -3.82 -26.78
C ALA C 255 51.65 -4.70 -28.01
N VAL C 256 50.79 -4.50 -29.01
CA VAL C 256 50.82 -5.34 -30.20
C VAL C 256 52.08 -5.05 -31.01
N ASP C 257 52.44 -3.78 -31.17
CA ASP C 257 53.64 -3.45 -31.92
C ASP C 257 54.89 -4.05 -31.28
N GLU C 258 54.90 -4.17 -29.95
CA GLU C 258 55.97 -4.86 -29.24
C GLU C 258 55.81 -6.37 -29.27
N GLY C 259 54.78 -6.88 -29.93
CA GLY C 259 54.57 -8.32 -29.99
C GLY C 259 54.27 -8.98 -28.67
N LYS C 260 53.74 -8.22 -27.71
CA LYS C 260 53.45 -8.78 -26.40
C LYS C 260 51.96 -9.02 -26.24
N PRO C 261 51.54 -10.13 -25.63
CA PRO C 261 50.11 -10.27 -25.28
C PRO C 261 49.71 -9.18 -24.29
N PHE C 262 48.50 -8.67 -24.45
CA PHE C 262 48.01 -7.61 -23.59
C PHE C 262 46.74 -8.06 -22.86
N TYR C 263 46.51 -7.43 -21.70
CA TYR C 263 45.29 -7.63 -20.92
C TYR C 263 44.81 -6.25 -20.49
N LEU C 264 43.73 -5.77 -21.12
CA LEU C 264 43.23 -4.42 -20.87
C LEU C 264 41.79 -4.50 -20.38
N ILE C 265 41.56 -3.92 -19.20
CA ILE C 265 40.21 -3.64 -18.72
C ILE C 265 39.90 -2.20 -19.07
N HIS C 266 38.98 -1.99 -20.01
CA HIS C 266 38.51 -0.66 -20.38
C HIS C 266 37.24 -0.39 -19.60
N SER C 267 37.33 0.48 -18.60
CA SER C 267 36.25 0.72 -17.64
C SER C 267 35.61 2.08 -17.95
N PHE C 268 34.58 2.05 -18.80
CA PHE C 268 33.89 3.28 -19.18
C PHE C 268 33.49 4.07 -17.93
N SER C 269 33.50 5.39 -18.07
CA SER C 269 32.87 6.23 -17.06
C SER C 269 31.35 6.21 -17.18
N LYS C 270 30.84 6.10 -18.39
CA LYS C 270 29.41 5.96 -18.64
C LYS C 270 28.96 4.54 -18.30
N ILE C 271 27.66 4.38 -17.98
CA ILE C 271 26.66 5.44 -17.99
C ILE C 271 26.34 5.94 -16.58
N HIS C 272 27.36 6.04 -15.74
CA HIS C 272 27.15 6.58 -14.39
C HIS C 272 26.69 8.03 -14.47
N ASN C 273 25.86 8.42 -13.51
CA ASN C 273 25.45 9.82 -13.42
C ASN C 273 26.58 10.65 -12.83
N ASP C 274 26.65 11.93 -13.23
CA ASP C 274 25.76 12.55 -14.22
C ASP C 274 26.38 12.44 -15.61
N ASN C 275 25.65 11.84 -16.54
CA ASN C 275 26.18 11.62 -17.88
C ASN C 275 26.29 12.92 -18.66
N TYR C 276 27.48 13.18 -19.19
CA TYR C 276 27.74 14.32 -20.07
C TYR C 276 28.49 13.81 -21.28
N PRO C 277 27.78 13.29 -22.28
CA PRO C 277 28.45 12.76 -23.47
C PRO C 277 29.23 13.85 -24.19
N ALA C 278 30.17 13.42 -25.03
CA ALA C 278 30.94 14.36 -25.82
C ALA C 278 29.99 15.19 -26.68
N PRO C 279 30.36 16.45 -26.99
CA PRO C 279 29.46 17.28 -27.80
C PRO C 279 28.99 16.63 -29.09
N LYS C 280 29.86 15.84 -29.73
CA LYS C 280 29.47 15.10 -30.92
C LYS C 280 28.15 14.36 -30.76
N TYR C 281 27.87 13.88 -29.55
CA TYR C 281 26.76 12.95 -29.32
C TYR C 281 25.53 13.62 -28.73
N LYS C 282 25.52 14.95 -28.63
CA LYS C 282 24.33 15.64 -28.14
C LYS C 282 23.21 15.48 -29.15
N GLY C 283 22.16 14.77 -28.78
CA GLY C 283 21.08 14.49 -29.70
C GLY C 283 21.33 13.34 -30.64
N ALA C 284 22.42 12.58 -30.44
CA ALA C 284 22.72 11.48 -31.34
C ALA C 284 21.77 10.30 -31.17
N SER C 285 21.13 10.17 -30.02
CA SER C 285 20.17 9.09 -29.85
C SER C 285 18.77 9.57 -30.22
N PRO C 286 17.92 8.68 -30.72
CA PRO C 286 16.52 9.10 -30.96
C PRO C 286 15.84 9.63 -29.72
N ALA C 287 16.13 9.04 -28.56
CA ALA C 287 15.55 9.54 -27.31
C ALA C 287 15.96 10.97 -27.03
N ALA C 288 17.18 11.36 -27.43
CA ALA C 288 17.68 12.71 -27.21
C ALA C 288 17.73 13.03 -25.71
N MET C 289 18.24 12.09 -24.93
CA MET C 289 18.44 12.28 -23.50
C MET C 289 19.88 11.92 -23.16
N PRO C 290 20.49 12.63 -22.20
CA PRO C 290 21.92 12.39 -21.93
C PRO C 290 22.31 10.93 -21.78
N VAL C 291 21.57 10.16 -20.99
CA VAL C 291 21.98 8.78 -20.74
C VAL C 291 21.91 7.94 -22.00
N ARG C 292 20.96 8.24 -22.90
CA ARG C 292 20.87 7.49 -24.15
C ARG C 292 21.92 7.95 -25.14
N ASP C 293 22.18 9.26 -25.21
CA ASP C 293 23.34 9.73 -25.98
C ASP C 293 24.62 9.06 -25.50
N ALA C 294 24.79 8.97 -24.17
CA ALA C 294 25.98 8.32 -23.63
C ALA C 294 26.08 6.87 -24.10
N MET C 295 24.94 6.18 -24.17
CA MET C 295 24.94 4.79 -24.64
C MET C 295 25.40 4.72 -26.10
N VAL C 296 25.05 5.73 -26.91
CA VAL C 296 25.55 5.77 -28.28
C VAL C 296 27.06 5.95 -28.28
N GLU C 297 27.59 6.80 -27.40
CA GLU C 297 29.04 6.98 -27.33
C GLU C 297 29.74 5.69 -26.92
N VAL C 298 29.15 4.95 -25.97
CA VAL C 298 29.73 3.68 -25.55
C VAL C 298 29.77 2.71 -26.72
N ASP C 299 28.68 2.64 -27.49
CA ASP C 299 28.64 1.72 -28.62
C ASP C 299 29.64 2.12 -29.69
N ASP C 300 29.88 3.41 -29.87
CA ASP C 300 30.84 3.84 -30.88
C ASP C 300 32.28 3.53 -30.46
N ILE C 301 32.59 3.75 -29.17
CA ILE C 301 33.94 3.44 -28.69
C ILE C 301 34.18 1.94 -28.73
N THR C 302 33.16 1.15 -28.41
CA THR C 302 33.28 -0.30 -28.53
C THR C 302 33.66 -0.70 -29.95
N GLY C 303 32.98 -0.11 -30.94
CA GLY C 303 33.31 -0.41 -32.32
C GLY C 303 34.70 0.06 -32.71
N GLU C 304 35.14 1.19 -32.15
CA GLU C 304 36.46 1.72 -32.49
C GLU C 304 37.57 0.77 -32.02
N LEU C 305 37.39 0.17 -30.85
CA LEU C 305 38.41 -0.76 -30.34
C LEU C 305 38.39 -2.07 -31.11
N VAL C 306 37.20 -2.57 -31.46
CA VAL C 306 37.12 -3.77 -32.29
C VAL C 306 37.78 -3.53 -33.64
N ALA C 307 37.55 -2.35 -34.24
CA ALA C 307 38.16 -2.05 -35.52
C ALA C 307 39.68 -1.98 -35.40
N LEU C 308 40.18 -1.39 -34.33
CA LEU C 308 41.63 -1.31 -34.13
C LEU C 308 42.25 -2.69 -34.11
N LEU C 309 41.69 -3.59 -33.28
CA LEU C 309 42.19 -4.96 -33.24
C LEU C 309 42.15 -5.61 -34.61
N LYS C 310 41.05 -5.41 -35.35
CA LYS C 310 40.96 -5.97 -36.70
C LYS C 310 42.05 -5.41 -37.60
N GLU C 311 42.31 -4.10 -37.49
CA GLU C 311 43.32 -3.49 -38.34
C GLU C 311 44.73 -3.94 -37.96
N LYS C 312 44.95 -4.26 -36.68
CA LYS C 312 46.26 -4.72 -36.24
C LYS C 312 46.47 -6.21 -36.45
N GLY C 313 45.45 -6.93 -36.93
CA GLY C 313 45.57 -8.36 -37.10
C GLY C 313 45.64 -9.14 -35.80
N GLN C 314 44.99 -8.64 -34.75
CA GLN C 314 44.96 -9.32 -33.46
C GLN C 314 43.56 -9.72 -33.04
N LEU C 315 42.57 -9.53 -33.91
CA LEU C 315 41.18 -9.85 -33.54
C LEU C 315 41.00 -11.35 -33.32
N GLU C 316 41.64 -12.18 -34.15
CA GLU C 316 41.54 -13.62 -33.98
C GLU C 316 42.21 -14.09 -32.70
N ASN C 317 43.06 -13.27 -32.10
CA ASN C 317 43.83 -13.65 -30.91
C ASN C 317 43.38 -12.90 -29.67
N THR C 318 42.18 -12.33 -29.68
CA THR C 318 41.71 -11.49 -28.58
C THR C 318 40.33 -11.95 -28.13
N LEU C 319 40.24 -12.36 -26.88
CA LEU C 319 38.95 -12.58 -26.23
C LEU C 319 38.39 -11.23 -25.83
N ILE C 320 37.18 -10.91 -26.29
CA ILE C 320 36.52 -9.66 -25.98
C ILE C 320 35.32 -9.97 -25.09
N ILE C 321 35.33 -9.45 -23.87
CA ILE C 321 34.22 -9.58 -22.92
C ILE C 321 33.60 -8.21 -22.76
N PHE C 322 32.29 -8.12 -23.02
CA PHE C 322 31.51 -6.91 -22.80
C PHE C 322 30.52 -7.21 -21.68
N THR C 323 30.61 -6.46 -20.58
CA THR C 323 29.75 -6.69 -19.44
C THR C 323 29.52 -5.38 -18.71
N SER C 324 28.79 -5.47 -17.60
CA SER C 324 28.47 -4.35 -16.74
C SER C 324 28.94 -4.66 -15.33
N ASP C 325 29.08 -3.61 -14.51
CA ASP C 325 29.48 -3.80 -13.12
C ASP C 325 28.28 -3.90 -12.18
N ASN C 326 27.10 -3.49 -12.62
CA ASN C 326 25.87 -3.76 -11.87
C ASN C 326 24.66 -3.22 -12.64
N GLY C 327 23.47 -3.39 -12.08
CA GLY C 327 22.26 -3.01 -12.75
C GLY C 327 22.10 -1.50 -12.82
N PRO C 328 20.99 -1.07 -13.39
CA PRO C 328 20.77 0.37 -13.60
C PRO C 328 20.48 1.11 -12.32
N ASN C 329 20.92 2.37 -12.26
CA ASN C 329 20.72 3.22 -11.11
C ASN C 329 19.41 3.98 -11.31
N GLU C 330 18.30 3.37 -10.89
CA GLU C 330 17.00 4.01 -11.02
C GLU C 330 16.87 5.24 -10.12
N ASP C 331 17.69 5.34 -9.08
CA ASP C 331 17.56 6.47 -8.15
C ASP C 331 17.87 7.79 -8.83
N THR C 332 18.68 7.79 -9.90
CA THR C 332 19.04 9.00 -10.62
C THR C 332 18.22 9.16 -11.90
N TRP C 333 17.02 8.59 -11.95
CA TRP C 333 16.16 8.76 -13.10
C TRP C 333 15.91 10.24 -13.36
N PRO C 334 15.86 10.67 -14.63
CA PRO C 334 15.93 9.93 -15.89
C PRO C 334 17.35 9.70 -16.40
N ASP C 335 18.34 9.86 -15.53
CA ASP C 335 19.73 9.57 -15.89
C ASP C 335 20.08 8.13 -15.52
N SER C 336 19.28 7.21 -16.04
CA SER C 336 19.36 5.81 -15.65
C SER C 336 19.28 4.90 -16.88
N GLY C 337 19.89 3.72 -16.76
CA GLY C 337 19.72 2.68 -17.74
C GLY C 337 18.42 1.92 -17.53
N TYR C 338 18.26 0.87 -18.33
CA TYR C 338 17.02 0.11 -18.36
C TYR C 338 17.31 -1.37 -18.15
N SER C 339 16.44 -2.02 -17.36
CA SER C 339 16.49 -3.46 -17.15
C SER C 339 15.08 -3.96 -16.98
N PRO C 340 14.72 -5.09 -17.60
CA PRO C 340 13.38 -5.64 -17.40
C PRO C 340 13.15 -6.23 -16.02
N TRP C 341 14.20 -6.50 -15.25
CA TRP C 341 14.04 -7.21 -13.99
C TRP C 341 13.64 -6.26 -12.87
N ARG C 342 13.33 -6.84 -11.73
CA ARG C 342 12.88 -6.08 -10.58
C ARG C 342 14.04 -5.37 -9.90
N GLY C 343 13.75 -4.22 -9.31
CA GLY C 343 14.75 -3.51 -8.54
C GLY C 343 15.79 -2.83 -9.42
N GLY C 344 16.99 -2.72 -8.88
CA GLY C 344 18.08 -2.10 -9.61
C GLY C 344 19.33 -2.06 -8.75
N LYS C 345 20.29 -1.24 -9.18
CA LYS C 345 21.50 -1.02 -8.41
C LYS C 345 21.17 -0.84 -6.93
N GLY C 346 21.94 -1.51 -6.07
CA GLY C 346 21.73 -1.43 -4.65
C GLY C 346 20.82 -2.49 -4.07
N THR C 347 20.33 -3.43 -4.88
CA THR C 347 19.51 -4.53 -4.39
C THR C 347 20.02 -5.83 -4.97
N THR C 348 19.66 -6.94 -4.32
CA THR C 348 19.94 -8.27 -4.84
C THR C 348 18.76 -8.85 -5.60
N TRP C 349 17.76 -8.02 -5.93
CA TRP C 349 16.84 -8.39 -6.99
C TRP C 349 17.63 -8.58 -8.28
N GLU C 350 17.05 -9.29 -9.23
CA GLU C 350 17.74 -9.55 -10.49
C GLU C 350 18.10 -8.25 -11.22
N GLY C 351 17.29 -7.21 -11.03
CA GLY C 351 17.62 -5.93 -11.65
C GLY C 351 18.98 -5.40 -11.22
N GLY C 352 19.39 -5.69 -10.00
CA GLY C 352 20.64 -5.17 -9.50
C GLY C 352 21.86 -5.99 -9.87
N VAL C 353 21.69 -7.29 -10.10
CA VAL C 353 22.83 -8.18 -10.25
C VAL C 353 22.82 -8.96 -11.56
N ARG C 354 21.68 -9.15 -12.22
CA ARG C 354 21.64 -9.86 -13.49
C ARG C 354 21.94 -8.87 -14.61
N ILE C 355 23.10 -9.03 -15.25
CA ILE C 355 23.65 -7.99 -16.11
C ILE C 355 24.00 -8.53 -17.49
N PRO C 356 24.25 -7.69 -18.47
CA PRO C 356 24.63 -8.20 -19.79
C PRO C 356 26.04 -8.77 -19.77
N GLY C 357 26.25 -9.76 -20.62
CA GLY C 357 27.55 -10.41 -20.73
C GLY C 357 27.73 -11.02 -22.09
N ILE C 358 28.63 -10.46 -22.88
CA ILE C 358 28.86 -10.90 -24.26
C ILE C 358 30.31 -11.33 -24.38
N ALA C 359 30.52 -12.50 -25.00
CA ALA C 359 31.86 -13.03 -25.24
C ALA C 359 32.05 -13.17 -26.74
N TYR C 360 33.05 -12.49 -27.27
CA TYR C 360 33.35 -12.51 -28.70
C TYR C 360 34.80 -12.90 -28.89
N TRP C 361 35.05 -13.82 -29.83
CA TRP C 361 36.41 -14.29 -30.11
C TRP C 361 36.38 -14.88 -31.52
N LYS C 362 36.69 -14.04 -32.50
CA LYS C 362 36.62 -14.42 -33.91
C LYS C 362 37.43 -15.70 -34.17
N GLY C 363 36.75 -16.72 -34.69
CA GLY C 363 37.37 -17.99 -34.99
C GLY C 363 37.39 -18.97 -33.85
N MET C 364 37.13 -18.52 -32.62
CA MET C 364 37.14 -19.38 -31.44
C MET C 364 35.75 -19.66 -30.90
N ILE C 365 34.92 -18.64 -30.75
CA ILE C 365 33.56 -18.77 -30.23
C ILE C 365 32.61 -18.68 -31.40
N SER C 366 31.81 -19.74 -31.60
CA SER C 366 30.88 -19.78 -32.72
C SER C 366 29.87 -18.65 -32.60
N ALA C 367 29.51 -18.07 -33.74
CA ALA C 367 28.55 -16.97 -33.77
C ALA C 367 27.14 -17.47 -33.51
N GLY C 368 26.31 -16.58 -32.98
CA GLY C 368 24.89 -16.86 -32.84
C GLY C 368 24.49 -17.67 -31.62
N GLN C 369 25.31 -17.67 -30.57
CA GLN C 369 25.00 -18.43 -29.37
C GLN C 369 24.28 -17.56 -28.34
N VAL C 370 23.25 -18.13 -27.73
CA VAL C 370 22.59 -17.54 -26.56
C VAL C 370 22.54 -18.61 -25.49
N ASN C 371 23.22 -18.38 -24.37
CA ASN C 371 23.43 -19.38 -23.35
C ASN C 371 23.01 -18.84 -21.99
N ASN C 372 22.16 -19.60 -21.29
CA ASN C 372 21.63 -19.19 -20.01
C ASN C 372 22.37 -19.82 -18.83
N GLY C 373 23.62 -20.26 -19.04
CA GLY C 373 24.38 -20.84 -17.96
C GLY C 373 24.90 -19.80 -17.00
N LEU C 374 24.99 -20.19 -15.73
CA LEU C 374 25.41 -19.26 -14.69
C LEU C 374 26.84 -18.80 -14.90
N MET C 375 27.08 -17.52 -14.64
CA MET C 375 28.43 -16.98 -14.72
C MET C 375 28.53 -15.75 -13.83
N ASP C 376 29.75 -15.48 -13.36
CA ASP C 376 30.03 -14.46 -12.36
C ASP C 376 31.16 -13.58 -12.85
N LEU C 377 31.21 -12.35 -12.33
CA LEU C 377 32.34 -11.48 -12.64
C LEU C 377 33.65 -12.12 -12.21
N THR C 378 33.66 -12.78 -11.05
CA THR C 378 34.85 -13.50 -10.61
C THR C 378 35.26 -14.58 -11.60
N ASP C 379 34.32 -15.07 -12.41
CA ASP C 379 34.67 -16.06 -13.43
C ASP C 379 35.47 -15.42 -14.56
N ILE C 380 35.24 -14.14 -14.84
CA ILE C 380 36.09 -13.44 -15.80
C ILE C 380 37.51 -13.37 -15.27
N TYR C 381 37.65 -13.10 -13.97
CA TYR C 381 38.95 -13.10 -13.33
C TYR C 381 39.63 -14.46 -13.47
N MET C 382 38.92 -15.54 -13.15
CA MET C 382 39.54 -16.85 -13.11
C MET C 382 39.79 -17.40 -14.52
N THR C 383 38.92 -17.09 -15.47
CA THR C 383 39.18 -17.47 -16.86
C THR C 383 40.41 -16.74 -17.38
N SER C 384 40.55 -15.46 -17.05
CA SER C 384 41.75 -14.71 -17.45
C SER C 384 43.00 -15.41 -16.96
N LEU C 385 43.00 -15.83 -15.69
CA LEU C 385 44.19 -16.48 -15.13
C LEU C 385 44.52 -17.76 -15.88
N ARG C 386 43.50 -18.55 -16.24
CA ARG C 386 43.77 -19.81 -16.94
C ARG C 386 44.27 -19.55 -18.36
N LEU C 387 43.74 -18.52 -19.03
CA LEU C 387 44.20 -18.22 -20.38
C LEU C 387 45.68 -17.86 -20.38
N GLY C 388 46.14 -17.14 -19.36
CA GLY C 388 47.56 -16.86 -19.20
C GLY C 388 48.36 -17.98 -18.60
N GLY C 389 47.70 -18.97 -18.00
CA GLY C 389 48.39 -20.11 -17.44
C GLY C 389 48.96 -19.90 -16.07
N VAL C 390 48.19 -19.29 -15.16
CA VAL C 390 48.74 -18.86 -13.89
C VAL C 390 47.78 -19.12 -12.73
N ILE C 391 46.78 -19.98 -12.93
CA ILE C 391 45.87 -20.29 -11.84
C ILE C 391 46.62 -20.88 -10.66
N ASP C 392 47.66 -21.66 -10.92
CA ASP C 392 48.41 -22.31 -9.84
C ASP C 392 49.19 -21.32 -8.97
N GLU C 393 49.16 -20.03 -9.29
CA GLU C 393 49.92 -19.03 -8.55
C GLU C 393 49.10 -18.34 -7.47
N LEU C 394 47.84 -18.71 -7.30
CA LEU C 394 47.01 -18.06 -6.28
C LEU C 394 47.44 -18.51 -4.89
N PRO C 395 47.37 -17.63 -3.89
CA PRO C 395 47.67 -18.06 -2.52
C PRO C 395 46.72 -19.16 -2.07
N SER C 396 47.22 -20.02 -1.19
CA SER C 396 46.46 -21.15 -0.70
C SER C 396 45.73 -20.87 0.62
N ASN C 397 46.05 -19.77 1.28
CA ASN C 397 45.39 -19.40 2.53
C ASN C 397 44.21 -18.44 2.31
N MET C 398 43.88 -18.13 1.07
CA MET C 398 42.72 -17.31 0.74
C MET C 398 41.74 -18.14 -0.09
N TYR C 399 40.45 -17.91 0.12
CA TYR C 399 39.42 -18.61 -0.62
C TYR C 399 39.04 -17.80 -1.85
N PHE C 400 38.97 -18.45 -3.00
CA PHE C 400 38.69 -17.79 -4.27
C PHE C 400 37.35 -18.30 -4.81
N ASP C 401 36.43 -17.36 -5.05
CA ASP C 401 35.08 -17.70 -5.48
C ASP C 401 34.95 -17.86 -6.99
N GLY C 402 35.97 -17.49 -7.76
CA GLY C 402 35.87 -17.55 -9.20
C GLY C 402 36.09 -18.95 -9.74
N ILE C 403 35.49 -19.22 -10.89
CA ILE C 403 35.58 -20.51 -11.56
C ILE C 403 36.04 -20.27 -12.99
N ASP C 404 37.04 -21.03 -13.42
CA ASP C 404 37.47 -20.97 -14.82
C ASP C 404 36.34 -21.43 -15.73
N GLN C 405 35.91 -20.56 -16.64
CA GLN C 405 34.81 -20.85 -17.54
C GLN C 405 35.27 -21.01 -18.99
N THR C 406 36.57 -21.25 -19.21
CA THR C 406 37.06 -21.45 -20.56
C THR C 406 36.29 -22.56 -21.28
N ALA C 407 36.06 -23.68 -20.57
CA ALA C 407 35.31 -24.78 -21.17
C ALA C 407 33.88 -24.38 -21.47
N PHE C 408 33.34 -23.41 -20.72
CA PHE C 408 31.97 -22.96 -20.94
C PHE C 408 31.88 -22.00 -22.13
N LEU C 409 32.90 -21.15 -22.31
CA LEU C 409 32.82 -20.14 -23.35
C LEU C 409 33.25 -20.66 -24.72
N LEU C 410 34.15 -21.63 -24.76
CA LEU C 410 34.73 -22.09 -26.02
C LEU C 410 34.08 -23.34 -26.58
N ALA C 411 33.05 -23.86 -25.92
CA ALA C 411 32.30 -25.00 -26.42
C ALA C 411 30.98 -24.52 -27.01
N ASP C 412 30.54 -25.17 -28.09
CA ASP C 412 29.27 -24.83 -28.71
C ASP C 412 28.13 -25.23 -27.78
N ASN C 413 27.30 -24.25 -27.41
CA ASN C 413 26.20 -24.45 -26.48
C ASN C 413 26.66 -25.26 -25.26
N GLY C 414 27.79 -24.85 -24.70
CA GLY C 414 28.35 -25.56 -23.58
C GLY C 414 27.59 -25.30 -22.30
N LYS C 415 27.77 -26.23 -21.35
CA LYS C 415 27.17 -26.09 -20.03
C LYS C 415 28.16 -25.39 -19.10
N SER C 416 27.62 -24.59 -18.19
CA SER C 416 28.45 -23.80 -17.30
C SER C 416 29.14 -24.70 -16.28
N ARG C 417 30.30 -24.22 -15.79
CA ARG C 417 30.99 -24.89 -14.70
C ARG C 417 30.58 -24.39 -13.33
N ARG C 418 29.76 -23.32 -13.27
CA ARG C 418 29.30 -22.74 -12.01
C ARG C 418 27.92 -23.30 -11.68
N GLN C 419 27.75 -23.73 -10.43
CA GLN C 419 26.49 -24.33 -9.99
C GLN C 419 25.61 -23.36 -9.22
N VAL C 420 26.20 -22.41 -8.51
CA VAL C 420 25.47 -21.50 -7.64
C VAL C 420 26.05 -20.10 -7.78
N VAL C 421 25.19 -19.09 -7.70
CA VAL C 421 25.59 -17.70 -7.56
C VAL C 421 25.16 -17.24 -6.18
N TYR C 422 26.11 -16.72 -5.40
CA TYR C 422 25.84 -16.20 -4.07
C TYR C 422 25.80 -14.68 -4.11
N MET C 423 24.84 -14.10 -3.38
CA MET C 423 24.53 -12.69 -3.49
C MET C 423 24.64 -12.04 -2.12
N TRP C 424 25.47 -11.01 -2.03
CA TRP C 424 25.72 -10.29 -0.79
C TRP C 424 25.42 -8.81 -0.98
N SER C 425 24.82 -8.19 0.03
CA SER C 425 24.71 -6.74 0.13
C SER C 425 25.77 -6.32 1.15
N ARG C 426 26.97 -6.02 0.65
CA ARG C 426 28.13 -5.81 1.51
C ARG C 426 28.33 -7.01 2.43
N GLU C 427 28.11 -6.83 3.74
CA GLU C 427 28.37 -7.89 4.70
C GLU C 427 27.13 -8.71 5.04
N ASP C 428 26.02 -8.48 4.35
CA ASP C 428 24.79 -9.24 4.56
C ASP C 428 24.61 -10.23 3.41
N PHE C 429 24.48 -11.51 3.74
CA PHE C 429 24.14 -12.51 2.75
C PHE C 429 22.63 -12.53 2.57
N THR C 430 22.17 -12.31 1.33
CA THR C 430 20.76 -12.06 1.09
C THR C 430 20.06 -13.09 0.21
N ALA C 431 20.76 -13.72 -0.72
CA ALA C 431 20.08 -14.62 -1.65
C ALA C 431 21.12 -15.42 -2.42
N LEU C 432 20.63 -16.45 -3.12
CA LEU C 432 21.46 -17.25 -4.01
C LEU C 432 20.60 -17.73 -5.16
N ARG C 433 21.25 -18.03 -6.28
CA ARG C 433 20.60 -18.64 -7.42
C ARG C 433 21.20 -20.01 -7.68
N TRP C 434 20.34 -21.03 -7.73
CA TRP C 434 20.75 -22.40 -8.04
C TRP C 434 19.81 -22.92 -9.12
N LEU C 435 20.39 -23.45 -10.19
CA LEU C 435 19.63 -23.84 -11.38
C LEU C 435 18.93 -22.56 -11.86
N ASP C 436 17.62 -22.58 -12.10
CA ASP C 436 16.88 -21.38 -12.46
C ASP C 436 16.02 -20.87 -11.29
N TYR C 437 16.39 -21.21 -10.06
CA TYR C 437 15.63 -20.84 -8.87
C TYR C 437 16.38 -19.78 -8.09
N LYS C 438 15.67 -18.73 -7.71
CA LYS C 438 16.23 -17.61 -6.96
C LYS C 438 15.65 -17.67 -5.55
N ILE C 439 16.53 -17.87 -4.56
CA ILE C 439 16.11 -18.02 -3.17
C ILE C 439 16.62 -16.81 -2.39
N HIS C 440 15.69 -16.07 -1.78
CA HIS C 440 16.02 -14.89 -0.98
C HIS C 440 15.86 -15.21 0.50
N PHE C 441 16.91 -14.96 1.27
CA PHE C 441 16.83 -15.03 2.73
C PHE C 441 16.67 -13.66 3.37
N LYS C 442 17.06 -12.60 2.68
CA LYS C 442 16.79 -11.22 3.08
C LYS C 442 16.33 -10.47 1.83
N VAL C 443 15.37 -9.58 2.01
CA VAL C 443 14.66 -8.97 0.89
C VAL C 443 14.70 -7.46 1.01
N PHE C 444 15.04 -6.79 -0.09
CA PHE C 444 14.97 -5.34 -0.16
C PHE C 444 13.55 -4.90 -0.47
N ASN C 445 13.01 -4.01 0.36
CA ASN C 445 11.66 -3.47 0.18
C ASN C 445 11.78 -1.97 -0.02
N THR C 446 11.25 -1.48 -1.14
CA THR C 446 11.45 -0.10 -1.58
C THR C 446 10.19 0.72 -1.32
N ALA C 447 10.36 1.85 -0.63
CA ALA C 447 9.23 2.66 -0.20
C ALA C 447 8.81 3.68 -1.25
N VAL C 448 9.74 4.17 -2.06
CA VAL C 448 9.45 5.16 -3.10
C VAL C 448 9.80 4.53 -4.44
N PRO C 449 8.94 4.62 -5.45
CA PRO C 449 9.27 4.02 -6.75
C PRO C 449 10.62 4.52 -7.27
N ARG C 450 11.40 3.59 -7.81
CA ARG C 450 12.73 3.77 -8.39
C ARG C 450 13.82 3.92 -7.33
N ARG C 451 13.48 4.11 -6.06
CA ARG C 451 14.47 4.50 -5.05
C ARG C 451 15.04 3.27 -4.32
N ASN C 452 15.66 2.40 -5.12
CA ASN C 452 16.22 1.17 -4.58
C ASN C 452 17.33 1.45 -3.58
N ILE C 453 18.22 2.38 -3.91
CA ILE C 453 19.36 2.67 -3.04
C ILE C 453 18.94 3.54 -1.87
N ASP C 454 18.17 4.59 -2.14
CA ASP C 454 18.03 5.71 -1.21
C ASP C 454 16.81 5.63 -0.31
N ALA C 455 15.82 4.77 -0.62
CA ALA C 455 14.59 4.71 0.16
C ALA C 455 14.10 3.27 0.27
N SER C 456 14.97 2.39 0.78
CA SER C 456 14.65 0.97 0.88
C SER C 456 14.92 0.47 2.29
N PHE C 457 14.34 -0.69 2.58
CA PHE C 457 14.62 -1.46 3.78
C PHE C 457 15.24 -2.79 3.37
N LEU C 458 16.05 -3.36 4.25
CA LEU C 458 16.53 -4.74 4.12
C LEU C 458 15.85 -5.54 5.24
N LEU C 459 14.91 -6.41 4.87
CA LEU C 459 14.01 -7.03 5.82
C LEU C 459 14.25 -8.53 5.91
N ASP C 460 14.14 -9.07 7.11
CA ASP C 460 14.21 -10.50 7.32
C ASP C 460 12.93 -11.16 6.83
N ILE C 461 13.07 -12.29 6.15
CA ILE C 461 11.93 -13.04 5.64
C ILE C 461 11.22 -13.72 6.82
N GLY C 462 10.07 -14.32 6.54
CA GLY C 462 9.28 -14.97 7.56
C GLY C 462 9.56 -16.44 7.71
N THR C 463 8.51 -17.27 7.59
CA THR C 463 8.66 -18.69 7.87
C THR C 463 9.47 -19.40 6.79
N ALA C 464 9.39 -18.95 5.54
CA ALA C 464 10.11 -19.60 4.46
C ALA C 464 10.87 -18.56 3.64
N PRO C 465 12.09 -18.89 3.19
CA PRO C 465 12.75 -18.01 2.22
C PRO C 465 11.89 -17.83 0.98
N TRP C 466 11.95 -16.63 0.42
CA TRP C 466 11.24 -16.36 -0.84
C TRP C 466 11.92 -17.12 -1.98
N VAL C 467 11.11 -17.79 -2.80
CA VAL C 467 11.60 -18.56 -3.92
C VAL C 467 10.90 -18.08 -5.19
N PHE C 468 11.69 -17.77 -6.21
CA PHE C 468 11.18 -17.41 -7.54
C PHE C 468 11.81 -18.36 -8.55
N ASN C 469 10.97 -19.06 -9.31
CA ASN C 469 11.44 -19.76 -10.50
C ASN C 469 11.66 -18.72 -11.59
N LEU C 470 12.92 -18.39 -11.88
CA LEU C 470 13.21 -17.27 -12.76
C LEU C 470 12.78 -17.52 -14.20
N ASN C 471 12.62 -18.78 -14.60
CA ASN C 471 12.10 -19.05 -15.95
C ASN C 471 10.65 -18.59 -16.08
N MET C 472 9.86 -18.76 -15.01
CA MET C 472 8.44 -18.47 -15.05
C MET C 472 8.09 -17.11 -14.46
N ASP C 473 8.90 -16.61 -13.52
CA ASP C 473 8.67 -15.31 -12.90
C ASP C 473 9.98 -14.53 -12.88
N PRO C 474 10.53 -14.20 -14.06
CA PRO C 474 11.83 -13.52 -14.10
C PRO C 474 11.79 -12.14 -13.46
N LYS C 475 10.64 -11.49 -13.42
CA LYS C 475 10.51 -10.16 -12.81
C LYS C 475 10.25 -10.24 -11.32
N GLU C 476 10.28 -11.44 -10.73
CA GLU C 476 10.15 -11.63 -9.29
C GLU C 476 8.96 -10.87 -8.72
N MET C 477 7.78 -11.16 -9.29
CA MET C 477 6.59 -10.40 -8.93
C MET C 477 5.94 -10.93 -7.66
N ALA C 478 5.93 -12.24 -7.46
CA ALA C 478 5.31 -12.82 -6.28
C ALA C 478 5.97 -14.15 -5.95
N SER C 479 6.51 -14.25 -4.74
CA SER C 479 7.21 -15.46 -4.32
C SER C 479 6.24 -16.59 -4.04
N THR C 480 6.61 -17.80 -4.48
CA THR C 480 5.87 -19.01 -4.16
C THR C 480 6.56 -19.86 -3.10
N GLY C 481 7.74 -19.45 -2.64
CA GLY C 481 8.39 -20.13 -1.54
C GLY C 481 8.47 -21.63 -1.73
N HIS C 482 8.00 -22.36 -0.71
CA HIS C 482 8.11 -23.81 -0.68
C HIS C 482 7.07 -24.52 -1.55
N GLN C 483 6.07 -23.80 -2.05
CA GLN C 483 4.90 -24.45 -2.63
C GLN C 483 5.28 -25.45 -3.72
N TYR C 484 6.17 -25.06 -4.63
CA TYR C 484 6.60 -25.91 -5.73
C TYR C 484 8.06 -26.32 -5.61
N PHE C 485 8.65 -26.16 -4.43
CA PHE C 485 10.10 -26.30 -4.27
C PHE C 485 10.47 -27.05 -3.00
N GLU C 486 9.57 -27.90 -2.50
CA GLU C 486 9.89 -28.67 -1.30
C GLU C 486 11.05 -29.62 -1.53
N TRP C 487 11.17 -30.16 -2.74
CA TRP C 487 12.28 -31.07 -3.04
C TRP C 487 13.61 -30.33 -3.11
N GLY C 488 13.60 -29.03 -3.41
CA GLY C 488 14.82 -28.30 -3.62
C GLY C 488 15.21 -27.36 -2.50
N MET C 489 14.28 -27.09 -1.59
CA MET C 489 14.55 -26.12 -0.53
C MET C 489 15.70 -26.55 0.37
N PRO C 490 15.71 -27.77 0.93
CA PRO C 490 16.85 -28.15 1.77
C PRO C 490 18.20 -28.09 1.06
N GLN C 491 18.23 -28.33 -0.25
CA GLN C 491 19.51 -28.23 -0.96
C GLN C 491 19.98 -26.78 -1.05
N ALA C 492 19.05 -25.85 -1.27
CA ALA C 492 19.41 -24.44 -1.27
C ALA C 492 19.96 -24.02 0.09
N THR C 493 19.36 -24.54 1.16
CA THR C 493 19.87 -24.27 2.51
C THR C 493 21.26 -24.87 2.69
N LYS C 494 21.49 -26.07 2.17
CA LYS C 494 22.82 -26.66 2.24
C LYS C 494 23.85 -25.80 1.52
N PHE C 495 23.48 -25.27 0.34
CA PHE C 495 24.38 -24.38 -0.37
C PHE C 495 24.69 -23.13 0.44
N MET C 496 23.67 -22.57 1.10
CA MET C 496 23.89 -21.39 1.93
C MET C 496 24.85 -21.69 3.06
N LYS C 497 24.58 -22.76 3.81
CA LYS C 497 25.39 -23.05 4.99
C LYS C 497 26.83 -23.39 4.61
N ALA C 498 27.01 -24.17 3.54
CA ALA C 498 28.36 -24.48 3.08
C ALA C 498 29.09 -23.21 2.69
N HIS C 499 28.42 -22.30 1.99
CA HIS C 499 29.03 -21.04 1.59
C HIS C 499 29.55 -20.28 2.80
N ILE C 500 28.70 -20.12 3.82
CA ILE C 500 29.12 -19.39 5.02
C ILE C 500 30.21 -20.15 5.76
N ALA C 501 30.21 -21.48 5.66
CA ALA C 501 31.24 -22.27 6.34
C ALA C 501 32.62 -21.94 5.79
N THR C 502 32.73 -21.71 4.48
CA THR C 502 34.02 -21.37 3.90
C THR C 502 34.59 -20.10 4.50
N MET C 503 33.74 -19.25 5.08
CA MET C 503 34.17 -18.02 5.70
C MET C 503 34.55 -18.19 7.17
N LYS C 504 34.21 -19.34 7.77
CA LYS C 504 34.82 -19.73 9.04
C LYS C 504 36.18 -20.37 8.80
N LYS C 505 36.24 -21.32 7.85
CA LYS C 505 37.50 -21.99 7.55
C LYS C 505 38.55 -20.99 7.05
N TYR C 506 38.14 -20.05 6.21
CA TYR C 506 39.02 -19.00 5.72
C TYR C 506 38.46 -17.66 6.19
N PRO C 507 39.03 -17.06 7.25
CA PRO C 507 38.42 -15.85 7.81
C PRO C 507 38.37 -14.71 6.80
N ASN C 508 37.26 -13.98 6.84
CA ASN C 508 37.12 -12.77 6.04
C ASN C 508 37.99 -11.65 6.62
N THR C 509 38.40 -10.73 5.75
CA THR C 509 39.25 -9.63 6.17
C THR C 509 38.42 -8.54 6.83
N ASP C 510 38.87 -8.09 8.01
CA ASP C 510 38.32 -6.92 8.66
C ASP C 510 39.36 -5.80 8.55
N ILE C 511 39.01 -4.73 7.83
CA ILE C 511 39.91 -3.60 7.65
C ILE C 511 39.62 -2.47 8.62
N GLY C 512 38.62 -2.60 9.48
CA GLY C 512 38.35 -1.62 10.52
C GLY C 512 38.34 -0.18 10.03
N ASN D 12 -31.24 -20.01 -20.20
CA ASN D 12 -31.76 -21.21 -20.84
C ASN D 12 -31.23 -22.47 -20.15
N VAL D 13 -29.92 -22.70 -20.26
CA VAL D 13 -29.30 -23.92 -19.72
C VAL D 13 -29.22 -23.85 -18.21
N PHE D 14 -29.02 -22.65 -17.64
CA PHE D 14 -28.77 -22.53 -16.21
C PHE D 14 -29.99 -22.09 -15.40
N ASN D 15 -30.93 -21.36 -16.01
CA ASN D 15 -31.99 -20.72 -15.26
C ASN D 15 -33.04 -21.76 -14.86
N ASP D 16 -33.17 -21.99 -13.55
CA ASP D 16 -34.19 -22.89 -13.01
C ASP D 16 -35.38 -22.15 -12.44
N ALA D 17 -35.43 -20.82 -12.59
CA ALA D 17 -36.54 -20.04 -12.08
C ALA D 17 -37.66 -19.97 -13.11
N ILE D 18 -38.86 -19.69 -12.62
CA ILE D 18 -40.06 -19.62 -13.46
C ILE D 18 -40.78 -18.31 -13.18
N VAL D 19 -41.35 -17.71 -14.22
CA VAL D 19 -42.11 -16.48 -14.10
C VAL D 19 -43.57 -16.85 -13.81
N GLU D 20 -44.07 -16.46 -12.64
CA GLU D 20 -45.46 -16.72 -12.27
C GLU D 20 -46.31 -15.51 -12.62
N LYS D 21 -46.09 -14.39 -11.95
CA LYS D 21 -46.64 -13.10 -12.35
C LYS D 21 -45.53 -12.21 -12.91
N PRO D 22 -45.83 -11.36 -13.90
CA PRO D 22 -44.75 -10.59 -14.53
C PRO D 22 -44.09 -9.58 -13.62
N ASN D 23 -44.78 -9.09 -12.59
CA ASN D 23 -44.22 -8.09 -11.68
C ASN D 23 -43.58 -8.71 -10.44
N MET D 24 -43.36 -10.02 -10.44
CA MET D 24 -42.82 -10.75 -9.30
C MET D 24 -41.47 -11.36 -9.67
N GLU D 25 -40.51 -11.27 -8.75
CA GLU D 25 -39.24 -11.94 -8.95
C GLU D 25 -39.47 -13.42 -9.24
N PRO D 26 -38.91 -13.96 -10.32
CA PRO D 26 -39.08 -15.40 -10.57
C PRO D 26 -38.45 -16.24 -9.47
N ALA D 27 -39.05 -17.40 -9.22
CA ALA D 27 -38.62 -18.29 -8.16
C ALA D 27 -38.42 -19.69 -8.73
N ILE D 28 -37.58 -20.46 -8.05
CA ILE D 28 -37.34 -21.86 -8.41
C ILE D 28 -38.48 -22.70 -7.85
N PRO D 29 -39.21 -23.45 -8.67
CA PRO D 29 -40.25 -24.32 -8.12
C PRO D 29 -39.66 -25.41 -7.24
N ARG D 30 -40.29 -25.63 -6.09
CA ARG D 30 -39.95 -26.73 -5.18
C ARG D 30 -41.23 -27.51 -4.89
N PRO D 31 -41.74 -28.27 -5.87
CA PRO D 31 -43.09 -28.83 -5.72
C PRO D 31 -43.25 -29.80 -4.56
N GLU D 32 -42.25 -30.66 -4.31
CA GLU D 32 -42.38 -31.61 -3.21
C GLU D 32 -42.25 -30.91 -1.85
N GLN D 33 -41.34 -29.94 -1.75
CA GLN D 33 -41.26 -29.15 -0.52
C GLN D 33 -42.55 -28.38 -0.28
N GLU D 34 -43.15 -27.84 -1.34
CA GLU D 34 -44.41 -27.11 -1.19
C GLU D 34 -45.53 -28.03 -0.73
N LYS D 35 -45.52 -29.29 -1.15
CA LYS D 35 -46.54 -30.23 -0.70
C LYS D 35 -46.39 -30.51 0.80
N VAL D 36 -45.15 -30.61 1.29
CA VAL D 36 -44.93 -30.78 2.71
C VAL D 36 -45.36 -29.54 3.47
N ALA D 37 -45.07 -28.35 2.93
CA ALA D 37 -45.40 -27.12 3.63
C ALA D 37 -46.91 -26.93 3.74
N VAL D 38 -47.65 -27.22 2.67
CA VAL D 38 -49.10 -27.06 2.71
C VAL D 38 -49.71 -28.00 3.73
N SER D 39 -49.16 -29.22 3.85
CA SER D 39 -49.70 -30.18 4.80
C SER D 39 -49.40 -29.76 6.23
N LYS D 40 -48.18 -29.30 6.49
CA LYS D 40 -47.85 -28.85 7.85
C LYS D 40 -48.72 -27.67 8.26
N LEU D 41 -48.89 -26.70 7.38
CA LEU D 41 -49.70 -25.53 7.72
C LEU D 41 -51.17 -25.91 7.90
N LYS D 42 -51.66 -26.86 7.11
CA LYS D 42 -53.04 -27.30 7.24
C LYS D 42 -53.27 -27.98 8.58
N ASN D 43 -52.38 -28.89 8.97
CA ASN D 43 -52.55 -29.60 10.23
C ASN D 43 -52.37 -28.66 11.41
N LEU D 44 -51.46 -27.69 11.31
CA LEU D 44 -51.26 -26.75 12.41
C LEU D 44 -52.52 -25.92 12.65
N GLU D 45 -53.10 -25.38 11.58
CA GLU D 45 -54.29 -24.55 11.74
C GLU D 45 -55.49 -25.36 12.22
N ALA D 46 -55.53 -26.65 11.92
CA ALA D 46 -56.58 -27.49 12.48
C ALA D 46 -56.45 -27.59 13.99
N LYS D 47 -55.23 -27.78 14.49
CA LYS D 47 -55.02 -27.95 15.92
C LYS D 47 -54.98 -26.61 16.66
N GLN D 48 -54.53 -25.55 16.00
CA GLN D 48 -54.40 -24.25 16.65
C GLN D 48 -55.64 -23.39 16.53
N GLY D 49 -56.42 -23.57 15.47
CA GLY D 49 -57.69 -22.89 15.34
C GLY D 49 -57.63 -21.52 14.67
N ARG D 50 -56.47 -21.09 14.21
CA ARG D 50 -56.37 -19.81 13.53
C ARG D 50 -55.03 -19.73 12.80
N LYS D 51 -54.87 -18.67 12.02
CA LYS D 51 -53.64 -18.47 11.27
C LYS D 51 -52.46 -18.34 12.21
N PRO D 52 -51.25 -18.59 11.72
CA PRO D 52 -50.07 -18.55 12.59
C PRO D 52 -49.60 -17.14 12.88
N ASN D 53 -48.91 -17.01 14.01
CA ASN D 53 -48.23 -15.77 14.38
C ASN D 53 -46.85 -15.75 13.74
N VAL D 54 -46.32 -14.54 13.57
CA VAL D 54 -44.94 -14.34 13.14
C VAL D 54 -44.30 -13.30 14.04
N LEU D 55 -43.16 -13.65 14.62
CA LEU D 55 -42.38 -12.75 15.46
C LEU D 55 -41.02 -12.57 14.80
N VAL D 56 -40.74 -11.36 14.33
CA VAL D 56 -39.47 -11.03 13.69
C VAL D 56 -38.61 -10.30 14.72
N LEU D 57 -37.54 -10.96 15.19
CA LEU D 57 -36.57 -10.36 16.08
C LEU D 57 -35.45 -9.78 15.22
N LEU D 58 -35.33 -8.46 15.23
CA LEU D 58 -34.44 -7.74 14.31
C LEU D 58 -33.43 -6.95 15.13
N VAL D 59 -32.18 -7.40 15.11
CA VAL D 59 -31.10 -6.72 15.82
C VAL D 59 -30.41 -5.76 14.86
N ASP D 60 -29.99 -4.61 15.39
CA ASP D 60 -29.40 -3.56 14.58
C ASP D 60 -27.88 -3.75 14.50
N ASP D 61 -27.35 -3.75 13.28
CA ASP D 61 -25.91 -3.80 13.04
C ASP D 61 -25.26 -5.02 13.70
N LEU D 62 -25.95 -6.15 13.66
CA LEU D 62 -25.43 -7.39 14.22
C LEU D 62 -24.69 -8.18 13.13
N GLY D 63 -23.49 -8.64 13.46
CA GLY D 63 -22.68 -9.34 12.49
C GLY D 63 -23.02 -10.81 12.36
N TRP D 64 -22.60 -11.38 11.24
CA TRP D 64 -22.84 -12.80 10.96
C TRP D 64 -22.27 -13.68 12.06
N GLY D 65 -21.11 -13.34 12.59
CA GLY D 65 -20.42 -14.18 13.54
C GLY D 65 -20.67 -13.87 15.00
N ASP D 66 -21.52 -12.88 15.31
CA ASP D 66 -21.70 -12.49 16.71
C ASP D 66 -22.34 -13.59 17.55
N PRO D 67 -23.40 -14.27 17.10
CA PRO D 67 -23.99 -15.33 17.92
C PRO D 67 -23.04 -16.51 18.06
N GLY D 68 -23.18 -17.22 19.18
CA GLY D 68 -22.30 -18.36 19.44
C GLY D 68 -22.39 -19.44 18.37
N VAL D 69 -23.61 -19.76 17.93
CA VAL D 69 -23.77 -20.80 16.92
C VAL D 69 -23.18 -20.43 15.57
N TYR D 70 -22.86 -19.16 15.36
CA TYR D 70 -22.19 -18.72 14.14
C TYR D 70 -20.68 -18.58 14.31
N GLY D 71 -20.13 -19.06 15.43
CA GLY D 71 -18.71 -18.93 15.68
C GLY D 71 -18.32 -17.72 16.50
N GLY D 72 -19.22 -17.19 17.31
CA GLY D 72 -18.92 -16.08 18.17
C GLY D 72 -19.26 -16.39 19.61
N GLY D 73 -20.13 -15.59 20.21
CA GLY D 73 -20.53 -15.84 21.59
C GLY D 73 -19.32 -15.85 22.50
N ALA D 74 -19.05 -17.00 23.11
CA ALA D 74 -17.96 -17.10 24.07
C ALA D 74 -16.61 -16.82 23.45
N ALA D 75 -16.47 -17.00 22.14
CA ALA D 75 -15.20 -16.76 21.47
C ALA D 75 -14.86 -15.27 21.40
N ILE D 76 -15.85 -14.40 21.56
CA ILE D 76 -15.62 -12.96 21.61
C ILE D 76 -16.12 -12.37 22.93
N GLY D 77 -16.32 -13.22 23.94
CA GLY D 77 -16.67 -12.74 25.26
C GLY D 77 -18.07 -12.22 25.41
N ALA D 78 -19.05 -12.86 24.77
CA ALA D 78 -20.46 -12.49 24.92
C ALA D 78 -21.38 -13.65 24.57
N PRO D 79 -21.51 -14.64 25.45
CA PRO D 79 -22.39 -15.78 25.15
C PRO D 79 -23.81 -15.35 24.82
N THR D 80 -24.44 -16.12 23.93
CA THR D 80 -25.82 -15.89 23.51
C THR D 80 -26.59 -17.21 23.60
N PRO D 81 -26.83 -17.69 24.82
CA PRO D 81 -27.47 -19.02 24.96
C PRO D 81 -28.87 -19.10 24.38
N ASN D 82 -29.68 -18.04 24.53
CA ASN D 82 -31.06 -18.12 24.04
C ASN D 82 -31.11 -18.07 22.52
N ILE D 83 -30.25 -17.27 21.89
CA ILE D 83 -30.19 -17.26 20.44
C ILE D 83 -29.61 -18.56 19.91
N ASP D 84 -28.60 -19.11 20.61
CA ASP D 84 -28.05 -20.39 20.22
C ASP D 84 -29.13 -21.48 20.28
N LYS D 85 -29.95 -21.46 21.32
CA LYS D 85 -31.00 -22.48 21.47
C LYS D 85 -32.04 -22.36 20.36
N LEU D 86 -32.34 -21.14 19.91
CA LEU D 86 -33.27 -20.98 18.79
C LEU D 86 -32.72 -21.66 17.54
N ALA D 87 -31.41 -21.54 17.30
CA ALA D 87 -30.81 -22.12 16.11
C ALA D 87 -30.67 -23.63 16.23
N ASN D 88 -30.15 -24.11 17.37
CA ASN D 88 -29.92 -25.54 17.53
C ASN D 88 -31.23 -26.32 17.56
N GLU D 89 -32.30 -25.70 18.03
CA GLU D 89 -33.63 -26.32 18.04
C GLU D 89 -34.46 -25.88 16.85
N GLY D 90 -33.85 -25.22 15.87
CA GLY D 90 -34.56 -24.77 14.68
C GLY D 90 -33.67 -24.84 13.48
N LEU D 91 -33.73 -23.80 12.64
CA LEU D 91 -33.02 -23.76 11.37
C LEU D 91 -32.10 -22.54 11.35
N ARG D 92 -30.82 -22.78 11.08
CA ARG D 92 -29.82 -21.72 10.99
C ARG D 92 -29.45 -21.52 9.53
N LEU D 93 -29.60 -20.29 9.05
CA LEU D 93 -29.33 -19.93 7.66
C LEU D 93 -27.96 -19.28 7.56
N THR D 94 -27.09 -19.86 6.75
CA THR D 94 -25.72 -19.36 6.61
C THR D 94 -25.51 -18.48 5.39
N SER D 95 -26.52 -18.33 4.54
CA SER D 95 -26.45 -17.41 3.40
C SER D 95 -27.70 -16.53 3.39
N MET D 96 -27.91 -15.83 4.50
CA MET D 96 -28.99 -14.86 4.66
C MET D 96 -28.44 -13.47 4.35
N TYR D 97 -29.16 -12.71 3.54
CA TYR D 97 -28.64 -11.46 3.01
C TYR D 97 -29.55 -10.28 3.30
N SER D 98 -28.93 -9.14 3.59
CA SER D 98 -29.60 -7.87 3.85
C SER D 98 -29.09 -6.83 2.85
N GLN D 99 -29.43 -5.57 3.10
CA GLN D 99 -28.83 -4.45 2.41
C GLN D 99 -27.65 -3.92 3.23
N PRO D 100 -26.82 -3.05 2.63
CA PRO D 100 -25.61 -2.61 3.34
C PRO D 100 -25.86 -1.59 4.46
N THR D 101 -27.04 -0.96 4.51
CA THR D 101 -27.31 0.09 5.48
C THR D 101 -28.68 -0.11 6.11
N CYS D 102 -28.92 0.61 7.22
CA CYS D 102 -30.12 0.44 8.02
C CYS D 102 -31.39 0.72 7.22
N THR D 103 -31.57 1.97 6.80
CA THR D 103 -32.80 2.37 6.15
C THR D 103 -33.11 1.47 4.95
N SER D 104 -32.11 1.18 4.13
CA SER D 104 -32.32 0.36 2.96
C SER D 104 -32.83 -1.03 3.33
N SER D 105 -32.21 -1.65 4.34
CA SER D 105 -32.61 -3.00 4.74
C SER D 105 -34.01 -3.01 5.34
N ARG D 106 -34.32 -2.03 6.19
CA ARG D 106 -35.63 -2.01 6.84
C ARG D 106 -36.73 -1.70 5.84
N ALA D 107 -36.44 -0.90 4.82
CA ALA D 107 -37.38 -0.72 3.73
C ALA D 107 -37.66 -2.05 3.03
N ALA D 108 -36.59 -2.78 2.68
CA ALA D 108 -36.76 -4.06 2.03
C ALA D 108 -37.62 -5.01 2.86
N LEU D 109 -37.45 -4.99 4.18
CA LEU D 109 -38.16 -5.92 5.05
C LEU D 109 -39.64 -5.57 5.14
N THR D 110 -40.00 -4.31 4.96
CA THR D 110 -41.39 -3.87 5.10
C THR D 110 -42.03 -3.46 3.79
N THR D 111 -41.39 -3.77 2.66
CA THR D 111 -41.99 -3.48 1.36
C THR D 111 -41.83 -4.60 0.34
N GLY D 112 -40.96 -5.57 0.59
CA GLY D 112 -40.70 -6.62 -0.38
C GLY D 112 -39.94 -6.19 -1.60
N ARG D 113 -39.37 -4.98 -1.59
CA ARG D 113 -38.76 -4.41 -2.78
C ARG D 113 -37.38 -3.87 -2.45
N LEU D 114 -36.43 -4.12 -3.35
CA LEU D 114 -35.13 -3.48 -3.24
C LEU D 114 -35.32 -1.97 -3.13
N PRO D 115 -34.64 -1.29 -2.20
CA PRO D 115 -34.97 0.11 -1.93
C PRO D 115 -34.70 1.07 -3.08
N VAL D 116 -33.86 0.71 -4.05
CA VAL D 116 -33.69 1.58 -5.20
C VAL D 116 -34.99 1.73 -5.98
N ARG D 117 -35.89 0.75 -5.86
CA ARG D 117 -37.19 0.86 -6.53
C ARG D 117 -38.10 1.85 -5.80
N SER D 118 -38.09 1.83 -4.48
CA SER D 118 -39.02 2.62 -3.68
C SER D 118 -38.50 4.02 -3.37
N GLY D 119 -37.21 4.28 -3.55
CA GLY D 119 -36.63 5.53 -3.14
C GLY D 119 -36.23 5.60 -1.68
N LEU D 120 -36.40 4.52 -0.93
CA LEU D 120 -36.11 4.48 0.50
C LEU D 120 -34.67 4.08 0.77
N VAL D 121 -33.72 4.72 0.08
CA VAL D 121 -32.31 4.46 0.32
C VAL D 121 -31.75 5.31 1.45
N ARG D 122 -32.40 6.41 1.79
CA ARG D 122 -32.01 7.27 2.90
C ARG D 122 -33.24 7.59 3.74
N PRO D 123 -33.06 7.85 5.04
CA PRO D 123 -34.19 8.24 5.87
C PRO D 123 -34.62 9.67 5.57
N ILE D 124 -35.91 9.85 5.28
CA ILE D 124 -36.44 11.17 4.98
C ILE D 124 -36.78 11.88 6.29
N LEU D 125 -36.17 13.04 6.50
CA LEU D 125 -36.32 13.78 7.74
C LEU D 125 -37.47 14.78 7.64
N THR D 126 -37.95 15.20 8.81
CA THR D 126 -39.09 16.11 8.88
C THR D 126 -38.85 17.35 8.03
N GLY D 127 -39.57 17.47 6.92
CA GLY D 127 -39.46 18.65 6.09
C GLY D 127 -38.30 18.65 5.12
N ASP D 128 -37.98 17.50 4.53
CA ASP D 128 -36.89 17.40 3.57
C ASP D 128 -37.30 17.80 2.15
N LYS D 129 -38.56 18.20 1.94
CA LYS D 129 -39.00 18.64 0.62
C LYS D 129 -38.79 17.53 -0.40
N VAL D 130 -39.73 16.60 -0.48
CA VAL D 130 -39.69 15.51 -1.44
C VAL D 130 -40.84 15.71 -2.43
N THR D 131 -40.67 15.14 -3.63
CA THR D 131 -41.72 15.22 -4.62
C THR D 131 -43.02 14.56 -4.12
N GLN D 132 -42.89 13.42 -3.46
CA GLN D 132 -44.04 12.72 -2.90
C GLN D 132 -43.55 11.71 -1.88
N ASN D 133 -44.29 11.60 -0.78
CA ASN D 133 -43.97 10.62 0.26
C ASN D 133 -43.96 9.22 -0.35
N PRO D 134 -42.82 8.53 -0.37
CA PRO D 134 -42.78 7.22 -1.04
C PRO D 134 -43.64 6.15 -0.37
N TRP D 135 -43.96 6.31 0.92
CA TRP D 135 -44.77 5.31 1.60
C TRP D 135 -46.23 5.33 1.15
N GLU D 136 -46.66 6.35 0.40
CA GLU D 136 -48.01 6.35 -0.14
C GLU D 136 -48.17 5.32 -1.25
N LYS D 137 -47.08 4.89 -1.87
CA LYS D 137 -47.07 3.90 -2.93
C LYS D 137 -46.74 2.50 -2.42
N GLU D 138 -45.86 2.39 -1.44
CA GLU D 138 -45.43 1.09 -0.93
C GLU D 138 -46.53 0.43 -0.11
N VAL D 139 -46.49 -0.91 -0.06
CA VAL D 139 -47.51 -1.72 0.59
C VAL D 139 -46.79 -2.58 1.64
N SER D 140 -46.92 -2.22 2.91
CA SER D 140 -46.27 -2.98 3.97
C SER D 140 -47.09 -4.22 4.32
N GLN D 141 -46.41 -5.20 4.92
CA GLN D 141 -47.12 -6.40 5.35
C GLN D 141 -48.10 -6.09 6.47
N GLY D 142 -47.83 -5.04 7.25
CA GLY D 142 -48.80 -4.60 8.24
C GLY D 142 -50.15 -4.28 7.61
N LYS D 143 -50.12 -3.54 6.50
CA LYS D 143 -51.36 -3.21 5.81
C LYS D 143 -52.07 -4.47 5.33
N LEU D 144 -51.37 -5.32 4.59
CA LEU D 144 -52.00 -6.49 3.97
C LEU D 144 -52.44 -7.50 5.02
N LEU D 145 -51.60 -7.78 6.02
CA LEU D 145 -51.97 -8.75 7.05
C LEU D 145 -53.10 -8.22 7.92
N SER D 146 -53.15 -6.91 8.17
CA SER D 146 -54.22 -6.36 9.00
C SER D 146 -55.58 -6.57 8.36
N LYS D 147 -55.66 -6.56 7.04
CA LYS D 147 -56.95 -6.71 6.37
C LYS D 147 -57.50 -8.12 6.49
N VAL D 148 -56.69 -9.09 6.92
CA VAL D 148 -57.16 -10.47 7.06
C VAL D 148 -57.12 -10.91 8.51
N GLY D 149 -57.24 -9.96 9.43
CA GLY D 149 -57.46 -10.26 10.83
C GLY D 149 -56.24 -10.24 11.73
N TYR D 150 -55.05 -9.97 11.20
CA TYR D 150 -53.86 -9.91 12.03
C TYR D 150 -53.80 -8.63 12.85
N LYS D 151 -53.30 -8.73 14.08
CA LYS D 151 -52.84 -7.57 14.83
C LYS D 151 -51.38 -7.34 14.46
N THR D 152 -51.09 -6.20 13.83
CA THR D 152 -49.76 -5.92 13.29
C THR D 152 -49.12 -4.78 14.08
N ALA D 153 -47.83 -4.92 14.35
CA ALA D 153 -47.12 -3.90 15.13
C ALA D 153 -45.64 -3.93 14.79
N LEU D 154 -45.03 -2.76 14.86
CA LEU D 154 -43.58 -2.63 14.86
C LEU D 154 -43.21 -1.89 16.14
N ILE D 155 -42.41 -2.54 16.98
CA ILE D 155 -42.01 -2.00 18.26
C ILE D 155 -40.49 -1.87 18.25
N GLY D 156 -39.99 -0.64 18.34
CA GLY D 156 -38.57 -0.38 18.39
C GLY D 156 -38.13 0.58 17.27
N LYS D 157 -36.96 0.31 16.70
CA LYS D 157 -36.35 1.21 15.74
C LYS D 157 -37.05 1.11 14.38
N TRP D 158 -37.26 2.28 13.77
CA TRP D 158 -37.89 2.40 12.46
C TRP D 158 -36.85 2.79 11.42
N HIS D 159 -36.54 4.07 11.35
CA HIS D 159 -35.44 4.57 10.52
C HIS D 159 -35.75 4.49 9.03
N VAL D 160 -37.04 4.58 8.67
CA VAL D 160 -37.43 4.54 7.26
C VAL D 160 -38.28 5.77 6.95
N GLY D 161 -38.03 6.88 7.65
CA GLY D 161 -38.76 8.12 7.39
C GLY D 161 -39.47 8.63 8.62
N GLU D 162 -39.24 9.90 8.95
CA GLU D 162 -39.86 10.55 10.09
C GLU D 162 -40.90 11.59 9.70
N ALA D 163 -41.05 11.90 8.42
CA ALA D 163 -41.94 12.96 8.00
C ALA D 163 -43.39 12.52 8.13
N GLU D 164 -44.31 13.43 7.78
CA GLU D 164 -45.73 13.13 7.86
C GLU D 164 -46.08 11.91 7.02
N GLY D 165 -46.80 10.98 7.63
CA GLY D 165 -47.26 9.80 6.92
C GLY D 165 -46.22 8.73 6.69
N MET D 166 -45.14 8.71 7.47
CA MET D 166 -44.05 7.78 7.26
C MET D 166 -43.80 6.83 8.41
N LEU D 167 -44.50 6.97 9.54
CA LEU D 167 -44.27 6.05 10.64
C LEU D 167 -45.12 4.79 10.47
N PRO D 168 -44.71 3.68 11.10
CA PRO D 168 -45.42 2.41 10.86
C PRO D 168 -46.92 2.46 11.07
N HIS D 169 -47.40 3.08 12.15
CA HIS D 169 -48.84 3.16 12.37
C HIS D 169 -49.54 4.00 11.32
N GLU D 170 -48.78 4.68 10.46
CA GLU D 170 -49.34 5.48 9.38
C GLU D 170 -49.22 4.82 8.01
N VAL D 171 -48.53 3.68 7.92
CA VAL D 171 -48.30 3.01 6.65
C VAL D 171 -48.78 1.57 6.66
N GLY D 172 -49.67 1.21 7.60
CA GLY D 172 -50.30 -0.08 7.56
C GLY D 172 -50.30 -0.86 8.86
N PHE D 173 -49.33 -0.62 9.73
CA PHE D 173 -49.25 -1.33 10.99
C PHE D 173 -50.29 -0.78 11.97
N ASP D 174 -50.87 -1.68 12.78
CA ASP D 174 -51.88 -1.26 13.74
C ASP D 174 -51.28 -0.46 14.88
N TYR D 175 -50.05 -0.79 15.28
CA TYR D 175 -49.45 -0.19 16.47
C TYR D 175 -47.97 0.05 16.24
N PHE D 176 -47.51 1.23 16.64
CA PHE D 176 -46.09 1.57 16.61
C PHE D 176 -45.65 2.07 17.97
N TYR D 177 -44.46 1.65 18.38
CA TYR D 177 -43.84 2.16 19.60
C TYR D 177 -42.33 2.02 19.44
N GLY D 178 -41.62 3.12 19.39
CA GLY D 178 -40.17 3.03 19.35
C GLY D 178 -39.54 4.31 18.80
N LEU D 179 -38.40 4.13 18.12
CA LEU D 179 -37.58 5.23 17.68
C LEU D 179 -37.91 5.59 16.25
N PRO D 180 -38.39 6.80 15.96
CA PRO D 180 -38.54 7.19 14.56
C PRO D 180 -37.23 7.15 13.79
N SER D 181 -36.10 7.44 14.44
CA SER D 181 -34.84 7.48 13.74
C SER D 181 -33.93 6.38 14.23
N VAL D 182 -32.88 6.62 15.01
CA VAL D 182 -31.86 5.64 15.33
C VAL D 182 -31.17 6.07 16.62
N GLN D 183 -30.49 5.10 17.25
CA GLN D 183 -29.87 5.32 18.55
C GLN D 183 -28.91 6.50 18.52
N SER D 184 -28.02 6.56 17.52
CA SER D 184 -27.01 7.61 17.48
C SER D 184 -27.63 8.99 17.33
N ASP D 185 -28.87 9.09 16.85
CA ASP D 185 -29.55 10.37 16.80
C ASP D 185 -29.82 10.90 18.20
N TYR D 186 -30.04 10.01 19.16
CA TYR D 186 -30.26 10.43 20.54
C TYR D 186 -28.94 10.68 21.27
N THR D 187 -27.98 9.76 21.12
CA THR D 187 -26.80 9.78 21.98
C THR D 187 -25.83 10.89 21.62
N GLN D 188 -25.87 11.41 20.40
CA GLN D 188 -25.00 12.53 20.05
C GLN D 188 -25.35 13.77 20.86
N PHE D 189 -26.52 13.81 21.50
CA PHE D 189 -26.90 14.90 22.39
C PHE D 189 -26.80 14.51 23.86
N LEU D 190 -26.24 13.35 24.17
CA LEU D 190 -26.14 12.86 25.54
C LEU D 190 -24.72 12.60 26.01
N VAL D 191 -23.80 12.26 25.10
CA VAL D 191 -22.42 11.96 25.46
C VAL D 191 -21.61 13.21 25.16
N GLU D 192 -21.38 14.02 26.20
CA GLU D 192 -20.82 15.36 26.00
C GLU D 192 -19.41 15.29 25.42
N ARG D 193 -18.54 14.46 26.01
CA ARG D 193 -17.14 14.46 25.61
C ARG D 193 -16.97 13.90 24.20
N GLN D 194 -17.67 12.80 23.89
CA GLN D 194 -17.54 12.18 22.58
C GLN D 194 -17.92 13.14 21.46
N TYR D 195 -18.84 14.06 21.71
CA TYR D 195 -19.35 14.99 20.71
C TYR D 195 -19.12 16.44 21.15
N ALA D 196 -17.97 16.68 21.80
CA ALA D 196 -17.75 17.96 22.45
C ALA D 196 -17.69 19.12 21.48
N ASP D 197 -17.20 18.89 20.26
CA ASP D 197 -17.13 19.97 19.28
C ASP D 197 -18.49 20.61 19.07
N MET D 198 -19.57 19.84 19.21
CA MET D 198 -20.93 20.37 19.13
C MET D 198 -21.55 20.58 20.51
N MET D 199 -21.35 19.65 21.45
CA MET D 199 -22.02 19.75 22.74
C MET D 199 -21.51 20.93 23.55
N THR D 200 -20.19 21.14 23.59
CA THR D 200 -19.61 22.19 24.41
C THR D 200 -19.48 23.52 23.68
N ASN D 201 -19.91 23.59 22.42
CA ASN D 201 -19.98 24.85 21.68
C ASN D 201 -21.39 25.40 21.82
N LYS D 202 -21.54 26.44 22.64
CA LYS D 202 -22.87 26.90 23.02
C LYS D 202 -23.69 27.28 21.79
N GLU D 203 -23.13 28.11 20.91
CA GLU D 203 -23.87 28.53 19.72
C GLU D 203 -24.18 27.35 18.82
N LEU D 204 -23.25 26.40 18.70
CA LEU D 204 -23.47 25.26 17.82
C LEU D 204 -24.42 24.24 18.43
N TYR D 205 -24.37 24.05 19.75
CA TYR D 205 -25.33 23.17 20.40
C TYR D 205 -26.74 23.74 20.33
N THR D 206 -26.87 25.06 20.51
CA THR D 206 -28.19 25.69 20.40
C THR D 206 -28.84 25.37 19.07
N LYS D 207 -28.07 25.42 17.99
CA LYS D 207 -28.62 25.14 16.66
C LYS D 207 -28.96 23.67 16.51
N ALA D 208 -27.99 22.78 16.80
CA ALA D 208 -28.17 21.36 16.52
C ALA D 208 -29.27 20.75 17.39
N SER D 209 -29.38 21.19 18.64
CA SER D 209 -30.34 20.57 19.54
C SER D 209 -31.79 20.89 19.19
N GLN D 210 -32.03 21.80 18.25
CA GLN D 210 -33.40 22.06 17.81
C GLN D 210 -34.00 20.89 17.06
N LEU D 211 -33.16 20.01 16.49
CA LEU D 211 -33.61 18.80 15.83
C LEU D 211 -33.39 17.56 16.70
N ARG D 212 -33.12 17.76 17.97
CA ARG D 212 -32.91 16.64 18.89
C ARG D 212 -34.20 15.83 19.03
N PRO D 213 -34.16 14.50 18.85
CA PRO D 213 -35.36 13.71 19.12
C PRO D 213 -35.72 13.78 20.60
N GLU D 214 -37.02 13.88 20.88
CA GLU D 214 -37.48 14.03 22.25
C GLU D 214 -37.61 12.70 22.98
N GLY D 215 -37.74 11.59 22.26
CA GLY D 215 -37.86 10.30 22.90
C GLY D 215 -38.56 9.31 21.99
N LEU D 216 -39.03 8.23 22.60
CA LEU D 216 -39.74 7.21 21.86
C LEU D 216 -41.14 7.71 21.50
N ILE D 217 -41.60 7.34 20.31
CA ILE D 217 -42.89 7.78 19.79
C ILE D 217 -43.82 6.57 19.74
N LYS D 218 -45.09 6.81 20.05
CA LYS D 218 -46.13 5.79 20.13
C LYS D 218 -47.26 6.20 19.20
N GLY D 219 -47.86 5.21 18.53
CA GLY D 219 -48.92 5.53 17.59
C GLY D 219 -49.81 4.36 17.22
N ARG D 220 -51.12 4.63 17.14
CA ARG D 220 -52.09 3.66 16.68
C ARG D 220 -52.61 4.06 15.31
N LYS D 221 -52.90 3.07 14.48
CA LYS D 221 -53.54 3.30 13.20
C LYS D 221 -54.78 4.16 13.37
N GLY D 222 -54.87 5.24 12.60
CA GLY D 222 -55.96 6.17 12.72
C GLY D 222 -55.84 7.13 13.88
N GLY D 223 -54.70 7.14 14.58
CA GLY D 223 -54.49 8.00 15.72
C GLY D 223 -53.30 8.93 15.51
N LYS D 224 -53.05 9.73 16.55
CA LYS D 224 -52.00 10.72 16.51
C LYS D 224 -50.69 10.15 17.05
N ARG D 225 -49.59 10.82 16.71
CA ARG D 225 -48.31 10.50 17.32
C ARG D 225 -48.29 11.00 18.76
N GLU D 226 -47.61 10.24 19.61
CA GLU D 226 -47.52 10.57 21.03
C GLU D 226 -46.13 10.27 21.54
N VAL D 227 -45.65 11.09 22.47
CA VAL D 227 -44.39 10.84 23.15
C VAL D 227 -44.68 9.91 24.32
N ALA D 228 -44.19 8.67 24.22
CA ALA D 228 -44.50 7.65 25.23
C ALA D 228 -43.35 7.40 26.20
N TYR D 229 -42.14 7.84 25.89
CA TYR D 229 -40.99 7.65 26.78
C TYR D 229 -39.97 8.73 26.47
N PRO D 230 -39.97 9.83 27.25
CA PRO D 230 -38.99 10.90 26.97
C PRO D 230 -37.58 10.48 27.34
N ILE D 231 -36.62 10.90 26.50
CA ILE D 231 -35.22 10.55 26.65
C ILE D 231 -34.44 11.85 26.76
N ASN D 232 -33.96 12.16 27.96
CA ASN D 232 -33.20 13.39 28.19
C ASN D 232 -31.87 13.14 28.90
N SER D 233 -31.50 11.88 29.09
CA SER D 233 -30.27 11.56 29.79
C SER D 233 -29.79 10.18 29.38
N ILE D 234 -28.54 9.87 29.74
CA ILE D 234 -28.01 8.53 29.54
C ILE D 234 -28.81 7.52 30.36
N GLU D 235 -29.21 7.91 31.57
CA GLU D 235 -30.04 7.04 32.40
C GLU D 235 -31.31 6.64 31.66
N ASP D 236 -31.97 7.59 31.00
CA ASP D 236 -33.22 7.29 30.32
C ASP D 236 -33.00 6.32 29.16
N ILE D 237 -32.00 6.59 28.31
CA ILE D 237 -31.81 5.78 27.12
C ILE D 237 -31.25 4.40 27.46
N SER D 238 -30.58 4.25 28.60
CA SER D 238 -30.02 2.95 28.95
C SER D 238 -31.11 1.90 29.16
N MET D 239 -32.35 2.31 29.40
CA MET D 239 -33.47 1.40 29.57
C MET D 239 -34.26 1.22 28.27
N ILE D 240 -33.77 1.74 27.15
CA ILE D 240 -34.57 1.83 25.94
C ILE D 240 -35.07 0.46 25.52
N ASP D 241 -34.20 -0.55 25.54
CA ASP D 241 -34.59 -1.88 25.09
C ASP D 241 -35.38 -2.64 26.15
N GLN D 242 -35.29 -2.24 27.42
CA GLN D 242 -36.19 -2.79 28.43
C GLN D 242 -37.61 -2.25 28.24
N VAL D 243 -37.72 -0.97 27.90
CA VAL D 243 -39.03 -0.39 27.64
C VAL D 243 -39.68 -1.04 26.43
N LEU D 244 -38.90 -1.25 25.36
CA LEU D 244 -39.44 -1.89 24.17
C LEU D 244 -39.87 -3.32 24.47
N ARG D 245 -39.11 -4.02 25.32
CA ARG D 245 -39.51 -5.37 25.72
C ARG D 245 -40.86 -5.35 26.42
N ASP D 246 -41.07 -4.38 27.32
CA ASP D 246 -42.36 -4.28 28.01
C ASP D 246 -43.49 -4.11 27.02
N GLU D 247 -43.29 -3.32 25.96
CA GLU D 247 -44.37 -3.03 25.03
C GLU D 247 -44.70 -4.24 24.17
N SER D 248 -43.68 -4.98 23.72
CA SER D 248 -43.94 -6.21 22.97
C SER D 248 -44.65 -7.25 23.83
N VAL D 249 -44.33 -7.29 25.13
CA VAL D 249 -45.04 -8.20 26.03
C VAL D 249 -46.51 -7.80 26.10
N LYS D 250 -46.78 -6.51 26.30
CA LYS D 250 -48.17 -6.05 26.33
C LYS D 250 -48.88 -6.37 25.02
N PHE D 251 -48.18 -6.21 23.90
CA PHE D 251 -48.82 -6.44 22.60
C PHE D 251 -49.15 -7.91 22.39
N ILE D 252 -48.22 -8.80 22.73
CA ILE D 252 -48.46 -10.23 22.56
C ILE D 252 -49.57 -10.70 23.50
N ASN D 253 -49.52 -10.27 24.77
CA ASN D 253 -50.59 -10.63 25.69
C ASN D 253 -51.94 -10.16 25.17
N GLN D 254 -52.00 -8.94 24.62
CA GLN D 254 -53.27 -8.40 24.15
C GLN D 254 -53.80 -9.20 22.97
N ALA D 255 -52.91 -9.66 22.09
CA ALA D 255 -53.34 -10.41 20.92
C ALA D 255 -53.80 -11.81 21.31
N VAL D 256 -53.08 -12.45 22.23
CA VAL D 256 -53.45 -13.80 22.64
C VAL D 256 -54.77 -13.80 23.41
N ASP D 257 -54.99 -12.77 24.24
CA ASP D 257 -56.24 -12.69 25.00
C ASP D 257 -57.43 -12.36 24.11
N GLU D 258 -57.20 -11.64 23.01
CA GLU D 258 -58.24 -11.37 22.04
C GLU D 258 -58.39 -12.48 21.01
N GLY D 259 -57.55 -13.50 21.06
CA GLY D 259 -57.66 -14.61 20.14
C GLY D 259 -57.29 -14.30 18.71
N LYS D 260 -56.54 -13.23 18.48
CA LYS D 260 -56.22 -12.83 17.12
C LYS D 260 -54.76 -13.14 16.79
N PRO D 261 -54.47 -13.61 15.58
CA PRO D 261 -53.07 -13.79 15.20
C PRO D 261 -52.35 -12.46 15.16
N PHE D 262 -51.08 -12.47 15.55
CA PHE D 262 -50.29 -11.25 15.64
C PHE D 262 -49.07 -11.33 14.75
N TYR D 263 -48.73 -10.20 14.15
CA TYR D 263 -47.49 -10.03 13.39
C TYR D 263 -46.71 -8.91 14.07
N LEU D 264 -45.57 -9.23 14.64
CA LEU D 264 -44.79 -8.28 15.43
C LEU D 264 -43.36 -8.25 14.91
N ILE D 265 -42.91 -7.06 14.54
CA ILE D 265 -41.49 -6.81 14.28
C ILE D 265 -40.93 -6.14 15.53
N HIS D 266 -40.16 -6.88 16.31
CA HIS D 266 -39.44 -6.31 17.44
C HIS D 266 -38.06 -5.87 16.96
N SER D 267 -37.88 -4.56 16.82
CA SER D 267 -36.68 -3.98 16.23
C SER D 267 -35.82 -3.40 17.36
N PHE D 268 -34.85 -4.18 17.82
CA PHE D 268 -33.96 -3.71 18.86
C PHE D 268 -33.28 -2.42 18.43
N SER D 269 -33.04 -1.53 19.41
CA SER D 269 -32.12 -0.42 19.19
C SER D 269 -30.69 -0.92 19.17
N LYS D 270 -30.37 -1.90 20.02
CA LYS D 270 -29.06 -2.51 20.02
C LYS D 270 -28.86 -3.34 18.75
N ILE D 271 -27.60 -3.46 18.29
CA ILE D 271 -26.43 -2.94 18.96
C ILE D 271 -25.86 -1.71 18.26
N HIS D 272 -26.74 -0.82 17.82
CA HIS D 272 -26.30 0.40 17.17
C HIS D 272 -25.59 1.30 18.19
N ASN D 273 -24.58 2.03 17.73
CA ASN D 273 -23.90 2.98 18.59
C ASN D 273 -24.79 4.18 18.87
N ASP D 274 -24.64 4.79 20.05
CA ASP D 274 -23.73 4.36 21.11
C ASP D 274 -24.48 3.43 22.06
N ASN D 275 -23.90 2.27 22.34
CA ASN D 275 -24.59 1.25 23.13
C ASN D 275 -24.51 1.59 24.62
N TYR D 276 -25.68 1.74 25.25
CA TYR D 276 -25.79 1.93 26.69
C TYR D 276 -26.76 0.89 27.22
N PRO D 277 -26.28 -0.29 27.60
CA PRO D 277 -27.17 -1.32 28.13
C PRO D 277 -27.75 -0.91 29.48
N ALA D 278 -28.78 -1.65 29.89
CA ALA D 278 -29.40 -1.40 31.18
C ALA D 278 -28.37 -1.53 32.29
N PRO D 279 -28.54 -0.80 33.39
CA PRO D 279 -27.55 -0.87 34.48
C PRO D 279 -27.24 -2.27 34.96
N LYS D 280 -28.23 -3.17 34.97
CA LYS D 280 -28.02 -4.52 35.48
C LYS D 280 -27.13 -5.37 34.59
N TYR D 281 -26.83 -4.91 33.37
CA TYR D 281 -25.98 -5.65 32.44
C TYR D 281 -24.57 -5.09 32.35
N LYS D 282 -24.27 -3.99 33.07
CA LYS D 282 -22.93 -3.43 33.07
C LYS D 282 -21.93 -4.47 33.53
N GLY D 283 -21.04 -4.88 32.65
CA GLY D 283 -20.07 -5.91 32.97
C GLY D 283 -20.60 -7.33 32.96
N ALA D 284 -21.82 -7.54 32.45
CA ALA D 284 -22.41 -8.87 32.47
C ALA D 284 -21.75 -9.82 31.48
N SER D 285 -21.10 -9.31 30.46
CA SER D 285 -20.38 -10.18 29.55
C SER D 285 -18.94 -10.39 30.05
N PRO D 286 -18.31 -11.50 29.69
CA PRO D 286 -16.89 -11.67 30.06
C PRO D 286 -16.00 -10.58 29.49
N ALA D 287 -16.32 -10.06 28.31
CA ALA D 287 -15.51 -9.00 27.72
C ALA D 287 -15.63 -7.70 28.49
N ALA D 288 -16.76 -7.47 29.15
CA ALA D 288 -16.98 -6.26 29.94
C ALA D 288 -16.81 -5.00 29.09
N MET D 289 -17.47 -5.00 27.94
CA MET D 289 -17.48 -3.84 27.05
C MET D 289 -18.92 -3.53 26.67
N PRO D 290 -19.26 -2.25 26.49
CA PRO D 290 -20.66 -1.88 26.25
C PRO D 290 -21.35 -2.67 25.17
N VAL D 291 -20.67 -2.92 24.03
CA VAL D 291 -21.34 -3.58 22.93
C VAL D 291 -21.54 -5.07 23.21
N ARG D 292 -20.68 -5.67 24.03
CA ARG D 292 -20.87 -7.08 24.39
C ARG D 292 -21.90 -7.22 25.50
N ASP D 293 -21.93 -6.28 26.44
CA ASP D 293 -23.02 -6.25 27.42
C ASP D 293 -24.37 -6.10 26.72
N ALA D 294 -24.43 -5.24 25.70
CA ALA D 294 -25.66 -5.07 24.94
C ALA D 294 -26.06 -6.37 24.26
N MET D 295 -25.08 -7.15 23.81
CA MET D 295 -25.38 -8.45 23.21
C MET D 295 -26.04 -9.37 24.23
N VAL D 296 -25.63 -9.29 25.49
CA VAL D 296 -26.24 -10.11 26.53
C VAL D 296 -27.68 -9.66 26.78
N GLU D 297 -27.93 -8.35 26.79
CA GLU D 297 -29.29 -7.85 26.97
C GLU D 297 -30.19 -8.34 25.84
N VAL D 298 -29.73 -8.22 24.60
CA VAL D 298 -30.51 -8.70 23.47
C VAL D 298 -30.84 -10.18 23.63
N ASP D 299 -29.85 -10.98 24.04
CA ASP D 299 -30.09 -12.41 24.20
C ASP D 299 -31.14 -12.68 25.28
N ASP D 300 -31.08 -11.93 26.38
CA ASP D 300 -32.04 -12.16 27.46
C ASP D 300 -33.46 -11.78 27.03
N ILE D 301 -33.59 -10.65 26.33
CA ILE D 301 -34.91 -10.23 25.86
C ILE D 301 -35.47 -11.25 24.88
N THR D 302 -34.61 -11.77 24.01
CA THR D 302 -35.04 -12.85 23.11
C THR D 302 -35.59 -14.02 23.90
N GLY D 303 -34.88 -14.43 24.95
CA GLY D 303 -35.36 -15.54 25.77
C GLY D 303 -36.66 -15.21 26.49
N GLU D 304 -36.82 -13.95 26.91
CA GLU D 304 -38.04 -13.55 27.61
C GLU D 304 -39.25 -13.64 26.68
N LEU D 305 -39.12 -13.19 25.44
CA LEU D 305 -40.24 -13.24 24.52
C LEU D 305 -40.59 -14.67 24.14
N VAL D 306 -39.58 -15.53 23.97
CA VAL D 306 -39.84 -16.94 23.70
C VAL D 306 -40.59 -17.57 24.87
N ALA D 307 -40.16 -17.25 26.10
CA ALA D 307 -40.83 -17.82 27.28
C ALA D 307 -42.24 -17.30 27.44
N LEU D 308 -42.50 -16.06 27.03
CA LEU D 308 -43.87 -15.54 27.07
C LEU D 308 -44.78 -16.34 26.14
N LEU D 309 -44.36 -16.48 24.88
CA LEU D 309 -45.16 -17.26 23.94
C LEU D 309 -45.43 -18.67 24.44
N LYS D 310 -44.41 -19.30 25.05
CA LYS D 310 -44.62 -20.64 25.61
C LYS D 310 -45.60 -20.60 26.77
N GLU D 311 -45.53 -19.55 27.60
CA GLU D 311 -46.40 -19.48 28.77
C GLU D 311 -47.84 -19.18 28.39
N LYS D 312 -48.06 -18.49 27.27
CA LYS D 312 -49.40 -18.18 26.80
C LYS D 312 -49.98 -19.27 25.91
N GLY D 313 -49.19 -20.30 25.58
CA GLY D 313 -49.67 -21.39 24.76
C GLY D 313 -49.66 -21.14 23.28
N GLN D 314 -48.85 -20.19 22.80
CA GLN D 314 -48.82 -19.85 21.38
C GLN D 314 -47.47 -20.14 20.72
N LEU D 315 -46.57 -20.85 21.40
CA LEU D 315 -45.24 -21.07 20.83
C LEU D 315 -45.31 -21.92 19.58
N GLU D 316 -46.14 -22.96 19.58
CA GLU D 316 -46.21 -23.87 18.44
C GLU D 316 -46.93 -23.25 17.24
N ASN D 317 -47.59 -22.11 17.43
CA ASN D 317 -48.27 -21.41 16.35
C ASN D 317 -47.56 -20.12 15.95
N THR D 318 -46.29 -19.98 16.33
CA THR D 318 -45.54 -18.75 16.09
C THR D 318 -44.25 -19.06 15.36
N LEU D 319 -44.11 -18.53 14.16
CA LEU D 319 -42.83 -18.54 13.45
C LEU D 319 -41.97 -17.42 14.03
N ILE D 320 -40.78 -17.78 14.53
CA ILE D 320 -39.85 -16.82 15.09
C ILE D 320 -38.69 -16.67 14.11
N ILE D 321 -38.47 -15.44 13.64
CA ILE D 321 -37.34 -15.11 12.78
C ILE D 321 -36.40 -14.23 13.59
N PHE D 322 -35.14 -14.63 13.70
CA PHE D 322 -34.08 -13.84 14.32
C PHE D 322 -33.08 -13.47 13.22
N THR D 323 -32.82 -12.18 13.06
CA THR D 323 -31.95 -11.73 11.98
C THR D 323 -31.45 -10.32 12.29
N SER D 324 -30.62 -9.81 11.39
CA SER D 324 -30.02 -8.49 11.50
C SER D 324 -30.39 -7.66 10.28
N ASP D 325 -30.29 -6.34 10.41
CA ASP D 325 -30.61 -5.46 9.29
C ASP D 325 -29.38 -5.13 8.44
N ASN D 326 -28.18 -5.39 8.96
CA ASN D 326 -26.96 -5.28 8.15
C ASN D 326 -25.74 -5.70 8.97
N GLY D 327 -24.56 -5.66 8.35
CA GLY D 327 -23.37 -6.13 8.99
C GLY D 327 -22.86 -5.18 10.05
N PRO D 328 -21.76 -5.56 10.69
CA PRO D 328 -21.25 -4.77 11.83
C PRO D 328 -20.72 -3.42 11.38
N ASN D 329 -20.88 -2.43 12.27
CA ASN D 329 -20.43 -1.06 12.03
C ASN D 329 -19.04 -0.89 12.62
N GLU D 330 -18.04 -1.37 11.88
CA GLU D 330 -16.66 -1.27 12.32
C GLU D 330 -16.20 0.17 12.49
N ASP D 331 -16.85 1.12 11.80
CA ASP D 331 -16.41 2.51 11.90
C ASP D 331 -16.50 3.03 13.32
N THR D 332 -17.43 2.50 14.12
CA THR D 332 -17.62 2.95 15.50
C THR D 332 -16.87 2.07 16.50
N TRP D 333 -15.92 1.28 16.03
CA TRP D 333 -15.11 0.44 16.91
C TRP D 333 -14.55 1.29 18.06
N PRO D 334 -14.48 0.74 19.29
CA PRO D 334 -14.81 -0.63 19.71
C PRO D 334 -16.29 -0.85 20.05
N ASP D 335 -17.16 0.03 19.58
CA ASP D 335 -18.60 -0.12 19.77
C ASP D 335 -19.22 -0.79 18.55
N SER D 336 -18.78 -2.01 18.28
CA SER D 336 -19.13 -2.69 17.04
C SER D 336 -19.25 -4.19 17.26
N GLY D 337 -20.11 -4.80 16.46
CA GLY D 337 -20.24 -6.24 16.42
C GLY D 337 -19.07 -6.86 15.67
N TYR D 338 -19.21 -8.16 15.40
CA TYR D 338 -18.17 -8.96 14.79
C TYR D 338 -18.72 -9.78 13.64
N SER D 339 -17.95 -9.84 12.56
CA SER D 339 -18.25 -10.71 11.43
C SER D 339 -16.94 -11.25 10.87
N PRO D 340 -16.89 -12.53 10.52
CA PRO D 340 -15.66 -13.07 9.93
C PRO D 340 -15.39 -12.57 8.52
N TRP D 341 -16.40 -12.02 7.84
CA TRP D 341 -16.27 -11.70 6.44
C TRP D 341 -15.58 -10.34 6.25
N ARG D 342 -15.23 -10.06 5.01
CA ARG D 342 -14.53 -8.83 4.67
C ARG D 342 -15.46 -7.63 4.74
N GLY D 343 -14.89 -6.48 5.12
CA GLY D 343 -15.66 -5.26 5.13
C GLY D 343 -16.64 -5.21 6.28
N GLY D 344 -17.78 -4.56 6.02
CA GLY D 344 -18.79 -4.41 7.05
C GLY D 344 -19.90 -3.48 6.56
N LYS D 345 -20.67 -2.98 7.52
CA LYS D 345 -21.76 -2.06 7.21
C LYS D 345 -21.29 -0.97 6.25
N GLY D 346 -22.11 -0.69 5.24
CA GLY D 346 -21.80 0.33 4.27
C GLY D 346 -21.09 -0.14 3.03
N THR D 347 -20.88 -1.45 2.88
CA THR D 347 -20.27 -2.01 1.68
C THR D 347 -21.08 -3.23 1.26
N THR D 348 -20.88 -3.63 0.00
CA THR D 348 -21.47 -4.86 -0.52
C THR D 348 -20.50 -6.03 -0.45
N TRP D 349 -19.37 -5.88 0.25
CA TRP D 349 -18.64 -7.05 0.71
C TRP D 349 -19.57 -7.90 1.57
N GLU D 350 -19.25 -9.20 1.66
CA GLU D 350 -20.09 -10.10 2.44
C GLU D 350 -20.22 -9.62 3.88
N GLY D 351 -19.21 -8.93 4.41
CA GLY D 351 -19.29 -8.46 5.79
C GLY D 351 -20.43 -7.51 6.04
N GLY D 352 -20.88 -6.81 5.00
CA GLY D 352 -21.92 -5.82 5.17
C GLY D 352 -23.32 -6.35 4.91
N VAL D 353 -23.44 -7.40 4.10
CA VAL D 353 -24.74 -7.88 3.65
C VAL D 353 -25.03 -9.31 4.05
N ARG D 354 -24.02 -10.15 4.31
CA ARG D 354 -24.26 -11.53 4.74
C ARG D 354 -24.46 -11.52 6.25
N ILE D 355 -25.68 -11.80 6.69
CA ILE D 355 -26.10 -11.53 8.06
C ILE D 355 -26.64 -12.82 8.68
N PRO D 356 -26.77 -12.84 10.00
CA PRO D 356 -27.34 -14.03 10.65
C PRO D 356 -28.83 -14.13 10.40
N GLY D 357 -29.30 -15.37 10.28
CA GLY D 357 -30.71 -15.63 10.04
C GLY D 357 -31.13 -16.97 10.60
N ILE D 358 -32.00 -16.93 11.60
CA ILE D 358 -32.45 -18.14 12.31
C ILE D 358 -33.97 -18.19 12.23
N ALA D 359 -34.50 -19.37 11.91
CA ALA D 359 -35.93 -19.61 11.82
C ALA D 359 -36.29 -20.72 12.79
N TYR D 360 -37.15 -20.41 13.77
CA TYR D 360 -37.58 -21.36 14.78
C TYR D 360 -39.09 -21.47 14.75
N TRP D 361 -39.59 -22.70 14.76
CA TRP D 361 -41.04 -22.93 14.75
C TRP D 361 -41.27 -24.32 15.36
N LYS D 362 -41.51 -24.33 16.67
CA LYS D 362 -41.64 -25.58 17.41
C LYS D 362 -42.73 -26.45 16.80
N GLY D 363 -42.34 -27.64 16.35
CA GLY D 363 -43.27 -28.58 15.76
C GLY D 363 -43.44 -28.45 14.27
N MET D 364 -42.89 -27.39 13.66
CA MET D 364 -42.98 -27.15 12.23
C MET D 364 -41.64 -27.25 11.53
N ILE D 365 -40.60 -26.67 12.11
CA ILE D 365 -39.25 -26.69 11.55
C ILE D 365 -38.41 -27.64 12.39
N SER D 366 -37.91 -28.70 11.76
CA SER D 366 -37.13 -29.70 12.48
C SER D 366 -35.87 -29.08 13.08
N ALA D 367 -35.46 -29.63 14.22
CA ALA D 367 -34.37 -29.05 14.98
C ALA D 367 -33.00 -29.45 14.42
N GLY D 368 -32.03 -28.55 14.59
CA GLY D 368 -30.66 -28.85 14.24
C GLY D 368 -30.32 -28.72 12.78
N GLN D 369 -31.07 -27.94 12.02
CA GLN D 369 -30.79 -27.75 10.61
C GLN D 369 -29.84 -26.58 10.39
N VAL D 370 -28.90 -26.76 9.47
CA VAL D 370 -28.04 -25.68 8.98
C VAL D 370 -28.12 -25.71 7.45
N ASN D 371 -28.63 -24.62 6.87
CA ASN D 371 -28.93 -24.58 5.45
C ASN D 371 -28.27 -23.36 4.82
N ASN D 372 -27.54 -23.57 3.73
CA ASN D 372 -26.80 -22.51 3.06
C ASN D 372 -27.54 -21.97 1.83
N GLY D 373 -28.84 -22.20 1.73
CA GLY D 373 -29.59 -21.71 0.58
C GLY D 373 -29.80 -20.22 0.64
N LEU D 374 -29.91 -19.61 -0.54
CA LEU D 374 -30.00 -18.16 -0.63
C LEU D 374 -31.31 -17.66 -0.04
N MET D 375 -31.22 -16.62 0.78
CA MET D 375 -32.36 -16.06 1.50
C MET D 375 -32.15 -14.55 1.60
N ASP D 376 -33.25 -13.81 1.61
CA ASP D 376 -33.21 -12.35 1.54
C ASP D 376 -34.20 -11.76 2.53
N LEU D 377 -33.91 -10.54 3.00
CA LEU D 377 -34.85 -9.86 3.87
C LEU D 377 -36.19 -9.63 3.19
N THR D 378 -36.19 -9.39 1.88
CA THR D 378 -37.46 -9.25 1.16
C THR D 378 -38.23 -10.56 1.14
N ASP D 379 -37.55 -11.70 1.36
CA ASP D 379 -38.25 -12.98 1.42
C ASP D 379 -39.03 -13.12 2.72
N ILE D 380 -38.55 -12.52 3.80
CA ILE D 380 -39.32 -12.51 5.05
C ILE D 380 -40.66 -11.82 4.83
N TYR D 381 -40.63 -10.68 4.14
CA TYR D 381 -41.87 -9.99 3.78
C TYR D 381 -42.79 -10.89 2.99
N MET D 382 -42.28 -11.51 1.92
CA MET D 382 -43.14 -12.27 1.03
C MET D 382 -43.60 -13.57 1.68
N THR D 383 -42.72 -14.22 2.45
CA THR D 383 -43.13 -15.39 3.21
C THR D 383 -44.23 -15.03 4.20
N SER D 384 -44.08 -13.90 4.90
CA SER D 384 -45.12 -13.45 5.81
C SER D 384 -46.46 -13.34 5.11
N LEU D 385 -46.48 -12.73 3.93
CA LEU D 385 -47.75 -12.56 3.20
C LEU D 385 -48.37 -13.92 2.88
N ARG D 386 -47.56 -14.91 2.50
CA ARG D 386 -48.09 -16.23 2.22
C ARG D 386 -48.71 -16.86 3.47
N LEU D 387 -47.97 -16.82 4.58
CA LEU D 387 -48.47 -17.44 5.81
C LEU D 387 -49.82 -16.87 6.21
N GLY D 388 -49.99 -15.55 6.09
CA GLY D 388 -51.28 -14.93 6.36
C GLY D 388 -52.30 -15.08 5.24
N GLY D 389 -51.88 -15.61 4.10
CA GLY D 389 -52.77 -15.78 2.97
C GLY D 389 -53.20 -14.49 2.31
N VAL D 390 -52.24 -13.67 1.87
CA VAL D 390 -52.57 -12.38 1.29
C VAL D 390 -51.61 -11.96 0.18
N ILE D 391 -50.92 -12.93 -0.42
CA ILE D 391 -49.99 -12.56 -1.50
C ILE D 391 -50.77 -11.99 -2.69
N ASP D 392 -51.96 -12.55 -2.96
CA ASP D 392 -52.77 -12.17 -4.11
C ASP D 392 -53.31 -10.73 -4.03
N GLU D 393 -52.92 -9.95 -3.02
CA GLU D 393 -53.37 -8.57 -2.87
C GLU D 393 -52.29 -7.56 -3.24
N LEU D 394 -51.23 -7.99 -3.94
CA LEU D 394 -50.15 -7.06 -4.26
C LEU D 394 -50.50 -6.25 -5.50
N PRO D 395 -50.17 -4.95 -5.53
CA PRO D 395 -50.37 -4.17 -6.75
C PRO D 395 -49.65 -4.80 -7.94
N SER D 396 -50.10 -4.44 -9.14
CA SER D 396 -49.52 -4.98 -10.36
C SER D 396 -48.71 -3.96 -11.14
N ASN D 397 -48.49 -2.76 -10.59
CA ASN D 397 -47.65 -1.77 -11.23
C ASN D 397 -46.27 -1.66 -10.62
N MET D 398 -46.01 -2.36 -9.52
CA MET D 398 -44.71 -2.35 -8.86
C MET D 398 -44.07 -3.73 -8.98
N TYR D 399 -42.76 -3.74 -9.22
CA TYR D 399 -42.00 -4.99 -9.21
C TYR D 399 -41.62 -5.32 -7.77
N PHE D 400 -41.88 -6.56 -7.36
CA PHE D 400 -41.54 -7.05 -6.03
C PHE D 400 -40.39 -8.04 -6.13
N ASP D 401 -39.34 -7.79 -5.36
CA ASP D 401 -38.14 -8.63 -5.38
C ASP D 401 -38.23 -9.81 -4.42
N GLY D 402 -39.15 -9.78 -3.47
CA GLY D 402 -39.23 -10.84 -2.48
C GLY D 402 -39.84 -12.11 -3.04
N ILE D 403 -39.43 -13.24 -2.45
CA ILE D 403 -39.87 -14.57 -2.88
C ILE D 403 -40.40 -15.30 -1.66
N ASP D 404 -41.56 -15.94 -1.80
CA ASP D 404 -42.10 -16.78 -0.74
C ASP D 404 -41.19 -17.97 -0.51
N GLN D 405 -40.66 -18.09 0.70
CA GLN D 405 -39.73 -19.15 1.07
C GLN D 405 -40.35 -20.17 2.02
N THR D 406 -41.69 -20.22 2.08
CA THR D 406 -42.34 -21.16 2.99
C THR D 406 -41.92 -22.60 2.71
N ALA D 407 -41.81 -22.96 1.42
CA ALA D 407 -41.37 -24.30 1.07
C ALA D 407 -39.92 -24.55 1.45
N PHE D 408 -39.13 -23.49 1.59
CA PHE D 408 -37.72 -23.64 1.95
C PHE D 408 -37.55 -23.77 3.46
N LEU D 409 -38.32 -23.00 4.23
CA LEU D 409 -38.16 -23.00 5.68
C LEU D 409 -38.85 -24.19 6.34
N LEU D 410 -39.90 -24.74 5.71
CA LEU D 410 -40.68 -25.82 6.32
C LEU D 410 -40.31 -27.20 5.80
N ALA D 411 -39.35 -27.30 4.88
CA ALA D 411 -38.88 -28.58 4.38
C ALA D 411 -37.60 -28.99 5.10
N ASP D 412 -37.44 -30.29 5.31
CA ASP D 412 -36.21 -30.80 5.93
C ASP D 412 -35.06 -30.67 4.95
N ASN D 413 -34.05 -29.88 5.31
CA ASN D 413 -32.92 -29.60 4.44
C ASN D 413 -33.40 -29.22 3.05
N GLY D 414 -34.40 -28.34 3.03
CA GLY D 414 -34.99 -27.93 1.75
C GLY D 414 -34.09 -26.99 0.97
N LYS D 415 -34.28 -26.99 -0.33
CA LYS D 415 -33.58 -26.09 -1.22
C LYS D 415 -34.34 -24.78 -1.36
N SER D 416 -33.58 -23.71 -1.61
CA SER D 416 -34.16 -22.38 -1.68
C SER D 416 -34.91 -22.17 -2.99
N ARG D 417 -35.86 -21.23 -2.96
CA ARG D 417 -36.57 -20.81 -4.15
C ARG D 417 -35.92 -19.59 -4.80
N ARG D 418 -34.86 -19.06 -4.20
CA ARG D 418 -34.15 -17.89 -4.72
C ARG D 418 -32.91 -18.32 -5.48
N GLN D 419 -32.79 -17.86 -6.73
CA GLN D 419 -31.61 -18.16 -7.55
C GLN D 419 -30.49 -17.15 -7.31
N VAL D 420 -30.83 -15.87 -7.16
CA VAL D 420 -29.84 -14.79 -7.18
C VAL D 420 -30.18 -13.78 -6.10
N VAL D 421 -29.14 -13.22 -5.49
CA VAL D 421 -29.27 -12.07 -4.59
C VAL D 421 -28.59 -10.89 -5.27
N TYR D 422 -29.33 -9.81 -5.44
CA TYR D 422 -28.81 -8.60 -6.06
C TYR D 422 -28.47 -7.57 -4.99
N MET D 423 -27.34 -6.90 -5.16
CA MET D 423 -26.79 -6.04 -4.13
C MET D 423 -26.60 -4.64 -4.68
N TRP D 424 -27.17 -3.66 -3.98
CA TRP D 424 -27.12 -2.26 -4.37
C TRP D 424 -26.55 -1.43 -3.24
N SER D 425 -25.77 -0.42 -3.59
CA SER D 425 -25.39 0.64 -2.66
C SER D 425 -26.26 1.84 -3.04
N ARG D 426 -27.40 1.97 -2.35
CA ARG D 426 -28.39 2.99 -2.68
C ARG D 426 -28.78 2.89 -4.15
N GLU D 427 -28.31 3.81 -4.99
CA GLU D 427 -28.69 3.84 -6.40
C GLU D 427 -27.69 3.15 -7.31
N ASP D 428 -26.63 2.55 -6.77
CA ASP D 428 -25.57 1.96 -7.57
C ASP D 428 -25.60 0.44 -7.45
N PHE D 429 -25.76 -0.24 -8.58
CA PHE D 429 -25.72 -1.70 -8.60
C PHE D 429 -24.28 -2.16 -8.58
N THR D 430 -23.92 -2.98 -7.59
CA THR D 430 -22.53 -3.29 -7.33
C THR D 430 -22.17 -4.76 -7.45
N ALA D 431 -23.10 -5.68 -7.19
CA ALA D 431 -22.74 -7.09 -7.16
C ALA D 431 -23.99 -7.94 -7.11
N LEU D 432 -23.81 -9.23 -7.43
CA LEU D 432 -24.86 -10.23 -7.30
C LEU D 432 -24.23 -11.54 -6.87
N ARG D 433 -25.02 -12.38 -6.21
CA ARG D 433 -24.61 -13.72 -5.86
C ARG D 433 -25.52 -14.72 -6.57
N TRP D 434 -24.90 -15.70 -7.23
CA TRP D 434 -25.60 -16.81 -7.89
C TRP D 434 -24.88 -18.09 -7.51
N LEU D 435 -25.62 -19.05 -6.95
CA LEU D 435 -25.06 -20.30 -6.43
C LEU D 435 -24.12 -19.91 -5.29
N ASP D 436 -22.83 -20.28 -5.33
CA ASP D 436 -21.87 -19.86 -4.32
C ASP D 436 -20.84 -18.89 -4.89
N TYR D 437 -21.19 -18.19 -5.97
CA TYR D 437 -20.29 -17.27 -6.65
C TYR D 437 -20.75 -15.84 -6.43
N LYS D 438 -19.83 -15.01 -5.95
CA LYS D 438 -20.09 -13.59 -5.70
C LYS D 438 -19.40 -12.80 -6.80
N ILE D 439 -20.18 -12.02 -7.55
CA ILE D 439 -19.69 -11.27 -8.71
C ILE D 439 -19.86 -9.79 -8.44
N HIS D 440 -18.75 -9.06 -8.42
CA HIS D 440 -18.75 -7.63 -8.16
C HIS D 440 -18.59 -6.86 -9.46
N PHE D 441 -19.48 -5.92 -9.71
CA PHE D 441 -19.35 -5.00 -10.83
C PHE D 441 -18.86 -3.62 -10.40
N LYS D 442 -19.08 -3.25 -9.15
CA LYS D 442 -18.42 -2.12 -8.51
C LYS D 442 -17.90 -2.59 -7.15
N VAL D 443 -16.75 -2.07 -6.74
CA VAL D 443 -16.02 -2.56 -5.59
C VAL D 443 -15.77 -1.43 -4.61
N PHE D 444 -16.02 -1.68 -3.33
CA PHE D 444 -15.71 -0.74 -2.27
C PHE D 444 -14.25 -0.92 -1.85
N ASN D 445 -13.47 0.15 -1.92
CA ASN D 445 -12.08 0.15 -1.47
C ASN D 445 -11.99 1.05 -0.23
N THR D 446 -11.36 0.53 0.82
CA THR D 446 -11.34 1.21 2.12
C THR D 446 -9.93 1.71 2.39
N ALA D 447 -9.81 3.02 2.63
CA ALA D 447 -8.50 3.66 2.73
C ALA D 447 -7.92 3.58 4.14
N VAL D 448 -8.76 3.47 5.17
CA VAL D 448 -8.32 3.42 6.55
C VAL D 448 -8.90 2.16 7.17
N PRO D 449 -8.11 1.35 7.89
CA PRO D 449 -8.66 0.11 8.47
C PRO D 449 -9.88 0.40 9.33
N ARG D 450 -10.92 -0.41 9.14
CA ARG D 450 -12.20 -0.37 9.85
C ARG D 450 -13.18 0.65 9.25
N ARG D 451 -12.73 1.55 8.37
CA ARG D 451 -13.55 2.69 7.96
C ARG D 451 -14.28 2.42 6.65
N ASN D 452 -15.11 1.39 6.68
CA ASN D 452 -15.86 0.99 5.48
C ASN D 452 -16.84 2.09 5.06
N ILE D 453 -17.56 2.65 6.02
CA ILE D 453 -18.53 3.70 5.70
C ILE D 453 -17.81 5.01 5.42
N ASP D 454 -16.88 5.39 6.29
CA ASP D 454 -16.43 6.78 6.38
C ASP D 454 -15.19 7.10 5.56
N ALA D 455 -14.44 6.10 5.13
CA ALA D 455 -13.19 6.34 4.39
C ALA D 455 -13.02 5.32 3.27
N SER D 456 -14.03 5.21 2.40
CA SER D 456 -14.04 4.25 1.32
C SER D 456 -14.28 4.93 -0.02
N PHE D 457 -13.80 4.30 -1.08
CA PHE D 457 -14.15 4.65 -2.45
C PHE D 457 -15.05 3.57 -3.02
N LEU D 458 -15.85 3.95 -4.01
CA LEU D 458 -16.62 3.01 -4.83
C LEU D 458 -16.04 3.05 -6.23
N LEU D 459 -15.37 1.98 -6.64
CA LEU D 459 -14.57 1.97 -7.84
C LEU D 459 -15.17 1.06 -8.89
N ASP D 460 -15.05 1.46 -10.16
CA ASP D 460 -15.41 0.60 -11.27
C ASP D 460 -14.33 -0.44 -11.49
N ILE D 461 -14.75 -1.67 -11.82
CA ILE D 461 -13.82 -2.75 -12.07
C ILE D 461 -13.16 -2.55 -13.43
N GLY D 462 -12.16 -3.37 -13.74
CA GLY D 462 -11.46 -3.28 -14.99
C GLY D 462 -12.06 -4.15 -16.07
N THR D 463 -11.26 -5.03 -16.66
CA THR D 463 -11.70 -5.79 -17.82
C THR D 463 -12.69 -6.88 -17.45
N ALA D 464 -12.58 -7.45 -16.25
CA ALA D 464 -13.47 -8.52 -15.83
C ALA D 464 -14.08 -8.18 -14.48
N PRO D 465 -15.37 -8.47 -14.28
CA PRO D 465 -15.94 -8.36 -12.94
C PRO D 465 -15.20 -9.26 -11.96
N TRP D 466 -15.08 -8.81 -10.72
CA TRP D 466 -14.44 -9.62 -9.69
C TRP D 466 -15.35 -10.79 -9.32
N VAL D 467 -14.77 -11.98 -9.22
CA VAL D 467 -15.51 -13.18 -8.91
C VAL D 467 -14.85 -13.89 -7.74
N PHE D 468 -15.65 -14.26 -6.74
CA PHE D 468 -15.20 -15.04 -5.59
C PHE D 468 -16.08 -16.26 -5.46
N ASN D 469 -15.47 -17.45 -5.48
CA ASN D 469 -16.16 -18.64 -5.01
C ASN D 469 -16.26 -18.56 -3.48
N LEU D 470 -17.45 -18.28 -2.96
CA LEU D 470 -17.59 -18.05 -1.53
C LEU D 470 -17.34 -19.30 -0.70
N ASN D 471 -17.50 -20.49 -1.28
CA ASN D 471 -17.12 -21.70 -0.56
C ASN D 471 -15.61 -21.75 -0.32
N MET D 472 -14.83 -21.33 -1.32
CA MET D 472 -13.38 -21.43 -1.25
C MET D 472 -12.71 -20.16 -0.75
N ASP D 473 -13.37 -19.00 -0.88
CA ASP D 473 -12.80 -17.71 -0.49
C ASP D 473 -13.89 -16.88 0.16
N PRO D 474 -14.42 -17.34 1.30
CA PRO D 474 -15.54 -16.62 1.93
C PRO D 474 -15.15 -15.25 2.45
N LYS D 475 -13.87 -15.02 2.74
CA LYS D 475 -13.39 -13.72 3.20
C LYS D 475 -12.99 -12.81 2.05
N GLU D 476 -13.29 -13.19 0.80
CA GLU D 476 -13.09 -12.35 -0.38
C GLU D 476 -11.72 -11.69 -0.37
N MET D 477 -10.68 -12.53 -0.24
CA MET D 477 -9.33 -11.99 -0.09
C MET D 477 -8.71 -11.61 -1.43
N ALA D 478 -8.94 -12.42 -2.47
CA ALA D 478 -8.35 -12.12 -3.78
C ALA D 478 -9.24 -12.72 -4.86
N SER D 479 -9.71 -11.86 -5.78
CA SER D 479 -10.60 -12.30 -6.84
C SER D 479 -9.85 -13.14 -7.87
N THR D 480 -10.55 -14.14 -8.42
CA THR D 480 -10.06 -14.91 -9.55
C THR D 480 -10.79 -14.59 -10.85
N GLY D 481 -11.86 -13.81 -10.81
CA GLY D 481 -12.52 -13.37 -12.01
C GLY D 481 -12.91 -14.52 -12.93
N HIS D 482 -12.55 -14.37 -14.21
CA HIS D 482 -12.92 -15.33 -15.23
C HIS D 482 -12.17 -16.65 -15.14
N GLN D 483 -11.11 -16.72 -14.33
CA GLN D 483 -10.15 -17.82 -14.44
C GLN D 483 -10.82 -19.18 -14.37
N TYR D 484 -11.72 -19.37 -13.40
CA TYR D 484 -12.39 -20.64 -13.19
C TYR D 484 -13.89 -20.55 -13.45
N PHE D 485 -14.36 -19.46 -14.05
CA PHE D 485 -15.79 -19.19 -14.13
C PHE D 485 -16.20 -18.73 -15.53
N GLU D 486 -15.47 -19.17 -16.56
CA GLU D 486 -15.83 -18.80 -17.93
C GLU D 486 -17.18 -19.41 -18.31
N TRP D 487 -17.46 -20.64 -17.84
CA TRP D 487 -18.74 -21.26 -18.15
C TRP D 487 -19.91 -20.49 -17.54
N GLY D 488 -19.68 -19.76 -16.44
CA GLY D 488 -20.75 -19.13 -15.71
C GLY D 488 -20.82 -17.62 -15.82
N MET D 489 -19.75 -16.99 -16.29
CA MET D 489 -19.75 -15.53 -16.36
C MET D 489 -20.78 -14.98 -17.33
N PRO D 490 -20.99 -15.56 -18.51
CA PRO D 490 -22.09 -15.05 -19.37
C PRO D 490 -23.46 -15.16 -18.74
N GLN D 491 -23.68 -16.16 -17.88
CA GLN D 491 -24.96 -16.25 -17.19
C GLN D 491 -25.07 -15.19 -16.10
N ALA D 492 -23.98 -14.97 -15.37
CA ALA D 492 -23.98 -13.90 -14.37
C ALA D 492 -24.31 -12.55 -15.00
N THR D 493 -23.78 -12.31 -16.21
CA THR D 493 -24.09 -11.07 -16.90
C THR D 493 -25.54 -11.02 -17.34
N LYS D 494 -26.10 -12.16 -17.76
CA LYS D 494 -27.52 -12.20 -18.11
C LYS D 494 -28.38 -11.82 -16.91
N PHE D 495 -28.06 -12.37 -15.73
CA PHE D 495 -28.81 -12.02 -14.53
C PHE D 495 -28.76 -10.53 -14.26
N MET D 496 -27.57 -9.92 -14.39
CA MET D 496 -27.45 -8.49 -14.18
C MET D 496 -28.37 -7.72 -15.12
N LYS D 497 -28.31 -8.04 -16.41
CA LYS D 497 -29.05 -7.27 -17.41
C LYS D 497 -30.55 -7.44 -17.24
N ALA D 498 -31.02 -8.68 -17.03
CA ALA D 498 -32.44 -8.89 -16.76
C ALA D 498 -32.89 -8.10 -15.55
N HIS D 499 -32.05 -8.06 -14.50
CA HIS D 499 -32.38 -7.30 -13.31
C HIS D 499 -32.53 -5.82 -13.63
N ILE D 500 -31.62 -5.27 -14.43
CA ILE D 500 -31.74 -3.87 -14.82
C ILE D 500 -32.96 -3.67 -15.74
N ALA D 501 -33.27 -4.66 -16.57
CA ALA D 501 -34.41 -4.52 -17.47
C ALA D 501 -35.72 -4.40 -16.69
N THR D 502 -35.84 -5.08 -15.55
CA THR D 502 -37.05 -4.95 -14.74
C THR D 502 -37.27 -3.50 -14.31
N MET D 503 -36.20 -2.72 -14.23
CA MET D 503 -36.28 -1.34 -13.78
C MET D 503 -36.57 -0.36 -14.90
N LYS D 504 -36.51 -0.80 -16.16
CA LYS D 504 -37.04 -0.02 -17.26
C LYS D 504 -38.51 -0.36 -17.52
N LYS D 505 -38.86 -1.64 -17.42
CA LYS D 505 -40.26 -2.05 -17.52
C LYS D 505 -41.07 -1.49 -16.35
N TYR D 506 -40.53 -1.57 -15.14
CA TYR D 506 -41.18 -1.00 -13.95
C TYR D 506 -40.27 0.08 -13.40
N PRO D 507 -40.50 1.35 -13.72
CA PRO D 507 -39.54 2.40 -13.34
C PRO D 507 -39.40 2.54 -11.84
N ASN D 508 -38.20 2.94 -11.42
CA ASN D 508 -37.93 3.20 -10.01
C ASN D 508 -38.46 4.57 -9.61
N THR D 509 -38.56 4.79 -8.31
CA THR D 509 -39.13 6.02 -7.77
C THR D 509 -38.05 7.08 -7.63
N ASP D 510 -38.33 8.27 -8.15
CA ASP D 510 -37.50 9.45 -7.93
C ASP D 510 -38.22 10.33 -6.92
N ILE D 511 -37.71 10.37 -5.67
CA ILE D 511 -38.35 11.18 -4.65
C ILE D 511 -37.94 12.66 -4.72
N GLY D 512 -36.93 12.98 -5.51
CA GLY D 512 -36.46 14.35 -5.63
C GLY D 512 -35.73 14.85 -4.40
N ASN E 12 -1.25 23.85 -37.78
CA ASN E 12 -0.75 23.06 -36.64
C ASN E 12 0.72 22.71 -36.86
N VAL E 13 1.54 22.99 -35.85
CA VAL E 13 2.99 22.83 -36.01
C VAL E 13 3.45 21.40 -35.80
N PHE E 14 2.65 20.55 -35.16
CA PHE E 14 3.05 19.18 -34.86
C PHE E 14 2.50 18.15 -35.81
N ASN E 15 1.35 18.38 -36.41
CA ASN E 15 0.63 17.34 -37.16
C ASN E 15 1.28 17.13 -38.51
N ASP E 16 1.85 15.94 -38.73
CA ASP E 16 2.49 15.57 -39.98
C ASP E 16 1.60 14.68 -40.85
N ALA E 17 0.35 14.47 -40.48
CA ALA E 17 -0.54 13.58 -41.21
C ALA E 17 -1.39 14.37 -42.21
N ILE E 18 -1.78 13.69 -43.28
CA ILE E 18 -2.53 14.29 -44.37
C ILE E 18 -3.79 13.45 -44.60
N VAL E 19 -4.91 14.13 -44.84
CA VAL E 19 -6.18 13.45 -45.07
C VAL E 19 -6.25 13.05 -46.53
N GLU E 20 -6.15 11.74 -46.81
CA GLU E 20 -6.34 11.24 -48.16
C GLU E 20 -7.81 11.11 -48.49
N LYS E 21 -8.53 10.25 -47.78
CA LYS E 21 -9.98 10.17 -47.85
C LYS E 21 -10.57 10.51 -46.48
N PRO E 22 -11.69 11.23 -46.43
CA PRO E 22 -12.21 11.66 -45.12
C PRO E 22 -12.50 10.53 -44.15
N ASN E 23 -12.89 9.35 -44.64
CA ASN E 23 -13.23 8.24 -43.76
C ASN E 23 -12.04 7.33 -43.49
N MET E 24 -10.82 7.78 -43.76
CA MET E 24 -9.61 7.01 -43.53
C MET E 24 -8.74 7.74 -42.52
N GLU E 25 -8.08 6.98 -41.66
CA GLU E 25 -7.18 7.56 -40.67
C GLU E 25 -6.07 8.32 -41.38
N PRO E 26 -5.89 9.62 -41.10
CA PRO E 26 -4.81 10.35 -41.78
C PRO E 26 -3.47 9.68 -41.55
N ALA E 27 -2.63 9.71 -42.58
CA ALA E 27 -1.32 9.10 -42.53
C ALA E 27 -0.25 10.12 -42.88
N ILE E 28 0.96 9.85 -42.44
CA ILE E 28 2.10 10.70 -42.77
C ILE E 28 2.62 10.30 -44.15
N PRO E 29 2.75 11.24 -45.09
CA PRO E 29 3.33 10.88 -46.39
C PRO E 29 4.79 10.46 -46.24
N ARG E 30 5.16 9.41 -46.97
CA ARG E 30 6.55 8.97 -47.09
C ARG E 30 6.83 8.76 -48.56
N PRO E 31 6.80 9.83 -49.36
CA PRO E 31 6.81 9.66 -50.82
C PRO E 31 8.05 8.94 -51.35
N GLU E 32 9.22 9.20 -50.76
CA GLU E 32 10.43 8.53 -51.25
C GLU E 32 10.42 7.05 -50.91
N GLN E 33 9.95 6.70 -49.71
CA GLN E 33 9.78 5.29 -49.37
C GLN E 33 8.71 4.64 -50.24
N GLU E 34 7.68 5.40 -50.62
CA GLU E 34 6.66 4.85 -51.51
C GLU E 34 7.24 4.48 -52.86
N LYS E 35 8.11 5.32 -53.41
CA LYS E 35 8.79 4.99 -54.67
C LYS E 35 9.53 3.67 -54.55
N VAL E 36 10.23 3.46 -53.43
CA VAL E 36 10.95 2.21 -53.22
C VAL E 36 9.98 1.04 -53.17
N ALA E 37 8.84 1.22 -52.50
CA ALA E 37 7.87 0.13 -52.37
C ALA E 37 7.25 -0.21 -53.73
N VAL E 38 6.82 0.81 -54.47
CA VAL E 38 6.21 0.57 -55.77
C VAL E 38 7.17 -0.20 -56.68
N SER E 39 8.44 0.18 -56.66
CA SER E 39 9.42 -0.47 -57.54
C SER E 39 9.66 -1.92 -57.13
N LYS E 40 9.78 -2.17 -55.83
CA LYS E 40 10.00 -3.54 -55.36
C LYS E 40 8.82 -4.44 -55.71
N LEU E 41 7.60 -3.93 -55.53
CA LEU E 41 6.41 -4.73 -55.83
C LEU E 41 6.25 -4.96 -57.32
N LYS E 42 6.53 -3.94 -58.13
CA LYS E 42 6.46 -4.09 -59.58
C LYS E 42 7.40 -5.19 -60.05
N ASN E 43 8.66 -5.15 -59.59
CA ASN E 43 9.63 -6.15 -60.03
C ASN E 43 9.25 -7.54 -59.54
N LEU E 44 8.76 -7.65 -58.31
CA LEU E 44 8.35 -8.95 -57.78
C LEU E 44 7.24 -9.54 -58.63
N GLU E 45 6.18 -8.76 -58.88
CA GLU E 45 5.04 -9.28 -59.63
C GLU E 45 5.42 -9.59 -61.07
N ALA E 46 6.41 -8.88 -61.62
CA ALA E 46 6.90 -9.21 -62.95
C ALA E 46 7.57 -10.59 -62.97
N LYS E 47 8.34 -10.91 -61.92
CA LYS E 47 9.05 -12.17 -61.86
C LYS E 47 8.12 -13.33 -61.49
N GLN E 48 7.18 -13.08 -60.60
CA GLN E 48 6.26 -14.11 -60.12
C GLN E 48 4.98 -14.19 -60.93
N GLY E 49 4.69 -13.20 -61.76
CA GLY E 49 3.49 -13.20 -62.57
C GLY E 49 2.19 -13.15 -61.78
N ARG E 50 2.28 -12.88 -60.48
CA ARG E 50 1.14 -12.94 -59.58
C ARG E 50 1.23 -11.82 -58.56
N LYS E 51 0.10 -11.51 -57.92
CA LYS E 51 0.12 -10.71 -56.71
C LYS E 51 0.83 -11.50 -55.61
N PRO E 52 1.30 -10.84 -54.57
CA PRO E 52 2.05 -11.54 -53.52
C PRO E 52 1.15 -12.19 -52.48
N ASN E 53 1.63 -13.31 -51.96
CA ASN E 53 0.97 -13.98 -50.84
C ASN E 53 1.26 -13.21 -49.54
N VAL E 54 0.38 -13.41 -48.56
CA VAL E 54 0.59 -12.93 -47.21
C VAL E 54 0.26 -14.05 -46.24
N LEU E 55 1.20 -14.33 -45.33
CA LEU E 55 1.01 -15.30 -44.25
C LEU E 55 1.12 -14.54 -42.94
N VAL E 56 0.03 -14.48 -42.20
CA VAL E 56 0.00 -13.82 -40.90
C VAL E 56 0.02 -14.89 -39.82
N LEU E 57 1.14 -14.98 -39.10
CA LEU E 57 1.27 -15.89 -37.97
C LEU E 57 0.85 -15.13 -36.71
N LEU E 58 -0.29 -15.51 -36.13
CA LEU E 58 -0.87 -14.82 -35.00
C LEU E 58 -0.81 -15.74 -33.78
N VAL E 59 0.04 -15.42 -32.83
CA VAL E 59 0.15 -16.17 -31.59
C VAL E 59 -0.76 -15.53 -30.55
N ASP E 60 -1.30 -16.35 -29.66
CA ASP E 60 -2.31 -15.92 -28.70
C ASP E 60 -1.65 -15.61 -27.36
N ASP E 61 -1.91 -14.41 -26.85
CA ASP E 61 -1.44 -14.01 -25.51
C ASP E 61 0.07 -14.08 -25.39
N LEU E 62 0.77 -13.74 -26.47
CA LEU E 62 2.23 -13.74 -26.46
C LEU E 62 2.74 -12.37 -26.06
N GLY E 63 3.68 -12.35 -25.10
CA GLY E 63 4.21 -11.10 -24.63
C GLY E 63 5.32 -10.56 -25.50
N TRP E 64 5.50 -9.24 -25.42
CA TRP E 64 6.56 -8.57 -26.17
C TRP E 64 7.90 -9.28 -26.01
N GLY E 65 8.21 -9.72 -24.80
CA GLY E 65 9.51 -10.25 -24.49
C GLY E 65 9.68 -11.75 -24.60
N ASP E 66 8.71 -12.47 -25.15
CA ASP E 66 8.83 -13.93 -25.20
C ASP E 66 9.87 -14.38 -26.21
N PRO E 67 9.92 -13.86 -27.44
CA PRO E 67 10.94 -14.33 -28.39
C PRO E 67 12.34 -13.97 -27.94
N GLY E 68 13.30 -14.80 -28.36
CA GLY E 68 14.69 -14.58 -27.97
C GLY E 68 15.25 -13.27 -28.47
N VAL E 69 14.80 -12.81 -29.65
CA VAL E 69 15.30 -11.55 -30.18
C VAL E 69 14.74 -10.36 -29.42
N TYR E 70 13.63 -10.52 -28.72
CA TYR E 70 13.05 -9.46 -27.90
C TYR E 70 13.54 -9.50 -26.45
N GLY E 71 14.53 -10.33 -26.15
CA GLY E 71 15.05 -10.44 -24.80
C GLY E 71 14.56 -11.61 -23.99
N GLY E 72 13.79 -12.52 -24.58
CA GLY E 72 13.34 -13.70 -23.88
C GLY E 72 14.03 -14.96 -24.36
N GLY E 73 13.25 -15.88 -24.92
CA GLY E 73 13.84 -17.10 -25.46
C GLY E 73 14.60 -17.85 -24.39
N ALA E 74 15.89 -18.06 -24.64
CA ALA E 74 16.73 -18.80 -23.69
C ALA E 74 16.81 -18.11 -22.35
N ALA E 75 16.56 -16.80 -22.28
CA ALA E 75 16.63 -16.10 -21.00
C ALA E 75 15.52 -16.56 -20.06
N ILE E 76 14.40 -17.04 -20.60
CA ILE E 76 13.27 -17.51 -19.81
C ILE E 76 12.98 -18.99 -20.06
N GLY E 77 13.90 -19.70 -20.69
CA GLY E 77 13.78 -21.14 -20.81
C GLY E 77 12.95 -21.65 -21.97
N ALA E 78 12.90 -20.93 -23.08
CA ALA E 78 12.15 -21.37 -24.25
C ALA E 78 12.75 -20.75 -25.51
N PRO E 79 13.87 -21.29 -25.99
CA PRO E 79 14.49 -20.75 -27.21
C PRO E 79 13.52 -20.78 -28.38
N THR E 80 13.58 -19.74 -29.20
CA THR E 80 12.73 -19.59 -30.38
C THR E 80 13.60 -19.34 -31.60
N PRO E 81 14.41 -20.33 -31.99
CA PRO E 81 15.37 -20.09 -33.08
C PRO E 81 14.72 -19.71 -34.41
N ASN E 82 13.61 -20.34 -34.78
CA ASN E 82 13.00 -20.04 -36.07
C ASN E 82 12.36 -18.66 -36.07
N ILE E 83 11.69 -18.28 -34.98
CA ILE E 83 11.15 -16.92 -34.89
C ILE E 83 12.28 -15.90 -34.83
N ASP E 84 13.37 -16.23 -34.13
CA ASP E 84 14.53 -15.35 -34.13
C ASP E 84 15.10 -15.19 -35.53
N LYS E 85 15.18 -16.29 -36.29
CA LYS E 85 15.70 -16.22 -37.66
C LYS E 85 14.83 -15.33 -38.53
N LEU E 86 13.51 -15.46 -38.40
CA LEU E 86 12.60 -14.59 -39.12
C LEU E 86 12.89 -13.12 -38.82
N ALA E 87 13.28 -12.82 -37.57
CA ALA E 87 13.54 -11.45 -37.17
C ALA E 87 14.90 -10.96 -37.63
N ASN E 88 15.95 -11.75 -37.38
CA ASN E 88 17.29 -11.32 -37.72
C ASN E 88 17.52 -11.27 -39.23
N GLU E 89 16.74 -12.03 -40.01
CA GLU E 89 16.79 -11.95 -41.46
C GLU E 89 15.69 -11.08 -42.03
N GLY E 90 15.01 -10.31 -41.19
CA GLY E 90 13.91 -9.45 -41.63
C GLY E 90 13.84 -8.18 -40.84
N LEU E 91 12.62 -7.80 -40.45
CA LEU E 91 12.35 -6.51 -39.81
C LEU E 91 11.67 -6.74 -38.47
N ARG E 92 12.33 -6.33 -37.39
CA ARG E 92 11.78 -6.45 -36.05
C ARG E 92 11.19 -5.12 -35.63
N LEU E 93 9.89 -5.10 -35.35
CA LEU E 93 9.19 -3.90 -34.91
C LEU E 93 9.13 -3.90 -33.38
N THR E 94 9.64 -2.82 -32.77
CA THR E 94 9.66 -2.71 -31.32
C THR E 94 8.53 -1.83 -30.78
N SER E 95 7.65 -1.33 -31.64
CA SER E 95 6.50 -0.55 -31.22
C SER E 95 5.26 -0.95 -32.03
N MET E 96 5.02 -2.25 -32.11
CA MET E 96 3.77 -2.79 -32.66
C MET E 96 2.73 -2.86 -31.55
N TYR E 97 1.48 -2.53 -31.89
CA TYR E 97 0.43 -2.39 -30.90
C TYR E 97 -0.81 -3.20 -31.28
N SER E 98 -1.47 -3.72 -30.25
CA SER E 98 -2.71 -4.46 -30.39
C SER E 98 -3.78 -3.86 -29.49
N GLN E 99 -4.91 -4.54 -29.36
CA GLN E 99 -5.91 -4.20 -28.34
C GLN E 99 -5.61 -4.98 -27.07
N PRO E 100 -6.27 -4.67 -25.96
CA PRO E 100 -5.96 -5.34 -24.70
C PRO E 100 -6.57 -6.73 -24.53
N THR E 101 -7.51 -7.17 -25.38
CA THR E 101 -8.12 -8.48 -25.25
C THR E 101 -8.23 -9.16 -26.61
N CYS E 102 -8.52 -10.46 -26.56
CA CYS E 102 -8.53 -11.32 -27.75
C CYS E 102 -9.49 -10.83 -28.83
N THR E 103 -10.79 -10.85 -28.54
CA THR E 103 -11.79 -10.50 -29.55
C THR E 103 -11.52 -9.13 -30.13
N SER E 104 -11.23 -8.16 -29.27
CA SER E 104 -10.99 -6.79 -29.73
C SER E 104 -9.85 -6.75 -30.74
N SER E 105 -8.78 -7.49 -30.48
CA SER E 105 -7.62 -7.45 -31.37
C SER E 105 -7.90 -8.18 -32.68
N ARG E 106 -8.56 -9.33 -32.61
CA ARG E 106 -8.85 -10.09 -33.83
C ARG E 106 -9.90 -9.38 -34.67
N ALA E 107 -10.81 -8.65 -34.04
CA ALA E 107 -11.73 -7.81 -34.78
C ALA E 107 -10.99 -6.74 -35.56
N ALA E 108 -10.04 -6.06 -34.90
CA ALA E 108 -9.26 -5.03 -35.57
C ALA E 108 -8.48 -5.60 -36.75
N LEU E 109 -7.89 -6.79 -36.57
CA LEU E 109 -7.06 -7.37 -37.62
C LEU E 109 -7.88 -7.74 -38.85
N THR E 110 -9.17 -8.06 -38.67
CA THR E 110 -10.00 -8.53 -39.77
C THR E 110 -11.05 -7.52 -40.20
N THR E 111 -11.00 -6.29 -39.66
CA THR E 111 -11.92 -5.24 -40.09
C THR E 111 -11.24 -3.90 -40.32
N GLY E 112 -10.00 -3.71 -39.89
CA GLY E 112 -9.34 -2.43 -40.04
C GLY E 112 -9.94 -1.33 -39.20
N ARG E 113 -10.72 -1.68 -38.18
CA ARG E 113 -11.44 -0.72 -37.38
C ARG E 113 -11.30 -1.06 -35.91
N LEU E 114 -11.11 -0.04 -35.08
CA LEU E 114 -11.16 -0.25 -33.65
C LEU E 114 -12.49 -0.92 -33.28
N PRO E 115 -12.49 -1.87 -32.34
CA PRO E 115 -13.72 -2.63 -32.08
C PRO E 115 -14.85 -1.80 -31.47
N VAL E 116 -14.56 -0.60 -30.97
CA VAL E 116 -15.63 0.25 -30.47
C VAL E 116 -16.50 0.76 -31.61
N ARG E 117 -15.98 0.80 -32.84
CA ARG E 117 -16.78 1.20 -33.98
C ARG E 117 -17.67 0.06 -34.46
N SER E 118 -17.11 -1.14 -34.57
CA SER E 118 -17.83 -2.28 -35.12
C SER E 118 -18.72 -2.97 -34.09
N GLY E 119 -18.53 -2.70 -32.80
CA GLY E 119 -19.25 -3.37 -31.75
C GLY E 119 -18.62 -4.66 -31.28
N LEU E 120 -17.53 -5.10 -31.91
CA LEU E 120 -16.93 -6.40 -31.62
C LEU E 120 -15.96 -6.33 -30.45
N VAL E 121 -16.44 -5.82 -29.31
CA VAL E 121 -15.62 -5.79 -28.09
C VAL E 121 -15.80 -7.05 -27.25
N ARG E 122 -16.80 -7.86 -27.54
CA ARG E 122 -17.06 -9.12 -26.85
C ARG E 122 -17.51 -10.15 -27.86
N PRO E 123 -17.14 -11.43 -27.66
CA PRO E 123 -17.61 -12.47 -28.58
C PRO E 123 -19.09 -12.71 -28.42
N ILE E 124 -19.78 -12.82 -29.56
CA ILE E 124 -21.23 -13.02 -29.57
C ILE E 124 -21.50 -14.51 -29.64
N LEU E 125 -22.23 -15.03 -28.65
CA LEU E 125 -22.44 -16.46 -28.50
C LEU E 125 -23.74 -16.89 -29.18
N THR E 126 -23.84 -18.19 -29.43
CA THR E 126 -24.93 -18.75 -30.22
C THR E 126 -26.26 -18.71 -29.45
N GLY E 127 -26.77 -17.50 -29.23
CA GLY E 127 -27.99 -17.31 -28.49
C GLY E 127 -28.12 -15.94 -27.88
N ASP E 128 -27.17 -15.05 -28.19
CA ASP E 128 -27.19 -13.69 -27.68
C ASP E 128 -28.11 -12.83 -28.53
N LYS E 129 -29.11 -12.21 -27.89
CA LYS E 129 -29.96 -11.25 -28.58
C LYS E 129 -29.13 -10.06 -29.05
N VAL E 130 -29.14 -9.79 -30.35
CA VAL E 130 -28.37 -8.71 -30.94
C VAL E 130 -29.23 -8.01 -31.98
N THR E 131 -29.20 -6.67 -31.98
CA THR E 131 -30.02 -5.91 -32.91
C THR E 131 -29.74 -6.32 -34.36
N GLN E 132 -28.46 -6.41 -34.71
CA GLN E 132 -28.07 -6.86 -36.04
C GLN E 132 -26.66 -7.41 -35.96
N ASN E 133 -26.39 -8.42 -36.79
CA ASN E 133 -25.08 -9.04 -36.84
C ASN E 133 -24.05 -8.02 -37.28
N PRO E 134 -23.08 -7.66 -36.43
CA PRO E 134 -22.08 -6.65 -36.86
C PRO E 134 -21.40 -7.00 -38.18
N TRP E 135 -21.26 -8.28 -38.50
CA TRP E 135 -20.48 -8.68 -39.66
C TRP E 135 -21.19 -8.42 -40.99
N GLU E 136 -22.47 -8.07 -40.97
CA GLU E 136 -23.13 -7.70 -42.22
C GLU E 136 -22.67 -6.35 -42.73
N LYS E 137 -22.12 -5.52 -41.86
CA LYS E 137 -21.58 -4.21 -42.20
C LYS E 137 -20.08 -4.24 -42.39
N GLU E 138 -19.37 -5.02 -41.59
CA GLU E 138 -17.92 -5.05 -41.62
C GLU E 138 -17.41 -5.77 -42.86
N VAL E 139 -16.24 -5.34 -43.32
CA VAL E 139 -15.61 -5.87 -44.53
C VAL E 139 -14.24 -6.42 -44.15
N SER E 140 -14.04 -7.72 -44.34
CA SER E 140 -12.78 -8.38 -44.01
C SER E 140 -11.85 -8.39 -45.21
N GLN E 141 -10.57 -8.65 -44.93
CA GLN E 141 -9.62 -8.85 -46.03
C GLN E 141 -10.06 -10.00 -46.91
N GLY E 142 -10.63 -11.05 -46.29
CA GLY E 142 -11.06 -12.21 -47.06
C GLY E 142 -12.05 -11.83 -48.14
N LYS E 143 -13.02 -10.96 -47.81
CA LYS E 143 -14.02 -10.56 -48.78
C LYS E 143 -13.41 -9.75 -49.91
N LEU E 144 -12.57 -8.77 -49.58
CA LEU E 144 -12.03 -7.88 -50.60
C LEU E 144 -10.95 -8.58 -51.42
N LEU E 145 -10.09 -9.38 -50.77
CA LEU E 145 -9.03 -10.04 -51.50
C LEU E 145 -9.56 -11.22 -52.32
N SER E 146 -10.59 -11.91 -51.83
CA SER E 146 -11.22 -12.94 -52.65
C SER E 146 -11.79 -12.36 -53.94
N LYS E 147 -12.19 -11.08 -53.92
CA LYS E 147 -12.79 -10.48 -55.10
C LYS E 147 -11.77 -10.24 -56.21
N VAL E 148 -10.48 -10.28 -55.91
CA VAL E 148 -9.45 -10.02 -56.91
C VAL E 148 -8.52 -11.21 -57.05
N GLY E 149 -9.04 -12.41 -56.78
CA GLY E 149 -8.35 -13.63 -57.12
C GLY E 149 -7.58 -14.31 -56.01
N TYR E 150 -7.61 -13.78 -54.80
CA TYR E 150 -6.92 -14.42 -53.69
C TYR E 150 -7.74 -15.60 -53.17
N LYS E 151 -7.03 -16.64 -52.76
CA LYS E 151 -7.59 -17.67 -51.88
C LYS E 151 -7.31 -17.25 -50.44
N THR E 152 -8.36 -17.07 -49.66
CA THR E 152 -8.25 -16.52 -48.31
C THR E 152 -8.77 -17.52 -47.29
N ALA E 153 -8.06 -17.62 -46.17
CA ALA E 153 -8.43 -18.57 -45.14
C ALA E 153 -8.00 -18.04 -43.78
N LEU E 154 -8.73 -18.44 -42.75
CA LEU E 154 -8.32 -18.29 -41.36
C LEU E 154 -8.33 -19.68 -40.75
N ILE E 155 -7.19 -20.12 -40.22
CA ILE E 155 -7.03 -21.47 -39.70
C ILE E 155 -6.60 -21.34 -38.24
N GLY E 156 -7.47 -21.74 -37.33
CA GLY E 156 -7.17 -21.71 -35.91
C GLY E 156 -8.22 -20.99 -35.09
N LYS E 157 -7.77 -20.21 -34.11
CA LYS E 157 -8.68 -19.54 -33.21
C LYS E 157 -9.37 -18.37 -33.91
N TRP E 158 -10.68 -18.25 -33.67
CA TRP E 158 -11.47 -17.15 -34.22
C TRP E 158 -11.81 -16.15 -33.12
N HIS E 159 -12.78 -16.50 -32.28
CA HIS E 159 -13.13 -15.72 -31.09
C HIS E 159 -13.68 -14.34 -31.44
N VAL E 160 -14.32 -14.21 -32.61
CA VAL E 160 -14.95 -12.95 -32.99
C VAL E 160 -16.39 -13.22 -33.39
N GLY E 161 -17.06 -14.09 -32.63
CA GLY E 161 -18.45 -14.41 -32.88
C GLY E 161 -18.65 -15.79 -33.47
N GLU E 162 -19.51 -16.60 -32.85
CA GLU E 162 -19.86 -17.92 -33.37
C GLU E 162 -21.35 -18.06 -33.62
N ALA E 163 -22.11 -16.97 -33.53
CA ALA E 163 -23.52 -17.02 -33.88
C ALA E 163 -23.67 -17.12 -35.40
N GLU E 164 -24.91 -17.31 -35.85
CA GLU E 164 -25.18 -17.48 -37.26
C GLU E 164 -24.57 -16.34 -38.06
N GLY E 165 -23.84 -16.69 -39.11
CA GLY E 165 -23.26 -15.70 -40.00
C GLY E 165 -22.11 -14.91 -39.43
N MET E 166 -21.31 -15.51 -38.55
CA MET E 166 -20.20 -14.81 -37.92
C MET E 166 -18.86 -15.53 -38.02
N LEU E 167 -18.82 -16.75 -38.53
CA LEU E 167 -17.55 -17.45 -38.68
C LEU E 167 -16.82 -16.98 -39.93
N PRO E 168 -15.50 -17.17 -39.98
CA PRO E 168 -14.73 -16.58 -41.09
C PRO E 168 -15.22 -16.98 -42.48
N HIS E 169 -15.64 -18.22 -42.68
CA HIS E 169 -16.12 -18.62 -43.99
C HIS E 169 -17.50 -18.06 -44.31
N GLU E 170 -18.13 -17.38 -43.35
CA GLU E 170 -19.41 -16.72 -43.55
C GLU E 170 -19.28 -15.21 -43.67
N VAL E 171 -18.09 -14.65 -43.48
CA VAL E 171 -17.89 -13.20 -43.49
C VAL E 171 -16.82 -12.79 -44.49
N GLY E 172 -16.49 -13.66 -45.44
CA GLY E 172 -15.61 -13.25 -46.53
C GLY E 172 -14.48 -14.20 -46.86
N PHE E 173 -13.98 -14.93 -45.88
CA PHE E 173 -12.89 -15.87 -46.13
C PHE E 173 -13.39 -17.09 -46.89
N ASP E 174 -12.54 -17.62 -47.78
CA ASP E 174 -12.93 -18.78 -48.55
C ASP E 174 -12.99 -20.05 -47.72
N TYR E 175 -12.14 -20.15 -46.69
CA TYR E 175 -11.99 -21.38 -45.93
C TYR E 175 -11.73 -21.07 -44.47
N PHE E 176 -12.44 -21.75 -43.59
CA PHE E 176 -12.21 -21.68 -42.15
C PHE E 176 -11.97 -23.07 -41.58
N TYR E 177 -11.08 -23.15 -40.59
CA TYR E 177 -10.85 -24.40 -39.88
C TYR E 177 -10.20 -24.06 -38.54
N GLY E 178 -10.93 -24.27 -37.45
CA GLY E 178 -10.33 -24.09 -36.13
C GLY E 178 -11.38 -23.91 -35.05
N LEU E 179 -10.95 -23.24 -33.97
CA LEU E 179 -11.76 -23.02 -32.79
C LEU E 179 -12.70 -21.84 -32.98
N PRO E 180 -14.03 -22.07 -33.00
CA PRO E 180 -14.94 -20.91 -33.01
C PRO E 180 -14.74 -20.00 -31.81
N SER E 181 -14.37 -20.55 -30.65
CA SER E 181 -14.20 -19.76 -29.44
C SER E 181 -12.73 -19.67 -29.04
N VAL E 182 -12.33 -20.37 -27.98
CA VAL E 182 -11.00 -20.18 -27.40
C VAL E 182 -10.59 -21.44 -26.65
N GLN E 183 -9.26 -21.61 -26.48
CA GLN E 183 -8.71 -22.79 -25.84
C GLN E 183 -9.34 -23.05 -24.47
N SER E 184 -9.45 -22.00 -23.65
CA SER E 184 -9.95 -22.18 -22.29
C SER E 184 -11.40 -22.65 -22.27
N ASP E 185 -12.14 -22.47 -23.37
CA ASP E 185 -13.50 -22.97 -23.44
C ASP E 185 -13.53 -24.49 -23.56
N TYR E 186 -12.49 -25.09 -24.15
CA TYR E 186 -12.41 -26.54 -24.24
C TYR E 186 -11.86 -27.14 -22.95
N THR E 187 -10.75 -26.61 -22.45
CA THR E 187 -10.03 -27.23 -21.35
C THR E 187 -10.81 -27.19 -20.04
N GLN E 188 -11.75 -26.25 -19.89
CA GLN E 188 -12.52 -26.18 -18.65
C GLN E 188 -13.43 -27.39 -18.48
N PHE E 189 -13.69 -28.15 -19.54
CA PHE E 189 -14.46 -29.38 -19.46
C PHE E 189 -13.57 -30.62 -19.56
N LEU E 190 -12.25 -30.46 -19.46
CA LEU E 190 -11.31 -31.55 -19.58
C LEU E 190 -10.43 -31.76 -18.35
N VAL E 191 -10.08 -30.69 -17.64
CA VAL E 191 -9.18 -30.76 -16.50
C VAL E 191 -10.06 -30.82 -15.26
N GLU E 192 -10.29 -32.04 -14.74
CA GLU E 192 -11.26 -32.22 -13.66
C GLU E 192 -10.86 -31.44 -12.42
N ARG E 193 -9.64 -31.63 -11.93
CA ARG E 193 -9.26 -31.07 -10.64
C ARG E 193 -9.24 -29.54 -10.68
N GLN E 194 -8.71 -28.97 -11.77
CA GLN E 194 -8.60 -27.52 -11.85
C GLN E 194 -9.96 -26.86 -11.77
N TYR E 195 -10.96 -27.44 -12.42
CA TYR E 195 -12.32 -26.89 -12.47
C TYR E 195 -13.28 -27.79 -11.68
N ALA E 196 -12.83 -28.28 -10.52
CA ALA E 196 -13.57 -29.30 -9.80
C ALA E 196 -14.93 -28.80 -9.33
N ASP E 197 -15.00 -27.54 -8.87
CA ASP E 197 -16.27 -26.99 -8.40
C ASP E 197 -17.39 -27.21 -9.39
N MET E 198 -17.06 -27.26 -10.68
CA MET E 198 -18.04 -27.53 -11.74
C MET E 198 -17.96 -28.94 -12.27
N MET E 199 -16.75 -29.50 -12.39
CA MET E 199 -16.59 -30.80 -13.01
C MET E 199 -17.08 -31.94 -12.11
N THR E 200 -16.84 -31.83 -10.80
CA THR E 200 -17.20 -32.88 -9.85
C THR E 200 -18.58 -32.66 -9.24
N ASN E 201 -19.30 -31.64 -9.68
CA ASN E 201 -20.68 -31.38 -9.27
C ASN E 201 -21.56 -31.80 -10.45
N LYS E 202 -22.23 -32.95 -10.34
CA LYS E 202 -22.92 -33.51 -11.50
C LYS E 202 -24.10 -32.64 -11.91
N GLU E 203 -24.82 -32.05 -10.95
CA GLU E 203 -25.90 -31.16 -11.29
C GLU E 203 -25.39 -29.96 -12.08
N LEU E 204 -24.26 -29.40 -11.66
CA LEU E 204 -23.70 -28.22 -12.33
C LEU E 204 -23.02 -28.58 -13.63
N TYR E 205 -22.29 -29.70 -13.66
CA TYR E 205 -21.64 -30.12 -14.90
C TYR E 205 -22.66 -30.43 -15.98
N THR E 206 -23.76 -31.10 -15.60
CA THR E 206 -24.80 -31.41 -16.57
C THR E 206 -25.33 -30.15 -17.25
N LYS E 207 -25.47 -29.07 -16.48
CA LYS E 207 -25.91 -27.80 -17.06
C LYS E 207 -24.82 -27.19 -17.94
N ALA E 208 -23.64 -26.99 -17.38
CA ALA E 208 -22.59 -26.26 -18.09
C ALA E 208 -22.16 -26.99 -19.36
N SER E 209 -22.00 -28.32 -19.27
CA SER E 209 -21.51 -29.08 -20.41
C SER E 209 -22.47 -29.06 -21.60
N GLN E 210 -23.71 -28.63 -21.42
CA GLN E 210 -24.60 -28.47 -22.56
C GLN E 210 -24.11 -27.40 -23.53
N LEU E 211 -23.25 -26.48 -23.07
CA LEU E 211 -22.60 -25.50 -23.93
C LEU E 211 -21.13 -25.84 -24.17
N ARG E 212 -20.76 -27.10 -23.99
CA ARG E 212 -19.39 -27.54 -24.22
C ARG E 212 -19.12 -27.63 -25.71
N PRO E 213 -18.07 -26.97 -26.22
CA PRO E 213 -17.76 -27.10 -27.65
C PRO E 213 -17.31 -28.51 -28.01
N GLU E 214 -17.79 -28.99 -29.15
CA GLU E 214 -17.54 -30.37 -29.56
C GLU E 214 -16.15 -30.59 -30.14
N GLY E 215 -15.58 -29.55 -30.74
CA GLY E 215 -14.25 -29.68 -31.33
C GLY E 215 -13.99 -28.54 -32.30
N LEU E 216 -13.21 -28.84 -33.32
CA LEU E 216 -12.85 -27.87 -34.34
C LEU E 216 -13.91 -27.87 -35.44
N ILE E 217 -14.15 -26.69 -36.00
CA ILE E 217 -15.17 -26.48 -37.02
C ILE E 217 -14.47 -26.19 -38.34
N LYS E 218 -15.05 -26.70 -39.42
CA LYS E 218 -14.55 -26.55 -40.79
C LYS E 218 -15.66 -25.95 -41.62
N GLY E 219 -15.29 -25.06 -42.54
CA GLY E 219 -16.29 -24.40 -43.37
C GLY E 219 -15.76 -23.78 -44.63
N ARG E 220 -16.51 -23.94 -45.72
CA ARG E 220 -16.19 -23.32 -47.00
C ARG E 220 -17.20 -22.23 -47.31
N LYS E 221 -16.74 -21.20 -48.03
CA LYS E 221 -17.64 -20.14 -48.46
C LYS E 221 -18.80 -20.73 -49.25
N GLY E 222 -20.02 -20.40 -48.84
CA GLY E 222 -21.20 -20.94 -49.48
C GLY E 222 -21.63 -22.30 -49.00
N GLY E 223 -20.91 -22.89 -48.04
CA GLY E 223 -21.26 -24.17 -47.49
C GLY E 223 -21.66 -24.09 -46.02
N LYS E 224 -21.91 -25.27 -45.46
CA LYS E 224 -22.34 -25.42 -44.08
C LYS E 224 -21.15 -25.69 -43.16
N ARG E 225 -21.39 -25.57 -41.86
CA ARG E 225 -20.37 -25.90 -40.86
C ARG E 225 -20.30 -27.39 -40.64
N GLU E 226 -19.09 -27.88 -40.41
CA GLU E 226 -18.86 -29.30 -40.12
C GLU E 226 -17.97 -29.42 -38.90
N VAL E 227 -18.22 -30.46 -38.10
CA VAL E 227 -17.29 -30.84 -37.04
C VAL E 227 -16.17 -31.62 -37.69
N ALA E 228 -14.94 -31.13 -37.55
CA ALA E 228 -13.79 -31.69 -38.26
C ALA E 228 -12.86 -32.49 -37.38
N TYR E 229 -12.67 -32.08 -36.12
CA TYR E 229 -11.73 -32.74 -35.21
C TYR E 229 -12.35 -32.74 -33.82
N PRO E 230 -13.02 -33.83 -33.44
CA PRO E 230 -13.64 -33.87 -32.11
C PRO E 230 -12.60 -33.80 -31.02
N ILE E 231 -12.94 -33.07 -29.95
CA ILE E 231 -12.07 -32.93 -28.79
C ILE E 231 -12.85 -33.44 -27.58
N ASN E 232 -12.48 -34.63 -27.10
CA ASN E 232 -13.15 -35.24 -25.96
C ASN E 232 -12.22 -35.53 -24.79
N SER E 233 -10.96 -35.13 -24.87
CA SER E 233 -10.00 -35.44 -23.82
C SER E 233 -8.79 -34.53 -23.97
N ILE E 234 -7.97 -34.51 -22.92
CA ILE E 234 -6.70 -33.79 -22.97
C ILE E 234 -5.82 -34.34 -24.08
N GLU E 235 -5.92 -35.64 -24.36
CA GLU E 235 -5.12 -36.23 -25.43
C GLU E 235 -5.52 -35.63 -26.78
N ASP E 236 -6.81 -35.50 -27.03
CA ASP E 236 -7.27 -34.90 -28.29
C ASP E 236 -6.79 -33.46 -28.40
N ILE E 237 -6.94 -32.68 -27.33
CA ILE E 237 -6.66 -31.26 -27.40
C ILE E 237 -5.17 -30.96 -27.43
N SER E 238 -4.33 -31.89 -26.95
CA SER E 238 -2.89 -31.67 -27.00
C SER E 238 -2.37 -31.63 -28.43
N MET E 239 -3.12 -32.16 -29.39
CA MET E 239 -2.74 -32.15 -30.79
C MET E 239 -3.33 -30.97 -31.55
N ILE E 240 -4.02 -30.06 -30.86
CA ILE E 240 -4.81 -29.04 -31.54
C ILE E 240 -3.95 -28.25 -32.53
N ASP E 241 -2.77 -27.82 -32.11
CA ASP E 241 -1.94 -26.99 -32.97
C ASP E 241 -1.25 -27.80 -34.06
N GLN E 242 -1.02 -29.10 -33.84
CA GLN E 242 -0.53 -29.96 -34.91
C GLN E 242 -1.60 -30.14 -35.99
N VAL E 243 -2.87 -30.22 -35.59
CA VAL E 243 -3.96 -30.32 -36.55
C VAL E 243 -4.07 -29.02 -37.36
N LEU E 244 -4.05 -27.88 -36.67
CA LEU E 244 -4.09 -26.61 -37.38
C LEU E 244 -2.90 -26.47 -38.34
N ARG E 245 -1.73 -26.90 -37.90
CA ARG E 245 -0.57 -26.89 -38.80
C ARG E 245 -0.84 -27.75 -40.04
N ASP E 246 -1.42 -28.94 -39.85
CA ASP E 246 -1.74 -29.78 -40.99
C ASP E 246 -2.65 -29.07 -41.98
N GLU E 247 -3.67 -28.35 -41.48
CA GLU E 247 -4.63 -27.73 -42.37
C GLU E 247 -4.03 -26.53 -43.09
N SER E 248 -3.17 -25.77 -42.42
CA SER E 248 -2.49 -24.66 -43.10
C SER E 248 -1.54 -25.19 -44.17
N VAL E 249 -0.90 -26.32 -43.91
CA VAL E 249 -0.05 -26.94 -44.93
C VAL E 249 -0.88 -27.30 -46.16
N LYS E 250 -2.03 -27.93 -45.94
CA LYS E 250 -2.88 -28.31 -47.06
C LYS E 250 -3.40 -27.09 -47.81
N PHE E 251 -3.73 -26.01 -47.08
CA PHE E 251 -4.26 -24.82 -47.72
C PHE E 251 -3.19 -24.14 -48.57
N ILE E 252 -1.98 -23.95 -48.01
CA ILE E 252 -0.90 -23.34 -48.78
C ILE E 252 -0.58 -24.19 -49.99
N ASN E 253 -0.52 -25.51 -49.81
CA ASN E 253 -0.25 -26.40 -50.93
C ASN E 253 -1.28 -26.24 -52.03
N GLN E 254 -2.56 -26.22 -51.66
CA GLN E 254 -3.63 -26.13 -52.66
C GLN E 254 -3.61 -24.79 -53.37
N ALA E 255 -3.44 -23.69 -52.63
CA ALA E 255 -3.43 -22.38 -53.26
C ALA E 255 -2.32 -22.25 -54.28
N VAL E 256 -1.11 -22.70 -53.92
CA VAL E 256 0.02 -22.60 -54.84
C VAL E 256 -0.22 -23.48 -56.07
N ASP E 257 -0.79 -24.67 -55.87
CA ASP E 257 -1.04 -25.56 -57.00
C ASP E 257 -2.13 -25.03 -57.92
N GLU E 258 -3.11 -24.31 -57.37
CA GLU E 258 -4.11 -23.64 -58.19
C GLU E 258 -3.54 -22.43 -58.92
N GLY E 259 -2.28 -22.05 -58.65
CA GLY E 259 -1.71 -20.87 -59.26
C GLY E 259 -2.36 -19.58 -58.81
N LYS E 260 -2.82 -19.52 -57.57
CA LYS E 260 -3.49 -18.33 -57.06
C LYS E 260 -2.73 -17.76 -55.86
N PRO E 261 -2.73 -16.44 -55.69
CA PRO E 261 -2.16 -15.87 -54.47
C PRO E 261 -3.05 -16.22 -53.28
N PHE E 262 -2.41 -16.46 -52.14
CA PHE E 262 -3.13 -16.85 -50.94
C PHE E 262 -2.95 -15.81 -49.84
N TYR E 263 -3.97 -15.71 -48.99
CA TYR E 263 -3.93 -14.88 -47.79
C TYR E 263 -4.36 -15.76 -46.63
N LEU E 264 -3.43 -16.10 -45.74
CA LEU E 264 -3.68 -17.03 -44.65
C LEU E 264 -3.38 -16.36 -43.32
N ILE E 265 -4.38 -16.37 -42.44
CA ILE E 265 -4.20 -15.98 -41.05
C ILE E 265 -4.10 -17.28 -40.25
N HIS E 266 -2.87 -17.65 -39.87
CA HIS E 266 -2.67 -18.82 -39.01
C HIS E 266 -2.78 -18.35 -37.57
N SER E 267 -3.90 -18.65 -36.93
CA SER E 267 -4.20 -18.20 -35.58
C SER E 267 -3.92 -19.34 -34.62
N PHE E 268 -2.70 -19.36 -34.07
CA PHE E 268 -2.34 -20.37 -33.10
C PHE E 268 -3.33 -20.38 -31.94
N SER E 269 -3.65 -21.58 -31.45
CA SER E 269 -4.35 -21.68 -30.18
C SER E 269 -3.44 -21.30 -29.03
N LYS E 270 -2.18 -21.72 -29.08
CA LYS E 270 -1.20 -21.32 -28.08
C LYS E 270 -0.87 -19.84 -28.23
N ILE E 271 -0.40 -19.21 -27.14
CA ILE E 271 -0.17 -19.85 -25.85
C ILE E 271 -1.29 -19.52 -24.86
N HIS E 272 -2.53 -19.59 -25.33
CA HIS E 272 -3.67 -19.33 -24.45
C HIS E 272 -3.84 -20.48 -23.46
N ASN E 273 -4.31 -20.13 -22.26
CA ASN E 273 -4.56 -21.13 -21.23
C ASN E 273 -5.80 -21.95 -21.57
N ASP E 274 -5.82 -23.22 -21.18
CA ASP E 274 -4.71 -23.94 -20.55
C ASP E 274 -3.86 -24.60 -21.63
N ASN E 275 -2.55 -24.42 -21.57
CA ASN E 275 -1.67 -24.95 -22.61
C ASN E 275 -1.41 -26.44 -22.39
N TYR E 276 -1.68 -27.22 -23.43
CA TYR E 276 -1.35 -28.65 -23.47
C TYR E 276 -0.61 -28.90 -24.77
N PRO E 277 0.71 -28.77 -24.77
CA PRO E 277 1.47 -29.04 -26.00
C PRO E 277 1.37 -30.49 -26.42
N ALA E 278 1.74 -30.76 -27.67
CA ALA E 278 1.76 -32.12 -28.16
C ALA E 278 2.73 -32.95 -27.33
N PRO E 279 2.45 -34.25 -27.16
CA PRO E 279 3.30 -35.07 -26.28
C PRO E 279 4.79 -34.98 -26.57
N LYS E 280 5.19 -34.97 -27.85
CA LYS E 280 6.61 -34.94 -28.17
C LYS E 280 7.31 -33.68 -27.66
N TYR E 281 6.55 -32.65 -27.25
CA TYR E 281 7.11 -31.42 -26.71
C TYR E 281 7.09 -31.37 -25.20
N LYS E 282 6.73 -32.47 -24.53
CA LYS E 282 6.72 -32.47 -23.07
C LYS E 282 8.17 -32.46 -22.56
N GLY E 283 8.54 -31.39 -21.85
CA GLY E 283 9.90 -31.22 -21.42
C GLY E 283 10.85 -30.72 -22.49
N ALA E 284 10.34 -30.37 -23.67
CA ALA E 284 11.21 -29.92 -24.75
C ALA E 284 11.93 -28.63 -24.38
N SER E 285 11.34 -27.82 -23.51
CA SER E 285 11.96 -26.57 -23.14
C SER E 285 12.83 -26.74 -21.90
N PRO E 286 13.91 -25.96 -21.80
CA PRO E 286 14.72 -26.02 -20.57
C PRO E 286 13.91 -25.74 -19.32
N ALA E 287 12.91 -24.86 -19.40
CA ALA E 287 12.07 -24.60 -18.24
C ALA E 287 11.24 -25.81 -17.87
N ALA E 288 10.80 -26.59 -18.86
CA ALA E 288 9.98 -27.78 -18.63
C ALA E 288 8.66 -27.41 -17.96
N MET E 289 8.02 -26.37 -18.49
CA MET E 289 6.70 -25.94 -18.04
C MET E 289 5.77 -25.89 -19.25
N PRO E 290 4.50 -26.25 -19.08
CA PRO E 290 3.60 -26.34 -20.24
C PRO E 290 3.62 -25.13 -21.16
N VAL E 291 3.66 -23.92 -20.62
CA VAL E 291 3.58 -22.73 -21.45
C VAL E 291 4.89 -22.51 -22.22
N ARG E 292 6.02 -22.91 -21.64
CA ARG E 292 7.29 -22.80 -22.37
C ARG E 292 7.45 -23.92 -23.38
N ASP E 293 6.94 -25.12 -23.07
CA ASP E 293 6.86 -26.17 -24.07
C ASP E 293 5.98 -25.74 -25.24
N ALA E 294 4.92 -24.97 -24.94
CA ALA E 294 4.03 -24.49 -25.99
C ALA E 294 4.73 -23.51 -26.91
N MET E 295 5.66 -22.69 -26.39
CA MET E 295 6.41 -21.79 -27.25
C MET E 295 7.34 -22.56 -28.17
N VAL E 296 7.98 -23.61 -27.67
CA VAL E 296 8.84 -24.42 -28.52
C VAL E 296 8.03 -25.04 -29.65
N GLU E 297 6.79 -25.43 -29.36
CA GLU E 297 5.93 -25.98 -30.42
C GLU E 297 5.57 -24.90 -31.43
N VAL E 298 5.21 -23.71 -30.95
CA VAL E 298 4.89 -22.61 -31.86
C VAL E 298 6.07 -22.28 -32.75
N ASP E 299 7.28 -22.28 -32.19
CA ASP E 299 8.46 -21.98 -32.97
C ASP E 299 8.70 -23.04 -34.05
N ASP E 300 8.46 -24.31 -33.71
CA ASP E 300 8.68 -25.36 -34.70
C ASP E 300 7.66 -25.28 -35.84
N ILE E 301 6.39 -25.03 -35.52
CA ILE E 301 5.39 -24.87 -36.56
C ILE E 301 5.75 -23.71 -37.48
N THR E 302 6.22 -22.61 -36.89
CA THR E 302 6.63 -21.47 -37.71
C THR E 302 7.72 -21.86 -38.69
N GLY E 303 8.68 -22.68 -38.25
CA GLY E 303 9.71 -23.15 -39.16
C GLY E 303 9.17 -24.07 -40.24
N GLU E 304 8.16 -24.88 -39.92
CA GLU E 304 7.60 -25.78 -40.90
C GLU E 304 6.88 -25.02 -42.01
N LEU E 305 6.11 -23.99 -41.66
CA LEU E 305 5.40 -23.22 -42.66
C LEU E 305 6.37 -22.42 -43.53
N VAL E 306 7.44 -21.91 -42.94
CA VAL E 306 8.46 -21.22 -43.74
C VAL E 306 9.13 -22.20 -44.69
N ALA E 307 9.47 -23.39 -44.18
CA ALA E 307 10.12 -24.38 -45.04
C ALA E 307 9.21 -24.82 -46.16
N LEU E 308 7.90 -24.93 -45.89
CA LEU E 308 6.96 -25.30 -46.94
C LEU E 308 6.94 -24.26 -48.05
N LEU E 309 6.86 -22.97 -47.68
CA LEU E 309 6.91 -21.92 -48.69
C LEU E 309 8.18 -22.01 -49.53
N LYS E 310 9.30 -22.37 -48.90
CA LYS E 310 10.54 -22.52 -49.65
C LYS E 310 10.49 -23.74 -50.56
N GLU E 311 9.87 -24.82 -50.11
CA GLU E 311 9.78 -26.03 -50.92
C GLU E 311 8.84 -25.85 -52.10
N LYS E 312 7.83 -25.00 -51.96
CA LYS E 312 6.92 -24.68 -53.06
C LYS E 312 7.42 -23.53 -53.93
N GLY E 313 8.60 -22.99 -53.64
CA GLY E 313 9.13 -21.88 -54.42
C GLY E 313 8.31 -20.61 -54.32
N GLN E 314 7.61 -20.40 -53.20
CA GLN E 314 6.80 -19.22 -53.00
C GLN E 314 7.28 -18.36 -51.83
N LEU E 315 8.46 -18.65 -51.27
CA LEU E 315 8.96 -17.86 -50.15
C LEU E 315 9.27 -16.43 -50.58
N GLU E 316 9.88 -16.25 -51.76
CA GLU E 316 10.19 -14.91 -52.23
C GLU E 316 8.94 -14.09 -52.56
N ASN E 317 7.78 -14.73 -52.64
CA ASN E 317 6.53 -14.06 -52.98
C ASN E 317 5.55 -14.04 -51.81
N THR E 318 6.04 -14.16 -50.59
CA THR E 318 5.19 -14.23 -49.41
C THR E 318 5.70 -13.26 -48.35
N LEU E 319 4.88 -12.28 -48.02
CA LEU E 319 5.11 -11.46 -46.84
C LEU E 319 4.65 -12.26 -45.62
N ILE E 320 5.55 -12.50 -44.68
CA ILE E 320 5.26 -13.21 -43.45
C ILE E 320 5.24 -12.20 -42.32
N ILE E 321 4.13 -12.12 -41.60
CA ILE E 321 3.98 -11.25 -40.44
C ILE E 321 3.78 -12.15 -39.21
N PHE E 322 4.73 -12.09 -38.28
CA PHE E 322 4.62 -12.77 -37.01
C PHE E 322 4.28 -11.73 -35.94
N THR E 323 3.17 -11.93 -35.24
CA THR E 323 2.69 -10.96 -34.27
C THR E 323 1.84 -11.67 -33.24
N SER E 324 1.35 -10.90 -32.27
CA SER E 324 0.49 -11.41 -31.21
C SER E 324 -0.80 -10.59 -31.21
N ASP E 325 -1.82 -11.11 -30.53
CA ASP E 325 -3.09 -10.41 -30.45
C ASP E 325 -3.22 -9.56 -29.19
N ASN E 326 -2.43 -9.82 -28.16
CA ASN E 326 -2.42 -8.98 -26.96
C ASN E 326 -1.28 -9.45 -26.08
N GLY E 327 -1.12 -8.76 -24.94
CA GLY E 327 -0.02 -9.04 -24.03
C GLY E 327 -0.26 -10.29 -23.21
N PRO E 328 0.72 -10.60 -22.35
CA PRO E 328 0.65 -11.86 -21.61
C PRO E 328 -0.49 -11.87 -20.60
N ASN E 329 -1.09 -13.05 -20.44
CA ASN E 329 -2.18 -13.26 -19.49
C ASN E 329 -1.57 -13.68 -18.16
N GLU E 330 -1.19 -12.68 -17.35
CA GLU E 330 -0.57 -12.97 -16.06
C GLU E 330 -1.57 -13.58 -15.07
N ASP E 331 -2.87 -13.46 -15.32
CA ASP E 331 -3.85 -13.98 -14.39
C ASP E 331 -3.84 -15.50 -14.31
N THR E 332 -3.35 -16.18 -15.34
CA THR E 332 -3.27 -17.64 -15.36
C THR E 332 -1.87 -18.15 -15.04
N TRP E 333 -1.05 -17.32 -14.39
CA TRP E 333 0.29 -17.75 -13.99
C TRP E 333 0.20 -19.05 -13.20
N PRO E 334 1.13 -20.00 -13.39
CA PRO E 334 2.32 -19.97 -14.24
C PRO E 334 2.10 -20.40 -15.70
N ASP E 335 0.85 -20.43 -16.14
CA ASP E 335 0.55 -20.74 -17.54
C ASP E 335 0.35 -19.41 -18.30
N SER E 336 1.44 -18.67 -18.41
CA SER E 336 1.40 -17.33 -18.97
C SER E 336 2.71 -16.98 -19.65
N GLY E 337 2.64 -16.10 -20.64
CA GLY E 337 3.81 -15.59 -21.30
C GLY E 337 4.49 -14.50 -20.51
N TYR E 338 5.56 -13.96 -21.10
CA TYR E 338 6.41 -12.97 -20.45
C TYR E 338 6.46 -11.69 -21.24
N SER E 339 6.46 -10.55 -20.53
CA SER E 339 6.69 -9.26 -21.14
C SER E 339 7.43 -8.38 -20.15
N PRO E 340 8.38 -7.55 -20.61
CA PRO E 340 9.09 -6.66 -19.69
C PRO E 340 8.26 -5.47 -19.23
N TRP E 341 7.16 -5.17 -19.90
CA TRP E 341 6.42 -3.95 -19.64
C TRP E 341 5.46 -4.13 -18.47
N ARG E 342 4.86 -3.02 -18.05
CA ARG E 342 3.94 -3.02 -16.92
C ARG E 342 2.60 -3.61 -17.29
N GLY E 343 1.99 -4.31 -16.33
CA GLY E 343 0.67 -4.87 -16.55
C GLY E 343 0.68 -6.07 -17.46
N GLY E 344 -0.41 -6.24 -18.20
CA GLY E 344 -0.51 -7.35 -19.12
C GLY E 344 -1.85 -7.35 -19.80
N LYS E 345 -2.21 -8.50 -20.38
CA LYS E 345 -3.51 -8.67 -21.01
C LYS E 345 -4.60 -8.08 -20.13
N GLY E 346 -5.52 -7.35 -20.75
CA GLY E 346 -6.63 -6.75 -20.03
C GLY E 346 -6.42 -5.34 -19.55
N THR E 347 -5.29 -4.71 -19.89
CA THR E 347 -5.02 -3.34 -19.50
C THR E 347 -4.44 -2.60 -20.71
N THR E 348 -4.48 -1.28 -20.63
CA THR E 348 -3.83 -0.43 -21.63
C THR E 348 -2.47 0.05 -21.17
N TRP E 349 -1.91 -0.55 -20.11
CA TRP E 349 -0.47 -0.46 -19.91
C TRP E 349 0.23 -1.10 -21.11
N GLU E 350 1.50 -0.72 -21.31
CA GLU E 350 2.24 -1.23 -22.46
C GLU E 350 2.32 -2.75 -22.45
N GLY E 351 2.30 -3.36 -21.27
CA GLY E 351 2.34 -4.80 -21.18
C GLY E 351 1.14 -5.48 -21.82
N GLY E 352 0.02 -4.79 -21.92
CA GLY E 352 -1.17 -5.38 -22.50
C GLY E 352 -1.30 -5.18 -23.99
N VAL E 353 -0.66 -4.15 -24.54
CA VAL E 353 -0.87 -3.78 -25.94
C VAL E 353 0.40 -3.69 -26.76
N ARG E 354 1.58 -3.57 -26.17
CA ARG E 354 2.83 -3.53 -26.94
C ARG E 354 3.30 -4.95 -27.15
N ILE E 355 3.28 -5.41 -28.39
CA ILE E 355 3.38 -6.84 -28.71
C ILE E 355 4.52 -7.04 -29.69
N PRO E 356 4.99 -8.29 -29.84
CA PRO E 356 6.02 -8.57 -30.85
C PRO E 356 5.47 -8.34 -32.25
N GLY E 357 6.35 -7.89 -33.13
CA GLY E 357 5.98 -7.63 -34.50
C GLY E 357 7.14 -7.83 -35.46
N ILE E 358 7.12 -8.92 -36.21
CA ILE E 358 8.20 -9.29 -37.11
C ILE E 358 7.64 -9.38 -38.52
N ALA E 359 8.32 -8.73 -39.46
CA ALA E 359 7.96 -8.77 -40.88
C ALA E 359 9.13 -9.36 -41.65
N TYR E 360 8.87 -10.42 -42.39
CA TYR E 360 9.90 -11.12 -43.16
C TYR E 360 9.40 -11.26 -44.59
N TRP E 361 10.22 -10.85 -45.54
CA TRP E 361 9.87 -10.95 -46.96
C TRP E 361 11.18 -11.19 -47.73
N LYS E 362 11.50 -12.47 -47.93
CA LYS E 362 12.72 -12.88 -48.60
C LYS E 362 12.93 -12.13 -49.91
N GLY E 363 13.96 -11.28 -49.96
CA GLY E 363 14.27 -10.53 -51.16
C GLY E 363 13.59 -9.18 -51.27
N MET E 364 12.71 -8.84 -50.35
CA MET E 364 11.99 -7.57 -50.36
C MET E 364 12.30 -6.70 -49.17
N ILE E 365 12.43 -7.28 -47.98
CA ILE E 365 12.72 -6.56 -46.76
C ILE E 365 14.16 -6.88 -46.35
N SER E 366 14.99 -5.85 -46.25
CA SER E 366 16.39 -6.06 -45.91
C SER E 366 16.52 -6.71 -44.54
N ALA E 367 17.50 -7.59 -44.41
CA ALA E 367 17.71 -8.30 -43.15
C ALA E 367 18.33 -7.40 -42.09
N GLY E 368 18.05 -7.71 -40.84
CA GLY E 368 18.74 -7.06 -39.74
C GLY E 368 18.23 -5.69 -39.36
N GLN E 369 16.97 -5.39 -39.64
CA GLN E 369 16.39 -4.11 -39.28
C GLN E 369 15.67 -4.20 -37.94
N VAL E 370 15.85 -3.17 -37.12
CA VAL E 370 15.08 -2.99 -35.89
C VAL E 370 14.51 -1.57 -35.94
N ASN E 371 13.18 -1.46 -35.93
CA ASN E 371 12.50 -0.21 -36.20
C ASN E 371 11.44 0.05 -35.13
N ASN E 372 11.52 1.22 -34.49
CA ASN E 372 10.62 1.57 -33.41
C ASN E 372 9.43 2.41 -33.88
N GLY E 373 9.14 2.39 -35.18
CA GLY E 373 8.03 3.17 -35.69
C GLY E 373 6.69 2.58 -35.29
N LEU E 374 5.72 3.46 -35.06
CA LEU E 374 4.42 3.03 -34.58
C LEU E 374 3.68 2.19 -35.63
N MET E 375 3.08 1.10 -35.17
CA MET E 375 2.29 0.25 -36.06
C MET E 375 1.19 -0.43 -35.24
N ASP E 376 0.10 -0.78 -35.93
CA ASP E 376 -1.11 -1.28 -35.31
C ASP E 376 -1.55 -2.54 -36.04
N LEU E 377 -2.38 -3.34 -35.38
CA LEU E 377 -2.96 -4.51 -36.04
C LEU E 377 -3.83 -4.09 -37.22
N THR E 378 -4.58 -2.99 -37.07
CA THR E 378 -5.36 -2.48 -38.18
C THR E 378 -4.49 -2.14 -39.38
N ASP E 379 -3.20 -1.87 -39.16
CA ASP E 379 -2.30 -1.57 -40.27
C ASP E 379 -1.99 -2.81 -41.09
N ILE E 380 -1.95 -3.99 -40.45
CA ILE E 380 -1.79 -5.23 -41.20
C ILE E 380 -2.97 -5.45 -42.12
N TYR E 381 -4.18 -5.15 -41.64
CA TYR E 381 -5.37 -5.22 -42.49
C TYR E 381 -5.25 -4.28 -43.67
N MET E 382 -4.90 -3.01 -43.42
CA MET E 382 -4.86 -2.04 -44.49
C MET E 382 -3.67 -2.25 -45.41
N THR E 383 -2.54 -2.72 -44.88
CA THR E 383 -1.41 -3.06 -45.73
C THR E 383 -1.75 -4.22 -46.66
N SER E 384 -2.53 -5.19 -46.16
CA SER E 384 -2.92 -6.33 -46.98
C SER E 384 -3.80 -5.90 -48.15
N LEU E 385 -4.72 -4.96 -47.91
CA LEU E 385 -5.60 -4.51 -48.98
C LEU E 385 -4.81 -3.80 -50.07
N ARG E 386 -3.82 -2.99 -49.69
CA ARG E 386 -3.02 -2.31 -50.70
C ARG E 386 -2.21 -3.31 -51.51
N LEU E 387 -1.69 -4.36 -50.87
CA LEU E 387 -0.94 -5.37 -51.61
C LEU E 387 -1.81 -6.07 -52.64
N GLY E 388 -3.09 -6.25 -52.34
CA GLY E 388 -4.03 -6.73 -53.33
C GLY E 388 -4.61 -5.65 -54.22
N GLY E 389 -4.43 -4.38 -53.83
CA GLY E 389 -4.90 -3.27 -54.62
C GLY E 389 -6.39 -3.06 -54.53
N VAL E 390 -6.94 -3.05 -53.32
CA VAL E 390 -8.38 -2.97 -53.14
C VAL E 390 -8.75 -2.04 -52.00
N ILE E 391 -7.87 -1.10 -51.66
CA ILE E 391 -8.22 -0.15 -50.61
C ILE E 391 -9.37 0.74 -51.06
N ASP E 392 -9.48 1.01 -52.37
CA ASP E 392 -10.55 1.87 -52.88
C ASP E 392 -11.91 1.20 -52.88
N GLU E 393 -12.00 -0.07 -52.46
CA GLU E 393 -13.28 -0.77 -52.38
C GLU E 393 -13.96 -0.60 -51.03
N LEU E 394 -13.30 0.02 -50.05
CA LEU E 394 -13.90 0.16 -48.74
C LEU E 394 -15.09 1.11 -48.81
N PRO E 395 -16.14 0.86 -48.04
CA PRO E 395 -17.30 1.76 -48.06
C PRO E 395 -16.95 3.14 -47.51
N SER E 396 -17.60 4.15 -48.07
CA SER E 396 -17.35 5.52 -47.68
C SER E 396 -18.09 5.92 -46.40
N ASN E 397 -19.09 5.15 -45.98
CA ASN E 397 -19.89 5.48 -44.81
C ASN E 397 -19.31 4.90 -43.52
N MET E 398 -18.12 4.32 -43.56
CA MET E 398 -17.48 3.75 -42.40
C MET E 398 -16.07 4.31 -42.26
N TYR E 399 -15.68 4.60 -41.02
CA TYR E 399 -14.34 5.11 -40.72
C TYR E 399 -13.40 3.95 -40.46
N PHE E 400 -12.20 4.02 -41.05
CA PHE E 400 -11.21 2.96 -40.94
C PHE E 400 -9.97 3.49 -40.25
N ASP E 401 -9.59 2.84 -39.16
CA ASP E 401 -8.45 3.27 -38.35
C ASP E 401 -7.11 2.78 -38.88
N GLY E 402 -7.12 1.80 -39.79
CA GLY E 402 -5.88 1.25 -40.28
C GLY E 402 -5.21 2.12 -41.32
N ILE E 403 -3.89 2.03 -41.37
CA ILE E 403 -3.06 2.80 -42.28
C ILE E 403 -2.21 1.83 -43.10
N ASP E 404 -2.10 2.08 -44.40
CA ASP E 404 -1.24 1.28 -45.25
C ASP E 404 0.21 1.53 -44.89
N GLN E 405 0.91 0.49 -44.43
CA GLN E 405 2.29 0.60 -44.00
C GLN E 405 3.27 -0.07 -44.96
N THR E 406 2.88 -0.22 -46.23
CA THR E 406 3.76 -0.83 -47.21
C THR E 406 5.06 -0.03 -47.34
N ALA E 407 4.95 1.29 -47.48
CA ALA E 407 6.14 2.13 -47.61
C ALA E 407 7.00 2.09 -46.35
N PHE E 408 6.44 1.69 -45.22
CA PHE E 408 7.22 1.57 -44.00
C PHE E 408 7.95 0.24 -43.93
N LEU E 409 7.29 -0.84 -44.37
CA LEU E 409 7.89 -2.17 -44.24
C LEU E 409 8.91 -2.45 -45.34
N LEU E 410 8.74 -1.87 -46.52
CA LEU E 410 9.61 -2.19 -47.65
C LEU E 410 10.77 -1.23 -47.82
N ALA E 411 10.85 -0.17 -47.02
CA ALA E 411 11.96 0.77 -47.07
C ALA E 411 13.00 0.41 -46.02
N ASP E 412 14.26 0.66 -46.35
CA ASP E 412 15.34 0.42 -45.41
C ASP E 412 15.31 1.44 -44.29
N ASN E 413 15.13 0.98 -43.06
CA ASN E 413 15.05 1.85 -41.89
C ASN E 413 14.06 2.99 -42.14
N GLY E 414 12.94 2.66 -42.76
CA GLY E 414 11.97 3.66 -43.09
C GLY E 414 11.26 4.22 -41.88
N LYS E 415 10.59 5.34 -42.08
CA LYS E 415 9.77 5.94 -41.04
C LYS E 415 8.34 5.48 -41.20
N SER E 416 7.62 5.46 -40.08
CA SER E 416 6.25 4.97 -40.08
C SER E 416 5.28 6.02 -40.62
N ARG E 417 4.18 5.55 -41.17
CA ARG E 417 3.11 6.42 -41.66
C ARG E 417 2.07 6.74 -40.59
N ARG E 418 2.21 6.17 -39.39
CA ARG E 418 1.24 6.32 -38.32
C ARG E 418 1.78 7.29 -37.28
N GLN E 419 1.03 8.35 -37.00
CA GLN E 419 1.43 9.33 -35.99
C GLN E 419 1.08 8.86 -34.59
N VAL E 420 -0.11 8.27 -34.41
CA VAL E 420 -0.72 8.08 -33.11
C VAL E 420 -1.31 6.68 -33.02
N VAL E 421 -1.16 6.06 -31.86
CA VAL E 421 -1.87 4.84 -31.50
C VAL E 421 -2.92 5.21 -30.47
N TYR E 422 -4.17 4.85 -30.73
CA TYR E 422 -5.27 5.10 -29.80
C TYR E 422 -5.64 3.81 -29.09
N MET E 423 -5.84 3.92 -27.78
CA MET E 423 -6.02 2.75 -26.93
C MET E 423 -7.38 2.79 -26.27
N TRP E 424 -8.12 1.69 -26.41
CA TRP E 424 -9.47 1.56 -25.88
C TRP E 424 -9.58 0.29 -25.05
N SER E 425 -10.31 0.38 -23.95
CA SER E 425 -10.76 -0.79 -23.20
C SER E 425 -12.25 -0.92 -23.52
N ARG E 426 -12.57 -1.74 -24.52
CA ARG E 426 -13.93 -1.88 -25.03
C ARG E 426 -14.49 -0.50 -25.38
N GLU E 427 -15.43 0.00 -24.59
CA GLU E 427 -16.09 1.26 -24.88
C GLU E 427 -15.44 2.45 -24.19
N ASP E 428 -14.31 2.25 -23.51
CA ASP E 428 -13.63 3.30 -22.77
C ASP E 428 -12.33 3.67 -23.49
N PHE E 429 -12.17 4.95 -23.80
CA PHE E 429 -10.91 5.45 -24.35
C PHE E 429 -9.99 5.79 -23.20
N THR E 430 -8.84 5.13 -23.13
CA THR E 430 -7.98 5.20 -21.96
C THR E 430 -6.63 5.86 -22.21
N ALA E 431 -6.10 5.80 -23.42
CA ALA E 431 -4.77 6.33 -23.65
C ALA E 431 -4.47 6.43 -25.13
N LEU E 432 -3.43 7.19 -25.44
CA LEU E 432 -2.88 7.26 -26.79
C LEU E 432 -1.37 7.35 -26.68
N ARG E 433 -0.68 6.90 -27.73
CA ARG E 433 0.74 7.11 -27.86
C ARG E 433 1.01 8.06 -29.03
N TRP E 434 1.84 9.06 -28.79
CA TRP E 434 2.25 10.00 -29.82
C TRP E 434 3.76 10.21 -29.68
N LEU E 435 4.48 9.99 -30.77
CA LEU E 435 5.95 10.00 -30.76
C LEU E 435 6.36 8.89 -29.80
N ASP E 436 7.16 9.17 -28.78
CA ASP E 436 7.54 8.18 -27.77
C ASP E 436 6.92 8.50 -26.42
N TYR E 437 5.79 9.21 -26.43
CA TYR E 437 5.10 9.62 -25.22
C TYR E 437 3.79 8.85 -25.09
N LYS E 438 3.56 8.28 -23.91
CA LYS E 438 2.35 7.54 -23.59
C LYS E 438 1.52 8.40 -22.66
N ILE E 439 0.30 8.72 -23.07
CA ILE E 439 -0.59 9.59 -22.29
C ILE E 439 -1.82 8.77 -21.92
N HIS E 440 -2.06 8.64 -20.61
CA HIS E 440 -3.21 7.93 -20.09
C HIS E 440 -4.27 8.92 -19.62
N PHE E 441 -5.51 8.71 -20.04
CA PHE E 441 -6.65 9.46 -19.52
C PHE E 441 -7.48 8.66 -18.53
N LYS E 442 -7.43 7.33 -18.63
CA LYS E 442 -7.96 6.42 -17.62
C LYS E 442 -6.89 5.37 -17.36
N VAL E 443 -6.76 4.95 -16.10
CA VAL E 443 -5.66 4.12 -15.66
C VAL E 443 -6.19 2.86 -15.00
N PHE E 444 -5.61 1.71 -15.38
CA PHE E 444 -5.90 0.44 -14.72
C PHE E 444 -5.04 0.30 -13.47
N ASN E 445 -5.68 0.02 -12.33
CA ASN E 445 -4.98 -0.15 -11.06
C ASN E 445 -5.27 -1.55 -10.53
N THR E 446 -4.20 -2.30 -10.25
CA THR E 446 -4.31 -3.72 -9.93
C THR E 446 -4.13 -3.93 -8.43
N ALA E 447 -5.07 -4.66 -7.83
CA ALA E 447 -5.11 -4.85 -6.38
C ALA E 447 -4.44 -6.14 -5.91
N VAL E 448 -4.13 -7.05 -6.82
CA VAL E 448 -3.45 -8.31 -6.48
C VAL E 448 -2.34 -8.51 -7.52
N PRO E 449 -1.12 -8.84 -7.12
CA PRO E 449 -0.06 -9.05 -8.11
C PRO E 449 -0.47 -10.08 -9.16
N ARG E 450 -0.16 -9.77 -10.42
CA ARG E 450 -0.40 -10.57 -11.61
C ARG E 450 -1.86 -10.49 -12.09
N ARG E 451 -2.76 -9.85 -11.36
CA ARG E 451 -4.19 -9.99 -11.61
C ARG E 451 -4.75 -8.77 -12.34
N ASN E 452 -4.17 -8.51 -13.51
CA ASN E 452 -4.58 -7.35 -14.30
C ASN E 452 -6.02 -7.47 -14.77
N ILE E 453 -6.45 -8.68 -15.14
CA ILE E 453 -7.79 -8.86 -15.65
C ILE E 453 -8.80 -8.98 -14.51
N ASP E 454 -8.49 -9.80 -13.53
CA ASP E 454 -9.50 -10.32 -12.60
C ASP E 454 -9.55 -9.60 -11.26
N ALA E 455 -8.65 -8.66 -11.01
CA ALA E 455 -8.67 -7.91 -9.76
C ALA E 455 -8.10 -6.52 -9.99
N SER E 456 -8.74 -5.75 -10.87
CA SER E 456 -8.27 -4.43 -11.25
C SER E 456 -9.42 -3.43 -11.18
N PHE E 457 -9.03 -2.15 -11.14
CA PHE E 457 -9.95 -1.03 -11.25
C PHE E 457 -9.58 -0.22 -12.48
N LEU E 458 -10.57 0.43 -13.08
CA LEU E 458 -10.35 1.43 -14.13
C LEU E 458 -10.71 2.78 -13.52
N LEU E 459 -9.70 3.60 -13.26
CA LEU E 459 -9.85 4.83 -12.50
C LEU E 459 -9.64 6.05 -13.38
N ASP E 460 -10.34 7.13 -13.04
CA ASP E 460 -10.17 8.40 -13.73
C ASP E 460 -8.95 9.13 -13.16
N ILE E 461 -8.21 9.79 -14.05
CA ILE E 461 -7.00 10.51 -13.65
C ILE E 461 -7.39 11.76 -12.88
N GLY E 462 -6.41 12.43 -12.29
CA GLY E 462 -6.65 13.64 -11.53
C GLY E 462 -6.59 14.89 -12.37
N THR E 463 -5.76 15.86 -11.96
CA THR E 463 -5.70 17.13 -12.66
C THR E 463 -5.06 16.99 -14.04
N ALA E 464 -4.01 16.18 -14.15
CA ALA E 464 -3.31 16.02 -15.40
C ALA E 464 -3.32 14.57 -15.85
N PRO E 465 -3.44 14.32 -17.17
CA PRO E 465 -3.25 12.95 -17.65
C PRO E 465 -1.87 12.43 -17.28
N TRP E 466 -1.77 11.11 -17.10
CA TRP E 466 -0.49 10.49 -16.80
C TRP E 466 0.35 10.42 -18.06
N VAL E 467 1.61 10.84 -17.97
CA VAL E 467 2.50 10.89 -19.11
C VAL E 467 3.76 10.10 -18.78
N PHE E 468 4.19 9.28 -19.73
CA PHE E 468 5.45 8.56 -19.64
C PHE E 468 6.21 8.77 -20.94
N ASN E 469 7.46 9.19 -20.84
CA ASN E 469 8.40 9.07 -21.95
C ASN E 469 8.83 7.62 -22.00
N LEU E 470 8.31 6.86 -22.98
CA LEU E 470 8.55 5.43 -23.04
C LEU E 470 10.02 5.09 -23.34
N ASN E 471 10.78 6.02 -23.95
CA ASN E 471 12.20 5.79 -24.08
C ASN E 471 12.89 5.81 -22.72
N MET E 472 12.46 6.72 -21.84
CA MET E 472 13.09 6.88 -20.54
C MET E 472 12.40 6.08 -19.44
N ASP E 473 11.14 5.72 -19.61
CA ASP E 473 10.38 4.97 -18.61
C ASP E 473 9.53 3.93 -19.34
N PRO E 474 10.18 2.95 -19.97
CA PRO E 474 9.43 1.95 -20.74
C PRO E 474 8.56 1.05 -19.88
N LYS E 475 8.86 0.91 -18.59
CA LYS E 475 8.06 0.11 -17.68
C LYS E 475 7.00 0.93 -16.95
N GLU E 476 6.84 2.20 -17.32
CA GLU E 476 5.76 3.05 -16.80
C GLU E 476 5.69 2.99 -15.29
N MET E 477 6.84 3.24 -14.65
CA MET E 477 6.93 3.08 -13.19
C MET E 477 6.40 4.30 -12.44
N ALA E 478 6.51 5.50 -13.01
CA ALA E 478 6.08 6.70 -12.30
C ALA E 478 5.84 7.81 -13.30
N SER E 479 4.59 8.28 -13.37
CA SER E 479 4.23 9.31 -14.34
C SER E 479 4.82 10.66 -13.95
N THR E 480 5.28 11.40 -14.96
CA THR E 480 5.72 12.78 -14.78
C THR E 480 4.68 13.79 -15.24
N GLY E 481 3.58 13.34 -15.84
CA GLY E 481 2.52 14.25 -16.25
C GLY E 481 3.04 15.39 -17.08
N HIS E 482 2.61 16.60 -16.73
CA HIS E 482 2.92 17.80 -17.49
C HIS E 482 4.34 18.32 -17.28
N GLN E 483 5.08 17.75 -16.32
CA GLN E 483 6.32 18.39 -15.86
C GLN E 483 7.27 18.66 -17.02
N TYR E 484 7.51 17.67 -17.87
CA TYR E 484 8.44 17.79 -18.99
C TYR E 484 7.73 17.79 -20.34
N PHE E 485 6.43 18.10 -20.36
CA PHE E 485 5.63 17.92 -21.57
C PHE E 485 4.57 19.00 -21.72
N GLU E 486 4.82 20.19 -21.19
CA GLU E 486 3.87 21.28 -21.37
C GLU E 486 3.76 21.70 -22.82
N TRP E 487 4.85 21.54 -23.58
CA TRP E 487 4.83 21.86 -25.01
C TRP E 487 4.01 20.87 -25.81
N GLY E 488 3.73 19.69 -25.26
CA GLY E 488 3.09 18.62 -26.03
C GLY E 488 1.72 18.22 -25.55
N MET E 489 1.40 18.55 -24.30
CA MET E 489 0.11 18.15 -23.75
C MET E 489 -1.08 18.71 -24.52
N PRO E 490 -1.08 19.97 -24.94
CA PRO E 490 -2.22 20.45 -25.76
C PRO E 490 -2.35 19.73 -27.09
N GLN E 491 -1.26 19.25 -27.67
CA GLN E 491 -1.36 18.51 -28.93
C GLN E 491 -1.89 17.11 -28.71
N ALA E 492 -1.50 16.47 -27.60
CA ALA E 492 -2.06 15.16 -27.27
C ALA E 492 -3.56 15.27 -27.00
N THR E 493 -4.00 16.38 -26.40
CA THR E 493 -5.43 16.60 -26.20
C THR E 493 -6.13 16.87 -27.52
N LYS E 494 -5.48 17.60 -28.43
CA LYS E 494 -6.04 17.79 -29.76
C LYS E 494 -6.27 16.45 -30.44
N PHE E 495 -5.26 15.56 -30.41
CA PHE E 495 -5.42 14.25 -31.00
C PHE E 495 -6.61 13.51 -30.41
N MET E 496 -6.71 13.47 -29.07
CA MET E 496 -7.79 12.75 -28.43
C MET E 496 -9.15 13.26 -28.91
N LYS E 497 -9.33 14.58 -28.90
CA LYS E 497 -10.63 15.14 -29.22
C LYS E 497 -10.99 14.91 -30.69
N ALA E 498 -10.01 15.01 -31.59
CA ALA E 498 -10.29 14.72 -32.99
C ALA E 498 -10.63 13.24 -33.19
N HIS E 499 -9.98 12.36 -32.41
CA HIS E 499 -10.25 10.94 -32.53
C HIS E 499 -11.69 10.62 -32.15
N ILE E 500 -12.15 11.13 -31.01
CA ILE E 500 -13.52 10.89 -30.60
C ILE E 500 -14.50 11.63 -31.51
N ALA E 501 -14.07 12.72 -32.14
CA ALA E 501 -14.94 13.43 -33.06
C ALA E 501 -15.27 12.58 -34.28
N THR E 502 -14.31 11.76 -34.75
CA THR E 502 -14.59 10.89 -35.89
C THR E 502 -15.73 9.93 -35.60
N MET E 503 -16.04 9.69 -34.32
CA MET E 503 -17.11 8.79 -33.93
C MET E 503 -18.46 9.47 -33.80
N LYS E 504 -18.49 10.81 -33.84
CA LYS E 504 -19.73 11.53 -34.01
C LYS E 504 -20.06 11.74 -35.49
N LYS E 505 -19.03 11.88 -36.32
CA LYS E 505 -19.22 11.98 -37.77
C LYS E 505 -19.52 10.62 -38.38
N TYR E 506 -18.87 9.57 -37.89
CA TYR E 506 -19.09 8.19 -38.33
C TYR E 506 -19.56 7.40 -37.11
N PRO E 507 -20.88 7.29 -36.90
CA PRO E 507 -21.37 6.71 -35.64
C PRO E 507 -20.88 5.29 -35.43
N ASN E 508 -20.58 4.97 -34.18
CA ASN E 508 -20.23 3.60 -33.81
C ASN E 508 -21.46 2.70 -33.87
N THR E 509 -21.20 1.40 -33.95
CA THR E 509 -22.28 0.41 -34.06
C THR E 509 -22.77 0.04 -32.66
N ASP E 510 -24.05 0.26 -32.41
CA ASP E 510 -24.70 -0.15 -31.18
C ASP E 510 -25.43 -1.46 -31.44
N ILE E 511 -24.90 -2.56 -30.91
CA ILE E 511 -25.49 -3.87 -31.20
C ILE E 511 -26.70 -4.17 -30.31
N GLY E 512 -26.86 -3.45 -29.20
CA GLY E 512 -27.99 -3.66 -28.31
C GLY E 512 -27.98 -5.01 -27.63
N ASN F 12 -34.75 26.61 8.45
CA ASN F 12 -33.43 25.98 8.58
C ASN F 12 -32.70 26.54 9.80
N VAL F 13 -32.20 25.63 10.65
CA VAL F 13 -31.62 26.04 11.92
C VAL F 13 -30.14 26.36 11.85
N PHE F 14 -29.47 26.03 10.74
CA PHE F 14 -28.03 26.28 10.62
C PHE F 14 -27.69 27.47 9.74
N ASN F 15 -28.51 27.77 8.73
CA ASN F 15 -28.15 28.76 7.73
C ASN F 15 -28.27 30.17 8.31
N ASP F 16 -27.14 30.86 8.40
CA ASP F 16 -27.08 32.23 8.92
C ASP F 16 -26.91 33.26 7.82
N ALA F 17 -26.84 32.84 6.56
CA ALA F 17 -26.65 33.75 5.44
C ALA F 17 -28.01 34.20 4.90
N ILE F 18 -28.01 35.39 4.29
CA ILE F 18 -29.22 36.03 3.79
C ILE F 18 -29.04 36.37 2.33
N VAL F 19 -30.11 36.24 1.55
CA VAL F 19 -30.10 36.59 0.14
C VAL F 19 -30.38 38.08 0.01
N GLU F 20 -29.37 38.84 -0.43
CA GLU F 20 -29.61 40.24 -0.79
C GLU F 20 -30.13 40.34 -2.22
N LYS F 21 -29.29 40.00 -3.19
CA LYS F 21 -29.64 39.96 -4.60
C LYS F 21 -29.64 38.51 -5.08
N PRO F 22 -30.61 38.11 -5.91
CA PRO F 22 -30.68 36.69 -6.29
C PRO F 22 -29.44 36.16 -6.99
N ASN F 23 -28.69 37.00 -7.70
CA ASN F 23 -27.52 36.57 -8.43
C ASN F 23 -26.23 36.67 -7.62
N MET F 24 -26.33 36.94 -6.33
CA MET F 24 -25.17 37.13 -5.47
C MET F 24 -25.14 36.04 -4.41
N GLU F 25 -23.96 35.49 -4.17
CA GLU F 25 -23.80 34.47 -3.14
C GLU F 25 -24.32 35.02 -1.81
N PRO F 26 -25.23 34.31 -1.13
CA PRO F 26 -25.71 34.81 0.17
C PRO F 26 -24.57 35.03 1.15
N ALA F 27 -24.74 36.03 2.01
CA ALA F 27 -23.74 36.41 3.00
C ALA F 27 -24.36 36.49 4.38
N ILE F 28 -23.54 36.25 5.40
CA ILE F 28 -23.95 36.38 6.78
C ILE F 28 -23.90 37.85 7.17
N PRO F 29 -25.02 38.45 7.59
CA PRO F 29 -24.97 39.87 8.00
C PRO F 29 -24.05 40.07 9.20
N ARG F 30 -23.28 41.15 9.14
CA ARG F 30 -22.45 41.59 10.27
C ARG F 30 -22.72 43.08 10.51
N PRO F 31 -23.95 43.43 10.90
CA PRO F 31 -24.35 44.85 10.88
C PRO F 31 -23.51 45.74 11.80
N GLU F 32 -23.04 45.23 12.93
CA GLU F 32 -22.22 46.04 13.82
C GLU F 32 -20.81 46.21 13.26
N GLN F 33 -20.27 45.15 12.65
CA GLN F 33 -18.99 45.28 11.96
C GLN F 33 -19.08 46.21 10.77
N GLU F 34 -20.22 46.21 10.07
CA GLU F 34 -20.40 47.08 8.91
C GLU F 34 -20.42 48.55 9.34
N LYS F 35 -20.99 48.86 10.50
CA LYS F 35 -20.96 50.23 11.00
C LYS F 35 -19.53 50.69 11.24
N VAL F 36 -18.69 49.82 11.82
CA VAL F 36 -17.29 50.16 12.05
C VAL F 36 -16.60 50.42 10.72
N ALA F 37 -16.84 49.54 9.73
CA ALA F 37 -16.17 49.69 8.45
C ALA F 37 -16.61 50.97 7.74
N VAL F 38 -17.92 51.25 7.72
CA VAL F 38 -18.41 52.45 7.07
C VAL F 38 -17.82 53.69 7.72
N SER F 39 -17.70 53.68 9.05
CA SER F 39 -17.15 54.85 9.75
C SER F 39 -15.66 55.01 9.45
N LYS F 40 -14.90 53.92 9.50
CA LYS F 40 -13.48 53.99 9.21
C LYS F 40 -13.23 54.50 7.79
N LEU F 41 -14.03 54.03 6.82
CA LEU F 41 -13.85 54.46 5.45
C LEU F 41 -14.30 55.90 5.24
N LYS F 42 -15.33 56.33 5.96
CA LYS F 42 -15.78 57.71 5.86
C LYS F 42 -14.71 58.66 6.37
N ASN F 43 -14.13 58.36 7.54
CA ASN F 43 -13.12 59.24 8.11
C ASN F 43 -11.83 59.22 7.31
N LEU F 44 -11.47 58.07 6.74
CA LEU F 44 -10.25 58.00 5.92
C LEU F 44 -10.39 58.85 4.67
N GLU F 45 -11.50 58.69 3.93
CA GLU F 45 -11.66 59.42 2.68
C GLU F 45 -11.70 60.93 2.90
N ALA F 46 -12.17 61.36 4.08
CA ALA F 46 -12.16 62.79 4.37
C ALA F 46 -10.75 63.30 4.58
N LYS F 47 -9.91 62.54 5.30
CA LYS F 47 -8.55 62.97 5.54
C LYS F 47 -7.68 62.81 4.30
N GLN F 48 -8.02 61.86 3.42
CA GLN F 48 -7.23 61.60 2.23
C GLN F 48 -7.78 62.29 0.98
N GLY F 49 -9.05 62.70 0.99
CA GLY F 49 -9.63 63.38 -0.15
C GLY F 49 -9.74 62.55 -1.40
N ARG F 50 -9.76 61.23 -1.28
CA ARG F 50 -9.63 60.36 -2.44
C ARG F 50 -9.97 58.94 -2.02
N LYS F 51 -10.60 58.20 -2.93
CA LYS F 51 -10.91 56.80 -2.65
C LYS F 51 -9.61 56.02 -2.41
N PRO F 52 -9.68 54.94 -1.63
CA PRO F 52 -8.45 54.24 -1.24
C PRO F 52 -7.87 53.39 -2.36
N ASN F 53 -6.54 53.28 -2.35
CA ASN F 53 -5.86 52.39 -3.27
C ASN F 53 -6.00 50.95 -2.80
N VAL F 54 -5.67 50.02 -3.68
CA VAL F 54 -5.59 48.60 -3.33
C VAL F 54 -4.38 48.02 -4.05
N LEU F 55 -3.56 47.26 -3.31
CA LEU F 55 -2.39 46.58 -3.86
C LEU F 55 -2.52 45.10 -3.53
N VAL F 56 -2.67 44.27 -4.56
CA VAL F 56 -2.79 42.83 -4.39
C VAL F 56 -1.44 42.22 -4.75
N LEU F 57 -0.73 41.72 -3.75
CA LEU F 57 0.53 41.00 -3.95
C LEU F 57 0.21 39.52 -4.08
N LEU F 58 0.31 38.99 -5.30
CA LEU F 58 -0.12 37.63 -5.62
C LEU F 58 1.11 36.80 -5.96
N VAL F 59 1.46 35.88 -5.05
CA VAL F 59 2.59 34.98 -5.25
C VAL F 59 2.08 33.70 -5.89
N ASP F 60 2.92 33.09 -6.72
CA ASP F 60 2.55 31.89 -7.48
C ASP F 60 2.97 30.64 -6.73
N ASP F 61 2.04 29.69 -6.59
CA ASP F 61 2.33 28.37 -6.03
C ASP F 61 3.00 28.48 -4.66
N LEU F 62 2.56 29.45 -3.87
CA LEU F 62 3.08 29.64 -2.52
C LEU F 62 2.22 28.87 -1.53
N GLY F 63 2.86 28.01 -0.74
CA GLY F 63 2.13 27.21 0.22
C GLY F 63 1.72 27.99 1.45
N TRP F 64 0.72 27.45 2.15
CA TRP F 64 0.22 28.07 3.38
C TRP F 64 1.36 28.37 4.35
N GLY F 65 2.33 27.46 4.45
CA GLY F 65 3.37 27.55 5.46
C GLY F 65 4.68 28.13 5.02
N ASP F 66 4.75 28.73 3.83
CA ASP F 66 6.03 29.29 3.38
C ASP F 66 6.44 30.51 4.19
N PRO F 67 5.57 31.48 4.46
CA PRO F 67 5.99 32.64 5.25
C PRO F 67 6.34 32.25 6.68
N GLY F 68 7.20 33.06 7.29
CA GLY F 68 7.63 32.76 8.65
C GLY F 68 6.49 32.80 9.66
N VAL F 69 5.57 33.75 9.50
CA VAL F 69 4.48 33.88 10.43
C VAL F 69 3.49 32.71 10.35
N TYR F 70 3.54 31.93 9.29
CA TYR F 70 2.69 30.76 9.14
C TYR F 70 3.37 29.47 9.56
N GLY F 71 4.61 29.53 10.05
CA GLY F 71 5.33 28.36 10.46
C GLY F 71 6.43 27.91 9.52
N GLY F 72 6.83 28.73 8.56
CA GLY F 72 7.92 28.40 7.68
C GLY F 72 9.12 29.31 7.87
N GLY F 73 9.44 30.09 6.85
CA GLY F 73 10.54 31.02 6.93
C GLY F 73 11.85 30.39 7.38
N ALA F 74 12.40 30.87 8.49
CA ALA F 74 13.66 30.32 8.99
C ALA F 74 13.58 28.81 9.18
N ALA F 75 12.40 28.28 9.48
CA ALA F 75 12.26 26.86 9.71
C ALA F 75 12.58 26.04 8.46
N ILE F 76 12.39 26.63 7.27
CA ILE F 76 12.69 25.94 6.02
C ILE F 76 13.78 26.67 5.23
N GLY F 77 14.52 27.57 5.88
CA GLY F 77 15.70 28.15 5.28
C GLY F 77 15.49 29.32 4.36
N ALA F 78 14.43 30.11 4.59
CA ALA F 78 14.17 31.30 3.77
C ALA F 78 13.37 32.31 4.58
N PRO F 79 14.01 33.09 5.43
CA PRO F 79 13.27 34.09 6.22
C PRO F 79 12.54 35.07 5.33
N THR F 80 11.38 35.52 5.80
CA THR F 80 10.53 36.46 5.07
C THR F 80 10.17 37.63 5.99
N PRO F 81 11.15 38.46 6.36
CA PRO F 81 10.86 39.53 7.34
C PRO F 81 9.80 40.52 6.89
N ASN F 82 9.85 40.97 5.63
CA ASN F 82 8.89 41.98 5.20
C ASN F 82 7.47 41.43 5.15
N ILE F 83 7.32 40.18 4.70
CA ILE F 83 6.00 39.57 4.70
C ILE F 83 5.53 39.33 6.13
N ASP F 84 6.42 38.83 7.00
CA ASP F 84 6.07 38.64 8.40
C ASP F 84 5.58 39.95 9.01
N LYS F 85 6.33 41.03 8.81
CA LYS F 85 5.96 42.33 9.36
C LYS F 85 4.57 42.74 8.90
N LEU F 86 4.26 42.55 7.62
CA LEU F 86 2.93 42.84 7.11
C LEU F 86 1.86 42.12 7.92
N ALA F 87 2.11 40.85 8.26
CA ALA F 87 1.12 40.07 9.00
C ALA F 87 1.06 40.50 10.47
N ASN F 88 2.21 40.70 11.11
CA ASN F 88 2.22 41.02 12.53
C ASN F 88 1.69 42.42 12.79
N GLU F 89 1.85 43.33 11.84
CA GLU F 89 1.27 44.67 11.94
C GLU F 89 -0.07 44.77 11.25
N GLY F 90 -0.65 43.63 10.85
CA GLY F 90 -1.95 43.62 10.21
C GLY F 90 -2.77 42.41 10.59
N LEU F 91 -3.51 41.86 9.62
CA LEU F 91 -4.47 40.78 9.84
C LEU F 91 -4.02 39.56 9.06
N ARG F 92 -3.73 38.48 9.77
CA ARG F 92 -3.31 37.22 9.16
C ARG F 92 -4.50 36.26 9.12
N LEU F 93 -4.86 35.83 7.92
CA LEU F 93 -6.01 34.95 7.71
C LEU F 93 -5.52 33.51 7.60
N THR F 94 -6.02 32.64 8.48
CA THR F 94 -5.60 31.25 8.53
C THR F 94 -6.53 30.33 7.76
N SER F 95 -7.63 30.83 7.21
CA SER F 95 -8.54 30.04 6.37
C SER F 95 -8.89 30.80 5.10
N MET F 96 -7.87 31.32 4.41
CA MET F 96 -8.02 31.85 3.07
C MET F 96 -7.95 30.70 2.06
N TYR F 97 -8.82 30.76 1.04
CA TYR F 97 -8.93 29.67 0.09
C TYR F 97 -8.83 30.15 -1.34
N SER F 98 -8.23 29.32 -2.17
CA SER F 98 -8.05 29.57 -3.59
C SER F 98 -8.67 28.42 -4.38
N GLN F 99 -8.41 28.39 -5.68
CA GLN F 99 -8.70 27.24 -6.52
C GLN F 99 -7.48 26.33 -6.56
N PRO F 100 -7.62 25.10 -7.06
CA PRO F 100 -6.49 24.16 -7.01
C PRO F 100 -5.41 24.41 -8.06
N THR F 101 -5.65 25.29 -9.05
CA THR F 101 -4.70 25.49 -10.13
C THR F 101 -4.64 26.96 -10.51
N CYS F 102 -3.67 27.29 -11.37
CA CYS F 102 -3.33 28.69 -11.63
C CYS F 102 -4.47 29.44 -12.30
N THR F 103 -4.85 29.00 -13.50
CA THR F 103 -5.85 29.74 -14.27
C THR F 103 -7.16 29.86 -13.52
N SER F 104 -7.60 28.76 -12.89
CA SER F 104 -8.86 28.80 -12.17
C SER F 104 -8.84 29.85 -11.06
N SER F 105 -7.73 29.94 -10.33
CA SER F 105 -7.66 30.89 -9.22
C SER F 105 -7.60 32.33 -9.72
N ARG F 106 -6.82 32.58 -10.78
CA ARG F 106 -6.69 33.94 -11.28
C ARG F 106 -7.95 34.40 -11.99
N ALA F 107 -8.68 33.48 -12.61
CA ALA F 107 -10.02 33.81 -13.10
C ALA F 107 -10.93 34.21 -11.95
N ALA F 108 -10.99 33.39 -10.89
CA ALA F 108 -11.80 33.72 -9.74
C ALA F 108 -11.42 35.07 -9.17
N LEU F 109 -10.13 35.41 -9.18
CA LEU F 109 -9.68 36.67 -8.59
C LEU F 109 -10.09 37.86 -9.43
N THR F 110 -10.24 37.69 -10.74
CA THR F 110 -10.52 38.80 -11.64
C THR F 110 -11.93 38.76 -12.22
N THR F 111 -12.81 37.88 -11.70
CA THR F 111 -14.18 37.80 -12.17
C THR F 111 -15.20 37.60 -11.06
N GLY F 112 -14.78 37.36 -9.83
CA GLY F 112 -15.70 37.12 -8.74
C GLY F 112 -16.53 35.86 -8.89
N ARG F 113 -16.11 34.94 -9.75
CA ARG F 113 -16.92 33.78 -10.08
C ARG F 113 -16.07 32.52 -10.09
N LEU F 114 -16.63 31.44 -9.54
CA LEU F 114 -16.04 30.12 -9.70
C LEU F 114 -15.78 29.87 -11.18
N PRO F 115 -14.59 29.39 -11.57
CA PRO F 115 -14.29 29.28 -13.01
C PRO F 115 -15.17 28.27 -13.74
N VAL F 116 -15.86 27.38 -13.04
CA VAL F 116 -16.80 26.49 -13.74
C VAL F 116 -17.92 27.30 -14.36
N ARG F 117 -18.25 28.46 -13.79
CA ARG F 117 -19.30 29.30 -14.34
C ARG F 117 -18.82 30.05 -15.58
N SER F 118 -17.59 30.57 -15.55
CA SER F 118 -17.08 31.38 -16.63
C SER F 118 -16.48 30.55 -17.76
N GLY F 119 -16.08 29.32 -17.47
CA GLY F 119 -15.36 28.50 -18.43
C GLY F 119 -13.86 28.67 -18.41
N LEU F 120 -13.33 29.44 -17.46
CA LEU F 120 -11.90 29.72 -17.40
C LEU F 120 -11.18 28.73 -16.48
N VAL F 121 -11.43 27.43 -16.70
CA VAL F 121 -10.73 26.38 -15.95
C VAL F 121 -9.43 25.96 -16.62
N ARG F 122 -9.14 26.45 -17.82
CA ARG F 122 -7.91 26.20 -18.54
C ARG F 122 -7.50 27.46 -19.27
N PRO F 123 -6.21 27.64 -19.54
CA PRO F 123 -5.77 28.78 -20.35
C PRO F 123 -6.08 28.55 -21.83
N ILE F 124 -6.72 29.53 -22.46
CA ILE F 124 -7.05 29.48 -23.88
C ILE F 124 -5.86 30.02 -24.67
N LEU F 125 -5.30 29.19 -25.53
CA LEU F 125 -4.14 29.53 -26.33
C LEU F 125 -4.55 30.04 -27.71
N THR F 126 -3.67 30.84 -28.31
CA THR F 126 -3.91 31.34 -29.66
C THR F 126 -3.96 30.17 -30.64
N GLY F 127 -5.17 29.80 -31.08
CA GLY F 127 -5.34 28.67 -31.97
C GLY F 127 -6.38 27.70 -31.46
N ASP F 128 -6.64 27.72 -30.16
CA ASP F 128 -7.66 26.85 -29.59
C ASP F 128 -8.98 26.98 -30.35
N LYS F 129 -9.37 28.21 -30.69
CA LYS F 129 -10.63 28.44 -31.41
C LYS F 129 -11.81 28.03 -30.53
N VAL F 130 -12.54 29.02 -30.02
CA VAL F 130 -13.58 28.78 -29.03
C VAL F 130 -14.91 29.27 -29.55
N THR F 131 -15.99 28.67 -29.05
CA THR F 131 -17.33 29.12 -29.41
C THR F 131 -17.59 30.55 -28.98
N GLN F 132 -17.02 30.96 -27.85
CA GLN F 132 -17.17 32.31 -27.32
C GLN F 132 -15.91 32.68 -26.56
N ASN F 133 -15.52 33.94 -26.63
CA ASN F 133 -14.45 34.43 -25.76
C ASN F 133 -15.07 34.74 -24.40
N PRO F 134 -14.74 33.96 -23.36
CA PRO F 134 -15.42 34.19 -22.07
C PRO F 134 -15.28 35.61 -21.53
N TRP F 135 -14.23 36.33 -21.92
CA TRP F 135 -14.01 37.66 -21.37
C TRP F 135 -14.93 38.73 -21.97
N GLU F 136 -15.67 38.41 -23.04
CA GLU F 136 -16.69 39.32 -23.54
C GLU F 136 -17.95 39.31 -22.67
N LYS F 137 -18.06 38.33 -21.77
CA LYS F 137 -19.15 38.23 -20.79
C LYS F 137 -18.69 38.56 -19.38
N GLU F 138 -17.46 38.20 -19.02
CA GLU F 138 -16.96 38.43 -17.67
C GLU F 138 -16.64 39.91 -17.46
N VAL F 139 -16.72 40.33 -16.20
CA VAL F 139 -16.48 41.71 -15.81
C VAL F 139 -15.35 41.71 -14.80
N SER F 140 -14.21 42.28 -15.18
CA SER F 140 -13.08 42.40 -14.27
C SER F 140 -13.24 43.63 -13.38
N GLN F 141 -12.61 43.58 -12.21
CA GLN F 141 -12.62 44.76 -11.34
C GLN F 141 -11.89 45.93 -11.99
N GLY F 142 -10.97 45.65 -12.92
CA GLY F 142 -10.34 46.74 -13.65
C GLY F 142 -11.32 47.52 -14.50
N LYS F 143 -12.24 46.82 -15.17
CA LYS F 143 -13.24 47.49 -15.99
C LYS F 143 -14.15 48.36 -15.13
N LEU F 144 -14.65 47.81 -14.02
CA LEU F 144 -15.60 48.56 -13.20
C LEU F 144 -14.91 49.69 -12.44
N LEU F 145 -13.74 49.43 -11.87
CA LEU F 145 -13.06 50.47 -11.10
C LEU F 145 -12.53 51.57 -11.99
N SER F 146 -12.14 51.25 -13.23
CA SER F 146 -11.69 52.29 -14.15
C SER F 146 -12.78 53.31 -14.44
N LYS F 147 -14.06 52.89 -14.41
CA LYS F 147 -15.14 53.80 -14.73
C LYS F 147 -15.40 54.82 -13.64
N VAL F 148 -14.85 54.64 -12.43
CA VAL F 148 -15.07 55.60 -11.36
C VAL F 148 -13.75 56.23 -10.91
N GLY F 149 -12.77 56.28 -11.81
CA GLY F 149 -11.59 57.09 -11.60
C GLY F 149 -10.32 56.35 -11.21
N TYR F 150 -10.37 55.03 -11.06
CA TYR F 150 -9.18 54.28 -10.69
C TYR F 150 -8.24 54.10 -11.89
N LYS F 151 -6.94 54.18 -11.62
CA LYS F 151 -5.93 53.68 -12.54
C LYS F 151 -5.70 52.20 -12.22
N THR F 152 -6.08 51.33 -13.13
CA THR F 152 -6.08 49.89 -12.88
C THR F 152 -4.99 49.22 -13.70
N ALA F 153 -4.32 48.24 -13.10
CA ALA F 153 -3.24 47.56 -13.78
C ALA F 153 -3.05 46.17 -13.20
N LEU F 154 -2.63 45.24 -14.07
CA LEU F 154 -2.12 43.94 -13.67
C LEU F 154 -0.71 43.83 -14.21
N ILE F 155 0.26 43.70 -13.32
CA ILE F 155 1.67 43.62 -13.70
C ILE F 155 2.20 42.27 -13.22
N GLY F 156 2.58 41.43 -14.18
CA GLY F 156 3.11 40.12 -13.86
C GLY F 156 2.40 38.99 -14.58
N LYS F 157 2.36 37.83 -13.95
CA LYS F 157 1.75 36.66 -14.57
C LYS F 157 0.24 36.85 -14.76
N TRP F 158 -0.24 36.47 -15.94
CA TRP F 158 -1.67 36.50 -16.26
C TRP F 158 -2.23 35.09 -16.24
N HIS F 159 -2.03 34.35 -17.32
CA HIS F 159 -2.37 32.93 -17.40
C HIS F 159 -3.87 32.68 -17.37
N VAL F 160 -4.67 33.65 -17.82
CA VAL F 160 -6.12 33.47 -17.92
C VAL F 160 -6.54 33.76 -19.35
N GLY F 161 -5.74 33.30 -20.31
CA GLY F 161 -6.06 33.50 -21.72
C GLY F 161 -5.13 34.48 -22.40
N GLU F 162 -4.56 34.07 -23.54
CA GLU F 162 -3.67 34.91 -24.32
C GLU F 162 -4.13 35.08 -25.75
N ALA F 163 -5.30 34.55 -26.11
CA ALA F 163 -5.85 34.76 -27.43
C ALA F 163 -6.36 36.19 -27.55
N GLU F 164 -6.86 36.53 -28.74
CA GLU F 164 -7.31 37.89 -29.02
C GLU F 164 -8.36 38.32 -28.02
N GLY F 165 -8.14 39.47 -27.39
CA GLY F 165 -9.10 40.03 -26.46
C GLY F 165 -9.14 39.39 -25.10
N MET F 166 -8.04 38.77 -24.67
CA MET F 166 -8.00 38.06 -23.40
C MET F 166 -6.94 38.55 -22.43
N LEU F 167 -6.07 39.46 -22.84
CA LEU F 167 -5.06 39.99 -21.93
C LEU F 167 -5.66 41.09 -21.05
N PRO F 168 -5.04 41.37 -19.91
CA PRO F 168 -5.66 42.30 -18.95
C PRO F 168 -6.00 43.66 -19.54
N HIS F 169 -5.14 44.24 -20.37
CA HIS F 169 -5.44 45.55 -20.94
C HIS F 169 -6.57 45.48 -21.97
N GLU F 170 -6.99 44.29 -22.35
CA GLU F 170 -8.10 44.12 -23.29
C GLU F 170 -9.41 43.78 -22.61
N VAL F 171 -9.40 43.51 -21.30
CA VAL F 171 -10.59 43.09 -20.58
C VAL F 171 -10.90 44.02 -19.40
N GLY F 172 -10.38 45.24 -19.41
CA GLY F 172 -10.78 46.22 -18.43
C GLY F 172 -9.67 47.00 -17.75
N PHE F 173 -8.51 46.38 -17.58
CA PHE F 173 -7.40 47.07 -16.90
C PHE F 173 -6.80 48.12 -17.81
N ASP F 174 -6.39 49.24 -17.21
CA ASP F 174 -5.76 50.30 -17.99
C ASP F 174 -4.41 49.88 -18.54
N TYR F 175 -3.69 49.02 -17.81
CA TYR F 175 -2.31 48.71 -18.13
C TYR F 175 -2.02 47.25 -17.87
N PHE F 176 -1.29 46.61 -18.79
CA PHE F 176 -0.78 45.27 -18.60
C PHE F 176 0.71 45.24 -18.88
N TYR F 177 1.45 44.50 -18.05
CA TYR F 177 2.87 44.28 -18.27
C TYR F 177 3.23 42.98 -17.56
N GLY F 178 3.56 41.95 -18.32
CA GLY F 178 3.98 40.72 -17.66
C GLY F 178 3.88 39.52 -18.60
N LEU F 179 3.69 38.35 -17.98
CA LEU F 179 3.71 37.08 -18.70
C LEU F 179 2.30 36.73 -19.16
N PRO F 180 2.04 36.62 -20.46
CA PRO F 180 0.73 36.11 -20.89
C PRO F 180 0.41 34.73 -20.36
N SER F 181 1.41 33.85 -20.21
CA SER F 181 1.19 32.49 -19.76
C SER F 181 1.83 32.31 -18.42
N VAL F 182 2.99 31.63 -18.33
CA VAL F 182 3.54 31.21 -17.04
C VAL F 182 5.04 30.95 -17.19
N GLN F 183 5.74 30.97 -16.05
CA GLN F 183 7.19 30.81 -16.05
C GLN F 183 7.62 29.56 -16.81
N SER F 184 7.01 28.41 -16.49
CA SER F 184 7.44 27.16 -17.10
C SER F 184 7.27 27.16 -18.62
N ASP F 185 6.41 28.04 -19.15
CA ASP F 185 6.29 28.16 -20.60
C ASP F 185 7.56 28.74 -21.21
N TYR F 186 8.26 29.62 -20.48
CA TYR F 186 9.52 30.17 -20.98
C TYR F 186 10.68 29.22 -20.75
N THR F 187 10.81 28.70 -19.52
CA THR F 187 12.01 27.97 -19.14
C THR F 187 12.13 26.62 -19.84
N GLN F 188 11.03 26.06 -20.35
CA GLN F 188 11.14 24.79 -21.07
C GLN F 188 11.87 24.94 -22.39
N PHE F 189 12.13 26.16 -22.85
CA PHE F 189 12.94 26.41 -24.04
C PHE F 189 14.31 26.99 -23.70
N LEU F 190 14.65 27.07 -22.42
CA LEU F 190 15.90 27.66 -21.96
C LEU F 190 16.81 26.67 -21.25
N VAL F 191 16.25 25.73 -20.50
CA VAL F 191 17.05 24.74 -19.77
C VAL F 191 17.18 23.52 -20.67
N GLU F 192 18.32 23.43 -21.36
CA GLU F 192 18.51 22.37 -22.35
C GLU F 192 18.43 20.99 -21.70
N ARG F 193 19.28 20.75 -20.70
CA ARG F 193 19.41 19.40 -20.15
C ARG F 193 18.10 18.92 -19.53
N GLN F 194 17.39 19.82 -18.85
CA GLN F 194 16.16 19.42 -18.18
C GLN F 194 15.10 18.98 -19.18
N TYR F 195 15.02 19.67 -20.32
CA TYR F 195 14.05 19.38 -21.37
C TYR F 195 14.73 18.86 -22.62
N ALA F 196 15.74 18.00 -22.43
CA ALA F 196 16.61 17.61 -23.53
C ALA F 196 15.87 16.80 -24.59
N ASP F 197 14.93 15.94 -24.18
CA ASP F 197 14.22 15.13 -25.15
C ASP F 197 13.61 15.98 -26.25
N MET F 198 13.23 17.21 -25.95
CA MET F 198 12.74 18.17 -26.93
C MET F 198 13.82 19.15 -27.37
N MET F 199 14.68 19.59 -26.44
CA MET F 199 15.64 20.65 -26.76
C MET F 199 16.75 20.15 -27.67
N THR F 200 17.28 18.96 -27.43
CA THR F 200 18.39 18.43 -28.21
C THR F 200 17.93 17.59 -29.39
N ASN F 201 16.63 17.49 -29.62
CA ASN F 201 16.06 16.82 -30.80
C ASN F 201 15.67 17.92 -31.78
N LYS F 202 16.49 18.15 -32.79
CA LYS F 202 16.32 19.35 -33.62
C LYS F 202 14.97 19.35 -34.31
N GLU F 203 14.59 18.23 -34.92
CA GLU F 203 13.28 18.14 -35.56
C GLU F 203 12.17 18.51 -34.57
N LEU F 204 12.23 17.96 -33.35
CA LEU F 204 11.20 18.26 -32.36
C LEU F 204 11.30 19.71 -31.91
N TYR F 205 12.52 20.21 -31.68
CA TYR F 205 12.68 21.58 -31.22
C TYR F 205 12.16 22.57 -32.25
N THR F 206 12.42 22.30 -33.53
CA THR F 206 11.95 23.20 -34.59
C THR F 206 10.43 23.31 -34.57
N LYS F 207 9.73 22.22 -34.29
CA LYS F 207 8.28 22.27 -34.18
C LYS F 207 7.86 23.03 -32.92
N ALA F 208 8.39 22.61 -31.76
CA ALA F 208 7.89 23.13 -30.50
C ALA F 208 8.23 24.60 -30.30
N SER F 209 9.38 25.06 -30.79
CA SER F 209 9.80 26.43 -30.55
C SER F 209 8.98 27.45 -31.32
N GLN F 210 8.15 27.01 -32.27
CA GLN F 210 7.28 27.94 -32.99
C GLN F 210 6.17 28.49 -32.10
N LEU F 211 5.96 27.91 -30.91
CA LEU F 211 5.00 28.44 -29.94
C LEU F 211 5.70 28.95 -28.68
N ARG F 212 7.00 29.17 -28.73
CA ARG F 212 7.69 29.67 -27.55
C ARG F 212 7.35 31.15 -27.34
N PRO F 213 7.12 31.57 -26.10
CA PRO F 213 6.85 32.99 -25.85
C PRO F 213 8.08 33.83 -26.13
N GLU F 214 7.85 35.04 -26.65
CA GLU F 214 8.95 35.93 -27.02
C GLU F 214 9.52 36.68 -25.82
N GLY F 215 8.70 36.92 -24.80
CA GLY F 215 9.13 37.68 -23.65
C GLY F 215 7.94 38.25 -22.92
N LEU F 216 8.18 39.35 -22.19
CA LEU F 216 7.14 40.01 -21.44
C LEU F 216 6.34 40.94 -22.37
N ILE F 217 5.02 40.88 -22.27
CA ILE F 217 4.14 41.65 -23.14
C ILE F 217 3.66 42.88 -22.39
N LYS F 218 3.39 43.94 -23.15
CA LYS F 218 3.03 45.25 -22.63
C LYS F 218 1.83 45.76 -23.39
N GLY F 219 0.86 46.32 -22.66
CA GLY F 219 -0.34 46.79 -23.30
C GLY F 219 -1.10 47.85 -22.52
N ARG F 220 -1.60 48.85 -23.23
CA ARG F 220 -2.46 49.88 -22.67
C ARG F 220 -3.89 49.67 -23.20
N LYS F 221 -4.86 50.02 -22.37
CA LYS F 221 -6.25 49.97 -22.80
C LYS F 221 -6.42 50.78 -24.08
N GLY F 222 -6.98 50.15 -25.10
CA GLY F 222 -7.15 50.78 -26.39
C GLY F 222 -5.93 50.76 -27.30
N GLY F 223 -4.85 50.10 -26.87
CA GLY F 223 -3.64 50.03 -27.68
C GLY F 223 -3.30 48.62 -28.11
N LYS F 224 -2.11 48.45 -28.67
CA LYS F 224 -1.64 47.17 -29.18
C LYS F 224 -0.77 46.46 -28.15
N ARG F 225 -0.53 45.18 -28.41
CA ARG F 225 0.44 44.41 -27.64
C ARG F 225 1.84 44.70 -28.13
N GLU F 226 2.77 44.85 -27.19
CA GLU F 226 4.17 45.10 -27.50
C GLU F 226 5.04 44.15 -26.68
N VAL F 227 6.18 43.78 -27.26
CA VAL F 227 7.19 43.00 -26.54
C VAL F 227 8.07 43.99 -25.80
N ALA F 228 7.96 44.01 -24.48
CA ALA F 228 8.66 44.99 -23.66
C ALA F 228 9.99 44.48 -23.13
N TYR F 229 10.09 43.19 -22.84
CA TYR F 229 11.31 42.61 -22.27
C TYR F 229 11.54 41.25 -22.93
N PRO F 230 12.33 41.20 -23.99
CA PRO F 230 12.60 39.90 -24.64
C PRO F 230 13.27 38.94 -23.67
N ILE F 231 12.94 37.66 -23.82
CA ILE F 231 13.52 36.60 -23.02
C ILE F 231 14.06 35.54 -23.98
N ASN F 232 15.39 35.47 -24.10
CA ASN F 232 16.02 34.50 -24.99
C ASN F 232 17.10 33.69 -24.30
N SER F 233 17.20 33.76 -22.97
CA SER F 233 18.29 33.10 -22.26
C SER F 233 17.97 33.08 -20.78
N ILE F 234 18.66 32.19 -20.06
CA ILE F 234 18.51 32.12 -18.61
C ILE F 234 18.86 33.47 -17.98
N GLU F 235 19.88 34.14 -18.50
CA GLU F 235 20.26 35.44 -17.96
C GLU F 235 19.09 36.42 -18.01
N ASP F 236 18.39 36.47 -19.14
CA ASP F 236 17.27 37.39 -19.27
C ASP F 236 16.18 37.09 -18.25
N ILE F 237 15.77 35.82 -18.15
CA ILE F 237 14.63 35.49 -17.30
C ILE F 237 14.96 35.62 -15.83
N SER F 238 16.24 35.56 -15.45
CA SER F 238 16.62 35.76 -14.06
C SER F 238 16.17 37.12 -13.55
N MET F 239 15.98 38.10 -14.43
CA MET F 239 15.56 39.43 -14.05
C MET F 239 14.05 39.59 -14.00
N ILE F 240 13.30 38.54 -14.35
CA ILE F 240 11.88 38.71 -14.67
C ILE F 240 11.15 39.45 -13.54
N ASP F 241 11.38 39.03 -12.30
CA ASP F 241 10.66 39.67 -11.19
C ASP F 241 11.26 41.00 -10.78
N GLN F 242 12.52 41.27 -11.14
CA GLN F 242 13.07 42.61 -10.95
C GLN F 242 12.45 43.58 -11.95
N VAL F 243 12.24 43.15 -13.19
CA VAL F 243 11.61 44.00 -14.19
C VAL F 243 10.17 44.32 -13.76
N LEU F 244 9.43 43.31 -13.32
CA LEU F 244 8.07 43.54 -12.87
C LEU F 244 8.02 44.51 -11.70
N ARG F 245 8.98 44.40 -10.79
CA ARG F 245 9.07 45.36 -9.68
C ARG F 245 9.29 46.77 -10.21
N ASP F 246 10.17 46.92 -11.20
CA ASP F 246 10.41 48.25 -11.77
C ASP F 246 9.14 48.84 -12.36
N GLU F 247 8.35 48.02 -13.06
CA GLU F 247 7.14 48.53 -13.69
C GLU F 247 6.09 48.92 -12.66
N SER F 248 5.91 48.09 -11.62
CA SER F 248 4.94 48.42 -10.58
C SER F 248 5.32 49.70 -9.86
N VAL F 249 6.63 49.92 -9.63
CA VAL F 249 7.06 51.17 -9.02
C VAL F 249 6.71 52.34 -9.92
N LYS F 250 6.96 52.20 -11.23
CA LYS F 250 6.60 53.26 -12.17
C LYS F 250 5.10 53.52 -12.16
N PHE F 251 4.30 52.45 -12.11
CA PHE F 251 2.85 52.62 -12.16
C PHE F 251 2.34 53.35 -10.91
N ILE F 252 2.80 52.93 -9.73
CA ILE F 252 2.38 53.58 -8.50
C ILE F 252 2.78 55.05 -8.52
N ASN F 253 4.02 55.33 -8.91
CA ASN F 253 4.47 56.72 -8.95
C ASN F 253 3.60 57.55 -9.89
N GLN F 254 3.20 56.99 -11.03
CA GLN F 254 2.39 57.76 -11.97
C GLN F 254 1.00 58.02 -11.41
N ALA F 255 0.44 57.05 -10.68
CA ALA F 255 -0.90 57.24 -10.13
C ALA F 255 -0.89 58.24 -8.99
N VAL F 256 0.11 58.18 -8.13
CA VAL F 256 0.19 59.12 -7.02
C VAL F 256 0.48 60.52 -7.53
N ASP F 257 1.30 60.63 -8.57
CA ASP F 257 1.63 61.95 -9.11
C ASP F 257 0.42 62.57 -9.81
N GLU F 258 -0.44 61.76 -10.42
CA GLU F 258 -1.66 62.26 -11.03
C GLU F 258 -2.79 62.46 -10.02
N GLY F 259 -2.62 62.00 -8.80
CA GLY F 259 -3.64 62.17 -7.79
C GLY F 259 -4.87 61.31 -7.99
N LYS F 260 -4.71 60.12 -8.56
CA LYS F 260 -5.83 59.23 -8.82
C LYS F 260 -5.68 57.93 -8.04
N PRO F 261 -6.77 57.35 -7.56
CA PRO F 261 -6.68 56.04 -6.91
C PRO F 261 -6.14 55.00 -7.89
N PHE F 262 -5.30 54.10 -7.39
CA PHE F 262 -4.77 53.02 -8.20
C PHE F 262 -5.24 51.68 -7.65
N TYR F 263 -5.48 50.74 -8.55
CA TYR F 263 -5.75 49.34 -8.22
C TYR F 263 -4.72 48.52 -8.99
N LEU F 264 -3.82 47.87 -8.27
CA LEU F 264 -2.70 47.16 -8.86
C LEU F 264 -2.66 45.73 -8.33
N ILE F 265 -2.69 44.77 -9.26
CA ILE F 265 -2.44 43.38 -8.94
C ILE F 265 -1.01 43.08 -9.38
N HIS F 266 -0.10 42.96 -8.41
CA HIS F 266 1.29 42.60 -8.71
C HIS F 266 1.40 41.08 -8.60
N SER F 267 1.47 40.42 -9.76
CA SER F 267 1.40 38.96 -9.85
C SER F 267 2.80 38.41 -10.09
N PHE F 268 3.49 38.09 -8.99
CA PHE F 268 4.85 37.58 -9.09
C PHE F 268 4.91 36.41 -10.06
N SER F 269 6.05 36.27 -10.75
CA SER F 269 6.32 35.04 -11.48
C SER F 269 6.75 33.93 -10.53
N LYS F 270 7.53 34.26 -9.50
CA LYS F 270 7.88 33.30 -8.48
C LYS F 270 6.67 32.95 -7.63
N ILE F 271 6.65 31.74 -7.06
CA ILE F 271 7.75 30.79 -7.10
C ILE F 271 7.46 29.63 -8.04
N HIS F 272 6.87 29.92 -9.19
CA HIS F 272 6.56 28.89 -10.16
C HIS F 272 7.86 28.33 -10.75
N ASN F 273 7.85 27.03 -11.04
CA ASN F 273 9.01 26.42 -11.69
C ASN F 273 9.07 26.88 -13.15
N ASP F 274 10.29 26.96 -13.69
CA ASP F 274 11.54 26.73 -12.97
C ASP F 274 12.06 28.04 -12.42
N ASN F 275 12.36 28.07 -11.12
CA ASN F 275 12.74 29.31 -10.46
C ASN F 275 14.17 29.69 -10.82
N TYR F 276 14.35 30.93 -11.26
CA TYR F 276 15.67 31.49 -11.55
C TYR F 276 15.72 32.89 -10.96
N PRO F 277 16.12 33.02 -9.69
CA PRO F 277 16.22 34.35 -9.07
C PRO F 277 17.32 35.18 -9.73
N ALA F 278 17.27 36.48 -9.44
CA ALA F 278 18.32 37.37 -9.90
C ALA F 278 19.67 36.97 -9.30
N PRO F 279 20.77 37.20 -10.02
CA PRO F 279 22.08 36.76 -9.51
C PRO F 279 22.40 37.26 -8.12
N LYS F 280 21.91 38.44 -7.72
CA LYS F 280 22.20 38.94 -6.38
C LYS F 280 21.52 38.12 -5.29
N TYR F 281 20.65 37.17 -5.65
CA TYR F 281 19.99 36.33 -4.67
C TYR F 281 20.47 34.88 -4.71
N LYS F 282 21.41 34.54 -5.61
CA LYS F 282 21.94 33.18 -5.65
C LYS F 282 22.65 32.90 -4.33
N GLY F 283 22.11 31.95 -3.56
CA GLY F 283 22.63 31.66 -2.24
C GLY F 283 22.19 32.61 -1.14
N ALA F 284 21.28 33.54 -1.44
CA ALA F 284 20.84 34.50 -0.44
C ALA F 284 20.05 33.86 0.69
N SER F 285 19.43 32.71 0.45
CA SER F 285 18.73 32.03 1.53
C SER F 285 19.66 31.06 2.23
N PRO F 286 19.45 30.82 3.52
CA PRO F 286 20.27 29.80 4.22
C PRO F 286 20.16 28.43 3.58
N ALA F 287 19.02 28.10 2.98
CA ALA F 287 18.89 26.81 2.31
C ALA F 287 19.75 26.75 1.05
N ALA F 288 20.03 27.89 0.43
CA ALA F 288 20.85 27.95 -0.78
C ALA F 288 20.28 27.05 -1.87
N MET F 289 19.00 27.22 -2.15
CA MET F 289 18.31 26.51 -3.22
C MET F 289 17.49 27.50 -4.03
N PRO F 290 17.33 27.25 -5.34
CA PRO F 290 16.64 28.23 -6.18
C PRO F 290 15.27 28.67 -5.65
N VAL F 291 14.42 27.73 -5.22
CA VAL F 291 13.08 28.11 -4.80
C VAL F 291 13.12 28.93 -3.53
N ARG F 292 14.09 28.67 -2.65
CA ARG F 292 14.20 29.43 -1.42
C ARG F 292 14.83 30.80 -1.65
N ASP F 293 15.90 30.86 -2.45
CA ASP F 293 16.41 32.15 -2.90
C ASP F 293 15.31 32.99 -3.53
N ALA F 294 14.41 32.35 -4.29
CA ALA F 294 13.32 33.07 -4.91
C ALA F 294 12.35 33.64 -3.88
N MET F 295 12.16 32.93 -2.77
CA MET F 295 11.29 33.45 -1.72
C MET F 295 11.89 34.71 -1.10
N VAL F 296 13.22 34.72 -0.92
CA VAL F 296 13.87 35.91 -0.40
C VAL F 296 13.70 37.08 -1.36
N GLU F 297 13.74 36.82 -2.67
CA GLU F 297 13.53 37.88 -3.65
C GLU F 297 12.09 38.39 -3.59
N VAL F 298 11.12 37.48 -3.47
CA VAL F 298 9.72 37.90 -3.34
C VAL F 298 9.54 38.77 -2.10
N ASP F 299 10.19 38.39 -1.00
CA ASP F 299 10.03 39.15 0.24
C ASP F 299 10.63 40.54 0.11
N ASP F 300 11.80 40.67 -0.53
CA ASP F 300 12.45 41.97 -0.65
C ASP F 300 11.65 42.88 -1.59
N ILE F 301 11.11 42.34 -2.68
CA ILE F 301 10.24 43.13 -3.54
C ILE F 301 9.04 43.63 -2.76
N THR F 302 8.45 42.77 -1.93
CA THR F 302 7.33 43.18 -1.10
C THR F 302 7.70 44.34 -0.20
N GLY F 303 8.89 44.29 0.40
CA GLY F 303 9.31 45.40 1.24
C GLY F 303 9.57 46.67 0.44
N GLU F 304 10.09 46.53 -0.77
CA GLU F 304 10.37 47.70 -1.60
C GLU F 304 9.07 48.44 -1.94
N LEU F 305 8.02 47.70 -2.30
CA LEU F 305 6.75 48.33 -2.67
C LEU F 305 6.09 49.00 -1.47
N VAL F 306 6.16 48.36 -0.30
CA VAL F 306 5.60 48.97 0.91
C VAL F 306 6.38 50.23 1.26
N ALA F 307 7.71 50.19 1.14
CA ALA F 307 8.51 51.37 1.43
C ALA F 307 8.21 52.48 0.44
N LEU F 308 7.98 52.13 -0.82
CA LEU F 308 7.59 53.14 -1.81
C LEU F 308 6.32 53.87 -1.35
N LEU F 309 5.28 53.12 -1.03
CA LEU F 309 4.04 53.73 -0.58
C LEU F 309 4.27 54.61 0.64
N LYS F 310 5.08 54.14 1.58
CA LYS F 310 5.39 54.95 2.76
C LYS F 310 6.09 56.23 2.37
N GLU F 311 7.04 56.15 1.43
CA GLU F 311 7.76 57.34 1.00
C GLU F 311 6.85 58.32 0.26
N LYS F 312 5.81 57.81 -0.42
CA LYS F 312 4.90 58.64 -1.18
C LYS F 312 3.68 59.10 -0.37
N GLY F 313 3.65 58.80 0.93
CA GLY F 313 2.53 59.23 1.76
C GLY F 313 1.21 58.62 1.38
N GLN F 314 1.22 57.41 0.82
CA GLN F 314 -0.01 56.73 0.42
C GLN F 314 -0.23 55.43 1.19
N LEU F 315 0.62 55.12 2.18
CA LEU F 315 0.50 53.84 2.87
C LEU F 315 -0.79 53.77 3.70
N GLU F 316 -1.21 54.90 4.28
CA GLU F 316 -2.42 54.90 5.09
C GLU F 316 -3.68 54.84 4.24
N ASN F 317 -3.57 55.10 2.94
CA ASN F 317 -4.71 55.07 2.03
C ASN F 317 -4.60 53.90 1.05
N THR F 318 -3.90 52.84 1.44
CA THR F 318 -3.65 51.70 0.55
C THR F 318 -3.89 50.41 1.31
N LEU F 319 -4.96 49.71 0.97
CA LEU F 319 -5.13 48.33 1.42
C LEU F 319 -4.14 47.43 0.68
N ILE F 320 -3.39 46.64 1.44
CA ILE F 320 -2.42 45.71 0.87
C ILE F 320 -2.89 44.29 1.20
N ILE F 321 -3.12 43.50 0.15
CA ILE F 321 -3.49 42.10 0.29
C ILE F 321 -2.33 41.26 -0.22
N PHE F 322 -1.81 40.38 0.63
CA PHE F 322 -0.80 39.40 0.24
C PHE F 322 -1.45 38.02 0.27
N THR F 323 -1.33 37.30 -0.83
CA THR F 323 -1.98 35.99 -0.94
C THR F 323 -1.27 35.18 -2.00
N SER F 324 -1.72 33.95 -2.18
CA SER F 324 -1.24 33.04 -3.20
C SER F 324 -2.40 32.65 -4.11
N ASP F 325 -2.07 32.12 -5.28
CA ASP F 325 -3.09 31.63 -6.19
C ASP F 325 -3.40 30.15 -6.00
N ASN F 326 -2.51 29.40 -5.34
CA ASN F 326 -2.80 28.01 -4.98
C ASN F 326 -1.67 27.43 -4.14
N GLY F 327 -1.82 26.17 -3.74
CA GLY F 327 -0.85 25.54 -2.90
C GLY F 327 0.44 25.23 -3.63
N PRO F 328 1.38 24.62 -2.92
CA PRO F 328 2.70 24.36 -3.51
C PRO F 328 2.64 23.28 -4.59
N ASN F 329 3.50 23.45 -5.59
CA ASN F 329 3.62 22.47 -6.68
C ASN F 329 4.67 21.44 -6.28
N GLU F 330 4.24 20.46 -5.50
CA GLU F 330 5.14 19.41 -5.06
C GLU F 330 5.66 18.56 -6.23
N ASP F 331 4.96 18.56 -7.36
CA ASP F 331 5.37 17.70 -8.48
C ASP F 331 6.73 18.11 -9.03
N THR F 332 7.10 19.39 -8.90
CA THR F 332 8.38 19.89 -9.40
C THR F 332 9.44 19.96 -8.30
N TRP F 333 9.31 19.13 -7.28
CA TRP F 333 10.28 19.11 -6.19
C TRP F 333 11.68 18.81 -6.76
N PRO F 334 12.75 19.43 -6.23
CA PRO F 334 12.81 20.34 -5.08
C PRO F 334 12.57 21.82 -5.41
N ASP F 335 11.98 22.09 -6.55
CA ASP F 335 11.57 23.44 -6.92
C ASP F 335 10.10 23.67 -6.55
N SER F 336 9.82 23.53 -5.25
CA SER F 336 8.46 23.64 -4.74
C SER F 336 8.46 24.43 -3.44
N GLY F 337 7.28 24.99 -3.14
CA GLY F 337 7.04 25.60 -1.84
C GLY F 337 6.67 24.55 -0.81
N TYR F 338 6.31 25.04 0.37
CA TYR F 338 6.02 24.19 1.51
C TYR F 338 4.67 24.53 2.09
N SER F 339 3.90 23.50 2.45
CA SER F 339 2.66 23.66 3.17
C SER F 339 2.50 22.49 4.13
N PRO F 340 2.01 22.73 5.35
CA PRO F 340 1.83 21.63 6.30
C PRO F 340 0.66 20.73 5.96
N TRP F 341 -0.27 21.16 5.11
CA TRP F 341 -1.48 20.41 4.87
C TRP F 341 -1.25 19.29 3.86
N ARG F 342 -2.26 18.44 3.73
CA ARG F 342 -2.18 17.28 2.85
C ARG F 342 -2.23 17.71 1.38
N GLY F 343 -1.51 16.98 0.54
CA GLY F 343 -1.57 17.20 -0.89
C GLY F 343 -0.85 18.45 -1.33
N GLY F 344 -1.34 19.04 -2.41
CA GLY F 344 -0.74 20.25 -2.93
C GLY F 344 -1.50 20.74 -4.14
N LYS F 345 -0.83 21.57 -4.93
CA LYS F 345 -1.41 22.09 -6.16
C LYS F 345 -2.02 20.96 -6.97
N GLY F 346 -3.20 21.21 -7.53
CA GLY F 346 -3.88 20.23 -8.34
C GLY F 346 -4.79 19.29 -7.60
N THR F 347 -5.03 19.52 -6.31
CA THR F 347 -5.97 18.73 -5.53
C THR F 347 -6.80 19.67 -4.68
N THR F 348 -7.95 19.19 -4.24
CA THR F 348 -8.79 19.94 -3.31
C THR F 348 -8.59 19.49 -1.87
N TRP F 349 -7.55 18.71 -1.59
CA TRP F 349 -7.03 18.66 -0.23
C TRP F 349 -6.65 20.08 0.20
N GLU F 350 -6.56 20.28 1.50
CA GLU F 350 -6.26 21.63 2.00
C GLU F 350 -4.91 22.13 1.50
N GLY F 351 -3.98 21.22 1.20
CA GLY F 351 -2.69 21.64 0.71
C GLY F 351 -2.76 22.43 -0.58
N GLY F 352 -3.75 22.15 -1.41
CA GLY F 352 -3.85 22.80 -2.70
C GLY F 352 -4.67 24.07 -2.70
N VAL F 353 -5.57 24.22 -1.73
CA VAL F 353 -6.52 25.33 -1.74
C VAL F 353 -6.44 26.23 -0.52
N ARG F 354 -5.93 25.76 0.61
CA ARG F 354 -5.80 26.60 1.80
C ARG F 354 -4.46 27.33 1.72
N ILE F 355 -4.52 28.65 1.56
CA ILE F 355 -3.35 29.43 1.16
C ILE F 355 -3.13 30.59 2.11
N PRO F 356 -1.97 31.26 2.05
CA PRO F 356 -1.75 32.42 2.92
C PRO F 356 -2.64 33.59 2.51
N GLY F 357 -3.04 34.37 3.52
CA GLY F 357 -3.81 35.57 3.29
C GLY F 357 -3.51 36.59 4.35
N ILE F 358 -2.93 37.72 3.95
CA ILE F 358 -2.56 38.80 4.85
C ILE F 358 -3.16 40.09 4.33
N ALA F 359 -3.86 40.81 5.20
CA ALA F 359 -4.43 42.12 4.87
C ALA F 359 -3.77 43.14 5.78
N TYR F 360 -3.15 44.15 5.18
CA TYR F 360 -2.45 45.20 5.90
C TYR F 360 -3.01 46.54 5.46
N TRP F 361 -3.32 47.40 6.42
CA TRP F 361 -3.83 48.74 6.12
C TRP F 361 -3.49 49.61 7.33
N LYS F 362 -2.34 50.26 7.28
CA LYS F 362 -1.86 51.04 8.41
C LYS F 362 -2.91 52.06 8.84
N GLY F 363 -3.35 51.94 10.09
CA GLY F 363 -4.33 52.85 10.65
C GLY F 363 -5.77 52.43 10.50
N MET F 364 -6.05 51.40 9.70
CA MET F 364 -7.40 50.90 9.47
C MET F 364 -7.60 49.50 10.00
N ILE F 365 -6.64 48.61 9.78
CA ILE F 365 -6.67 47.25 10.30
C ILE F 365 -5.75 47.21 11.52
N SER F 366 -6.32 46.91 12.69
CA SER F 366 -5.52 46.85 13.90
C SER F 366 -4.47 45.75 13.78
N ALA F 367 -3.30 46.02 14.34
CA ALA F 367 -2.17 45.12 14.21
C ALA F 367 -2.33 43.90 15.11
N GLY F 368 -1.65 42.81 14.73
CA GLY F 368 -1.56 41.64 15.56
C GLY F 368 -2.76 40.73 15.56
N GLN F 369 -3.60 40.81 14.54
CA GLN F 369 -4.79 39.97 14.46
C GLN F 369 -4.48 38.66 13.75
N VAL F 370 -5.05 37.58 14.26
CA VAL F 370 -5.07 36.28 13.60
C VAL F 370 -6.52 35.82 13.58
N ASN F 371 -7.08 35.62 12.39
CA ASN F 371 -8.51 35.37 12.22
C ASN F 371 -8.71 34.15 11.35
N ASN F 372 -9.45 33.17 11.86
CA ASN F 372 -9.71 31.93 11.15
C ASN F 372 -11.01 31.95 10.35
N GLY F 373 -11.60 33.12 10.14
CA GLY F 373 -12.84 33.20 9.39
C GLY F 373 -12.62 32.86 7.91
N LEU F 374 -13.61 32.20 7.33
CA LEU F 374 -13.50 31.75 5.95
C LEU F 374 -13.41 32.95 5.00
N MET F 375 -12.50 32.84 4.02
CA MET F 375 -12.38 33.85 2.99
C MET F 375 -11.91 33.19 1.70
N ASP F 376 -12.22 33.86 0.59
CA ASP F 376 -12.08 33.30 -0.75
C ASP F 376 -11.40 34.33 -1.65
N LEU F 377 -10.73 33.83 -2.69
CA LEU F 377 -10.16 34.75 -3.68
C LEU F 377 -11.25 35.56 -4.39
N THR F 378 -12.43 34.98 -4.59
CA THR F 378 -13.54 35.75 -5.12
C THR F 378 -13.95 36.88 -4.16
N ASP F 379 -13.67 36.72 -2.87
CA ASP F 379 -14.00 37.76 -1.90
C ASP F 379 -13.09 38.97 -2.05
N ILE F 380 -11.85 38.77 -2.48
CA ILE F 380 -10.95 39.91 -2.75
C ILE F 380 -11.52 40.74 -3.90
N TYR F 381 -12.00 40.07 -4.95
CA TYR F 381 -12.66 40.76 -6.05
C TYR F 381 -13.85 41.56 -5.54
N MET F 382 -14.72 40.92 -4.77
CA MET F 382 -15.97 41.58 -4.35
C MET F 382 -15.71 42.66 -3.31
N THR F 383 -14.68 42.49 -2.46
CA THR F 383 -14.32 43.55 -1.54
C THR F 383 -13.75 44.75 -2.29
N SER F 384 -12.95 44.51 -3.34
CA SER F 384 -12.45 45.60 -4.16
C SER F 384 -13.58 46.43 -4.74
N LEU F 385 -14.60 45.75 -5.28
CA LEU F 385 -15.70 46.47 -5.91
C LEU F 385 -16.42 47.37 -4.92
N ARG F 386 -16.60 46.91 -3.68
CA ARG F 386 -17.30 47.73 -2.69
C ARG F 386 -16.46 48.93 -2.27
N LEU F 387 -15.14 48.74 -2.17
CA LEU F 387 -14.28 49.87 -1.82
C LEU F 387 -14.37 50.96 -2.87
N GLY F 388 -14.51 50.58 -4.14
CA GLY F 388 -14.77 51.55 -5.19
C GLY F 388 -16.23 51.92 -5.36
N GLY F 389 -17.14 51.20 -4.70
CA GLY F 389 -18.55 51.52 -4.75
C GLY F 389 -19.22 51.15 -6.05
N VAL F 390 -18.96 49.96 -6.57
CA VAL F 390 -19.42 49.60 -7.91
C VAL F 390 -20.04 48.20 -7.95
N ILE F 391 -20.43 47.67 -6.78
CA ILE F 391 -21.02 46.33 -6.77
C ILE F 391 -22.34 46.32 -7.53
N ASP F 392 -23.08 47.44 -7.50
CA ASP F 392 -24.37 47.49 -8.18
C ASP F 392 -24.25 47.47 -9.69
N GLU F 393 -23.04 47.56 -10.24
CA GLU F 393 -22.84 47.54 -11.68
C GLU F 393 -22.68 46.13 -12.24
N LEU F 394 -22.73 45.10 -11.41
CA LEU F 394 -22.56 43.74 -11.90
C LEU F 394 -23.80 43.31 -12.69
N PRO F 395 -23.63 42.62 -13.81
CA PRO F 395 -24.81 42.15 -14.56
C PRO F 395 -25.65 41.19 -13.72
N SER F 396 -26.96 41.22 -13.98
CA SER F 396 -27.91 40.45 -13.18
C SER F 396 -28.23 39.08 -13.76
N ASN F 397 -27.71 38.75 -14.94
CA ASN F 397 -27.90 37.44 -15.53
C ASN F 397 -26.72 36.51 -15.23
N MET F 398 -25.75 36.95 -14.44
CA MET F 398 -24.61 36.14 -14.05
C MET F 398 -24.60 35.98 -12.53
N TYR F 399 -24.35 34.76 -12.07
CA TYR F 399 -24.23 34.48 -10.64
C TYR F 399 -22.78 34.74 -10.21
N PHE F 400 -22.63 35.45 -9.10
CA PHE F 400 -21.32 35.82 -8.58
C PHE F 400 -21.09 35.14 -7.24
N ASP F 401 -19.97 34.42 -7.14
CA ASP F 401 -19.64 33.66 -5.95
C ASP F 401 -18.93 34.49 -4.88
N GLY F 402 -18.46 35.69 -5.22
CA GLY F 402 -17.72 36.49 -4.28
C GLY F 402 -18.61 37.20 -3.29
N ILE F 403 -18.05 37.48 -2.12
CA ILE F 403 -18.77 38.14 -1.03
C ILE F 403 -17.91 39.30 -0.53
N ASP F 404 -18.54 40.47 -0.36
CA ASP F 404 -17.84 41.62 0.21
C ASP F 404 -17.43 41.34 1.64
N GLN F 405 -16.13 41.46 1.92
CA GLN F 405 -15.57 41.17 3.24
C GLN F 405 -15.02 42.42 3.92
N THR F 406 -15.47 43.60 3.50
CA THR F 406 -14.98 44.83 4.11
C THR F 406 -15.24 44.85 5.61
N ALA F 407 -16.43 44.39 6.03
CA ALA F 407 -16.75 44.36 7.46
C ALA F 407 -15.94 43.30 8.20
N PHE F 408 -15.47 42.28 7.50
CA PHE F 408 -14.65 41.24 8.13
C PHE F 408 -13.21 41.71 8.30
N LEU F 409 -12.69 42.44 7.32
CA LEU F 409 -11.30 42.89 7.39
C LEU F 409 -11.12 44.11 8.27
N LEU F 410 -12.13 44.99 8.34
CA LEU F 410 -11.98 46.27 9.04
C LEU F 410 -12.48 46.24 10.48
N ALA F 411 -13.08 45.15 10.93
CA ALA F 411 -13.51 45.00 12.31
C ALA F 411 -12.46 44.24 13.11
N ASP F 412 -12.25 44.66 14.35
CA ASP F 412 -11.35 43.95 15.25
C ASP F 412 -11.93 42.57 15.56
N ASN F 413 -11.14 41.53 15.28
CA ASN F 413 -11.56 40.15 15.51
C ASN F 413 -12.95 39.91 14.92
N GLY F 414 -13.18 40.44 13.73
CA GLY F 414 -14.48 40.32 13.11
C GLY F 414 -14.77 38.92 12.61
N LYS F 415 -16.05 38.63 12.49
CA LYS F 415 -16.50 37.35 11.94
C LYS F 415 -16.72 37.49 10.44
N SER F 416 -16.42 36.41 9.73
CA SER F 416 -16.52 36.41 8.28
C SER F 416 -17.98 36.49 7.83
N ARG F 417 -18.18 37.04 6.63
CA ARG F 417 -19.48 37.04 5.97
C ARG F 417 -19.67 35.82 5.08
N ARG F 418 -18.67 34.95 4.96
CA ARG F 418 -18.74 33.76 4.13
C ARG F 418 -19.07 32.55 4.99
N GLN F 419 -20.14 31.85 4.65
CA GLN F 419 -20.57 30.69 5.43
C GLN F 419 -19.98 29.39 4.91
N VAL F 420 -19.71 29.29 3.61
CA VAL F 420 -19.26 28.04 3.00
C VAL F 420 -18.24 28.35 1.91
N VAL F 421 -17.22 27.49 1.80
CA VAL F 421 -16.27 27.50 0.69
C VAL F 421 -16.55 26.27 -0.15
N TYR F 422 -16.77 26.46 -1.44
CA TYR F 422 -17.02 25.38 -2.38
C TYR F 422 -15.77 25.13 -3.22
N MET F 423 -15.42 23.86 -3.40
CA MET F 423 -14.17 23.47 -4.03
C MET F 423 -14.45 22.65 -5.28
N TRP F 424 -13.88 23.08 -6.40
CA TRP F 424 -14.05 22.44 -7.70
C TRP F 424 -12.69 22.06 -8.28
N SER F 425 -12.65 20.91 -8.93
CA SER F 425 -11.53 20.52 -9.78
C SER F 425 -12.02 20.71 -11.21
N ARG F 426 -11.85 21.93 -11.73
CA ARG F 426 -12.43 22.32 -13.01
C ARG F 426 -13.94 22.08 -12.99
N GLU F 427 -14.42 21.10 -13.74
CA GLU F 427 -15.86 20.88 -13.87
C GLU F 427 -16.40 19.82 -12.92
N ASP F 428 -15.58 19.35 -11.98
CA ASP F 428 -16.01 18.37 -10.98
C ASP F 428 -16.10 19.05 -9.63
N PHE F 429 -17.26 18.96 -8.99
CA PHE F 429 -17.42 19.47 -7.63
C PHE F 429 -16.95 18.39 -6.67
N THR F 430 -15.95 18.73 -5.85
CA THR F 430 -15.22 17.73 -5.06
C THR F 430 -15.39 17.86 -3.56
N ALA F 431 -15.60 19.07 -3.04
CA ALA F 431 -15.69 19.23 -1.59
C ALA F 431 -16.20 20.62 -1.26
N LEU F 432 -16.58 20.79 0.00
CA LEU F 432 -16.93 22.09 0.55
C LEU F 432 -16.45 22.13 1.99
N ARG F 433 -16.29 23.35 2.51
CA ARG F 433 -16.00 23.57 3.92
C ARG F 433 -17.12 24.41 4.52
N TRP F 434 -17.69 23.91 5.62
CA TRP F 434 -18.71 24.62 6.38
C TRP F 434 -18.26 24.63 7.84
N LEU F 435 -18.21 25.82 8.42
CA LEU F 435 -17.65 26.01 9.77
C LEU F 435 -16.20 25.51 9.73
N ASP F 436 -15.80 24.57 10.57
CA ASP F 436 -14.46 24.00 10.53
C ASP F 436 -14.46 22.56 10.02
N TYR F 437 -15.51 22.18 9.30
CA TYR F 437 -15.66 20.82 8.79
C TYR F 437 -15.43 20.79 7.29
N LYS F 438 -14.59 19.86 6.86
CA LYS F 438 -14.22 19.70 5.45
C LYS F 438 -14.89 18.41 4.96
N ILE F 439 -15.82 18.56 4.02
CA ILE F 439 -16.60 17.44 3.50
C ILE F 439 -16.19 17.19 2.05
N HIS F 440 -15.72 15.98 1.77
CA HIS F 440 -15.32 15.60 0.43
C HIS F 440 -16.37 14.67 -0.19
N PHE F 441 -16.81 15.01 -1.40
CA PHE F 441 -17.63 14.12 -2.20
C PHE F 441 -16.84 13.43 -3.31
N LYS F 442 -15.74 14.03 -3.73
CA LYS F 442 -14.76 13.41 -4.63
C LYS F 442 -13.39 13.59 -4.00
N VAL F 443 -12.56 12.56 -4.08
CA VAL F 443 -11.29 12.52 -3.36
C VAL F 443 -10.16 12.24 -4.34
N PHE F 444 -9.07 13.00 -4.18
CA PHE F 444 -7.85 12.78 -4.96
C PHE F 444 -6.98 11.74 -4.27
N ASN F 445 -6.56 10.73 -5.02
CA ASN F 445 -5.71 9.66 -4.51
C ASN F 445 -4.41 9.69 -5.31
N THR F 446 -3.29 9.87 -4.61
CA THR F 446 -1.99 10.06 -5.25
C THR F 446 -1.19 8.78 -5.16
N ALA F 447 -0.76 8.26 -6.32
CA ALA F 447 -0.09 6.98 -6.39
C ALA F 447 1.41 7.06 -6.18
N VAL F 448 2.03 8.19 -6.50
CA VAL F 448 3.46 8.39 -6.31
C VAL F 448 3.66 9.55 -5.33
N PRO F 449 4.59 9.46 -4.39
CA PRO F 449 4.80 10.58 -3.45
C PRO F 449 5.05 11.89 -4.19
N ARG F 450 4.46 12.96 -3.65
CA ARG F 450 4.64 14.32 -4.14
C ARG F 450 3.93 14.59 -5.47
N ARG F 451 3.39 13.56 -6.11
CA ARG F 451 2.87 13.69 -7.47
C ARG F 451 1.36 13.92 -7.46
N ASN F 452 0.97 15.01 -6.80
CA ASN F 452 -0.44 15.35 -6.69
C ASN F 452 -1.05 15.66 -8.05
N ILE F 453 -0.29 16.35 -8.91
CA ILE F 453 -0.81 16.73 -10.22
C ILE F 453 -0.71 15.57 -11.22
N ASP F 454 0.42 14.87 -11.23
CA ASP F 454 0.81 14.05 -12.37
C ASP F 454 0.62 12.55 -12.17
N ALA F 455 0.22 12.10 -10.99
CA ALA F 455 0.04 10.68 -10.74
C ALA F 455 -1.09 10.45 -9.74
N SER F 456 -2.23 11.09 -9.99
CA SER F 456 -3.36 11.03 -9.08
C SER F 456 -4.60 10.46 -9.78
N PHE F 457 -5.50 9.94 -8.96
CA PHE F 457 -6.84 9.57 -9.39
C PHE F 457 -7.84 10.49 -8.69
N LEU F 458 -8.98 10.72 -9.35
CA LEU F 458 -10.11 11.40 -8.72
C LEU F 458 -11.19 10.34 -8.54
N LEU F 459 -11.40 9.91 -7.31
CA LEU F 459 -12.22 8.74 -6.99
C LEU F 459 -13.52 9.14 -6.32
N ASP F 460 -14.58 8.42 -6.63
CA ASP F 460 -15.87 8.62 -5.99
C ASP F 460 -15.86 7.98 -4.61
N ILE F 461 -16.38 8.72 -3.62
CA ILE F 461 -16.46 8.23 -2.26
C ILE F 461 -17.45 7.07 -2.20
N GLY F 462 -17.47 6.37 -1.07
CA GLY F 462 -18.34 5.22 -0.91
C GLY F 462 -19.71 5.56 -0.37
N THR F 463 -20.04 5.02 0.80
CA THR F 463 -21.38 5.20 1.36
C THR F 463 -21.56 6.57 2.00
N ALA F 464 -20.50 7.16 2.56
CA ALA F 464 -20.59 8.45 3.18
C ALA F 464 -19.53 9.39 2.63
N PRO F 465 -19.84 10.68 2.48
CA PRO F 465 -18.79 11.65 2.16
C PRO F 465 -17.73 11.67 3.26
N TRP F 466 -16.48 11.86 2.85
CA TRP F 466 -15.41 11.98 3.83
C TRP F 466 -15.55 13.30 4.59
N VAL F 467 -15.36 13.23 5.91
CA VAL F 467 -15.51 14.38 6.78
C VAL F 467 -14.27 14.49 7.65
N PHE F 468 -13.66 15.67 7.65
CA PHE F 468 -12.56 15.99 8.55
C PHE F 468 -12.95 17.23 9.35
N ASN F 469 -12.83 17.15 10.67
CA ASN F 469 -12.84 18.35 11.51
C ASN F 469 -11.45 18.97 11.38
N LEU F 470 -11.36 20.11 10.69
CA LEU F 470 -10.05 20.68 10.40
C LEU F 470 -9.36 21.22 11.64
N ASN F 471 -10.12 21.55 12.70
CA ASN F 471 -9.47 21.95 13.95
C ASN F 471 -8.70 20.78 14.56
N MET F 472 -9.25 19.58 14.48
CA MET F 472 -8.66 18.40 15.11
C MET F 472 -7.80 17.57 14.16
N ASP F 473 -8.08 17.61 12.86
CA ASP F 473 -7.33 16.86 11.86
C ASP F 473 -7.00 17.76 10.69
N PRO F 474 -6.20 18.82 10.92
CA PRO F 474 -5.93 19.77 9.83
C PRO F 474 -5.19 19.14 8.67
N LYS F 475 -4.41 18.09 8.90
CA LYS F 475 -3.65 17.44 7.84
C LYS F 475 -4.46 16.35 7.13
N GLU F 476 -5.74 16.21 7.47
CA GLU F 476 -6.65 15.28 6.78
C GLU F 476 -6.05 13.88 6.70
N MET F 477 -5.67 13.34 7.85
CA MET F 477 -4.98 12.07 7.89
C MET F 477 -5.94 10.88 7.78
N ALA F 478 -7.14 10.98 8.36
CA ALA F 478 -8.10 9.88 8.31
C ALA F 478 -9.48 10.43 8.55
N SER F 479 -10.40 10.18 7.61
CA SER F 479 -11.75 10.71 7.68
C SER F 479 -12.59 9.95 8.68
N THR F 480 -13.41 10.69 9.43
CA THR F 480 -14.38 10.10 10.35
C THR F 480 -15.81 10.13 9.82
N GLY F 481 -16.03 10.80 8.69
CA GLY F 481 -17.33 10.71 8.03
C GLY F 481 -18.48 11.07 8.93
N HIS F 482 -19.50 10.20 8.96
CA HIS F 482 -20.72 10.43 9.70
C HIS F 482 -20.55 10.28 11.20
N GLN F 483 -19.42 9.77 11.68
CA GLN F 483 -19.33 9.27 13.04
C GLN F 483 -19.68 10.35 14.07
N TYR F 484 -19.10 11.54 13.91
CA TYR F 484 -19.33 12.64 14.83
C TYR F 484 -20.10 13.79 14.18
N PHE F 485 -20.65 13.58 12.99
CA PHE F 485 -21.22 14.66 12.19
C PHE F 485 -22.62 14.32 11.67
N GLU F 486 -23.34 13.43 12.35
CA GLU F 486 -24.69 13.11 11.93
C GLU F 486 -25.59 14.34 12.00
N TRP F 487 -25.42 15.17 13.03
CA TRP F 487 -26.21 16.38 13.15
C TRP F 487 -25.92 17.39 12.05
N GLY F 488 -24.79 17.27 11.38
CA GLY F 488 -24.38 18.26 10.39
C GLY F 488 -24.35 17.77 8.97
N MET F 489 -24.30 16.46 8.77
CA MET F 489 -24.18 15.93 7.41
C MET F 489 -25.36 16.34 6.53
N PRO F 490 -26.61 16.28 6.99
CA PRO F 490 -27.72 16.74 6.13
C PRO F 490 -27.56 18.18 5.67
N GLN F 491 -27.05 19.06 6.54
CA GLN F 491 -26.88 20.45 6.15
C GLN F 491 -25.77 20.61 5.11
N ALA F 492 -24.70 19.82 5.24
CA ALA F 492 -23.66 19.83 4.21
C ALA F 492 -24.24 19.43 2.86
N THR F 493 -25.12 18.44 2.86
CA THR F 493 -25.76 18.02 1.60
C THR F 493 -26.66 19.11 1.06
N LYS F 494 -27.41 19.80 1.94
CA LYS F 494 -28.23 20.92 1.49
C LYS F 494 -27.37 21.99 0.83
N PHE F 495 -26.25 22.35 1.45
CA PHE F 495 -25.37 23.35 0.88
C PHE F 495 -24.89 22.92 -0.51
N MET F 496 -24.51 21.65 -0.67
CA MET F 496 -24.07 21.18 -1.97
C MET F 496 -25.18 21.32 -3.01
N LYS F 497 -26.37 20.81 -2.69
CA LYS F 497 -27.46 20.83 -3.66
C LYS F 497 -27.87 22.24 -4.02
N ALA F 498 -27.90 23.14 -3.03
CA ALA F 498 -28.21 24.54 -3.32
C ALA F 498 -27.15 25.15 -4.24
N HIS F 499 -25.89 24.82 -3.98
CA HIS F 499 -24.81 25.35 -4.82
C HIS F 499 -24.94 24.88 -6.26
N ILE F 500 -25.22 23.58 -6.45
CA ILE F 500 -25.40 23.05 -7.80
C ILE F 500 -26.63 23.68 -8.45
N ALA F 501 -27.67 23.93 -7.66
CA ALA F 501 -28.92 24.47 -8.22
C ALA F 501 -28.72 25.85 -8.81
N THR F 502 -27.83 26.67 -8.24
CA THR F 502 -27.58 27.98 -8.82
C THR F 502 -27.04 27.88 -10.23
N MET F 503 -26.40 26.76 -10.57
CA MET F 503 -25.86 26.53 -11.91
C MET F 503 -26.89 25.97 -12.87
N LYS F 504 -28.05 25.52 -12.37
CA LYS F 504 -29.19 25.26 -13.24
C LYS F 504 -29.98 26.54 -13.48
N LYS F 505 -30.11 27.39 -12.45
CA LYS F 505 -30.81 28.66 -12.61
C LYS F 505 -30.01 29.62 -13.48
N TYR F 506 -28.71 29.76 -13.18
CA TYR F 506 -27.80 30.59 -13.98
C TYR F 506 -26.87 29.67 -14.76
N PRO F 507 -27.14 29.37 -16.03
CA PRO F 507 -26.34 28.37 -16.73
C PRO F 507 -24.88 28.74 -16.82
N ASN F 508 -24.01 27.75 -16.60
CA ASN F 508 -22.58 27.95 -16.77
C ASN F 508 -22.24 28.15 -18.24
N THR F 509 -21.05 28.67 -18.48
CA THR F 509 -20.59 28.98 -19.84
C THR F 509 -19.94 27.75 -20.46
N ASP F 510 -20.44 27.33 -21.62
CA ASP F 510 -19.82 26.27 -22.41
C ASP F 510 -18.95 26.94 -23.48
N ILE F 511 -17.65 26.66 -23.44
CA ILE F 511 -16.73 27.25 -24.40
C ILE F 511 -16.57 26.38 -25.66
N GLY F 512 -16.79 25.07 -25.53
CA GLY F 512 -16.67 24.17 -26.66
C GLY F 512 -15.25 23.95 -27.13
CA CA G . 0.12 -28.89 9.85
CL CL H . -11.39 -23.85 41.85
CL CL I . -13.29 -45.04 -2.61
CA CA J . 5.23 13.64 26.83
CL CL K . 31.34 34.19 17.47
CL CL L . -12.72 26.00 37.20
CA CA M . 28.50 0.83 -11.16
CL CL N . 31.46 -32.08 -21.00
CL CL O . 33.06 16.09 -29.47
CA CA P . -28.50 -1.20 11.03
CL CL Q . -31.34 -2.24 35.20
CL CL R . -39.11 -29.93 -4.46
CA CA S . -5.36 -13.25 -26.97
CL CL T . 9.87 9.50 -47.60
CL CL U . 3.42 -35.82 -30.54
CA CA V . -0.18 29.00 -9.43
CL CL W . -22.00 42.32 13.52
CL CL X . 20.83 41.07 -9.93
#